data_9IKK
#
_entry.id   9IKK
#
_entity_poly.entity_id   1
_entity_poly.type   'polypeptide(L)'
_entity_poly.pdbx_seq_one_letter_code
;NLISEQNVTVTMDLQPVLQLSMQGSETVSFVFSQISEYIGGLTQYGAVDLSVSSTVDWCLYAAAFSSDAADAELNWTNMV
TFGDSNPNSITNLPITVLQLFQSKPNPDTNSTADSPSFATAFDTGRAALGENNVYASRDPFDRPSADARYIAGGNAGAAE
VAGGSYLVDDGGASGQNEFYFTISFRVVPALPGTYPRATSEDQGNTDETDDLVVRGDGRYAYPGVYTLNVKFVMVEC
;
_entity_poly.pdbx_strand_id   A,B,C,D,E,F,G,H,I,J,K,L,M,N,O,P
#
# COMPACT_ATOMS: atom_id res chain seq x y z
N ASN A 1 19.70 -16.20 19.48
CA ASN A 1 19.41 -16.83 20.77
C ASN A 1 17.92 -16.78 21.08
N LEU A 2 17.09 -17.19 20.13
CA LEU A 2 15.66 -17.21 20.32
C LEU A 2 15.28 -18.24 21.37
N ILE A 3 14.36 -17.85 22.25
CA ILE A 3 14.03 -18.64 23.43
C ILE A 3 12.52 -18.89 23.48
N SER A 4 12.13 -20.15 23.60
CA SER A 4 10.79 -20.53 23.97
C SER A 4 10.87 -21.48 25.14
N GLU A 5 10.20 -21.15 26.24
CA GLU A 5 10.38 -21.85 27.49
C GLU A 5 9.04 -22.13 28.15
N GLN A 6 9.02 -23.17 28.96
CA GLN A 6 7.87 -23.51 29.79
C GLN A 6 8.37 -23.87 31.18
N ASN A 7 7.64 -23.41 32.20
CA ASN A 7 8.07 -23.56 33.59
C ASN A 7 7.04 -24.35 34.38
N VAL A 8 7.51 -25.22 35.25
CA VAL A 8 6.66 -25.96 36.18
C VAL A 8 7.20 -25.74 37.59
N THR A 9 6.29 -25.55 38.54
CA THR A 9 6.65 -25.26 39.92
C THR A 9 6.47 -26.54 40.74
N VAL A 10 7.53 -26.93 41.46
CA VAL A 10 7.53 -28.14 42.28
C VAL A 10 7.46 -27.73 43.73
N THR A 11 6.46 -28.25 44.45
CA THR A 11 6.29 -27.99 45.87
C THR A 11 6.40 -29.30 46.63
N MET A 12 7.37 -29.37 47.54
CA MET A 12 7.62 -30.56 48.35
C MET A 12 7.43 -30.20 49.82
N ASP A 13 6.58 -30.95 50.51
CA ASP A 13 6.37 -30.77 51.94
C ASP A 13 6.72 -32.05 52.68
N LEU A 14 7.50 -31.92 53.76
CA LEU A 14 7.83 -33.04 54.62
C LEU A 14 7.01 -32.92 55.89
N GLN A 15 5.78 -33.40 55.84
CA GLN A 15 4.92 -33.34 57.01
C GLN A 15 5.43 -34.28 58.09
N PRO A 16 5.54 -33.80 59.33
CA PRO A 16 6.05 -34.65 60.41
C PRO A 16 5.06 -35.73 60.79
N VAL A 17 5.56 -36.94 60.98
CA VAL A 17 4.74 -38.09 61.36
C VAL A 17 5.16 -38.50 62.77
N LEU A 18 4.25 -38.32 63.72
CA LEU A 18 4.50 -38.64 65.12
C LEU A 18 3.35 -39.52 65.61
N GLN A 19 3.63 -40.80 65.83
CA GLN A 19 2.59 -41.74 66.24
C GLN A 19 3.10 -42.58 67.41
N LEU A 20 2.30 -42.63 68.47
CA LEU A 20 2.56 -43.48 69.62
C LEU A 20 1.36 -44.40 69.80
N SER A 21 1.51 -45.66 69.41
CA SER A 21 0.44 -46.63 69.47
C SER A 21 0.63 -47.53 70.67
N MET A 22 -0.34 -47.55 71.56
CA MET A 22 -0.27 -48.34 72.78
C MET A 22 -1.22 -49.53 72.70
N GLN A 23 -0.71 -50.70 73.05
CA GLN A 23 -1.54 -51.90 73.13
C GLN A 23 -1.55 -52.42 74.56
N GLY A 24 -2.72 -52.86 75.02
CA GLY A 24 -2.89 -53.33 76.37
C GLY A 24 -4.22 -52.86 76.95
N SER A 25 -4.26 -52.66 78.26
CA SER A 25 -5.46 -52.19 78.92
C SER A 25 -5.24 -50.79 79.45
N GLU A 26 -6.16 -49.88 79.11
CA GLU A 26 -6.02 -48.49 79.52
C GLU A 26 -6.31 -48.33 81.02
N THR A 27 -6.94 -49.32 81.64
CA THR A 27 -7.07 -49.39 83.10
C THR A 27 -6.21 -50.52 83.62
N VAL A 28 -5.34 -50.21 84.57
CA VAL A 28 -4.55 -51.21 85.29
C VAL A 28 -5.00 -51.20 86.74
N SER A 29 -5.53 -52.32 87.20
CA SER A 29 -6.14 -52.42 88.52
C SER A 29 -5.31 -53.35 89.40
N PHE A 30 -4.93 -52.86 90.58
CA PHE A 30 -4.27 -53.66 91.61
C PHE A 30 -5.26 -53.86 92.74
N VAL A 31 -5.58 -55.11 93.04
CA VAL A 31 -6.53 -55.44 94.09
C VAL A 31 -5.79 -56.22 95.18
N PHE A 32 -5.84 -55.69 96.40
CA PHE A 32 -5.20 -56.31 97.55
C PHE A 32 -6.28 -56.82 98.50
N SER A 33 -6.36 -58.14 98.66
CA SER A 33 -7.36 -58.71 99.55
C SER A 33 -6.76 -59.79 100.44
N GLN A 34 -5.61 -60.34 100.06
CA GLN A 34 -4.91 -61.33 100.85
C GLN A 34 -3.73 -60.69 101.57
N ILE A 35 -3.29 -61.35 102.64
CA ILE A 35 -2.15 -60.86 103.41
C ILE A 35 -0.89 -60.87 102.54
N SER A 36 -0.70 -61.94 101.77
CA SER A 36 0.46 -62.04 100.90
C SER A 36 0.51 -60.88 99.91
N GLU A 37 -0.65 -60.54 99.34
CA GLU A 37 -0.71 -59.40 98.43
C GLU A 37 -0.32 -58.12 99.15
N TYR A 38 -0.74 -57.96 100.40
CA TYR A 38 -0.41 -56.75 101.16
C TYR A 38 1.09 -56.65 101.39
N ILE A 39 1.72 -57.72 101.85
CA ILE A 39 3.14 -57.66 102.17
C ILE A 39 4.02 -57.57 100.94
N GLY A 40 3.67 -58.26 99.84
CA GLY A 40 4.55 -58.26 98.69
C GLY A 40 4.08 -57.50 97.48
N GLY A 41 2.77 -57.42 97.28
CA GLY A 41 2.23 -56.60 96.22
C GLY A 41 2.10 -57.28 94.87
N LEU A 42 1.12 -56.85 94.08
CA LEU A 42 0.92 -57.40 92.75
C LEU A 42 2.05 -56.95 91.82
N THR A 43 2.59 -57.89 91.06
CA THR A 43 3.52 -57.59 89.98
C THR A 43 2.87 -57.99 88.66
N GLN A 44 2.58 -57.01 87.81
CA GLN A 44 1.90 -57.23 86.55
C GLN A 44 2.92 -57.16 85.42
N TYR A 45 2.99 -58.23 84.63
CA TYR A 45 3.96 -58.33 83.55
C TYR A 45 3.30 -58.05 82.21
N GLY A 46 3.95 -57.21 81.41
CA GLY A 46 3.48 -56.89 80.08
C GLY A 46 2.11 -56.25 80.07
N ALA A 47 1.88 -55.29 80.97
CA ALA A 47 0.58 -54.64 81.05
C ALA A 47 0.32 -53.78 79.82
N VAL A 48 1.28 -52.93 79.45
CA VAL A 48 1.13 -52.01 78.33
C VAL A 48 2.40 -52.05 77.49
N ASP A 49 2.24 -52.06 76.17
CA ASP A 49 3.36 -51.95 75.25
C ASP A 49 3.16 -50.73 74.35
N LEU A 50 4.26 -50.11 73.95
CA LEU A 50 4.24 -48.88 73.16
C LEU A 50 5.07 -49.07 71.91
N SER A 51 4.52 -48.62 70.78
CA SER A 51 5.19 -48.65 69.49
C SER A 51 5.28 -47.23 68.97
N VAL A 52 6.44 -46.87 68.42
CA VAL A 52 6.75 -45.50 68.03
C VAL A 52 6.97 -45.44 66.53
N SER A 53 6.26 -44.55 65.85
CA SER A 53 6.52 -44.23 64.46
C SER A 53 6.87 -42.75 64.36
N SER A 54 8.01 -42.45 63.77
CA SER A 54 8.50 -41.07 63.79
C SER A 54 9.33 -40.80 62.55
N THR A 55 9.48 -39.51 62.25
CA THR A 55 10.34 -39.05 61.18
C THR A 55 11.61 -38.36 61.69
N VAL A 56 11.56 -37.69 62.83
CA VAL A 56 12.69 -36.95 63.36
C VAL A 56 13.13 -37.58 64.67
N ASP A 57 14.20 -37.03 65.23
CA ASP A 57 14.71 -37.51 66.51
C ASP A 57 13.68 -37.32 67.61
N TRP A 58 13.46 -38.37 68.39
CA TRP A 58 12.41 -38.37 69.39
C TRP A 58 12.93 -38.94 70.71
N CYS A 59 12.33 -38.46 71.80
CA CYS A 59 12.61 -38.97 73.14
C CYS A 59 11.28 -39.27 73.82
N LEU A 60 11.19 -40.47 74.39
CA LEU A 60 9.96 -40.94 75.03
C LEU A 60 10.20 -41.01 76.53
N TYR A 61 9.28 -40.45 77.31
CA TYR A 61 9.35 -40.53 78.76
C TYR A 61 7.98 -40.85 79.33
N ALA A 62 7.97 -41.23 80.60
CA ALA A 62 6.76 -41.55 81.33
C ALA A 62 6.68 -40.66 82.56
N ALA A 63 5.53 -40.03 82.75
CA ALA A 63 5.29 -39.15 83.89
C ALA A 63 4.04 -39.64 84.63
N ALA A 64 3.94 -39.24 85.89
CA ALA A 64 2.81 -39.61 86.73
C ALA A 64 2.12 -38.35 87.22
N PHE A 65 0.79 -38.34 87.11
CA PHE A 65 0.00 -37.17 87.45
C PHE A 65 -1.31 -37.62 88.09
N SER A 66 -1.87 -36.75 88.91
CA SER A 66 -3.15 -37.00 89.57
C SER A 66 -3.80 -35.67 89.90
N SER A 67 -5.03 -35.74 90.38
CA SER A 67 -5.74 -34.52 90.77
C SER A 67 -5.02 -33.79 91.89
N ASP A 68 -4.51 -34.54 92.88
CA ASP A 68 -3.73 -33.93 93.95
C ASP A 68 -2.44 -33.33 93.39
N ALA A 69 -1.80 -34.03 92.46
CA ALA A 69 -0.52 -33.56 91.92
C ALA A 69 -0.66 -32.21 91.22
N ALA A 70 -1.88 -31.82 90.85
CA ALA A 70 -2.09 -30.52 90.23
C ALA A 70 -1.90 -29.35 91.19
N ASP A 71 -1.92 -29.59 92.51
CA ASP A 71 -1.78 -28.52 93.49
C ASP A 71 -0.46 -28.59 94.24
N ALA A 72 0.62 -28.99 93.57
CA ALA A 72 2.01 -28.99 94.05
C ALA A 72 2.31 -30.06 95.08
N GLU A 73 1.32 -30.83 95.54
CA GLU A 73 1.54 -31.96 96.43
C GLU A 73 1.40 -33.24 95.63
N LEU A 74 2.52 -33.94 95.42
CA LEU A 74 2.55 -35.13 94.57
C LEU A 74 2.19 -36.36 95.41
N ASN A 75 0.90 -36.48 95.70
CA ASN A 75 0.36 -37.64 96.39
C ASN A 75 -0.74 -38.26 95.53
N TRP A 76 -1.03 -39.53 95.80
CA TRP A 76 -2.08 -40.21 95.05
C TRP A 76 -3.43 -39.56 95.34
N THR A 77 -4.36 -39.74 94.40
CA THR A 77 -5.70 -39.20 94.56
C THR A 77 -6.49 -40.15 95.45
N ASN A 78 -6.74 -39.73 96.69
CA ASN A 78 -7.60 -40.52 97.57
C ASN A 78 -8.98 -40.64 96.95
N MET A 79 -9.54 -41.83 96.97
CA MET A 79 -10.72 -42.14 96.18
C MET A 79 -11.90 -42.50 97.07
N VAL A 80 -11.72 -43.48 97.95
CA VAL A 80 -12.67 -43.83 99.00
C VAL A 80 -11.85 -44.15 100.26
N THR A 81 -12.43 -43.84 101.42
CA THR A 81 -11.80 -44.08 102.71
C THR A 81 -12.55 -45.21 103.42
N PHE A 82 -12.03 -46.43 103.28
CA PHE A 82 -12.61 -47.57 104.01
C PHE A 82 -12.28 -47.45 105.49
N GLY A 83 -13.26 -47.65 106.34
CA GLY A 83 -13.08 -47.58 107.78
C GLY A 83 -13.66 -46.28 108.34
N ASP A 84 -13.53 -46.15 109.66
CA ASP A 84 -14.07 -44.99 110.37
C ASP A 84 -13.03 -43.89 110.56
N SER A 85 -11.96 -44.17 111.32
CA SER A 85 -10.96 -43.15 111.66
C SER A 85 -9.79 -43.74 112.42
N ASN A 86 -8.62 -43.11 112.31
CA ASN A 86 -7.45 -43.49 113.08
C ASN A 86 -6.47 -42.31 113.12
N PRO A 87 -6.07 -41.85 114.31
CA PRO A 87 -5.11 -40.75 114.38
C PRO A 87 -3.78 -41.04 113.73
N ASN A 88 -3.32 -42.29 113.78
CA ASN A 88 -2.00 -42.68 113.27
C ASN A 88 -2.10 -43.27 111.87
N SER A 89 -3.05 -42.76 111.09
CA SER A 89 -3.28 -43.23 109.72
C SER A 89 -3.42 -42.02 108.81
N ILE A 90 -2.63 -41.98 107.75
CA ILE A 90 -2.60 -40.83 106.84
C ILE A 90 -2.93 -41.32 105.43
N THR A 91 -3.87 -40.65 104.79
CA THR A 91 -4.26 -40.95 103.42
C THR A 91 -3.48 -40.11 102.42
N ASN A 92 -2.15 -40.09 102.55
CA ASN A 92 -1.28 -39.32 101.67
C ASN A 92 -0.17 -40.26 101.21
N LEU A 93 -0.40 -40.94 100.09
CA LEU A 93 0.57 -41.89 99.59
C LEU A 93 1.41 -41.27 98.48
N PRO A 94 2.73 -41.48 98.51
CA PRO A 94 3.59 -40.86 97.50
C PRO A 94 3.25 -41.36 96.11
N ILE A 95 3.33 -40.43 95.14
CA ILE A 95 3.13 -40.80 93.74
C ILE A 95 4.22 -41.75 93.28
N THR A 96 5.40 -41.65 93.88
CA THR A 96 6.56 -42.44 93.49
C THR A 96 6.39 -43.92 93.81
N VAL A 97 5.33 -44.29 94.55
CA VAL A 97 5.14 -45.67 94.98
C VAL A 97 5.15 -46.62 93.80
N LEU A 98 4.43 -46.27 92.74
CA LEU A 98 4.33 -47.13 91.56
C LEU A 98 5.71 -47.34 90.94
N GLN A 99 6.02 -48.60 90.62
CA GLN A 99 7.30 -48.98 90.04
C GLN A 99 7.07 -49.54 88.64
N LEU A 100 7.96 -49.16 87.72
CA LEU A 100 7.88 -49.58 86.33
C LEU A 100 9.17 -50.29 85.93
N PHE A 101 9.04 -51.34 85.13
CA PHE A 101 10.18 -52.05 84.57
C PHE A 101 10.07 -52.01 83.05
N GLN A 102 11.14 -51.57 82.41
CA GLN A 102 11.25 -51.54 80.97
C GLN A 102 12.05 -52.73 80.46
N SER A 103 11.61 -53.30 79.34
CA SER A 103 12.28 -54.47 78.80
C SER A 103 13.66 -54.16 78.22
N LYS A 104 13.99 -52.89 78.02
CA LYS A 104 15.26 -52.51 77.40
C LYS A 104 15.93 -51.38 78.16
N PRO A 105 17.25 -51.21 78.01
CA PRO A 105 17.90 -49.99 78.49
C PRO A 105 17.67 -48.85 77.51
N ASN A 106 18.03 -47.66 77.94
CA ASN A 106 17.91 -46.49 77.08
C ASN A 106 18.86 -46.63 75.91
N PRO A 107 18.36 -46.57 74.66
CA PRO A 107 19.25 -46.71 73.49
C PRO A 107 20.34 -45.66 73.46
N ASP A 108 19.96 -44.38 73.49
CA ASP A 108 20.91 -43.27 73.47
C ASP A 108 20.67 -42.45 74.73
N THR A 109 21.43 -42.76 75.78
CA THR A 109 21.31 -42.07 77.05
C THR A 109 22.59 -41.30 77.37
N ASN A 110 22.41 -40.06 77.83
CA ASN A 110 23.51 -39.24 78.34
C ASN A 110 23.04 -38.70 79.69
N SER A 111 23.24 -39.48 80.74
CA SER A 111 22.82 -39.09 82.08
C SER A 111 23.59 -39.92 83.10
N THR A 112 23.69 -39.38 84.31
CA THR A 112 24.38 -40.04 85.40
C THR A 112 23.59 -39.96 86.70
N ALA A 113 22.28 -40.15 86.62
CA ALA A 113 21.44 -40.16 87.81
C ALA A 113 21.54 -41.52 88.49
N ASP A 114 20.60 -41.80 89.40
CA ASP A 114 20.54 -43.09 90.06
C ASP A 114 20.37 -44.19 89.02
N SER A 115 19.49 -43.95 88.04
CA SER A 115 19.34 -44.86 86.90
C SER A 115 18.70 -44.09 85.77
N PRO A 116 19.31 -44.07 84.57
CA PRO A 116 18.73 -43.27 83.47
C PRO A 116 17.35 -43.73 83.04
N SER A 117 17.05 -45.02 83.13
CA SER A 117 15.78 -45.55 82.68
C SER A 117 15.37 -46.71 83.57
N PHE A 118 14.17 -47.23 83.33
CA PHE A 118 13.67 -48.36 84.10
C PHE A 118 14.20 -49.67 83.54
N ALA A 119 15.51 -49.78 83.37
CA ALA A 119 16.11 -50.94 82.74
C ALA A 119 16.33 -52.09 83.70
N THR A 120 16.76 -51.80 84.93
CA THR A 120 17.09 -52.85 85.88
C THR A 120 15.83 -53.60 86.30
N ALA A 121 16.01 -54.89 86.60
CA ALA A 121 14.90 -55.73 87.01
C ALA A 121 14.41 -55.32 88.40
N PHE A 122 13.20 -55.76 88.72
CA PHE A 122 12.59 -55.44 90.00
C PHE A 122 13.40 -56.07 91.14
N ASP A 123 13.58 -55.31 92.21
CA ASP A 123 14.35 -55.73 93.37
C ASP A 123 13.42 -56.00 94.54
N THR A 124 13.96 -56.66 95.57
CA THR A 124 13.19 -57.08 96.73
C THR A 124 13.68 -56.32 97.96
N GLY A 125 12.73 -55.87 98.77
CA GLY A 125 13.07 -55.16 100.00
C GLY A 125 13.60 -53.77 99.71
N ARG A 126 14.12 -53.16 100.78
CA ARG A 126 14.70 -51.82 100.67
C ARG A 126 16.16 -51.97 100.23
N ALA A 127 16.37 -52.21 98.94
CA ALA A 127 17.71 -52.34 98.38
C ALA A 127 18.00 -51.33 97.28
N ALA A 128 17.11 -51.21 96.29
CA ALA A 128 17.38 -50.38 95.13
C ALA A 128 17.07 -48.91 95.41
N LEU A 129 15.81 -48.60 95.66
CA LEU A 129 15.34 -47.25 96.00
C LEU A 129 15.70 -46.24 94.89
N GLY A 130 15.10 -46.47 93.73
CA GLY A 130 15.21 -45.50 92.65
C GLY A 130 15.35 -46.06 91.26
N GLU A 131 15.88 -47.29 91.13
CA GLU A 131 16.13 -47.87 89.82
C GLU A 131 14.86 -48.24 89.07
N ASN A 132 13.72 -48.35 89.75
CA ASN A 132 12.47 -48.70 89.08
C ASN A 132 11.32 -47.76 89.41
N ASN A 133 11.53 -46.74 90.24
CA ASN A 133 10.45 -45.85 90.63
C ASN A 133 10.04 -44.97 89.45
N VAL A 134 8.76 -44.59 89.43
CA VAL A 134 8.22 -43.77 88.35
C VAL A 134 8.64 -42.32 88.56
N TYR A 135 8.59 -41.54 87.49
CA TYR A 135 8.93 -40.12 87.55
C TYR A 135 7.68 -39.32 87.86
N ALA A 136 7.70 -38.60 88.98
CA ALA A 136 6.55 -37.82 89.44
C ALA A 136 6.79 -36.34 89.12
N SER A 137 5.77 -35.70 88.55
CA SER A 137 5.87 -34.29 88.20
C SER A 137 4.50 -33.64 88.32
N ARG A 138 4.47 -32.40 88.78
CA ARG A 138 3.23 -31.64 88.89
C ARG A 138 2.80 -31.01 87.57
N ASP A 139 3.62 -31.14 86.53
CA ASP A 139 3.29 -30.65 85.21
C ASP A 139 3.96 -31.56 84.17
N PRO A 140 3.25 -32.52 83.61
CA PRO A 140 3.90 -33.54 82.76
C PRO A 140 4.00 -33.14 81.30
N PHE A 141 3.79 -31.87 80.98
CA PHE A 141 3.78 -31.42 79.59
C PHE A 141 5.02 -30.62 79.22
N ASP A 142 6.11 -30.78 79.96
CA ASP A 142 7.39 -30.16 79.63
C ASP A 142 8.50 -31.19 79.77
N ARG A 143 9.65 -30.88 79.18
CA ARG A 143 10.77 -31.79 79.24
C ARG A 143 11.26 -31.93 80.68
N PRO A 144 11.32 -33.15 81.21
CA PRO A 144 11.92 -33.35 82.54
C PRO A 144 13.41 -33.06 82.51
N SER A 145 13.94 -32.78 83.70
CA SER A 145 15.35 -32.41 83.82
C SER A 145 16.25 -33.56 83.38
N ALA A 146 17.52 -33.22 83.16
CA ALA A 146 18.48 -34.21 82.66
C ALA A 146 18.72 -35.34 83.64
N ASP A 147 18.43 -35.13 84.93
CA ASP A 147 18.60 -36.16 85.95
C ASP A 147 17.35 -37.00 86.13
N ALA A 148 16.31 -36.77 85.35
CA ALA A 148 15.09 -37.54 85.44
C ALA A 148 15.24 -38.84 84.66
N ARG A 149 14.14 -39.55 84.47
CA ARG A 149 14.13 -40.85 83.81
C ARG A 149 13.43 -40.72 82.46
N TYR A 150 14.15 -41.05 81.39
CA TYR A 150 13.57 -41.10 80.05
C TYR A 150 13.55 -42.54 79.56
N ILE A 151 12.41 -42.95 79.01
CA ILE A 151 12.25 -44.32 78.57
C ILE A 151 13.14 -44.60 77.35
N ALA A 152 13.10 -43.72 76.36
CA ALA A 152 13.82 -43.96 75.11
C ALA A 152 14.44 -42.68 74.57
N GLY A 153 15.08 -41.90 75.43
CA GLY A 153 15.68 -40.67 74.95
C GLY A 153 16.50 -39.96 76.00
N GLY A 154 16.86 -38.72 75.68
CA GLY A 154 17.65 -37.90 76.59
C GLY A 154 17.22 -36.45 76.51
N ASN A 155 17.50 -35.72 77.59
CA ASN A 155 17.05 -34.33 77.70
C ASN A 155 17.78 -33.43 76.70
N ALA A 156 19.10 -33.57 76.61
CA ALA A 156 19.88 -32.69 75.76
C ALA A 156 19.61 -33.00 74.29
N GLY A 157 20.12 -32.13 73.42
CA GLY A 157 19.99 -32.31 71.99
C GLY A 157 20.94 -33.30 71.38
N ALA A 158 21.84 -33.89 72.17
CA ALA A 158 22.76 -34.91 71.71
C ALA A 158 22.38 -36.32 72.12
N ALA A 159 21.49 -36.48 73.09
CA ALA A 159 21.02 -37.79 73.54
C ALA A 159 19.64 -38.01 72.95
N GLU A 160 19.59 -38.56 71.73
CA GLU A 160 18.35 -38.81 71.03
C GLU A 160 18.50 -40.07 70.19
N VAL A 161 17.37 -40.70 69.89
CA VAL A 161 17.35 -41.87 69.03
C VAL A 161 16.85 -41.46 67.65
N ALA A 162 17.39 -42.09 66.62
CA ALA A 162 17.08 -41.72 65.24
C ALA A 162 15.64 -42.06 64.90
N GLY A 163 15.10 -41.34 63.92
CA GLY A 163 13.74 -41.59 63.49
C GLY A 163 13.61 -42.93 62.77
N GLY A 164 12.42 -43.50 62.84
CA GLY A 164 12.17 -44.78 62.22
C GLY A 164 10.77 -45.26 62.55
N SER A 165 10.55 -46.54 62.27
CA SER A 165 9.26 -47.17 62.54
C SER A 165 9.50 -48.60 62.99
N TYR A 166 8.68 -49.05 63.95
CA TYR A 166 8.83 -50.41 64.46
C TYR A 166 8.48 -51.45 63.41
N LEU A 167 7.49 -51.15 62.56
CA LEU A 167 7.11 -52.10 61.51
C LEU A 167 8.24 -52.32 60.52
N VAL A 168 8.92 -51.25 60.12
CA VAL A 168 9.99 -51.36 59.13
C VAL A 168 11.22 -52.00 59.78
N ASP A 169 11.96 -52.75 58.98
CA ASP A 169 13.17 -53.44 59.43
C ASP A 169 14.30 -52.43 59.45
N ASP A 170 14.51 -51.79 60.60
CA ASP A 170 15.55 -50.79 60.75
C ASP A 170 16.85 -51.46 61.20
N GLY A 171 17.82 -50.65 61.61
CA GLY A 171 19.09 -51.20 62.09
C GLY A 171 18.90 -52.08 63.32
N GLY A 172 17.97 -51.70 64.20
CA GLY A 172 17.66 -52.52 65.35
C GLY A 172 16.68 -53.63 65.04
N ALA A 173 17.06 -54.51 64.12
CA ALA A 173 16.24 -55.66 63.69
C ALA A 173 14.87 -55.14 63.26
N SER A 174 13.78 -55.77 63.67
CA SER A 174 12.44 -55.31 63.32
C SER A 174 11.46 -55.87 64.34
N GLY A 175 10.48 -55.05 64.70
CA GLY A 175 9.46 -55.49 65.64
C GLY A 175 9.75 -55.08 67.07
N GLN A 176 9.80 -56.06 67.97
CA GLN A 176 9.95 -55.79 69.40
C GLN A 176 11.32 -55.22 69.74
N ASN A 177 12.32 -55.42 68.88
CA ASN A 177 13.70 -55.26 69.33
C ASN A 177 14.06 -53.80 69.56
N GLU A 178 13.61 -52.88 68.71
CA GLU A 178 14.10 -51.52 68.82
C GLU A 178 13.05 -50.47 69.18
N PHE A 179 12.01 -50.33 68.35
CA PHE A 179 11.06 -49.24 68.51
C PHE A 179 9.80 -49.70 69.24
N TYR A 180 9.94 -50.70 70.11
CA TYR A 180 8.79 -51.36 70.70
C TYR A 180 9.14 -51.68 72.15
N PHE A 181 8.54 -50.95 73.09
CA PHE A 181 8.89 -51.07 74.49
C PHE A 181 7.71 -51.59 75.30
N THR A 182 7.93 -52.68 76.04
CA THR A 182 6.91 -53.28 76.89
C THR A 182 7.23 -52.95 78.34
N ILE A 183 6.23 -52.42 79.06
CA ILE A 183 6.43 -51.91 80.41
C ILE A 183 5.60 -52.76 81.37
N SER A 184 6.21 -53.18 82.48
CA SER A 184 5.54 -53.96 83.50
C SER A 184 5.43 -53.16 84.78
N PHE A 185 4.25 -53.18 85.39
CA PHE A 185 3.97 -52.42 86.60
C PHE A 185 4.15 -53.30 87.83
N ARG A 186 4.57 -52.69 88.94
CA ARG A 186 4.70 -53.39 90.21
C ARG A 186 4.56 -52.38 91.35
N VAL A 187 3.77 -52.75 92.35
CA VAL A 187 3.63 -51.99 93.58
C VAL A 187 3.83 -52.93 94.75
N VAL A 188 4.69 -52.56 95.69
CA VAL A 188 4.93 -53.39 96.87
C VAL A 188 4.58 -52.64 98.15
N PRO A 189 3.41 -52.88 98.72
CA PRO A 189 3.13 -52.36 100.06
C PRO A 189 3.80 -53.22 101.12
N ALA A 190 3.54 -52.95 102.40
CA ALA A 190 4.10 -53.74 103.47
C ALA A 190 2.98 -54.20 104.38
N LEU A 191 3.23 -55.31 105.09
CA LEU A 191 2.23 -55.82 106.03
C LEU A 191 1.84 -54.80 107.09
N PRO A 192 2.75 -54.03 107.70
CA PRO A 192 2.30 -52.92 108.55
C PRO A 192 1.48 -51.88 107.80
N GLY A 193 1.68 -51.73 106.49
CA GLY A 193 0.94 -50.77 105.70
C GLY A 193 1.77 -49.69 105.05
N THR A 194 3.08 -49.70 105.22
CA THR A 194 3.94 -48.69 104.64
C THR A 194 4.41 -49.10 103.25
N TYR A 195 5.14 -48.20 102.60
CA TYR A 195 5.66 -48.43 101.25
C TYR A 195 7.16 -48.16 101.25
N PRO A 196 7.99 -49.14 101.59
CA PRO A 196 9.43 -48.87 101.79
C PRO A 196 10.19 -48.51 100.52
N ARG A 197 9.55 -48.54 99.35
CA ARG A 197 10.24 -48.26 98.10
C ARG A 197 9.96 -46.87 97.56
N ALA A 198 9.21 -46.04 98.27
CA ALA A 198 8.93 -44.68 97.80
C ALA A 198 10.17 -43.81 97.94
N THR A 199 10.35 -42.92 96.95
CA THR A 199 11.48 -41.99 96.94
C THR A 199 10.96 -40.56 96.92
N SER A 200 11.88 -39.62 96.73
CA SER A 200 11.56 -38.20 96.80
C SER A 200 10.67 -37.77 95.63
N GLU A 201 10.20 -36.54 95.71
CA GLU A 201 9.39 -35.93 94.66
C GLU A 201 10.06 -34.75 93.97
N ASP A 202 11.21 -34.30 94.46
CA ASP A 202 11.90 -33.18 93.84
C ASP A 202 12.32 -33.52 92.42
N GLN A 203 12.91 -34.70 92.22
CA GLN A 203 13.28 -35.19 90.91
C GLN A 203 12.64 -36.52 90.54
N GLY A 204 12.20 -37.30 91.54
CA GLY A 204 11.71 -38.64 91.30
C GLY A 204 12.78 -39.66 91.01
N ASN A 205 14.06 -39.29 91.14
CA ASN A 205 15.17 -40.18 90.82
C ASN A 205 16.10 -40.42 92.00
N THR A 206 16.01 -39.61 93.05
CA THR A 206 16.92 -39.72 94.17
C THR A 206 16.69 -41.02 94.93
N ASP A 207 17.57 -41.28 95.90
CA ASP A 207 17.61 -42.53 96.63
C ASP A 207 16.94 -42.46 98.00
N GLU A 208 16.85 -41.28 98.60
CA GLU A 208 16.34 -41.18 99.96
C GLU A 208 14.92 -41.73 100.05
N THR A 209 14.65 -42.54 101.06
CA THR A 209 13.37 -43.21 101.17
C THR A 209 12.29 -42.27 101.66
N ASP A 210 11.09 -42.40 101.10
CA ASP A 210 9.97 -41.55 101.44
C ASP A 210 8.78 -42.39 101.91
N ASP A 211 9.07 -43.45 102.64
CA ASP A 211 8.01 -44.28 103.20
C ASP A 211 7.38 -43.58 104.40
N LEU A 212 6.27 -44.16 104.87
CA LEU A 212 5.48 -43.50 105.91
C LEU A 212 6.20 -43.49 107.25
N VAL A 213 7.10 -44.44 107.48
CA VAL A 213 7.85 -44.44 108.73
C VAL A 213 8.83 -43.27 108.77
N VAL A 214 9.29 -42.81 107.61
CA VAL A 214 10.08 -41.58 107.58
C VAL A 214 9.21 -40.39 108.00
N ARG A 215 7.96 -40.36 107.54
CA ARG A 215 7.08 -39.23 107.85
C ARG A 215 6.70 -39.21 109.32
N GLY A 216 6.26 -40.34 109.86
CA GLY A 216 5.73 -40.36 111.21
C GLY A 216 6.29 -41.40 112.16
N ASP A 217 6.94 -42.43 111.63
CA ASP A 217 7.54 -43.56 112.32
C ASP A 217 6.49 -44.54 112.85
N GLY A 218 5.20 -44.25 112.72
CA GLY A 218 4.18 -45.19 113.12
C GLY A 218 2.97 -45.16 112.21
N ARG A 219 3.05 -44.40 111.12
CA ARG A 219 1.94 -44.26 110.20
C ARG A 219 1.86 -45.46 109.26
N TYR A 220 0.69 -45.63 108.67
CA TYR A 220 0.46 -46.67 107.67
C TYR A 220 -0.68 -46.21 106.77
N ALA A 221 -0.75 -46.83 105.59
CA ALA A 221 -1.74 -46.43 104.60
C ALA A 221 -3.15 -46.73 105.10
N TYR A 222 -4.04 -45.75 104.98
CA TYR A 222 -5.42 -45.94 105.35
C TYR A 222 -6.09 -46.95 104.43
N PRO A 223 -6.95 -47.83 104.93
CA PRO A 223 -7.71 -48.71 104.04
C PRO A 223 -8.59 -47.89 103.11
N GLY A 224 -8.68 -48.32 101.87
CA GLY A 224 -9.46 -47.59 100.90
C GLY A 224 -8.94 -47.84 99.50
N VAL A 225 -9.22 -46.89 98.62
CA VAL A 225 -8.83 -46.98 97.21
C VAL A 225 -8.25 -45.63 96.78
N TYR A 226 -7.30 -45.68 95.86
CA TYR A 226 -6.64 -44.49 95.40
C TYR A 226 -6.39 -44.61 93.90
N THR A 227 -6.22 -43.45 93.25
CA THR A 227 -6.11 -43.37 91.81
C THR A 227 -4.89 -42.55 91.43
N LEU A 228 -4.28 -42.93 90.32
CA LEU A 228 -3.13 -42.25 89.75
C LEU A 228 -3.13 -42.50 88.25
N ASN A 229 -2.74 -41.46 87.48
CA ASN A 229 -2.70 -41.52 86.04
C ASN A 229 -1.26 -41.49 85.56
N VAL A 230 -0.96 -42.26 84.52
CA VAL A 230 0.38 -42.33 83.95
C VAL A 230 0.31 -41.89 82.50
N LYS A 231 1.18 -40.95 82.13
CA LYS A 231 1.22 -40.38 80.79
C LYS A 231 2.53 -40.77 80.11
N PHE A 232 2.43 -41.44 78.97
CA PHE A 232 3.60 -41.73 78.15
C PHE A 232 3.66 -40.71 77.02
N VAL A 233 4.68 -39.87 77.04
CA VAL A 233 4.77 -38.72 76.14
C VAL A 233 6.06 -38.82 75.33
N MET A 234 5.96 -38.65 74.02
CA MET A 234 7.11 -38.60 73.13
C MET A 234 7.24 -37.20 72.55
N VAL A 235 8.47 -36.69 72.55
CA VAL A 235 8.76 -35.30 72.19
C VAL A 235 9.89 -35.29 71.16
N GLU A 236 9.76 -34.44 70.15
CA GLU A 236 10.83 -34.30 69.17
C GLU A 236 12.09 -33.76 69.83
N CYS A 237 13.23 -34.31 69.44
CA CYS A 237 14.50 -33.86 69.99
C CYS A 237 15.25 -32.99 68.99
N ASN B 1 3.61 10.59 20.08
CA ASN B 1 3.26 9.74 21.22
C ASN B 1 2.68 8.41 20.75
N LEU B 2 3.40 7.75 19.84
CA LEU B 2 2.97 6.45 19.33
C LEU B 2 3.04 5.40 20.44
N ILE B 3 2.00 4.57 20.50
CA ILE B 3 1.82 3.64 21.60
C ILE B 3 1.64 2.23 21.07
N SER B 4 2.44 1.31 21.58
CA SER B 4 2.21 -0.12 21.40
C SER B 4 2.24 -0.76 22.78
N GLU B 5 1.17 -1.46 23.13
CA GLU B 5 0.98 -1.93 24.50
C GLU B 5 0.49 -3.37 24.50
N GLN B 6 0.80 -4.06 25.60
CA GLN B 6 0.30 -5.40 25.85
C GLN B 6 -0.16 -5.48 27.29
N ASN B 7 -1.29 -6.14 27.52
CA ASN B 7 -1.93 -6.19 28.83
C ASN B 7 -2.04 -7.61 29.32
N VAL B 8 -1.79 -7.82 30.60
CA VAL B 8 -1.99 -9.11 31.25
C VAL B 8 -2.89 -8.90 32.46
N THR B 9 -3.82 -9.83 32.68
CA THR B 9 -4.80 -9.73 33.75
C THR B 9 -4.37 -10.66 34.89
N VAL B 10 -4.27 -10.10 36.09
CA VAL B 10 -3.84 -10.84 37.28
C VAL B 10 -5.06 -11.08 38.15
N THR B 11 -5.31 -12.35 38.48
CA THR B 11 -6.41 -12.73 39.35
C THR B 11 -5.85 -13.41 40.59
N MET B 12 -6.14 -12.84 41.75
CA MET B 12 -5.67 -13.35 43.03
C MET B 12 -6.88 -13.71 43.88
N ASP B 13 -6.91 -14.95 44.37
CA ASP B 13 -7.98 -15.40 45.26
C ASP B 13 -7.36 -15.86 46.58
N LEU B 14 -7.94 -15.40 47.69
CA LEU B 14 -7.54 -15.83 49.02
C LEU B 14 -8.59 -16.78 49.55
N GLN B 15 -8.47 -18.05 49.16
CA GLN B 15 -9.42 -19.05 49.62
C GLN B 15 -9.23 -19.30 51.12
N PRO B 16 -10.33 -19.30 51.88
CA PRO B 16 -10.22 -19.50 53.33
C PRO B 16 -9.86 -20.94 53.66
N VAL B 17 -8.94 -21.09 54.61
CA VAL B 17 -8.47 -22.40 55.05
C VAL B 17 -8.93 -22.58 56.49
N LEU B 18 -9.86 -23.51 56.71
CA LEU B 18 -10.40 -23.79 58.04
C LEU B 18 -10.28 -25.29 58.29
N GLN B 19 -9.38 -25.68 59.18
CA GLN B 19 -9.14 -27.09 59.45
C GLN B 19 -9.11 -27.32 60.95
N LEU B 20 -9.88 -28.30 61.41
CA LEU B 20 -9.89 -28.73 62.80
C LEU B 20 -9.55 -30.21 62.82
N SER B 21 -8.32 -30.54 63.18
CA SER B 21 -7.85 -31.93 63.18
C SER B 21 -7.84 -32.45 64.61
N MET B 22 -8.59 -33.53 64.83
CA MET B 22 -8.72 -34.11 66.15
C MET B 22 -7.98 -35.44 66.21
N GLN B 23 -7.18 -35.62 67.26
CA GLN B 23 -6.50 -36.88 67.51
C GLN B 23 -6.97 -37.48 68.82
N GLY B 24 -7.18 -38.79 68.83
CA GLY B 24 -7.69 -39.48 69.99
C GLY B 24 -8.68 -40.55 69.61
N SER B 25 -9.63 -40.83 70.48
CA SER B 25 -10.66 -41.83 70.21
C SER B 25 -12.01 -41.13 70.04
N GLU B 26 -12.69 -41.44 68.94
CA GLU B 26 -13.98 -40.79 68.67
C GLU B 26 -15.07 -41.34 69.58
N THR B 27 -14.84 -42.48 70.23
CA THR B 27 -15.70 -42.98 71.29
C THR B 27 -14.96 -42.88 72.62
N VAL B 28 -15.59 -42.23 73.59
CA VAL B 28 -15.09 -42.17 74.96
C VAL B 28 -16.07 -42.92 75.85
N SER B 29 -15.61 -43.99 76.48
CA SER B 29 -16.48 -44.87 77.24
C SER B 29 -16.13 -44.80 78.72
N PHE B 30 -17.14 -44.54 79.56
CA PHE B 30 -17.00 -44.59 81.00
C PHE B 30 -17.76 -45.80 81.51
N VAL B 31 -17.06 -46.72 82.17
CA VAL B 31 -17.64 -47.95 82.68
C VAL B 31 -17.56 -47.93 84.19
N PHE B 32 -18.71 -48.03 84.85
CA PHE B 32 -18.80 -48.04 86.31
C PHE B 32 -19.22 -49.43 86.77
N SER B 33 -18.33 -50.13 87.46
CA SER B 33 -18.66 -51.46 87.95
C SER B 33 -18.24 -51.66 89.39
N GLN B 34 -17.35 -50.80 89.89
CA GLN B 34 -16.92 -50.86 91.28
C GLN B 34 -17.57 -49.72 92.06
N ILE B 35 -17.64 -49.91 93.38
CA ILE B 35 -18.21 -48.89 94.26
C ILE B 35 -17.41 -47.60 94.18
N SER B 36 -16.08 -47.72 94.20
CA SER B 36 -15.21 -46.55 94.13
C SER B 36 -15.48 -45.76 92.85
N GLU B 37 -15.66 -46.46 91.73
CA GLU B 37 -15.99 -45.77 90.49
C GLU B 37 -17.32 -45.04 90.61
N TYR B 38 -18.29 -45.65 91.29
CA TYR B 38 -19.59 -45.01 91.44
C TYR B 38 -19.49 -43.73 92.25
N ILE B 39 -18.80 -43.79 93.39
CA ILE B 39 -18.74 -42.61 94.26
C ILE B 39 -17.85 -41.51 93.69
N GLY B 40 -16.75 -41.84 93.03
CA GLY B 40 -15.84 -40.81 92.57
C GLY B 40 -15.80 -40.58 91.08
N GLY B 41 -16.03 -41.62 90.28
CA GLY B 41 -16.12 -41.45 88.85
C GLY B 41 -14.81 -41.53 88.09
N LEU B 42 -14.87 -41.99 86.85
CA LEU B 42 -13.69 -42.07 86.00
C LEU B 42 -13.21 -40.68 85.62
N THR B 43 -11.92 -40.44 85.73
CA THR B 43 -11.28 -39.24 85.21
C THR B 43 -10.32 -39.66 84.10
N GLN B 44 -10.62 -39.25 82.87
CA GLN B 44 -9.83 -39.62 81.71
C GLN B 44 -8.98 -38.44 81.29
N TYR B 45 -7.67 -38.66 81.23
CA TYR B 45 -6.72 -37.60 80.91
C TYR B 45 -6.26 -37.72 79.46
N GLY B 46 -6.27 -36.59 78.75
CA GLY B 46 -5.81 -36.52 77.39
C GLY B 46 -6.59 -37.40 76.44
N ALA B 47 -7.92 -37.40 76.58
CA ALA B 47 -8.76 -38.24 75.73
C ALA B 47 -8.72 -37.78 74.28
N VAL B 48 -8.92 -36.50 74.05
CA VAL B 48 -8.99 -35.92 72.71
C VAL B 48 -8.16 -34.64 72.68
N ASP B 49 -7.38 -34.46 71.61
CA ASP B 49 -6.66 -33.22 71.38
C ASP B 49 -7.09 -32.63 70.04
N LEU B 50 -7.08 -31.30 69.95
CA LEU B 50 -7.55 -30.57 68.78
C LEU B 50 -6.45 -29.64 68.29
N SER B 51 -6.23 -29.63 66.98
CA SER B 51 -5.27 -28.75 66.33
C SER B 51 -6.02 -27.90 65.31
N VAL B 52 -5.70 -26.61 65.27
CA VAL B 52 -6.44 -25.64 64.47
C VAL B 52 -5.51 -25.05 63.42
N SER B 53 -5.95 -25.09 62.16
CA SER B 53 -5.28 -24.38 61.08
C SER B 53 -6.28 -23.40 60.48
N SER B 54 -5.90 -22.13 60.41
CA SER B 54 -6.85 -21.11 60.01
C SER B 54 -6.12 -19.97 59.33
N THR B 55 -6.89 -19.18 58.57
CA THR B 55 -6.40 -17.98 57.94
C THR B 55 -6.95 -16.71 58.58
N VAL B 56 -8.17 -16.73 59.10
CA VAL B 56 -8.81 -15.57 59.68
C VAL B 56 -9.03 -15.79 61.17
N ASP B 57 -9.56 -14.75 61.83
CA ASP B 57 -9.85 -14.85 63.25
C ASP B 57 -10.88 -15.92 63.51
N TRP B 58 -10.61 -16.77 64.49
CA TRP B 58 -11.45 -17.93 64.77
C TRP B 58 -11.70 -18.06 66.26
N CYS B 59 -12.85 -18.63 66.59
CA CYS B 59 -13.23 -18.95 67.96
C CYS B 59 -13.70 -20.39 68.01
N LEU B 60 -13.16 -21.15 68.96
CA LEU B 60 -13.47 -22.57 69.10
C LEU B 60 -14.27 -22.77 70.38
N TYR B 61 -15.38 -23.50 70.27
CA TYR B 61 -16.18 -23.83 71.44
C TYR B 61 -16.58 -25.30 71.38
N ALA B 62 -17.07 -25.78 72.53
CA ALA B 62 -17.54 -27.15 72.67
C ALA B 62 -18.98 -27.13 73.14
N ALA B 63 -19.84 -27.88 72.45
CA ALA B 63 -21.25 -27.98 72.80
C ALA B 63 -21.60 -29.44 73.00
N ALA B 64 -22.69 -29.67 73.73
CA ALA B 64 -23.17 -31.01 74.01
C ALA B 64 -24.59 -31.17 73.46
N PHE B 65 -24.82 -32.29 72.78
CA PHE B 65 -26.09 -32.52 72.12
C PHE B 65 -26.42 -34.00 72.21
N SER B 66 -27.71 -34.30 72.16
CA SER B 66 -28.20 -35.67 72.19
C SER B 66 -29.56 -35.72 71.51
N SER B 67 -30.09 -36.94 71.35
CA SER B 67 -31.41 -37.10 70.74
C SER B 67 -32.48 -36.43 71.58
N ASP B 68 -32.40 -36.57 72.91
CA ASP B 68 -33.34 -35.88 73.78
C ASP B 68 -33.17 -34.37 73.68
N ALA B 69 -31.93 -33.90 73.61
CA ALA B 69 -31.69 -32.46 73.55
C ALA B 69 -32.31 -31.80 72.33
N ALA B 70 -32.67 -32.59 71.32
CA ALA B 70 -33.32 -32.03 70.14
C ALA B 70 -34.75 -31.59 70.41
N ASP B 71 -35.38 -32.04 71.50
CA ASP B 71 -36.75 -31.67 71.79
C ASP B 71 -36.87 -30.76 73.02
N ALA B 72 -35.91 -29.85 73.20
CA ALA B 72 -35.90 -28.77 74.18
C ALA B 72 -35.64 -29.25 75.61
N GLU B 73 -35.56 -30.56 75.86
CA GLU B 73 -35.19 -31.09 77.16
C GLU B 73 -33.75 -31.58 77.10
N LEU B 74 -32.85 -30.88 77.78
CA LEU B 74 -31.42 -31.18 77.71
C LEU B 74 -31.07 -32.24 78.76
N ASN B 75 -31.44 -33.47 78.44
CA ASN B 75 -31.10 -34.63 79.25
C ASN B 75 -30.34 -35.64 78.38
N TRP B 76 -29.60 -36.52 79.04
CA TRP B 76 -28.87 -37.55 78.32
C TRP B 76 -29.83 -38.49 77.60
N THR B 77 -29.33 -39.12 76.55
CA THR B 77 -30.14 -40.09 75.81
C THR B 77 -30.12 -41.40 76.56
N ASN B 78 -31.25 -41.75 77.19
CA ASN B 78 -31.37 -43.05 77.82
C ASN B 78 -31.22 -44.13 76.77
N MET B 79 -30.45 -45.17 77.09
CA MET B 79 -29.99 -46.12 76.09
C MET B 79 -30.51 -47.51 76.39
N VAL B 80 -30.27 -48.01 77.60
CA VAL B 80 -30.84 -49.24 78.13
C VAL B 80 -31.18 -49.00 79.59
N THR B 81 -32.25 -49.65 80.05
CA THR B 81 -32.72 -49.53 81.44
C THR B 81 -32.45 -50.85 82.15
N PHE B 82 -31.32 -50.92 82.86
CA PHE B 82 -31.04 -52.10 83.67
C PHE B 82 -31.95 -52.12 84.90
N GLY B 83 -32.53 -53.27 85.17
CA GLY B 83 -33.42 -53.45 86.30
C GLY B 83 -34.87 -53.50 85.86
N ASP B 84 -35.76 -53.65 86.85
CA ASP B 84 -37.19 -53.77 86.60
C ASP B 84 -37.91 -52.44 86.71
N SER B 85 -37.92 -51.83 87.90
CA SER B 85 -38.68 -50.60 88.13
C SER B 85 -38.43 -50.05 89.53
N ASN B 86 -38.59 -48.74 89.68
CA ASN B 86 -38.51 -48.08 90.98
C ASN B 86 -39.21 -46.72 90.91
N PRO B 87 -40.20 -46.47 91.77
CA PRO B 87 -40.88 -45.17 91.76
C PRO B 87 -39.96 -43.99 92.03
N ASN B 88 -38.93 -44.16 92.85
CA ASN B 88 -38.04 -43.08 93.26
C ASN B 88 -36.77 -43.09 92.43
N SER B 89 -36.88 -43.48 91.16
CA SER B 89 -35.74 -43.55 90.25
C SER B 89 -36.15 -42.91 88.93
N ILE B 90 -35.36 -41.94 88.47
CA ILE B 90 -35.67 -41.17 87.27
C ILE B 90 -34.52 -41.33 86.28
N THR B 91 -34.86 -41.69 85.04
CA THR B 91 -33.86 -41.82 83.97
C THR B 91 -33.73 -40.53 83.18
N ASN B 92 -33.52 -39.42 83.88
CA ASN B 92 -33.39 -38.09 83.27
C ASN B 92 -32.14 -37.45 83.86
N LEU B 93 -31.00 -37.68 83.23
CA LEU B 93 -29.75 -37.14 83.74
C LEU B 93 -29.37 -35.86 83.01
N PRO B 94 -28.93 -34.84 83.74
CA PRO B 94 -28.60 -33.56 83.08
C PRO B 94 -27.45 -33.73 82.10
N ILE B 95 -27.54 -33.02 80.98
CA ILE B 95 -26.46 -33.01 80.00
C ILE B 95 -25.21 -32.38 80.60
N THR B 96 -25.40 -31.46 81.55
CA THR B 96 -24.30 -30.73 82.15
C THR B 96 -23.41 -31.62 83.02
N VAL B 97 -23.80 -32.87 83.27
CA VAL B 97 -23.05 -33.76 84.15
C VAL B 97 -21.61 -33.88 83.70
N LEU B 98 -21.39 -34.08 82.40
CA LEU B 98 -20.05 -34.25 81.88
C LEU B 98 -19.20 -33.01 82.15
N GLN B 99 -17.98 -33.24 82.64
CA GLN B 99 -17.05 -32.17 82.95
C GLN B 99 -15.82 -32.26 82.06
N LEU B 100 -15.36 -31.10 81.60
CA LEU B 100 -14.21 -31.01 80.70
C LEU B 100 -13.14 -30.12 81.33
N PHE B 101 -11.88 -30.51 81.16
CA PHE B 101 -10.75 -29.71 81.59
C PHE B 101 -9.88 -29.40 80.38
N GLN B 102 -9.58 -28.13 80.19
CA GLN B 102 -8.71 -27.67 79.12
C GLN B 102 -7.32 -27.38 79.68
N SER B 103 -6.30 -27.73 78.89
CA SER B 103 -4.92 -27.54 79.35
C SER B 103 -4.50 -26.08 79.39
N LYS B 104 -5.29 -25.18 78.80
CA LYS B 104 -4.91 -23.77 78.74
C LYS B 104 -6.09 -22.87 79.09
N PRO B 105 -5.83 -21.63 79.51
CA PRO B 105 -6.91 -20.64 79.60
C PRO B 105 -7.23 -20.09 78.21
N ASN B 106 -8.33 -19.36 78.15
CA ASN B 106 -8.72 -18.72 76.91
C ASN B 106 -7.68 -17.68 76.51
N PRO B 107 -7.09 -17.77 75.32
CA PRO B 107 -6.08 -16.78 74.91
C PRO B 107 -6.62 -15.36 74.90
N ASP B 108 -7.68 -15.13 74.15
CA ASP B 108 -8.32 -13.81 74.05
C ASP B 108 -9.76 -13.96 74.50
N THR B 109 -9.99 -13.71 75.79
CA THR B 109 -11.32 -13.83 76.38
C THR B 109 -11.82 -12.46 76.84
N ASN B 110 -13.08 -12.16 76.52
CA ASN B 110 -13.78 -10.98 77.03
C ASN B 110 -15.11 -11.46 77.58
N SER B 111 -15.10 -11.92 78.84
CA SER B 111 -16.31 -12.43 79.47
C SER B 111 -16.13 -12.39 80.98
N THR B 112 -17.27 -12.36 81.68
CA THR B 112 -17.27 -12.33 83.14
C THR B 112 -18.29 -13.30 83.71
N ALA B 113 -18.39 -14.50 83.13
CA ALA B 113 -19.28 -15.52 83.65
C ALA B 113 -18.64 -16.20 84.85
N ASP B 114 -19.19 -17.36 85.23
CA ASP B 114 -18.62 -18.15 86.30
C ASP B 114 -17.19 -18.54 85.97
N SER B 115 -16.96 -18.93 84.71
CA SER B 115 -15.62 -19.19 84.20
C SER B 115 -15.66 -19.11 82.69
N PRO B 116 -14.80 -18.29 82.06
CA PRO B 116 -14.88 -18.15 80.60
C PRO B 116 -14.58 -19.44 79.85
N SER B 117 -13.70 -20.29 80.38
CA SER B 117 -13.32 -21.53 79.70
C SER B 117 -13.06 -22.61 80.74
N PHE B 118 -12.78 -23.81 80.25
CA PHE B 118 -12.50 -24.95 81.11
C PHE B 118 -11.04 -24.93 81.55
N ALA B 119 -10.57 -23.81 82.08
CA ALA B 119 -9.17 -23.66 82.42
C ALA B 119 -8.82 -24.21 83.80
N THR B 120 -9.70 -24.02 84.78
CA THR B 120 -9.40 -24.45 86.14
C THR B 120 -9.36 -25.97 86.24
N ALA B 121 -8.53 -26.45 87.14
CA ALA B 121 -8.38 -27.89 87.34
C ALA B 121 -9.64 -28.48 87.96
N PHE B 122 -9.78 -29.80 87.84
CA PHE B 122 -10.94 -30.49 88.40
C PHE B 122 -10.97 -30.35 89.91
N ASP B 123 -12.16 -30.12 90.45
CA ASP B 123 -12.36 -29.94 91.88
C ASP B 123 -13.09 -31.15 92.46
N THR B 124 -13.08 -31.23 93.79
CA THR B 124 -13.64 -32.36 94.51
C THR B 124 -14.86 -31.91 95.30
N GLY B 125 -15.91 -32.72 95.27
CA GLY B 125 -17.11 -32.42 96.02
C GLY B 125 -17.89 -31.27 95.40
N ARG B 126 -18.88 -30.82 96.16
CA ARG B 126 -19.70 -29.69 95.72
C ARG B 126 -19.01 -28.40 96.12
N ALA B 127 -18.00 -28.00 95.35
CA ALA B 127 -17.26 -26.77 95.62
C ALA B 127 -17.28 -25.80 94.45
N ALA B 128 -16.98 -26.27 93.23
CA ALA B 128 -16.86 -25.37 92.10
C ALA B 128 -18.21 -25.05 91.47
N LEU B 129 -18.89 -26.07 90.93
CA LEU B 129 -20.22 -25.95 90.34
C LEU B 129 -20.22 -24.92 89.21
N GLY B 130 -19.48 -25.25 88.15
CA GLY B 130 -19.54 -24.45 86.94
C GLY B 130 -18.23 -24.23 86.21
N GLU B 131 -17.11 -24.29 86.93
CA GLU B 131 -15.81 -24.01 86.33
C GLU B 131 -15.35 -25.09 85.36
N ASN B 132 -15.94 -26.28 85.40
CA ASN B 132 -15.55 -27.35 84.48
C ASN B 132 -16.71 -28.00 83.77
N ASN B 133 -17.94 -27.57 84.01
CA ASN B 133 -19.10 -28.20 83.38
C ASN B 133 -19.14 -27.87 81.89
N VAL B 134 -19.71 -28.79 81.12
CA VAL B 134 -19.79 -28.63 79.68
C VAL B 134 -20.94 -27.67 79.34
N TYR B 135 -20.89 -27.10 78.14
CA TYR B 135 -21.92 -26.18 77.68
C TYR B 135 -23.01 -26.98 76.96
N ALA B 136 -24.23 -26.92 77.49
CA ALA B 136 -25.35 -27.66 76.93
C ALA B 136 -26.24 -26.73 76.11
N SER B 137 -26.61 -27.17 74.91
CA SER B 137 -27.45 -26.37 74.04
C SER B 137 -28.31 -27.29 73.20
N ARG B 138 -29.56 -26.87 72.95
CA ARG B 138 -30.47 -27.63 72.10
C ARG B 138 -30.24 -27.38 70.62
N ASP B 139 -29.32 -26.48 70.27
CA ASP B 139 -28.96 -26.22 68.88
C ASP B 139 -27.50 -25.80 68.84
N PRO B 140 -26.58 -26.70 68.54
CA PRO B 140 -25.16 -26.39 68.68
C PRO B 140 -24.54 -25.76 67.44
N PHE B 141 -25.36 -25.30 66.49
CA PHE B 141 -24.86 -24.76 65.24
C PHE B 141 -24.97 -23.25 65.16
N ASP B 142 -25.06 -22.56 66.30
CA ASP B 142 -25.04 -21.11 66.33
C ASP B 142 -24.11 -20.65 67.43
N ARG B 143 -23.73 -19.38 67.38
CA ARG B 143 -22.82 -18.82 68.36
C ARG B 143 -23.47 -18.83 69.74
N PRO B 144 -22.86 -19.45 70.75
CA PRO B 144 -23.38 -19.35 72.10
C PRO B 144 -23.26 -17.93 72.64
N SER B 145 -24.07 -17.64 73.65
CA SER B 145 -24.12 -16.31 74.21
C SER B 145 -22.77 -15.93 74.83
N ALA B 146 -22.61 -14.63 75.09
CA ALA B 146 -21.34 -14.12 75.62
C ALA B 146 -21.03 -14.67 77.01
N ASP B 147 -22.04 -15.14 77.74
CA ASP B 147 -21.84 -15.70 79.07
C ASP B 147 -21.59 -17.20 79.03
N ALA B 148 -21.52 -17.79 77.85
CA ALA B 148 -21.26 -19.22 77.72
C ALA B 148 -19.75 -19.48 77.80
N ARG B 149 -19.33 -20.69 77.49
CA ARG B 149 -17.95 -21.12 77.60
C ARG B 149 -17.39 -21.33 76.20
N TYR B 150 -16.33 -20.59 75.88
CA TYR B 150 -15.60 -20.78 74.63
C TYR B 150 -14.20 -21.32 74.92
N ILE B 151 -13.82 -22.34 74.16
CA ILE B 151 -12.53 -22.99 74.41
C ILE B 151 -11.39 -22.05 74.03
N ALA B 152 -11.46 -21.44 72.85
CA ALA B 152 -10.36 -20.63 72.34
C ALA B 152 -10.86 -19.38 71.63
N GLY B 153 -11.84 -18.69 72.20
CA GLY B 153 -12.36 -17.51 71.54
C GLY B 153 -13.36 -16.75 72.38
N GLY B 154 -14.03 -15.81 71.73
CA GLY B 154 -15.03 -14.99 72.39
C GLY B 154 -16.19 -14.70 71.45
N ASN B 155 -17.33 -14.38 72.05
CA ASN B 155 -18.56 -14.18 71.28
C ASN B 155 -18.48 -12.91 70.45
N ALA B 156 -18.02 -11.81 71.04
CA ALA B 156 -18.00 -10.53 70.36
C ALA B 156 -16.93 -10.53 69.26
N GLY B 157 -16.95 -9.50 68.44
CA GLY B 157 -15.98 -9.34 67.38
C GLY B 157 -14.63 -8.81 67.81
N ALA B 158 -14.47 -8.51 69.11
CA ALA B 158 -13.20 -8.05 69.65
C ALA B 158 -12.47 -9.11 70.46
N ALA B 159 -13.13 -10.19 70.85
CA ALA B 159 -12.52 -11.29 71.59
C ALA B 159 -12.29 -12.43 70.60
N GLU B 160 -11.14 -12.40 69.93
CA GLU B 160 -10.79 -13.42 68.94
C GLU B 160 -9.29 -13.64 68.97
N VAL B 161 -8.88 -14.81 68.52
CA VAL B 161 -7.46 -15.15 68.40
C VAL B 161 -7.06 -15.06 66.94
N ALA B 162 -5.83 -14.62 66.70
CA ALA B 162 -5.34 -14.38 65.35
C ALA B 162 -5.19 -15.69 64.59
N GLY B 163 -5.27 -15.59 63.27
CA GLY B 163 -5.11 -16.76 62.44
C GLY B 163 -3.69 -17.28 62.46
N GLY B 164 -3.56 -18.58 62.23
CA GLY B 164 -2.26 -19.22 62.24
C GLY B 164 -2.40 -20.72 62.08
N SER B 165 -1.30 -21.42 62.37
CA SER B 165 -1.28 -22.87 62.27
C SER B 165 -0.40 -23.42 63.38
N TYR B 166 -0.83 -24.55 63.95
CA TYR B 166 -0.07 -25.16 65.04
C TYR B 166 1.28 -25.67 64.57
N LEU B 167 1.36 -26.17 63.33
CA LEU B 167 2.63 -26.67 62.82
C LEU B 167 3.65 -25.54 62.69
N VAL B 168 3.23 -24.39 62.19
CA VAL B 168 4.16 -23.28 62.00
C VAL B 168 4.51 -22.66 63.35
N ASP B 169 5.75 -22.16 63.44
CA ASP B 169 6.25 -21.54 64.66
C ASP B 169 5.73 -20.12 64.71
N ASP B 170 4.60 -19.94 65.39
CA ASP B 170 3.96 -18.63 65.50
C ASP B 170 4.49 -17.93 66.76
N GLY B 171 3.84 -16.82 67.15
CA GLY B 171 4.24 -16.12 68.34
C GLY B 171 4.13 -16.97 69.59
N GLY B 172 3.10 -17.81 69.65
CA GLY B 172 2.96 -18.73 70.76
C GLY B 172 3.76 -19.99 70.59
N ALA B 173 5.09 -19.83 70.49
CA ALA B 173 6.05 -20.94 70.32
C ALA B 173 5.61 -21.78 69.12
N SER B 174 5.60 -23.11 69.22
CA SER B 174 5.16 -23.97 68.13
C SER B 174 4.74 -25.30 68.71
N GLY B 175 3.69 -25.89 68.15
CA GLY B 175 3.22 -27.18 68.59
C GLY B 175 2.12 -27.10 69.62
N GLN B 176 2.32 -27.73 70.77
CA GLN B 176 1.28 -27.82 71.79
C GLN B 176 0.94 -26.48 72.40
N ASN B 177 1.84 -25.49 72.32
CA ASN B 177 1.75 -24.35 73.22
C ASN B 177 0.58 -23.44 72.88
N GLU B 178 0.29 -23.21 71.60
CA GLU B 178 -0.71 -22.20 71.27
C GLU B 178 -1.95 -22.73 70.56
N PHE B 179 -1.78 -23.35 69.40
CA PHE B 179 -2.93 -23.73 68.57
C PHE B 179 -3.30 -25.19 68.76
N TYR B 180 -3.03 -25.72 69.94
CA TYR B 180 -3.14 -27.16 70.18
C TYR B 180 -3.70 -27.36 71.57
N PHE B 181 -4.96 -27.78 71.67
CA PHE B 181 -5.64 -27.88 72.95
C PHE B 181 -6.00 -29.33 73.25
N THR B 182 -5.57 -29.81 74.42
CA THR B 182 -5.86 -31.16 74.87
C THR B 182 -6.94 -31.10 75.96
N ILE B 183 -7.99 -31.90 75.80
CA ILE B 183 -9.16 -31.84 76.67
C ILE B 183 -9.27 -33.18 77.41
N SER B 184 -9.50 -33.10 78.72
CA SER B 184 -9.66 -34.29 79.55
C SER B 184 -11.08 -34.34 80.09
N PHE B 185 -11.70 -35.51 80.01
CA PHE B 185 -13.07 -35.70 80.44
C PHE B 185 -13.11 -36.25 81.86
N ARG B 186 -14.16 -35.89 82.61
CA ARG B 186 -14.37 -36.40 83.96
C ARG B 186 -15.85 -36.35 84.28
N VAL B 187 -16.36 -37.46 84.85
CA VAL B 187 -17.72 -37.53 85.35
C VAL B 187 -17.66 -38.08 86.77
N VAL B 188 -18.34 -37.40 87.69
CA VAL B 188 -18.36 -37.86 89.08
C VAL B 188 -19.79 -38.13 89.53
N PRO B 189 -20.21 -39.39 89.55
CA PRO B 189 -21.49 -39.74 90.19
C PRO B 189 -21.33 -39.80 91.70
N ALA B 190 -22.36 -40.22 92.41
CA ALA B 190 -22.30 -40.35 93.85
C ALA B 190 -22.74 -41.76 94.24
N LEU B 191 -22.28 -42.21 95.40
CA LEU B 191 -22.68 -43.52 95.89
C LEU B 191 -24.19 -43.67 96.03
N PRO B 192 -24.95 -42.69 96.55
CA PRO B 192 -26.41 -42.80 96.47
C PRO B 192 -26.92 -42.85 95.03
N GLY B 193 -26.20 -42.28 94.07
CA GLY B 193 -26.60 -42.31 92.69
C GLY B 193 -26.86 -40.95 92.07
N THR B 194 -26.66 -39.86 92.81
CA THR B 194 -26.90 -38.52 92.29
C THR B 194 -25.63 -37.97 91.66
N TYR B 195 -25.76 -36.78 91.07
CA TYR B 195 -24.65 -36.09 90.41
C TYR B 195 -24.52 -34.68 90.97
N PRO B 196 -23.80 -34.49 92.07
CA PRO B 196 -23.81 -33.19 92.75
C PRO B 196 -23.15 -32.06 91.97
N ARG B 197 -22.55 -32.33 90.81
CA ARG B 197 -21.85 -31.31 90.06
C ARG B 197 -22.64 -30.79 88.86
N ALA B 198 -23.88 -31.24 88.67
CA ALA B 198 -24.68 -30.76 87.56
C ALA B 198 -25.17 -29.33 87.81
N THR B 199 -25.20 -28.54 86.75
CA THR B 199 -25.65 -27.15 86.81
C THR B 199 -26.85 -26.96 85.90
N SER B 200 -27.25 -25.69 85.73
CA SER B 200 -28.44 -25.35 84.97
C SER B 200 -28.25 -25.63 83.48
N GLU B 201 -29.35 -25.51 82.74
CA GLU B 201 -29.34 -25.68 81.30
C GLU B 201 -29.68 -24.41 80.54
N ASP B 202 -30.06 -23.33 81.22
CA ASP B 202 -30.39 -22.09 80.54
C ASP B 202 -29.17 -21.52 79.82
N GLN B 203 -28.02 -21.50 80.50
CA GLN B 203 -26.77 -21.07 79.91
C GLN B 203 -25.68 -22.13 79.96
N GLY B 204 -25.78 -23.10 80.87
CA GLY B 204 -24.72 -24.06 81.09
C GLY B 204 -23.53 -23.53 81.85
N ASN B 205 -23.61 -22.29 82.37
CA ASN B 205 -22.50 -21.65 83.05
C ASN B 205 -22.82 -21.26 84.47
N THR B 206 -24.10 -21.23 84.85
CA THR B 206 -24.50 -20.77 86.17
C THR B 206 -24.01 -21.74 87.25
N ASP B 207 -24.20 -21.33 88.50
CA ASP B 207 -23.69 -22.04 89.66
C ASP B 207 -24.72 -22.93 90.35
N GLU B 208 -26.02 -22.63 90.20
CA GLU B 208 -27.04 -23.35 90.95
C GLU B 208 -26.98 -24.84 90.61
N THR B 209 -27.04 -25.68 91.64
CA THR B 209 -26.86 -27.12 91.44
C THR B 209 -28.13 -27.74 90.87
N ASP B 210 -27.95 -28.69 89.97
CA ASP B 210 -29.06 -29.36 89.30
C ASP B 210 -28.97 -30.86 89.51
N ASP B 211 -28.53 -31.28 90.70
CA ASP B 211 -28.48 -32.70 91.01
C ASP B 211 -29.89 -33.23 91.30
N LEU B 212 -29.98 -34.56 91.42
CA LEU B 212 -31.29 -35.20 91.52
C LEU B 212 -31.95 -34.91 92.86
N VAL B 213 -31.16 -34.62 93.90
CA VAL B 213 -31.75 -34.28 95.19
C VAL B 213 -32.45 -32.93 95.12
N VAL B 214 -32.00 -32.03 94.24
CA VAL B 214 -32.75 -30.80 94.00
C VAL B 214 -34.09 -31.12 93.37
N ARG B 215 -34.11 -32.06 92.43
CA ARG B 215 -35.36 -32.39 91.73
C ARG B 215 -36.36 -33.08 92.66
N GLY B 216 -35.92 -34.10 93.39
CA GLY B 216 -36.85 -34.89 94.18
C GLY B 216 -36.51 -35.11 95.63
N ASP B 217 -35.25 -34.88 96.01
CA ASP B 217 -34.68 -35.04 97.34
C ASP B 217 -34.48 -36.51 97.71
N GLY B 218 -34.92 -37.45 96.88
CA GLY B 218 -34.67 -38.86 97.16
C GLY B 218 -34.40 -39.66 95.90
N ARG B 219 -34.30 -38.98 94.76
CA ARG B 219 -34.09 -39.64 93.49
C ARG B 219 -32.63 -40.01 93.31
N TYR B 220 -32.40 -40.95 92.41
CA TYR B 220 -31.05 -41.38 92.03
C TYR B 220 -31.10 -41.91 90.61
N ALA B 221 -29.94 -41.97 89.97
CA ALA B 221 -29.86 -42.39 88.59
C ALA B 221 -30.24 -43.86 88.46
N TYR B 222 -31.11 -44.15 87.50
CA TYR B 222 -31.50 -45.53 87.23
C TYR B 222 -30.31 -46.32 86.70
N PRO B 223 -30.14 -47.58 87.10
CA PRO B 223 -29.10 -48.40 86.49
C PRO B 223 -29.36 -48.57 85.00
N GLY B 224 -28.28 -48.54 84.22
CA GLY B 224 -28.42 -48.63 82.78
C GLY B 224 -27.27 -47.95 82.08
N VAL B 225 -27.52 -47.55 80.85
CA VAL B 225 -26.51 -46.91 80.02
C VAL B 225 -27.15 -45.71 79.31
N TYR B 226 -26.33 -44.68 79.09
CA TYR B 226 -26.82 -43.46 78.48
C TYR B 226 -25.76 -42.92 77.52
N THR B 227 -26.22 -42.11 76.58
CA THR B 227 -25.37 -41.63 75.50
C THR B 227 -25.50 -40.11 75.39
N LEU B 228 -24.39 -39.49 75.01
CA LEU B 228 -24.31 -38.04 74.80
C LEU B 228 -23.21 -37.78 73.77
N ASN B 229 -23.46 -36.81 72.89
CA ASN B 229 -22.52 -36.45 71.85
C ASN B 229 -21.93 -35.07 72.14
N VAL B 230 -20.64 -34.89 71.85
CA VAL B 230 -19.94 -33.64 72.07
C VAL B 230 -19.42 -33.13 70.73
N LYS B 231 -19.71 -31.88 70.42
CA LYS B 231 -19.33 -31.26 69.16
C LYS B 231 -18.33 -30.14 69.44
N PHE B 232 -17.15 -30.23 68.83
CA PHE B 232 -16.16 -29.17 68.89
C PHE B 232 -16.25 -28.38 67.59
N VAL B 233 -16.67 -27.11 67.68
CA VAL B 233 -16.97 -26.31 66.51
C VAL B 233 -16.12 -25.05 66.54
N MET B 234 -15.48 -24.74 65.41
CA MET B 234 -14.72 -23.51 65.25
C MET B 234 -15.41 -22.63 64.22
N VAL B 235 -15.52 -21.34 64.55
CA VAL B 235 -16.30 -20.38 63.76
C VAL B 235 -15.43 -19.16 63.50
N GLU B 236 -15.49 -18.63 62.28
CA GLU B 236 -14.77 -17.41 61.97
C GLU B 236 -15.30 -16.24 62.80
N CYS B 237 -14.39 -15.42 63.29
CA CYS B 237 -14.79 -14.25 64.07
C CYS B 237 -14.68 -12.98 63.24
N ASN C 1 -20.43 8.75 0.72
CA ASN C 1 -20.56 7.79 1.80
C ASN C 1 -19.38 6.82 1.81
N LEU C 2 -18.17 7.38 1.78
CA LEU C 2 -16.96 6.57 1.81
C LEU C 2 -16.82 5.88 3.16
N ILE C 3 -16.45 4.60 3.12
CA ILE C 3 -16.45 3.75 4.31
C ILE C 3 -15.09 3.11 4.49
N SER C 4 -14.53 3.26 5.68
CA SER C 4 -13.39 2.47 6.12
C SER C 4 -13.74 1.86 7.47
N GLU C 5 -13.65 0.54 7.56
CA GLU C 5 -14.17 -0.17 8.72
C GLU C 5 -13.18 -1.22 9.18
N GLN C 6 -13.26 -1.55 10.47
CA GLN C 6 -12.50 -2.64 11.06
C GLN C 6 -13.43 -3.43 11.96
N ASN C 7 -13.29 -4.76 11.92
CA ASN C 7 -14.20 -5.65 12.63
C ASN C 7 -13.43 -6.50 13.62
N VAL C 8 -14.02 -6.71 14.80
CA VAL C 8 -13.47 -7.61 15.80
C VAL C 8 -14.57 -8.60 16.19
N THR C 9 -14.19 -9.87 16.36
CA THR C 9 -15.12 -10.94 16.67
C THR C 9 -15.03 -11.26 18.16
N VAL C 10 -16.17 -11.24 18.84
CA VAL C 10 -16.24 -11.49 20.26
C VAL C 10 -16.86 -12.86 20.48
N THR C 11 -16.15 -13.73 21.21
CA THR C 11 -16.62 -15.07 21.53
C THR C 11 -16.74 -15.20 23.04
N MET C 12 -17.95 -15.47 23.50
CA MET C 12 -18.26 -15.63 24.93
C MET C 12 -18.75 -17.04 25.18
N ASP C 13 -18.11 -17.75 26.12
CA ASP C 13 -18.55 -19.09 26.50
C ASP C 13 -18.88 -19.09 27.98
N LEU C 14 -20.03 -19.67 28.32
CA LEU C 14 -20.44 -19.85 29.72
C LEU C 14 -20.25 -21.31 30.07
N GLN C 15 -19.02 -21.67 30.45
CA GLN C 15 -18.75 -23.04 30.82
C GLN C 15 -19.44 -23.37 32.14
N PRO C 16 -20.14 -24.51 32.20
CA PRO C 16 -20.85 -24.87 33.44
C PRO C 16 -19.88 -25.28 34.53
N VAL C 17 -20.15 -24.80 35.74
CA VAL C 17 -19.32 -25.09 36.91
C VAL C 17 -20.18 -25.93 37.86
N LEU C 18 -19.79 -27.18 38.05
CA LEU C 18 -20.50 -28.11 38.92
C LEU C 18 -19.50 -28.73 39.86
N GLN C 19 -19.55 -28.36 41.14
CA GLN C 19 -18.60 -28.84 42.12
C GLN C 19 -19.33 -29.30 43.36
N LEU C 20 -19.03 -30.52 43.81
CA LEU C 20 -19.56 -31.07 45.06
C LEU C 20 -18.37 -31.44 45.93
N SER C 21 -18.07 -30.62 46.93
CA SER C 21 -16.92 -30.82 47.80
C SER C 21 -17.39 -31.42 49.11
N MET C 22 -16.88 -32.59 49.46
CA MET C 22 -17.27 -33.30 50.66
C MET C 22 -16.13 -33.26 51.67
N GLN C 23 -16.47 -32.91 52.91
CA GLN C 23 -15.52 -32.96 54.01
C GLN C 23 -15.98 -33.96 55.06
N GLY C 24 -15.01 -34.71 55.58
CA GLY C 24 -15.31 -35.75 56.56
C GLY C 24 -14.47 -36.99 56.31
N SER C 25 -15.00 -38.16 56.65
CA SER C 25 -14.30 -39.41 56.43
C SER C 25 -15.01 -40.22 55.35
N GLU C 26 -14.25 -40.66 54.35
CA GLU C 26 -14.85 -41.42 53.26
C GLU C 26 -15.22 -42.83 53.69
N THR C 27 -14.70 -43.29 54.83
CA THR C 27 -15.16 -44.53 55.46
C THR C 27 -15.90 -44.18 56.75
N VAL C 28 -17.12 -44.67 56.88
CA VAL C 28 -17.90 -44.55 58.11
C VAL C 28 -18.08 -45.96 58.68
N SER C 29 -17.56 -46.21 59.86
CA SER C 29 -17.54 -47.54 60.46
C SER C 29 -18.42 -47.57 61.69
N PHE C 30 -19.33 -48.53 61.73
CA PHE C 30 -20.16 -48.81 62.90
C PHE C 30 -19.71 -50.13 63.50
N VAL C 31 -19.27 -50.09 64.75
CA VAL C 31 -18.77 -51.27 65.44
C VAL C 31 -19.70 -51.57 66.60
N PHE C 32 -20.27 -52.77 66.61
CA PHE C 32 -21.16 -53.22 67.66
C PHE C 32 -20.48 -54.32 68.46
N SER C 33 -20.19 -54.04 69.74
CA SER C 33 -19.54 -55.04 70.57
C SER C 33 -20.19 -55.12 71.95
N GLN C 34 -20.95 -54.10 72.33
CA GLN C 34 -21.67 -54.11 73.59
C GLN C 34 -23.15 -54.36 73.34
N ILE C 35 -23.83 -54.84 74.39
CA ILE C 35 -25.26 -55.10 74.29
C ILE C 35 -26.03 -53.82 74.00
N SER C 36 -25.66 -52.73 74.70
CA SER C 36 -26.32 -51.45 74.48
C SER C 36 -26.20 -51.01 73.03
N GLU C 37 -25.03 -51.18 72.43
CA GLU C 37 -24.85 -50.85 71.03
C GLU C 37 -25.76 -51.70 70.15
N TYR C 38 -25.93 -52.97 70.50
CA TYR C 38 -26.79 -53.85 69.70
C TYR C 38 -28.24 -53.40 69.75
N ILE C 39 -28.76 -53.12 70.95
CA ILE C 39 -30.15 -52.76 71.09
C ILE C 39 -30.46 -51.37 70.54
N GLY C 40 -29.57 -50.40 70.72
CA GLY C 40 -29.88 -49.05 70.31
C GLY C 40 -29.13 -48.53 69.10
N GLY C 41 -27.90 -48.99 68.89
CA GLY C 41 -27.17 -48.64 67.69
C GLY C 41 -26.37 -47.36 67.77
N LEU C 42 -25.27 -47.29 67.03
CA LEU C 42 -24.44 -46.10 66.99
C LEU C 42 -25.16 -44.98 66.26
N THR C 43 -25.12 -43.79 66.84
CA THR C 43 -25.58 -42.57 66.17
C THR C 43 -24.39 -41.66 65.97
N GLN C 44 -24.01 -41.43 64.72
CA GLN C 44 -22.85 -40.62 64.39
C GLN C 44 -23.30 -39.25 63.92
N TYR C 45 -22.82 -38.21 64.58
CA TYR C 45 -23.23 -36.84 64.28
C TYR C 45 -22.15 -36.13 63.46
N GLY C 46 -22.59 -35.46 62.40
CA GLY C 46 -21.70 -34.70 61.55
C GLY C 46 -20.62 -35.52 60.90
N ALA C 47 -20.98 -36.69 60.39
CA ALA C 47 -20.00 -37.58 59.76
C ALA C 47 -19.45 -36.96 58.47
N VAL C 48 -20.35 -36.52 57.60
CA VAL C 48 -19.96 -35.97 56.30
C VAL C 48 -20.75 -34.69 56.05
N ASP C 49 -20.06 -33.68 55.52
CA ASP C 49 -20.72 -32.45 55.10
C ASP C 49 -20.43 -32.22 53.61
N LEU C 50 -21.38 -31.60 52.93
CA LEU C 50 -21.31 -31.37 51.50
C LEU C 50 -21.50 -29.90 51.19
N SER C 51 -20.65 -29.37 50.30
CA SER C 51 -20.72 -27.99 49.84
C SER C 51 -20.90 -28.01 48.34
N VAL C 52 -21.79 -27.15 47.84
CA VAL C 52 -22.20 -27.15 46.44
C VAL C 52 -21.81 -25.82 45.81
N SER C 53 -21.10 -25.90 44.68
CA SER C 53 -20.83 -24.75 43.84
C SER C 53 -21.42 -25.01 42.46
N SER C 54 -22.26 -24.10 41.99
CA SER C 54 -23.00 -24.36 40.77
C SER C 54 -23.29 -23.06 40.05
N THR C 55 -23.59 -23.18 38.76
CA THR C 55 -24.03 -22.07 37.94
C THR C 55 -25.50 -22.13 37.57
N VAL C 56 -26.06 -23.33 37.40
CA VAL C 56 -27.43 -23.51 36.98
C VAL C 56 -28.22 -24.17 38.10
N ASP C 57 -29.53 -24.33 37.87
CA ASP C 57 -30.40 -24.98 38.84
C ASP C 57 -29.95 -26.42 39.06
N TRP C 58 -29.86 -26.80 40.32
CA TRP C 58 -29.32 -28.11 40.69
C TRP C 58 -30.19 -28.76 41.76
N CYS C 59 -30.19 -30.09 41.74
CA CYS C 59 -30.88 -30.90 42.73
C CYS C 59 -29.92 -31.95 43.24
N LEU C 60 -29.80 -32.06 44.56
CA LEU C 60 -28.87 -33.00 45.20
C LEU C 60 -29.67 -34.09 45.88
N TYR C 61 -29.29 -35.35 45.63
CA TYR C 61 -29.92 -36.47 46.28
C TYR C 61 -28.86 -37.46 46.75
N ALA C 62 -29.29 -38.38 47.62
CA ALA C 62 -28.44 -39.43 48.15
C ALA C 62 -29.06 -40.78 47.82
N ALA C 63 -28.24 -41.67 47.27
CA ALA C 63 -28.67 -43.02 46.92
C ALA C 63 -27.77 -44.03 47.60
N ALA C 64 -28.27 -45.25 47.75
CA ALA C 64 -27.52 -46.33 48.36
C ALA C 64 -27.37 -47.48 47.38
N PHE C 65 -26.15 -47.99 47.28
CA PHE C 65 -25.84 -49.03 46.31
C PHE C 65 -24.84 -49.99 46.93
N SER C 66 -24.86 -51.23 46.43
CA SER C 66 -23.94 -52.27 46.87
C SER C 66 -23.77 -53.29 45.76
N SER C 67 -22.86 -54.23 45.97
CA SER C 67 -22.64 -55.28 44.98
C SER C 67 -23.90 -56.13 44.79
N ASP C 68 -24.58 -56.45 45.89
CA ASP C 68 -25.84 -57.18 45.79
C ASP C 68 -26.90 -56.34 45.07
N ALA C 69 -26.95 -55.03 45.37
CA ALA C 69 -27.96 -54.18 44.77
C ALA C 69 -27.85 -54.12 43.25
N ALA C 70 -26.70 -54.51 42.70
CA ALA C 70 -26.54 -54.53 41.25
C ALA C 70 -27.35 -55.63 40.57
N ASP C 71 -27.81 -56.64 41.31
CA ASP C 71 -28.57 -57.74 40.72
C ASP C 71 -30.03 -57.74 41.16
N ALA C 72 -30.63 -56.56 41.30
CA ALA C 72 -32.05 -56.32 41.54
C ALA C 72 -32.50 -56.66 42.95
N GLU C 73 -31.64 -57.23 43.79
CA GLU C 73 -31.96 -57.49 45.20
C GLU C 73 -31.24 -56.45 46.04
N LEU C 74 -32.00 -55.53 46.63
CA LEU C 74 -31.42 -54.43 47.39
C LEU C 74 -31.18 -54.86 48.84
N ASN C 75 -30.13 -55.65 49.02
CA ASN C 75 -29.67 -56.07 50.34
C ASN C 75 -28.21 -55.65 50.51
N TRP C 76 -27.78 -55.57 51.77
CA TRP C 76 -26.41 -55.21 52.05
C TRP C 76 -25.45 -56.28 51.51
N THR C 77 -24.22 -55.87 51.26
CA THR C 77 -23.20 -56.80 50.78
C THR C 77 -22.66 -57.56 51.98
N ASN C 78 -23.02 -58.84 52.08
CA ASN C 78 -22.44 -59.69 53.12
C ASN C 78 -20.94 -59.76 52.91
N MET C 79 -20.19 -59.64 54.00
CA MET C 79 -18.77 -59.41 53.91
C MET C 79 -18.00 -60.56 54.55
N VAL C 80 -18.30 -60.88 55.82
CA VAL C 80 -17.81 -62.05 56.52
C VAL C 80 -18.97 -62.61 57.35
N THR C 81 -18.98 -63.92 57.50
CA THR C 81 -20.02 -64.62 58.26
C THR C 81 -19.40 -65.16 59.56
N PHE C 82 -19.54 -64.41 60.64
CA PHE C 82 -19.08 -64.88 61.94
C PHE C 82 -20.00 -65.98 62.45
N GLY C 83 -19.41 -67.06 62.93
CA GLY C 83 -20.17 -68.19 63.43
C GLY C 83 -20.17 -69.35 62.46
N ASP C 84 -20.84 -70.43 62.87
CA ASP C 84 -20.90 -71.65 62.07
C ASP C 84 -22.14 -71.72 61.18
N SER C 85 -23.34 -71.75 61.78
CA SER C 85 -24.58 -71.92 61.02
C SER C 85 -25.80 -71.81 61.92
N ASN C 86 -26.94 -71.40 61.34
CA ASN C 86 -28.21 -71.37 62.04
C ASN C 86 -29.35 -71.35 61.03
N PRO C 87 -30.27 -72.31 61.10
CA PRO C 87 -31.39 -72.31 60.15
C PRO C 87 -32.26 -71.07 60.22
N ASN C 88 -32.41 -70.47 61.39
CA ASN C 88 -33.30 -69.32 61.60
C ASN C 88 -32.51 -68.01 61.57
N SER C 89 -31.46 -67.97 60.76
CA SER C 89 -30.61 -66.79 60.63
C SER C 89 -30.37 -66.53 59.16
N ILE C 90 -30.65 -65.30 58.72
CA ILE C 90 -30.57 -64.92 57.31
C ILE C 90 -29.61 -63.76 57.18
N THR C 91 -28.65 -63.89 56.27
CA THR C 91 -27.69 -62.83 55.99
C THR C 91 -28.15 -61.94 54.85
N ASN C 92 -29.38 -61.45 54.93
CA ASN C 92 -29.98 -60.59 53.91
C ASN C 92 -30.58 -59.38 54.64
N LEU C 93 -29.77 -58.34 54.80
CA LEU C 93 -30.23 -57.16 55.51
C LEU C 93 -30.67 -56.08 54.53
N PRO C 94 -31.80 -55.43 54.79
CA PRO C 94 -32.29 -54.41 53.85
C PRO C 94 -31.32 -53.25 53.73
N ILE C 95 -31.20 -52.73 52.51
CA ILE C 95 -30.37 -51.55 52.28
C ILE C 95 -30.96 -50.34 53.00
N THR C 96 -32.27 -50.34 53.20
CA THR C 96 -32.97 -49.22 53.82
C THR C 96 -32.64 -49.06 55.30
N VAL C 97 -31.92 -50.02 55.88
CA VAL C 97 -31.62 -49.99 57.32
C VAL C 97 -30.94 -48.70 57.71
N LEU C 98 -29.95 -48.28 56.93
CA LEU C 98 -29.21 -47.06 57.24
C LEU C 98 -30.13 -45.85 57.26
N GLN C 99 -30.01 -45.02 58.29
CA GLN C 99 -30.82 -43.83 58.45
C GLN C 99 -29.95 -42.58 58.39
N LEU C 100 -30.43 -41.55 57.72
CA LEU C 100 -29.72 -40.31 57.55
C LEU C 100 -30.55 -39.15 58.08
N PHE C 101 -29.88 -38.19 58.73
CA PHE C 101 -30.51 -36.97 59.18
C PHE C 101 -29.82 -35.78 58.55
N GLN C 102 -30.61 -34.91 57.93
CA GLN C 102 -30.12 -33.68 57.32
C GLN C 102 -30.38 -32.51 58.25
N SER C 103 -29.42 -31.59 58.30
CA SER C 103 -29.54 -30.44 59.19
C SER C 103 -30.59 -29.44 58.72
N LYS C 104 -31.08 -29.56 57.50
CA LYS C 104 -32.04 -28.60 56.96
C LYS C 104 -33.19 -29.30 56.25
N PRO C 105 -34.33 -28.64 56.09
CA PRO C 105 -35.37 -29.14 55.19
C PRO C 105 -35.02 -28.83 53.74
N ASN C 106 -35.76 -29.43 52.83
CA ASN C 106 -35.58 -29.17 51.42
C ASN C 106 -35.90 -27.72 51.11
N PRO C 107 -34.97 -26.95 50.54
CA PRO C 107 -35.26 -25.54 50.24
C PRO C 107 -36.45 -25.36 49.31
N ASP C 108 -36.40 -25.99 48.14
CA ASP C 108 -37.47 -25.93 47.15
C ASP C 108 -37.94 -27.35 46.89
N THR C 109 -38.97 -27.76 47.62
CA THR C 109 -39.53 -29.10 47.50
C THR C 109 -40.96 -29.04 46.97
N ASN C 110 -41.26 -29.91 46.01
CA ASN C 110 -42.61 -30.12 45.51
C ASN C 110 -42.86 -31.62 45.54
N SER C 111 -43.29 -32.13 46.69
CA SER C 111 -43.55 -33.56 46.84
C SER C 111 -44.46 -33.76 48.05
N THR C 112 -45.15 -34.90 48.03
CA THR C 112 -46.07 -35.26 49.10
C THR C 112 -45.91 -36.72 49.51
N ALA C 113 -44.67 -37.18 49.60
CA ALA C 113 -44.40 -38.53 50.06
C ALA C 113 -44.47 -38.59 51.58
N ASP C 114 -43.95 -39.67 52.16
CA ASP C 114 -43.87 -39.80 53.61
C ASP C 114 -43.06 -38.65 54.19
N SER C 115 -41.95 -38.32 53.55
CA SER C 115 -41.15 -37.15 53.91
C SER C 115 -40.30 -36.77 52.73
N PRO C 116 -40.36 -35.52 52.26
CA PRO C 116 -39.58 -35.14 51.06
C PRO C 116 -38.08 -35.27 51.25
N SER C 117 -37.56 -35.03 52.46
CA SER C 117 -36.13 -35.08 52.71
C SER C 117 -35.89 -35.59 54.12
N PHE C 118 -34.61 -35.76 54.45
CA PHE C 118 -34.22 -36.25 55.77
C PHE C 118 -34.18 -35.11 56.77
N ALA C 119 -35.26 -34.33 56.85
CA ALA C 119 -35.29 -33.14 57.68
C ALA C 119 -35.63 -33.44 59.14
N THR C 120 -36.57 -34.35 59.37
CA THR C 120 -37.02 -34.63 60.73
C THR C 120 -35.91 -35.30 61.54
N ALA C 121 -35.91 -35.02 62.83
CA ALA C 121 -34.91 -35.59 63.73
C ALA C 121 -35.12 -37.09 63.89
N PHE C 122 -34.07 -37.75 64.37
CA PHE C 122 -34.13 -39.20 64.57
C PHE C 122 -35.17 -39.54 65.63
N ASP C 123 -35.93 -40.60 65.36
CA ASP C 123 -36.98 -41.06 66.26
C ASP C 123 -36.58 -42.37 66.93
N THR C 124 -37.32 -42.73 67.97
CA THR C 124 -37.02 -43.90 68.78
C THR C 124 -38.12 -44.94 68.60
N GLY C 125 -37.70 -46.20 68.48
CA GLY C 125 -38.64 -47.28 68.33
C GLY C 125 -39.30 -47.29 66.96
N ARG C 126 -40.33 -48.14 66.85
CA ARG C 126 -41.09 -48.23 65.61
C ARG C 126 -42.18 -47.16 65.63
N ALA C 127 -41.79 -45.92 65.33
CA ALA C 127 -42.73 -44.80 65.28
C ALA C 127 -42.76 -44.10 63.93
N ALA C 128 -41.60 -43.74 63.39
CA ALA C 128 -41.55 -42.95 62.17
C ALA C 128 -41.71 -43.81 60.93
N LEU C 129 -40.74 -44.71 60.70
CA LEU C 129 -40.76 -45.66 59.57
C LEU C 129 -40.84 -44.92 58.23
N GLY C 130 -39.79 -44.15 57.95
CA GLY C 130 -39.67 -43.55 56.64
C GLY C 130 -39.11 -42.15 56.59
N GLU C 131 -39.26 -41.39 57.68
CA GLU C 131 -38.83 -39.99 57.70
C GLU C 131 -37.32 -39.83 57.69
N ASN C 132 -36.56 -40.88 58.01
CA ASN C 132 -35.11 -40.78 58.02
C ASN C 132 -34.41 -41.90 57.25
N ASN C 133 -35.15 -42.82 56.66
CA ASN C 133 -34.54 -43.93 55.95
C ASN C 133 -33.89 -43.45 54.65
N VAL C 134 -32.84 -44.15 54.25
CA VAL C 134 -32.09 -43.79 53.04
C VAL C 134 -32.86 -44.26 51.82
N TYR C 135 -32.55 -43.67 50.67
CA TYR C 135 -33.18 -44.04 49.41
C TYR C 135 -32.36 -45.14 48.75
N ALA C 136 -32.99 -46.29 48.55
CA ALA C 136 -32.33 -47.45 47.97
C ALA C 136 -32.73 -47.59 46.50
N SER C 137 -31.74 -47.81 45.64
CA SER C 137 -31.98 -47.95 44.21
C SER C 137 -30.95 -48.89 43.61
N ARG C 138 -31.38 -49.70 42.66
CA ARG C 138 -30.49 -50.62 41.95
C ARG C 138 -29.71 -49.93 40.84
N ASP C 139 -29.99 -48.67 40.57
CA ASP C 139 -29.26 -47.89 39.57
C ASP C 139 -29.25 -46.43 40.02
N PRO C 140 -28.18 -45.97 40.65
CA PRO C 140 -28.20 -44.64 41.27
C PRO C 140 -27.78 -43.52 40.33
N PHE C 141 -27.74 -43.78 39.02
CA PHE C 141 -27.26 -42.79 38.05
C PHE C 141 -28.40 -42.19 37.22
N ASP C 142 -29.63 -42.25 37.72
CA ASP C 142 -30.76 -41.61 37.06
C ASP C 142 -31.58 -40.87 38.11
N ARG C 143 -32.43 -39.97 37.64
CA ARG C 143 -33.27 -39.20 38.53
C ARG C 143 -34.25 -40.10 39.27
N PRO C 144 -34.25 -40.10 40.60
CA PRO C 144 -35.27 -40.84 41.33
C PRO C 144 -36.65 -40.25 41.12
N SER C 145 -37.67 -41.07 41.35
CA SER C 145 -39.04 -40.66 41.12
C SER C 145 -39.42 -39.50 42.02
N ALA C 146 -40.53 -38.84 41.69
CA ALA C 146 -40.98 -37.66 42.42
C ALA C 146 -41.34 -37.99 43.87
N ASP C 147 -41.65 -39.25 44.18
CA ASP C 147 -42.00 -39.66 45.53
C ASP C 147 -40.78 -40.10 46.33
N ALA C 148 -39.58 -40.01 45.76
CA ALA C 148 -38.36 -40.38 46.45
C ALA C 148 -37.91 -39.22 47.34
N ARG C 149 -36.69 -39.33 47.87
CA ARG C 149 -36.13 -38.35 48.80
C ARG C 149 -35.01 -37.60 48.11
N TYR C 150 -35.14 -36.28 48.00
CA TYR C 150 -34.07 -35.43 47.50
C TYR C 150 -33.54 -34.54 48.61
N ILE C 151 -32.22 -34.47 48.72
CA ILE C 151 -31.60 -33.70 49.81
C ILE C 151 -31.84 -32.22 49.61
N ALA C 152 -31.59 -31.71 48.40
CA ALA C 152 -31.67 -30.27 48.15
C ALA C 152 -32.29 -29.98 46.79
N GLY C 153 -33.37 -30.66 46.43
CA GLY C 153 -33.97 -30.40 45.14
C GLY C 153 -35.29 -31.15 44.95
N GLY C 154 -35.75 -31.14 43.70
CA GLY C 154 -36.98 -31.81 43.34
C GLY C 154 -36.88 -32.43 41.97
N ASN C 155 -37.74 -33.43 41.74
CA ASN C 155 -37.68 -34.21 40.50
C ASN C 155 -38.11 -33.35 39.30
N ALA C 156 -39.22 -32.62 39.46
CA ALA C 156 -39.76 -31.86 38.34
C ALA C 156 -38.86 -30.68 38.02
N GLY C 157 -39.16 -30.02 36.90
CA GLY C 157 -38.42 -28.85 36.49
C GLY C 157 -38.80 -27.57 37.19
N ALA C 158 -39.80 -27.62 38.08
CA ALA C 158 -40.20 -26.47 38.86
C ALA C 158 -39.73 -26.51 40.31
N ALA C 159 -39.29 -27.66 40.80
CA ALA C 159 -38.78 -27.80 42.17
C ALA C 159 -37.25 -27.86 42.07
N GLU C 160 -36.62 -26.70 42.09
CA GLU C 160 -35.18 -26.60 41.99
C GLU C 160 -34.69 -25.41 42.81
N VAL C 161 -33.44 -25.46 43.22
CA VAL C 161 -32.81 -24.37 43.95
C VAL C 161 -31.90 -23.61 42.99
N ALA C 162 -31.82 -22.30 43.18
CA ALA C 162 -31.08 -21.43 42.28
C ALA C 162 -29.58 -21.69 42.40
N GLY C 163 -28.86 -21.38 41.32
CA GLY C 163 -27.43 -21.55 41.33
C GLY C 163 -26.74 -20.57 42.26
N GLY C 164 -25.57 -20.98 42.76
CA GLY C 164 -24.83 -20.14 43.68
C GLY C 164 -23.61 -20.88 44.19
N SER C 165 -23.03 -20.32 45.25
CA SER C 165 -21.86 -20.92 45.87
C SER C 165 -21.94 -20.70 47.38
N TYR C 166 -21.51 -21.71 48.14
CA TYR C 166 -21.56 -21.60 49.59
C TYR C 166 -20.58 -20.55 50.11
N LEU C 167 -19.44 -20.39 49.46
CA LEU C 167 -18.47 -19.39 49.90
C LEU C 167 -19.03 -17.98 49.74
N VAL C 168 -19.70 -17.70 48.61
CA VAL C 168 -20.22 -16.36 48.39
C VAL C 168 -21.44 -16.13 49.27
N ASP C 169 -21.61 -14.86 49.68
CA ASP C 169 -22.73 -14.46 50.53
C ASP C 169 -23.96 -14.30 49.66
N ASP C 170 -24.75 -15.37 49.55
CA ASP C 170 -25.95 -15.36 48.72
C ASP C 170 -27.15 -14.91 49.57
N GLY C 171 -28.35 -15.07 49.04
CA GLY C 171 -29.54 -14.71 49.79
C GLY C 171 -29.69 -15.51 51.07
N GLY C 172 -29.30 -16.77 51.04
CA GLY C 172 -29.31 -17.60 52.24
C GLY C 172 -28.07 -17.41 53.09
N ALA C 173 -27.85 -16.17 53.54
CA ALA C 173 -26.70 -15.80 54.39
C ALA C 173 -25.42 -16.25 53.69
N SER C 174 -24.48 -16.87 54.39
CA SER C 174 -23.25 -17.35 53.77
C SER C 174 -22.67 -18.45 54.64
N GLY C 175 -22.11 -19.47 54.01
CA GLY C 175 -21.50 -20.57 54.74
C GLY C 175 -22.42 -21.74 54.95
N GLN C 176 -22.60 -22.13 56.21
CA GLN C 176 -23.38 -23.32 56.54
C GLN C 176 -24.86 -23.18 56.20
N ASN C 177 -25.36 -21.95 56.09
CA ASN C 177 -26.80 -21.74 56.19
C ASN C 177 -27.54 -22.26 54.96
N GLU C 178 -26.98 -22.08 53.75
CA GLU C 178 -27.77 -22.41 52.57
C GLU C 178 -27.19 -23.54 51.71
N PHE C 179 -25.97 -23.37 51.20
CA PHE C 179 -25.42 -24.31 50.23
C PHE C 179 -24.50 -25.33 50.89
N TYR C 180 -24.75 -25.64 52.16
CA TYR C 180 -23.83 -26.43 52.95
C TYR C 180 -24.66 -27.35 53.83
N PHE C 181 -24.66 -28.64 53.52
CA PHE C 181 -25.52 -29.60 54.22
C PHE C 181 -24.68 -30.62 54.97
N THR C 182 -24.94 -30.76 56.27
CA THR C 182 -24.25 -31.72 57.11
C THR C 182 -25.18 -32.89 57.40
N ILE C 183 -24.71 -34.11 57.16
CA ILE C 183 -25.53 -35.31 57.26
C ILE C 183 -25.00 -36.19 58.38
N SER C 184 -25.90 -36.68 59.22
CA SER C 184 -25.54 -37.55 60.33
C SER C 184 -26.14 -38.94 60.11
N PHE C 185 -25.33 -39.97 60.31
CA PHE C 185 -25.74 -41.35 60.10
C PHE C 185 -26.21 -41.97 61.40
N ARG C 186 -27.15 -42.91 61.30
CA ARG C 186 -27.63 -43.66 62.45
C ARG C 186 -28.19 -44.99 61.99
N VAL C 187 -27.81 -46.06 62.68
CA VAL C 187 -28.34 -47.40 62.47
C VAL C 187 -28.79 -47.95 63.83
N VAL C 188 -30.02 -48.45 63.89
CA VAL C 188 -30.53 -49.03 65.13
C VAL C 188 -30.89 -50.50 64.94
N PRO C 189 -30.03 -51.42 65.34
CA PRO C 189 -30.45 -52.83 65.40
C PRO C 189 -31.28 -53.09 66.63
N ALA C 190 -31.62 -54.35 66.88
CA ALA C 190 -32.39 -54.72 68.06
C ALA C 190 -31.65 -55.82 68.81
N LEU C 191 -31.92 -55.92 70.10
CA LEU C 191 -31.31 -56.97 70.91
C LEU C 191 -31.60 -58.37 70.37
N PRO C 192 -32.82 -58.71 69.95
CA PRO C 192 -33.01 -60.00 69.26
C PRO C 192 -32.20 -60.11 67.98
N GLY C 193 -31.89 -59.00 67.32
CA GLY C 193 -31.11 -59.00 66.10
C GLY C 193 -31.82 -58.46 64.89
N THR C 194 -33.06 -57.99 65.03
CA THR C 194 -33.80 -57.47 63.89
C THR C 194 -33.56 -55.97 63.74
N TYR C 195 -34.15 -55.41 62.68
CA TYR C 195 -34.02 -53.99 62.37
C TYR C 195 -35.41 -53.39 62.18
N PRO C 196 -36.08 -52.96 63.26
CA PRO C 196 -37.49 -52.57 63.14
C PRO C 196 -37.73 -51.30 62.33
N ARG C 197 -36.69 -50.61 61.87
CA ARG C 197 -36.86 -49.36 61.14
C ARG C 197 -36.68 -49.51 59.63
N ALA C 198 -36.49 -50.73 59.13
CA ALA C 198 -36.34 -50.93 57.69
C ALA C 198 -37.69 -50.77 56.99
N THR C 199 -37.65 -50.19 55.80
CA THR C 199 -38.83 -49.97 54.99
C THR C 199 -38.68 -50.68 53.64
N SER C 200 -39.62 -50.42 52.73
CA SER C 200 -39.67 -51.10 51.46
C SER C 200 -38.50 -50.68 50.57
N GLU C 201 -38.38 -51.39 49.44
CA GLU C 201 -37.36 -51.10 48.44
C GLU C 201 -37.94 -50.63 47.11
N ASP C 202 -39.25 -50.66 46.94
CA ASP C 202 -39.86 -50.22 45.69
C ASP C 202 -39.58 -48.73 45.45
N GLN C 203 -39.78 -47.91 46.48
CA GLN C 203 -39.46 -46.49 46.41
C GLN C 203 -38.46 -46.04 47.47
N GLY C 204 -38.31 -46.79 48.56
CA GLY C 204 -37.49 -46.35 49.66
C GLY C 204 -38.10 -45.29 50.52
N ASN C 205 -39.37 -44.93 50.30
CA ASN C 205 -40.03 -43.87 51.02
C ASN C 205 -41.29 -44.34 51.76
N THR C 206 -41.81 -45.51 51.42
CA THR C 206 -43.05 -45.99 52.02
C THR C 206 -42.88 -46.27 53.51
N ASP C 207 -43.99 -46.57 54.16
CA ASP C 207 -44.05 -46.73 55.60
C ASP C 207 -44.01 -48.18 56.06
N GLU C 208 -44.42 -49.13 55.22
CA GLU C 208 -44.56 -50.53 55.64
C GLU C 208 -43.21 -51.05 56.12
N THR C 209 -43.20 -51.72 57.26
CA THR C 209 -41.96 -52.16 57.87
C THR C 209 -41.40 -53.39 57.16
N ASP C 210 -40.09 -53.42 57.01
CA ASP C 210 -39.40 -54.51 56.31
C ASP C 210 -38.36 -55.15 57.22
N ASP C 211 -38.68 -55.26 58.51
CA ASP C 211 -37.79 -55.92 59.44
C ASP C 211 -37.86 -57.44 59.25
N LEU C 212 -36.94 -58.13 59.93
CA LEU C 212 -36.80 -59.57 59.71
C LEU C 212 -37.98 -60.36 60.26
N VAL C 213 -38.67 -59.81 61.27
CA VAL C 213 -39.84 -60.50 61.80
C VAL C 213 -40.98 -60.48 60.78
N VAL C 214 -41.02 -59.47 59.92
CA VAL C 214 -41.97 -59.51 58.81
C VAL C 214 -41.63 -60.64 57.86
N ARG C 215 -40.34 -60.85 57.59
CA ARG C 215 -39.94 -61.88 56.64
C ARG C 215 -40.19 -63.29 57.20
N GLY C 216 -39.77 -63.54 58.43
CA GLY C 216 -39.84 -64.88 58.96
C GLY C 216 -40.49 -65.06 60.32
N ASP C 217 -40.63 -63.98 61.07
CA ASP C 217 -41.21 -63.89 62.42
C ASP C 217 -40.28 -64.46 63.48
N GLY C 218 -39.14 -65.05 63.10
CA GLY C 218 -38.18 -65.53 64.08
C GLY C 218 -36.75 -65.34 63.65
N ARG C 219 -36.56 -64.66 62.51
CA ARG C 219 -35.22 -64.46 61.99
C ARG C 219 -34.52 -63.31 62.70
N TYR C 220 -33.19 -63.31 62.58
CA TYR C 220 -32.36 -62.24 63.12
C TYR C 220 -31.09 -62.17 62.29
N ALA C 221 -30.42 -61.02 62.38
CA ALA C 221 -29.23 -60.80 61.58
C ALA C 221 -28.10 -61.74 62.00
N TYR C 222 -27.47 -62.38 61.01
CA TYR C 222 -26.35 -63.26 61.28
C TYR C 222 -25.17 -62.46 61.80
N PRO C 223 -24.42 -62.97 62.78
CA PRO C 223 -23.20 -62.29 63.20
C PRO C 223 -22.22 -62.20 62.03
N GLY C 224 -21.54 -61.07 61.94
CA GLY C 224 -20.62 -60.87 60.84
C GLY C 224 -20.45 -59.40 60.55
N VAL C 225 -20.06 -59.13 59.30
CA VAL C 225 -19.82 -57.77 58.84
C VAL C 225 -20.44 -57.60 57.46
N TYR C 226 -20.91 -56.39 57.18
CA TYR C 226 -21.57 -56.11 55.91
C TYR C 226 -21.16 -54.72 55.44
N THR C 227 -21.30 -54.52 54.13
CA THR C 227 -20.83 -53.30 53.49
C THR C 227 -21.94 -52.71 52.63
N LEU C 228 -21.95 -51.38 52.56
CA LEU C 228 -22.89 -50.62 51.75
C LEU C 228 -22.23 -49.30 51.37
N ASN C 229 -22.49 -48.86 50.15
CA ASN C 229 -21.92 -47.62 49.62
C ASN C 229 -23.03 -46.59 49.45
N VAL C 230 -22.71 -45.33 49.76
CA VAL C 230 -23.65 -44.22 49.66
C VAL C 230 -23.10 -43.21 48.66
N LYS C 231 -23.93 -42.83 47.69
CA LYS C 231 -23.55 -41.91 46.63
C LYS C 231 -24.35 -40.63 46.77
N PHE C 232 -23.65 -39.50 46.92
CA PHE C 232 -24.30 -38.20 46.91
C PHE C 232 -24.12 -37.59 45.52
N VAL C 233 -25.22 -37.41 44.79
CA VAL C 233 -25.19 -37.02 43.39
C VAL C 233 -25.98 -35.73 43.22
N MET C 234 -25.39 -34.77 42.53
CA MET C 234 -26.07 -33.52 42.18
C MET C 234 -26.26 -33.46 40.67
N VAL C 235 -27.46 -33.07 40.25
CA VAL C 235 -27.86 -33.12 38.85
C VAL C 235 -28.46 -31.76 38.47
N GLU C 236 -28.12 -31.27 37.29
CA GLU C 236 -28.71 -30.03 36.81
C GLU C 236 -30.22 -30.18 36.64
N CYS C 237 -30.95 -29.15 37.02
CA CYS C 237 -32.41 -29.18 36.88
C CYS C 237 -32.84 -28.31 35.71
N ASN D 1 -12.54 -7.95 -24.08
CA ASN D 1 -12.49 -8.76 -22.88
C ASN D 1 -11.51 -8.17 -21.87
N LEU D 2 -11.65 -6.88 -21.59
CA LEU D 2 -10.78 -6.21 -20.63
C LEU D 2 -11.05 -6.74 -19.23
N ILE D 3 -9.98 -6.98 -18.48
CA ILE D 3 -10.06 -7.67 -17.20
C ILE D 3 -9.37 -6.82 -16.13
N SER D 4 -10.09 -6.57 -15.04
CA SER D 4 -9.51 -6.05 -13.81
C SER D 4 -9.95 -6.97 -12.67
N GLU D 5 -8.98 -7.50 -11.94
CA GLU D 5 -9.26 -8.55 -10.97
C GLU D 5 -8.52 -8.29 -9.68
N GLN D 6 -9.07 -8.82 -8.59
CA GLN D 6 -8.43 -8.81 -7.29
C GLN D 6 -8.58 -10.18 -6.66
N ASN D 7 -7.53 -10.66 -6.01
CA ASN D 7 -7.47 -12.00 -5.48
C ASN D 7 -7.25 -11.98 -3.98
N VAL D 8 -7.95 -12.86 -3.27
CA VAL D 8 -7.75 -13.06 -1.84
C VAL D 8 -7.47 -14.53 -1.59
N THR D 9 -6.52 -14.81 -0.70
CA THR D 9 -6.11 -16.17 -0.39
C THR D 9 -6.75 -16.60 0.92
N VAL D 10 -7.43 -17.74 0.89
CA VAL D 10 -8.12 -18.28 2.06
C VAL D 10 -7.35 -19.48 2.58
N THR D 11 -6.97 -19.43 3.86
CA THR D 11 -6.25 -20.52 4.51
C THR D 11 -7.10 -21.05 5.65
N MET D 12 -7.43 -22.34 5.58
CA MET D 12 -8.24 -23.02 6.57
C MET D 12 -7.43 -24.14 7.19
N ASP D 13 -7.33 -24.14 8.52
CA ASP D 13 -6.64 -25.21 9.24
C ASP D 13 -7.61 -25.87 10.22
N LEU D 14 -7.63 -27.20 10.21
CA LEU D 14 -8.44 -27.97 11.15
C LEU D 14 -7.50 -28.55 12.20
N GLN D 15 -7.19 -27.76 13.20
CA GLN D 15 -6.31 -28.23 14.26
C GLN D 15 -7.01 -29.30 15.09
N PRO D 16 -6.34 -30.42 15.34
CA PRO D 16 -6.97 -31.50 16.11
C PRO D 16 -7.12 -31.13 17.58
N VAL D 17 -8.27 -31.44 18.13
CA VAL D 17 -8.59 -31.16 19.53
C VAL D 17 -8.72 -32.50 20.25
N LEU D 18 -7.79 -32.78 21.15
CA LEU D 18 -7.77 -34.03 21.91
C LEU D 18 -7.64 -33.67 23.38
N GLN D 19 -8.72 -33.87 24.14
CA GLN D 19 -8.74 -33.51 25.55
C GLN D 19 -9.32 -34.66 26.36
N LEU D 20 -8.60 -35.06 27.40
CA LEU D 20 -9.05 -36.06 28.35
C LEU D 20 -9.04 -35.43 29.73
N SER D 21 -10.22 -35.06 30.24
CA SER D 21 -10.33 -34.38 31.51
C SER D 21 -10.78 -35.38 32.56
N MET D 22 -9.98 -35.54 33.62
CA MET D 22 -10.27 -36.50 34.67
C MET D 22 -10.67 -35.75 35.94
N GLN D 23 -11.76 -36.20 36.56
CA GLN D 23 -12.18 -35.67 37.84
C GLN D 23 -12.16 -36.77 38.89
N GLY D 24 -11.70 -36.42 40.09
CA GLY D 24 -11.56 -37.38 41.16
C GLY D 24 -10.29 -37.15 41.95
N SER D 25 -9.72 -38.21 42.51
CA SER D 25 -8.48 -38.12 43.26
C SER D 25 -7.37 -38.83 42.50
N GLU D 26 -6.26 -38.11 42.31
CA GLU D 26 -5.14 -38.70 41.56
C GLU D 26 -4.41 -39.76 42.37
N THR D 27 -4.63 -39.80 43.69
CA THR D 27 -4.19 -40.90 44.53
C THR D 27 -5.39 -41.70 45.00
N VAL D 28 -5.36 -43.00 44.77
CA VAL D 28 -6.37 -43.93 45.27
C VAL D 28 -5.68 -44.85 46.26
N SER D 29 -6.10 -44.81 47.52
CA SER D 29 -5.45 -45.53 48.60
C SER D 29 -6.37 -46.62 49.14
N PHE D 30 -5.86 -47.84 49.18
CA PHE D 30 -6.55 -48.97 49.82
C PHE D 30 -5.80 -49.32 51.10
N VAL D 31 -6.50 -49.24 52.23
CA VAL D 31 -5.91 -49.51 53.53
C VAL D 31 -6.60 -50.73 54.12
N PHE D 32 -5.81 -51.76 54.42
CA PHE D 32 -6.31 -52.99 55.00
C PHE D 32 -5.81 -53.10 56.44
N SER D 33 -6.73 -53.04 57.40
CA SER D 33 -6.34 -53.14 58.80
C SER D 33 -7.26 -54.08 59.58
N GLN D 34 -8.44 -54.37 59.03
CA GLN D 34 -9.37 -55.31 59.65
C GLN D 34 -9.34 -56.63 58.90
N ILE D 35 -9.77 -57.69 59.59
CA ILE D 35 -9.82 -59.01 58.98
C ILE D 35 -10.79 -59.02 57.80
N SER D 36 -11.95 -58.39 57.99
CA SER D 36 -12.94 -58.34 56.91
C SER D 36 -12.37 -57.67 55.67
N GLU D 37 -11.61 -56.59 55.85
CA GLU D 37 -10.98 -55.94 54.72
C GLU D 37 -10.00 -56.89 54.04
N TYR D 38 -9.26 -57.69 54.83
CA TYR D 38 -8.31 -58.61 54.24
C TYR D 38 -8.99 -59.67 53.39
N ILE D 39 -10.05 -60.29 53.93
CA ILE D 39 -10.71 -61.36 53.21
C ILE D 39 -11.50 -60.87 52.00
N GLY D 40 -12.16 -59.72 52.10
CA GLY D 40 -13.00 -59.28 51.01
C GLY D 40 -12.50 -58.10 50.20
N GLY D 41 -11.75 -57.20 50.83
CA GLY D 41 -11.14 -56.11 50.10
C GLY D 41 -11.99 -54.88 49.93
N LEU D 42 -11.33 -53.71 49.85
CA LEU D 42 -12.03 -52.46 49.64
C LEU D 42 -12.60 -52.40 48.23
N THR D 43 -13.86 -51.98 48.12
CA THR D 43 -14.47 -51.66 46.85
C THR D 43 -14.79 -50.17 46.82
N GLN D 44 -14.13 -49.43 45.94
CA GLN D 44 -14.28 -47.98 45.86
C GLN D 44 -15.14 -47.65 44.64
N TYR D 45 -16.23 -46.94 44.87
CA TYR D 45 -17.17 -46.61 43.83
C TYR D 45 -16.99 -45.16 43.37
N GLY D 46 -16.94 -44.97 42.06
CA GLY D 46 -16.81 -43.66 41.47
C GLY D 46 -15.55 -42.93 41.87
N ALA D 47 -14.42 -43.64 41.87
CA ALA D 47 -13.16 -43.03 42.27
C ALA D 47 -12.71 -41.97 41.26
N VAL D 48 -12.72 -42.31 39.98
CA VAL D 48 -12.25 -41.42 38.92
C VAL D 48 -13.25 -41.45 37.78
N ASP D 49 -13.56 -40.28 37.22
CA ASP D 49 -14.38 -40.19 36.01
C ASP D 49 -13.58 -39.47 34.93
N LEU D 50 -13.85 -39.83 33.68
CA LEU D 50 -13.13 -39.32 32.52
C LEU D 50 -14.11 -38.74 31.52
N SER D 51 -13.79 -37.56 31.00
CA SER D 51 -14.57 -36.89 29.97
C SER D 51 -13.68 -36.68 28.77
N VAL D 52 -14.22 -36.92 27.58
CA VAL D 52 -13.46 -36.93 26.33
C VAL D 52 -14.00 -35.85 25.42
N SER D 53 -13.10 -34.99 24.94
CA SER D 53 -13.41 -34.04 23.89
C SER D 53 -12.49 -34.32 22.70
N SER D 54 -13.08 -34.51 21.53
CA SER D 54 -12.29 -34.96 20.39
C SER D 54 -12.92 -34.44 19.11
N THR D 55 -12.10 -34.44 18.05
CA THR D 55 -12.54 -34.10 16.70
C THR D 55 -12.59 -35.31 15.78
N VAL D 56 -11.70 -36.28 15.96
CA VAL D 56 -11.60 -37.44 15.08
C VAL D 56 -11.96 -38.69 15.87
N ASP D 57 -11.98 -39.82 15.17
CA ASP D 57 -12.27 -41.10 15.80
C ASP D 57 -11.21 -41.42 16.85
N TRP D 58 -11.66 -41.83 18.04
CA TRP D 58 -10.78 -42.04 19.16
C TRP D 58 -11.12 -43.35 19.87
N CYS D 59 -10.10 -43.94 20.48
CA CYS D 59 -10.24 -45.13 21.29
C CYS D 59 -9.53 -44.90 22.61
N LEU D 60 -10.23 -45.18 23.71
CA LEU D 60 -9.70 -44.97 25.06
C LEU D 60 -9.45 -46.31 25.71
N TYR D 61 -8.27 -46.48 26.29
CA TYR D 61 -7.95 -47.69 27.02
C TYR D 61 -7.24 -47.34 28.32
N ALA D 62 -7.17 -48.34 29.21
CA ALA D 62 -6.50 -48.21 30.49
C ALA D 62 -5.42 -49.25 30.60
N ALA D 63 -4.22 -48.82 30.98
CA ALA D 63 -3.08 -49.70 31.14
C ALA D 63 -2.52 -49.55 32.55
N ALA D 64 -1.79 -50.56 32.99
CA ALA D 64 -1.18 -50.55 34.32
C ALA D 64 0.32 -50.68 34.19
N PHE D 65 1.05 -49.85 34.92
CA PHE D 65 2.49 -49.80 34.82
C PHE D 65 3.08 -49.52 36.20
N SER D 66 4.32 -49.97 36.40
CA SER D 66 5.03 -49.75 37.64
C SER D 66 6.53 -49.78 37.35
N SER D 67 7.32 -49.48 38.39
CA SER D 67 8.77 -49.51 38.23
C SER D 67 9.25 -50.91 37.90
N ASP D 68 8.68 -51.92 38.57
CA ASP D 68 9.02 -53.31 38.24
C ASP D 68 8.59 -53.66 36.83
N ALA D 69 7.41 -53.20 36.42
CA ALA D 69 6.89 -53.53 35.09
C ALA D 69 7.80 -53.03 33.98
N ALA D 70 8.69 -52.08 34.27
CA ALA D 70 9.62 -51.59 33.27
C ALA D 70 10.69 -52.60 32.90
N ASP D 71 10.91 -53.63 33.72
CA ASP D 71 11.94 -54.63 33.44
C ASP D 71 11.36 -55.99 33.09
N ALA D 72 10.24 -56.02 32.36
CA ALA D 72 9.60 -57.20 31.78
C ALA D 72 8.90 -58.09 32.79
N GLU D 73 9.02 -57.81 34.09
CA GLU D 73 8.28 -58.56 35.11
C GLU D 73 7.14 -57.69 35.61
N LEU D 74 5.91 -58.07 35.27
CA LEU D 74 4.73 -57.27 35.58
C LEU D 74 4.22 -57.62 36.98
N ASN D 75 4.95 -57.11 37.97
CA ASN D 75 4.57 -57.23 39.37
C ASN D 75 4.46 -55.84 39.98
N TRP D 76 3.73 -55.75 41.08
CA TRP D 76 3.58 -54.48 41.77
C TRP D 76 4.93 -54.01 42.31
N THR D 77 5.04 -52.69 42.50
CA THR D 77 6.27 -52.12 43.05
C THR D 77 6.23 -52.29 44.55
N ASN D 78 7.07 -53.20 45.06
CA ASN D 78 7.20 -53.34 46.51
C ASN D 78 7.72 -52.04 47.09
N MET D 79 7.12 -51.60 48.20
CA MET D 79 7.32 -50.26 48.69
C MET D 79 7.97 -50.26 50.06
N VAL D 80 7.38 -50.99 51.01
CA VAL D 80 7.95 -51.27 52.33
C VAL D 80 7.61 -52.71 52.67
N THR D 81 8.52 -53.36 53.40
CA THR D 81 8.35 -54.74 53.82
C THR D 81 8.12 -54.77 55.33
N PHE D 82 6.85 -54.83 55.73
CA PHE D 82 6.52 -54.97 57.14
C PHE D 82 6.85 -56.38 57.60
N GLY D 83 7.51 -56.49 58.75
CA GLY D 83 7.89 -57.77 59.32
C GLY D 83 9.37 -58.04 59.13
N ASP D 84 9.79 -59.21 59.62
CA ASP D 84 11.19 -59.60 59.57
C ASP D 84 11.51 -60.47 58.36
N SER D 85 10.92 -61.66 58.28
CA SER D 85 11.23 -62.61 57.21
C SER D 85 10.34 -63.84 57.27
N ASN D 86 10.13 -64.48 56.11
CA ASN D 86 9.40 -65.74 56.04
C ASN D 86 9.76 -66.46 54.74
N PRO D 87 10.24 -67.70 54.81
CA PRO D 87 10.58 -68.43 53.57
C PRO D 87 9.39 -68.63 52.65
N ASN D 88 8.19 -68.79 53.18
CA ASN D 88 7.00 -69.10 52.39
C ASN D 88 6.20 -67.83 52.12
N SER D 89 6.88 -66.70 51.97
CA SER D 89 6.25 -65.42 51.72
C SER D 89 7.00 -64.72 50.59
N ILE D 90 6.28 -64.31 49.56
CA ILE D 90 6.86 -63.71 48.37
C ILE D 90 6.26 -62.33 48.16
N THR D 91 7.13 -61.34 47.98
CA THR D 91 6.71 -59.96 47.72
C THR D 91 6.62 -59.68 46.23
N ASN D 92 5.93 -60.55 45.50
CA ASN D 92 5.76 -60.42 44.04
C ASN D 92 4.27 -60.57 43.75
N LEU D 93 3.55 -59.46 43.76
CA LEU D 93 2.12 -59.49 43.52
C LEU D 93 1.80 -59.15 42.07
N PRO D 94 0.90 -59.90 41.44
CA PRO D 94 0.59 -59.63 40.03
C PRO D 94 -0.01 -58.25 39.85
N ILE D 95 0.36 -57.60 38.74
CA ILE D 95 -0.22 -56.31 38.39
C ILE D 95 -1.70 -56.45 38.09
N THR D 96 -2.11 -57.63 37.63
CA THR D 96 -3.50 -57.89 37.25
C THR D 96 -4.44 -57.90 38.44
N VAL D 97 -3.91 -57.85 39.68
CA VAL D 97 -4.74 -57.95 40.88
C VAL D 97 -5.83 -56.88 40.87
N LEU D 98 -5.46 -55.64 40.55
CA LEU D 98 -6.41 -54.55 40.56
C LEU D 98 -7.54 -54.80 39.56
N GLN D 99 -8.78 -54.59 40.02
CA GLN D 99 -9.96 -54.79 39.21
C GLN D 99 -10.68 -53.47 38.98
N LEU D 100 -11.16 -53.26 37.76
CA LEU D 100 -11.85 -52.04 37.38
C LEU D 100 -13.24 -52.38 36.86
N PHE D 101 -14.21 -51.53 37.20
CA PHE D 101 -15.57 -51.65 36.69
C PHE D 101 -15.93 -50.36 35.97
N GLN D 102 -16.40 -50.50 34.73
CA GLN D 102 -16.84 -49.37 33.93
C GLN D 102 -18.37 -49.31 33.95
N SER D 103 -18.88 -48.08 34.00
CA SER D 103 -20.33 -47.90 34.07
C SER D 103 -21.04 -48.23 32.76
N LYS D 104 -20.30 -48.41 31.67
CA LYS D 104 -20.92 -48.66 30.37
C LYS D 104 -20.20 -49.79 29.64
N PRO D 105 -20.86 -50.44 28.68
CA PRO D 105 -20.16 -51.32 27.76
C PRO D 105 -19.43 -50.52 26.69
N ASN D 106 -18.58 -51.21 25.94
CA ASN D 106 -17.87 -50.56 24.84
C ASN D 106 -18.87 -50.13 23.77
N PRO D 107 -18.89 -48.85 23.41
CA PRO D 107 -19.86 -48.38 22.39
C PRO D 107 -19.69 -49.10 21.06
N ASP D 108 -18.48 -49.03 20.50
CA ASP D 108 -18.16 -49.68 19.23
C ASP D 108 -17.02 -50.66 19.48
N THR D 109 -17.37 -51.91 19.75
CA THR D 109 -16.40 -52.96 20.02
C THR D 109 -16.44 -54.02 18.94
N ASN D 110 -15.25 -54.43 18.49
CA ASN D 110 -15.09 -55.56 17.58
C ASN D 110 -14.01 -56.46 18.19
N SER D 111 -14.43 -57.34 19.10
CA SER D 111 -13.49 -58.23 19.77
C SER D 111 -14.26 -59.41 20.34
N THR D 112 -13.54 -60.51 20.54
CA THR D 112 -14.12 -61.73 21.09
C THR D 112 -13.23 -62.34 22.16
N ALA D 113 -12.65 -61.50 23.03
CA ALA D 113 -11.84 -61.99 24.13
C ALA D 113 -12.75 -62.47 25.26
N ASP D 114 -12.15 -62.63 26.45
CA ASP D 114 -12.92 -62.99 27.63
C ASP D 114 -13.97 -61.93 27.91
N SER D 115 -13.59 -60.66 27.79
CA SER D 115 -14.53 -59.55 27.88
C SER D 115 -13.92 -58.35 27.20
N PRO D 116 -14.59 -57.72 26.23
CA PRO D 116 -13.99 -56.59 25.52
C PRO D 116 -13.68 -55.40 26.42
N SER D 117 -14.48 -55.16 27.45
CA SER D 117 -14.29 -54.01 28.32
C SER D 117 -14.69 -54.38 29.74
N PHE D 118 -14.48 -53.44 30.66
CA PHE D 118 -14.84 -53.65 32.05
C PHE D 118 -16.32 -53.36 32.29
N ALA D 119 -17.18 -53.97 31.49
CA ALA D 119 -18.61 -53.67 31.55
C ALA D 119 -19.34 -54.46 32.61
N THR D 120 -19.00 -55.73 32.79
CA THR D 120 -19.71 -56.57 33.73
C THR D 120 -19.45 -56.12 35.17
N ALA D 121 -20.46 -56.33 36.01
CA ALA D 121 -20.36 -55.94 37.42
C ALA D 121 -19.35 -56.84 38.15
N PHE D 122 -18.90 -56.35 39.30
CA PHE D 122 -17.94 -57.09 40.10
C PHE D 122 -18.55 -58.41 40.58
N ASP D 123 -17.75 -59.46 40.53
CA ASP D 123 -18.17 -60.80 40.92
C ASP D 123 -17.50 -61.20 42.23
N THR D 124 -18.02 -62.26 42.83
CA THR D 124 -17.57 -62.73 44.13
C THR D 124 -16.89 -64.09 43.98
N GLY D 125 -15.77 -64.27 44.67
CA GLY D 125 -15.05 -65.53 44.63
C GLY D 125 -14.37 -65.75 43.30
N ARG D 126 -13.88 -66.99 43.14
CA ARG D 126 -13.22 -67.37 41.90
C ARG D 126 -14.28 -67.82 40.90
N ALA D 127 -14.95 -66.87 40.28
CA ALA D 127 -15.98 -67.16 39.28
C ALA D 127 -15.71 -66.53 37.93
N ALA D 128 -15.39 -65.24 37.90
CA ALA D 128 -15.25 -64.55 36.63
C ALA D 128 -13.86 -64.75 36.03
N LEU D 129 -12.82 -64.26 36.72
CA LEU D 129 -11.42 -64.41 36.31
C LEU D 129 -11.18 -63.83 34.91
N GLY D 130 -11.36 -62.51 34.82
CA GLY D 130 -10.99 -61.81 33.61
C GLY D 130 -11.92 -60.69 33.19
N GLU D 131 -13.19 -60.77 33.57
CA GLU D 131 -14.17 -59.78 33.13
C GLU D 131 -13.96 -58.40 33.75
N ASN D 132 -13.19 -58.29 34.83
CA ASN D 132 -12.96 -57.00 35.47
C ASN D 132 -11.48 -56.71 35.74
N ASN D 133 -10.57 -57.61 35.38
CA ASN D 133 -9.16 -57.40 35.64
C ASN D 133 -8.60 -56.31 34.75
N VAL D 134 -7.59 -55.62 35.26
CA VAL D 134 -6.97 -54.51 34.53
C VAL D 134 -6.02 -55.08 33.48
N TYR D 135 -5.71 -54.25 32.48
CA TYR D 135 -4.80 -54.65 31.41
C TYR D 135 -3.39 -54.28 31.81
N ALA D 136 -2.51 -55.27 31.91
CA ALA D 136 -1.13 -55.08 32.32
C ALA D 136 -0.22 -55.11 31.10
N SER D 137 0.69 -54.14 31.00
CA SER D 137 1.62 -54.07 29.89
C SER D 137 2.92 -53.45 30.37
N ARG D 138 4.03 -53.95 29.82
CA ARG D 138 5.35 -53.42 30.14
C ARG D 138 5.68 -52.17 29.34
N ASP D 139 4.82 -51.76 28.41
CA ASP D 139 4.99 -50.54 27.64
C ASP D 139 3.60 -50.00 27.29
N PRO D 140 3.10 -49.02 28.05
CA PRO D 140 1.72 -48.60 27.88
C PRO D 140 1.52 -47.51 26.83
N PHE D 141 2.53 -47.26 26.00
CA PHE D 141 2.47 -46.17 25.02
C PHE D 141 2.27 -46.66 23.59
N ASP D 142 1.74 -47.87 23.42
CA ASP D 142 1.41 -48.39 22.10
C ASP D 142 0.03 -49.04 22.16
N ARG D 143 -0.56 -49.25 20.99
CA ARG D 143 -1.88 -49.84 20.91
C ARG D 143 -1.85 -51.27 21.44
N PRO D 144 -2.66 -51.61 22.44
CA PRO D 144 -2.76 -53.00 22.87
C PRO D 144 -3.39 -53.86 21.79
N SER D 145 -3.12 -55.16 21.88
CA SER D 145 -3.60 -56.11 20.88
C SER D 145 -5.13 -56.14 20.84
N ALA D 146 -5.66 -56.71 19.76
CA ALA D 146 -7.10 -56.76 19.56
C ALA D 146 -7.82 -57.57 20.63
N ASP D 147 -7.11 -58.48 21.30
CA ASP D 147 -7.70 -59.30 22.36
C ASP D 147 -7.59 -58.65 23.74
N ALA D 148 -7.05 -57.43 23.81
CA ALA D 148 -6.92 -56.73 25.07
C ALA D 148 -8.24 -56.04 25.41
N ARG D 149 -8.21 -55.18 26.42
CA ARG D 149 -9.41 -54.50 26.91
C ARG D 149 -9.31 -53.02 26.56
N TYR D 150 -10.28 -52.52 25.81
CA TYR D 150 -10.39 -51.10 25.52
C TYR D 150 -11.63 -50.53 26.19
N ILE D 151 -11.46 -49.38 26.85
CA ILE D 151 -12.56 -48.78 27.59
C ILE D 151 -13.64 -48.27 26.63
N ALA D 152 -13.23 -47.53 25.60
CA ALA D 152 -14.19 -46.90 24.70
C ALA D 152 -13.72 -46.95 23.25
N GLY D 153 -13.22 -48.10 22.81
CA GLY D 153 -12.76 -48.18 21.43
C GLY D 153 -12.37 -49.58 21.04
N GLY D 154 -11.71 -49.67 19.87
CA GLY D 154 -11.26 -50.94 19.35
C GLY D 154 -9.92 -50.79 18.65
N ASN D 155 -9.20 -51.91 18.56
CA ASN D 155 -7.84 -51.89 18.01
C ASN D 155 -7.86 -51.59 16.52
N ALA D 156 -8.74 -52.25 15.78
CA ALA D 156 -8.76 -52.10 14.33
C ALA D 156 -9.27 -50.71 13.95
N GLY D 157 -9.16 -50.40 12.66
CA GLY D 157 -9.63 -49.14 12.13
C GLY D 157 -11.13 -49.07 11.89
N ALA D 158 -11.84 -50.17 12.13
CA ALA D 158 -13.29 -50.20 11.98
C ALA D 158 -14.04 -50.17 13.31
N ALA D 159 -13.37 -50.43 14.43
CA ALA D 159 -13.98 -50.39 15.75
C ALA D 159 -13.54 -49.09 16.42
N GLU D 160 -14.29 -48.03 16.18
CA GLU D 160 -14.00 -46.72 16.72
C GLU D 160 -15.30 -45.98 17.00
N VAL D 161 -15.24 -45.03 17.93
CA VAL D 161 -16.38 -44.18 18.25
C VAL D 161 -16.17 -42.82 17.59
N ALA D 162 -17.27 -42.22 17.15
CA ALA D 162 -17.21 -40.97 16.41
C ALA D 162 -16.76 -39.83 17.32
N GLY D 163 -16.19 -38.80 16.70
CA GLY D 163 -15.75 -37.65 17.45
C GLY D 163 -16.92 -36.85 18.00
N GLY D 164 -16.65 -36.16 19.11
CA GLY D 164 -17.69 -35.38 19.75
C GLY D 164 -17.17 -34.79 21.05
N SER D 165 -18.12 -34.30 21.85
CA SER D 165 -17.78 -33.71 23.14
C SER D 165 -18.88 -34.06 24.13
N TYR D 166 -18.48 -34.33 25.38
CA TYR D 166 -19.47 -34.69 26.40
C TYR D 166 -20.37 -33.52 26.74
N LEU D 167 -19.84 -32.30 26.71
CA LEU D 167 -20.66 -31.12 27.02
C LEU D 167 -21.77 -30.94 25.98
N VAL D 168 -21.44 -31.10 24.70
CA VAL D 168 -22.43 -30.91 23.65
C VAL D 168 -23.42 -32.07 23.64
N ASP D 169 -24.66 -31.75 23.28
CA ASP D 169 -25.73 -32.74 23.21
C ASP D 169 -25.59 -33.51 21.90
N ASP D 170 -24.89 -34.63 21.96
CA ASP D 170 -24.65 -35.46 20.79
C ASP D 170 -25.77 -36.50 20.66
N GLY D 171 -25.59 -37.48 19.77
CA GLY D 171 -26.58 -38.52 19.62
C GLY D 171 -26.79 -39.32 20.89
N GLY D 172 -25.72 -39.54 21.64
CA GLY D 172 -25.83 -40.22 22.92
C GLY D 172 -26.22 -39.28 24.04
N ALA D 173 -27.39 -38.66 23.91
CA ALA D 173 -27.94 -37.72 24.91
C ALA D 173 -26.88 -36.64 25.18
N SER D 174 -26.63 -36.28 26.44
CA SER D 174 -25.63 -35.29 26.77
C SER D 174 -25.19 -35.50 28.21
N GLY D 175 -23.90 -35.32 28.47
CA GLY D 175 -23.39 -35.45 29.81
C GLY D 175 -22.82 -36.83 30.10
N GLN D 176 -23.33 -37.48 31.14
CA GLN D 176 -22.79 -38.76 31.59
C GLN D 176 -23.01 -39.88 30.59
N ASN D 177 -23.99 -39.73 29.70
CA ASN D 177 -24.52 -40.90 28.99
C ASN D 177 -23.54 -41.47 27.97
N GLU D 178 -22.82 -40.61 27.24
CA GLU D 178 -22.02 -41.13 26.14
C GLU D 178 -20.52 -40.92 26.29
N PHE D 179 -20.07 -39.67 26.40
CA PHE D 179 -18.63 -39.38 26.36
C PHE D 179 -18.06 -39.20 27.76
N TYR D 180 -18.65 -39.88 28.74
CA TYR D 180 -18.34 -39.64 30.14
C TYR D 180 -18.35 -40.98 30.86
N PHE D 181 -17.18 -41.49 31.22
CA PHE D 181 -17.06 -42.83 31.80
C PHE D 181 -16.55 -42.74 33.23
N THR D 182 -17.29 -43.35 34.15
CA THR D 182 -16.93 -43.41 35.56
C THR D 182 -16.42 -44.80 35.89
N ILE D 183 -15.24 -44.88 36.51
CA ILE D 183 -14.56 -46.15 36.75
C ILE D 183 -14.46 -46.36 38.25
N SER D 184 -14.80 -47.57 38.71
CA SER D 184 -14.73 -47.92 40.11
C SER D 184 -13.68 -49.00 40.32
N PHE D 185 -12.83 -48.82 41.34
CA PHE D 185 -11.75 -49.73 41.63
C PHE D 185 -12.16 -50.74 42.69
N ARG D 186 -11.59 -51.94 42.61
CA ARG D 186 -11.84 -52.97 43.61
C ARG D 186 -10.65 -53.93 43.63
N VAL D 187 -10.19 -54.25 44.83
CA VAL D 187 -9.15 -55.26 45.05
C VAL D 187 -9.66 -56.22 46.11
N VAL D 188 -9.57 -57.52 45.83
CA VAL D 188 -10.01 -58.53 46.79
C VAL D 188 -8.85 -59.45 47.17
N PRO D 189 -8.20 -59.23 48.31
CA PRO D 189 -7.25 -60.22 48.82
C PRO D 189 -7.99 -61.36 49.50
N ALA D 190 -7.25 -62.29 50.11
CA ALA D 190 -7.85 -63.40 50.81
C ALA D 190 -7.31 -63.45 52.23
N LEU D 191 -8.10 -64.05 53.13
CA LEU D 191 -7.65 -64.18 54.51
C LEU D 191 -6.32 -64.93 54.63
N PRO D 192 -6.07 -66.04 53.92
CA PRO D 192 -4.71 -66.59 53.91
C PRO D 192 -3.67 -65.62 53.37
N GLY D 193 -4.05 -64.70 52.50
CA GLY D 193 -3.13 -63.73 51.95
C GLY D 193 -2.95 -63.78 50.45
N THR D 194 -3.66 -64.68 49.76
CA THR D 194 -3.53 -64.80 48.31
C THR D 194 -4.53 -63.89 47.61
N TYR D 195 -4.45 -63.88 46.28
CA TYR D 195 -5.31 -63.06 45.43
C TYR D 195 -5.94 -63.94 44.37
N PRO D 196 -7.07 -64.58 44.67
CA PRO D 196 -7.62 -65.60 43.74
C PRO D 196 -8.14 -65.03 42.43
N ARG D 197 -8.15 -63.71 42.25
CA ARG D 197 -8.69 -63.12 41.03
C ARG D 197 -7.62 -62.66 40.05
N ALA D 198 -6.35 -62.90 40.34
CA ALA D 198 -5.30 -62.51 39.41
C ALA D 198 -5.27 -63.42 38.19
N THR D 199 -4.99 -62.82 37.04
CA THR D 199 -4.92 -63.55 35.77
C THR D 199 -3.53 -63.40 35.17
N SER D 200 -3.38 -63.86 33.94
CA SER D 200 -2.09 -63.89 33.26
C SER D 200 -1.61 -62.48 32.93
N GLU D 201 -0.35 -62.40 32.48
CA GLU D 201 0.25 -61.15 32.06
C GLU D 201 0.58 -61.11 30.58
N ASP D 202 0.42 -62.21 29.85
CA ASP D 202 0.72 -62.21 28.42
C ASP D 202 -0.20 -61.26 27.67
N GLN D 203 -1.50 -61.31 27.98
CA GLN D 203 -2.48 -60.39 27.40
C GLN D 203 -3.24 -59.60 28.44
N GLY D 204 -3.31 -60.08 29.68
CA GLY D 204 -4.13 -59.45 30.70
C GLY D 204 -5.61 -59.72 30.56
N ASN D 205 -6.01 -60.59 29.64
CA ASN D 205 -7.41 -60.87 29.37
C ASN D 205 -7.78 -62.33 29.56
N THR D 206 -6.79 -63.22 29.62
CA THR D 206 -7.06 -64.65 29.72
C THR D 206 -7.71 -65.00 31.05
N ASP D 207 -8.13 -66.25 31.16
CA ASP D 207 -8.90 -66.74 32.31
C ASP D 207 -8.06 -67.47 33.35
N GLU D 208 -6.92 -68.04 32.96
CA GLU D 208 -6.15 -68.88 33.87
C GLU D 208 -5.75 -68.07 35.10
N THR D 209 -5.92 -68.66 36.28
CA THR D 209 -5.68 -67.94 37.53
C THR D 209 -4.20 -67.84 37.82
N ASP D 210 -3.79 -66.67 38.33
CA ASP D 210 -2.39 -66.39 38.64
C ASP D 210 -2.23 -66.02 40.10
N ASP D 211 -3.00 -66.66 40.97
CA ASP D 211 -2.88 -66.42 42.40
C ASP D 211 -1.61 -67.11 42.94
N LEU D 212 -1.30 -66.81 44.20
CA LEU D 212 -0.03 -67.27 44.76
C LEU D 212 -0.03 -68.77 45.01
N VAL D 213 -1.22 -69.37 45.19
CA VAL D 213 -1.28 -70.82 45.37
C VAL D 213 -0.92 -71.54 44.07
N VAL D 214 -1.17 -70.91 42.92
CA VAL D 214 -0.67 -71.45 41.66
C VAL D 214 0.85 -71.43 41.64
N ARG D 215 1.45 -70.35 42.14
CA ARG D 215 2.91 -70.24 42.10
C ARG D 215 3.58 -71.21 43.05
N GLY D 216 3.12 -71.27 44.30
CA GLY D 216 3.80 -72.07 45.30
C GLY D 216 2.96 -73.05 46.10
N ASP D 217 1.65 -72.87 46.09
CA ASP D 217 0.64 -73.66 46.79
C ASP D 217 0.63 -73.38 48.29
N GLY D 218 1.55 -72.58 48.81
CA GLY D 218 1.54 -72.22 50.22
C GLY D 218 1.96 -70.79 50.46
N ARG D 219 2.18 -70.04 49.38
CA ARG D 219 2.64 -68.67 49.50
C ARG D 219 1.49 -67.73 49.83
N TYR D 220 1.85 -66.55 50.35
CA TYR D 220 0.89 -65.50 50.64
C TYR D 220 1.62 -64.17 50.57
N ALA D 221 0.84 -63.10 50.42
CA ALA D 221 1.41 -61.78 50.26
C ALA D 221 2.12 -61.34 51.54
N TYR D 222 3.35 -60.85 51.38
CA TYR D 222 4.09 -60.34 52.52
C TYR D 222 3.42 -59.10 53.08
N PRO D 223 3.38 -58.93 54.41
CA PRO D 223 2.88 -57.67 54.97
C PRO D 223 3.73 -56.51 54.50
N GLY D 224 3.08 -55.39 54.21
CA GLY D 224 3.80 -54.23 53.73
C GLY D 224 2.90 -53.36 52.87
N VAL D 225 3.53 -52.59 52.00
CA VAL D 225 2.83 -51.66 51.13
C VAL D 225 3.41 -51.78 49.72
N TYR D 226 2.55 -51.57 48.73
CA TYR D 226 2.96 -51.69 47.34
C TYR D 226 2.29 -50.61 46.52
N THR D 227 2.91 -50.30 45.38
CA THR D 227 2.47 -49.20 44.54
C THR D 227 2.31 -49.67 43.11
N LEU D 228 1.33 -49.08 42.43
CA LEU D 228 1.03 -49.34 41.03
C LEU D 228 0.41 -48.08 40.43
N ASN D 229 0.76 -47.80 39.17
CA ASN D 229 0.26 -46.64 38.46
C ASN D 229 -0.66 -47.08 37.35
N VAL D 230 -1.74 -46.32 37.12
CA VAL D 230 -2.73 -46.61 36.10
C VAL D 230 -2.76 -45.44 35.12
N LYS D 231 -2.66 -45.73 33.84
CA LYS D 231 -2.63 -44.72 32.78
C LYS D 231 -3.86 -44.88 31.91
N PHE D 232 -4.66 -43.82 31.81
CA PHE D 232 -5.79 -43.79 30.89
C PHE D 232 -5.37 -43.00 29.65
N VAL D 233 -5.30 -43.70 28.52
CA VAL D 233 -4.74 -43.14 27.29
C VAL D 233 -5.78 -43.21 26.19
N MET D 234 -5.97 -42.10 25.49
CA MET D 234 -6.85 -42.03 24.33
C MET D 234 -6.02 -41.79 23.08
N VAL D 235 -6.32 -42.55 22.02
CA VAL D 235 -5.52 -42.56 20.80
C VAL D 235 -6.45 -42.38 19.61
N GLU D 236 -6.03 -41.57 18.65
CA GLU D 236 -6.81 -41.40 17.42
C GLU D 236 -6.92 -42.72 16.68
N CYS D 237 -8.11 -42.99 16.14
CA CYS D 237 -8.31 -44.21 15.37
C CYS D 237 -8.35 -43.91 13.88
N ASN E 1 17.17 -2.25 -31.24
CA ASN E 1 17.06 -2.88 -29.92
C ASN E 1 16.22 -2.03 -28.98
N LEU E 2 15.04 -1.63 -29.44
CA LEU E 2 14.14 -0.83 -28.63
C LEU E 2 13.62 -1.64 -27.45
N ILE E 3 13.59 -1.02 -26.29
CA ILE E 3 13.31 -1.71 -25.03
C ILE E 3 12.16 -1.01 -24.31
N SER E 4 11.15 -1.78 -23.95
CA SER E 4 10.14 -1.36 -23.00
C SER E 4 10.03 -2.43 -21.92
N GLU E 5 10.21 -2.02 -20.66
CA GLU E 5 10.36 -2.98 -19.57
C GLU E 5 9.53 -2.55 -18.37
N GLN E 6 9.15 -3.53 -17.57
CA GLN E 6 8.47 -3.30 -16.30
C GLN E 6 9.11 -4.21 -15.26
N ASN E 7 9.31 -3.68 -14.06
CA ASN E 7 10.02 -4.37 -13.00
C ASN E 7 9.12 -4.54 -11.78
N VAL E 8 9.22 -5.71 -11.15
CA VAL E 8 8.53 -5.99 -9.90
C VAL E 8 9.56 -6.48 -8.89
N THR E 9 9.43 -6.02 -7.65
CA THR E 9 10.38 -6.35 -6.59
C THR E 9 9.77 -7.42 -5.69
N VAL E 10 10.49 -8.51 -5.50
CA VAL E 10 10.04 -9.64 -4.69
C VAL E 10 10.80 -9.63 -3.39
N THR E 11 10.07 -9.62 -2.27
CA THR E 11 10.66 -9.65 -0.93
C THR E 11 10.19 -10.91 -0.22
N MET E 12 11.13 -11.75 0.17
CA MET E 12 10.85 -13.01 0.86
C MET E 12 11.51 -12.97 2.23
N ASP E 13 10.72 -13.21 3.27
CA ASP E 13 11.24 -13.28 4.64
C ASP E 13 10.94 -14.65 5.22
N LEU E 14 11.94 -15.27 5.83
CA LEU E 14 11.78 -16.54 6.53
C LEU E 14 11.79 -16.26 8.02
N GLN E 15 10.64 -15.88 8.56
CA GLN E 15 10.55 -15.61 9.97
C GLN E 15 10.70 -16.90 10.77
N PRO E 16 11.54 -16.89 11.80
CA PRO E 16 11.76 -18.11 12.59
C PRO E 16 10.55 -18.43 13.45
N VAL E 17 10.19 -19.70 13.49
CA VAL E 17 9.05 -20.20 14.25
C VAL E 17 9.60 -21.09 15.35
N LEU E 18 9.46 -20.63 16.60
CA LEU E 18 9.95 -21.37 17.76
C LEU E 18 8.81 -21.47 18.76
N GLN E 19 8.26 -22.68 18.92
CA GLN E 19 7.12 -22.89 19.81
C GLN E 19 7.37 -24.10 20.68
N LEU E 20 7.20 -23.92 21.98
CA LEU E 20 7.28 -25.00 22.96
C LEU E 20 5.95 -25.05 23.71
N SER E 21 5.11 -26.01 23.37
CA SER E 21 3.78 -26.12 23.96
C SER E 21 3.80 -27.23 25.00
N MET E 22 3.46 -26.88 26.24
CA MET E 22 3.48 -27.81 27.35
C MET E 22 2.05 -28.13 27.77
N GLN E 23 1.78 -29.42 27.93
CA GLN E 23 0.49 -29.87 28.45
C GLN E 23 0.69 -30.62 29.77
N GLY E 24 -0.19 -30.36 30.72
CA GLY E 24 -0.10 -30.94 32.04
C GLY E 24 -0.47 -29.94 33.11
N SER E 25 0.11 -30.07 34.29
CA SER E 25 -0.14 -29.16 35.39
C SER E 25 1.11 -28.33 35.67
N GLU E 26 0.94 -27.00 35.71
CA GLU E 26 2.07 -26.13 35.94
C GLU E 26 2.55 -26.17 37.38
N THR E 27 1.73 -26.71 38.29
CA THR E 27 2.16 -27.04 39.64
C THR E 27 2.20 -28.54 39.81
N VAL E 28 3.34 -29.06 40.26
CA VAL E 28 3.51 -30.46 40.60
C VAL E 28 3.77 -30.54 42.11
N SER E 29 2.87 -31.19 42.83
CA SER E 29 2.91 -31.22 44.29
C SER E 29 3.19 -32.63 44.77
N PHE E 30 4.21 -32.77 45.62
CA PHE E 30 4.53 -34.02 46.29
C PHE E 30 4.18 -33.86 47.76
N VAL E 31 3.27 -34.70 48.25
CA VAL E 31 2.81 -34.64 49.64
C VAL E 31 3.23 -35.93 50.33
N PHE E 32 4.00 -35.79 51.41
CA PHE E 32 4.47 -36.92 52.20
C PHE E 32 3.78 -36.90 53.55
N SER E 33 2.94 -37.90 53.81
CA SER E 33 2.25 -37.96 55.09
C SER E 33 2.29 -39.36 55.69
N GLN E 34 2.59 -40.37 54.87
CA GLN E 34 2.72 -41.74 55.35
C GLN E 34 4.18 -42.12 55.41
N ILE E 35 4.47 -43.14 56.22
CA ILE E 35 5.83 -43.63 56.37
C ILE E 35 6.34 -44.17 55.04
N SER E 36 5.50 -44.94 54.34
CA SER E 36 5.89 -45.49 53.05
C SER E 36 6.27 -44.39 52.07
N GLU E 37 5.51 -43.29 52.05
CA GLU E 37 5.85 -42.18 51.19
C GLU E 37 7.20 -41.59 51.58
N TYR E 38 7.49 -41.53 52.88
CA TYR E 38 8.76 -40.97 53.32
C TYR E 38 9.93 -41.83 52.86
N ILE E 39 9.84 -43.15 53.06
CA ILE E 39 10.95 -44.02 52.72
C ILE E 39 11.13 -44.18 51.21
N GLY E 40 10.06 -44.24 50.44
CA GLY E 40 10.20 -44.50 49.02
C GLY E 40 9.91 -43.33 48.10
N GLY E 41 9.01 -42.44 48.49
CA GLY E 41 8.76 -41.24 47.72
C GLY E 41 7.74 -41.37 46.61
N LEU E 42 7.05 -40.26 46.33
CA LEU E 42 6.06 -40.25 45.25
C LEU E 42 6.75 -40.35 43.91
N THR E 43 6.23 -41.21 43.04
CA THR E 43 6.64 -41.27 41.64
C THR E 43 5.44 -40.89 40.78
N GLN E 44 5.56 -39.76 40.08
CA GLN E 44 4.49 -39.22 39.27
C GLN E 44 4.78 -39.50 37.81
N TYR E 45 3.85 -40.17 37.14
CA TYR E 45 4.03 -40.57 35.74
C TYR E 45 3.26 -39.65 34.82
N GLY E 46 3.93 -39.19 33.77
CA GLY E 46 3.30 -38.35 32.77
C GLY E 46 2.79 -37.03 33.31
N ALA E 47 3.59 -36.39 34.17
CA ALA E 47 3.17 -35.12 34.78
C ALA E 47 3.07 -34.02 33.72
N VAL E 48 4.11 -33.85 32.92
CA VAL E 48 4.18 -32.79 31.92
C VAL E 48 4.69 -33.37 30.61
N ASP E 49 4.08 -32.97 29.51
CA ASP E 49 4.54 -33.33 28.17
C ASP E 49 4.85 -32.05 27.39
N LEU E 50 5.82 -32.14 26.50
CA LEU E 50 6.30 -31.00 25.73
C LEU E 50 6.26 -31.33 24.25
N SER E 51 5.74 -30.39 23.45
CA SER E 51 5.70 -30.51 22.00
C SER E 51 6.47 -29.35 21.40
N VAL E 52 7.27 -29.63 20.38
CA VAL E 52 8.20 -28.66 19.81
C VAL E 52 7.81 -28.41 18.36
N SER E 53 7.66 -27.13 18.01
CA SER E 53 7.50 -26.70 16.63
C SER E 53 8.64 -25.75 16.29
N SER E 54 9.38 -26.05 15.24
CA SER E 54 10.58 -25.29 14.95
C SER E 54 10.84 -25.28 13.46
N THR E 55 11.66 -24.31 13.05
CA THR E 55 12.13 -24.21 11.67
C THR E 55 13.60 -24.56 11.51
N VAL E 56 14.43 -24.27 12.52
CA VAL E 56 15.86 -24.51 12.45
C VAL E 56 16.25 -25.57 13.46
N ASP E 57 17.54 -25.92 13.45
CA ASP E 57 18.05 -26.90 14.40
C ASP E 57 17.90 -26.40 15.82
N TRP E 58 17.39 -27.26 16.69
CA TRP E 58 17.05 -26.88 18.05
C TRP E 58 17.53 -27.94 19.03
N CYS E 59 17.85 -27.49 20.25
CA CYS E 59 18.22 -28.35 21.36
C CYS E 59 17.40 -27.96 22.57
N LEU E 60 16.78 -28.96 23.20
CA LEU E 60 15.91 -28.75 24.35
C LEU E 60 16.60 -29.31 25.58
N TYR E 61 16.63 -28.52 26.65
CA TYR E 61 17.18 -28.96 27.92
C TYR E 61 16.27 -28.53 29.06
N ALA E 62 16.50 -29.13 30.22
CA ALA E 62 15.76 -28.83 31.44
C ALA E 62 16.74 -28.38 32.51
N ALA E 63 16.43 -27.26 33.16
CA ALA E 63 17.27 -26.72 34.22
C ALA E 63 16.41 -26.53 35.46
N ALA E 64 17.07 -26.47 36.62
CA ALA E 64 16.39 -26.27 37.89
C ALA E 64 16.91 -25.01 38.55
N PHE E 65 15.98 -24.19 39.04
CA PHE E 65 16.33 -22.91 39.62
C PHE E 65 15.41 -22.62 40.80
N SER E 66 15.89 -21.82 41.73
CA SER E 66 15.13 -21.41 42.90
C SER E 66 15.66 -20.07 43.39
N SER E 67 14.97 -19.51 44.39
CA SER E 67 15.42 -18.25 44.96
C SER E 67 16.79 -18.39 45.60
N ASP E 68 17.03 -19.49 46.30
CA ASP E 68 18.36 -19.75 46.87
C ASP E 68 19.39 -19.93 45.77
N ALA E 69 19.03 -20.62 44.69
CA ALA E 69 19.98 -20.89 43.62
C ALA E 69 20.47 -19.61 42.96
N ALA E 70 19.78 -18.48 43.15
CA ALA E 70 20.22 -17.22 42.60
C ALA E 70 21.45 -16.67 43.31
N ASP E 71 21.78 -17.15 44.50
CA ASP E 71 22.94 -16.64 45.24
C ASP E 71 24.06 -17.67 45.35
N ALA E 72 24.28 -18.46 44.29
CA ALA E 72 25.39 -19.39 44.10
C ALA E 72 25.30 -20.64 44.96
N GLU E 73 24.31 -20.75 45.86
CA GLU E 73 24.09 -21.97 46.62
C GLU E 73 22.87 -22.68 46.06
N LEU E 74 23.10 -23.82 45.42
CA LEU E 74 22.04 -24.55 44.73
C LEU E 74 21.33 -25.49 45.71
N ASN E 75 20.50 -24.89 46.55
CA ASN E 75 19.65 -25.61 47.48
C ASN E 75 18.20 -25.23 47.24
N TRP E 76 17.30 -26.09 47.69
CA TRP E 76 15.88 -25.81 47.53
C TRP E 76 15.50 -24.58 48.35
N THR E 77 14.40 -23.94 47.93
CA THR E 77 13.91 -22.77 48.64
C THR E 77 13.11 -23.24 49.84
N ASN E 78 13.67 -23.07 51.04
CA ASN E 78 12.93 -23.37 52.25
C ASN E 78 11.70 -22.50 52.31
N MET E 79 10.55 -23.08 52.67
CA MET E 79 9.28 -22.43 52.49
C MET E 79 8.59 -22.22 53.83
N VAL E 80 8.42 -23.30 54.61
CA VAL E 80 7.96 -23.26 56.00
C VAL E 80 8.78 -24.27 56.78
N THR E 81 9.02 -23.97 58.05
CA THR E 81 9.78 -24.84 58.94
C THR E 81 8.83 -25.43 59.97
N PHE E 82 8.35 -26.64 59.71
CA PHE E 82 7.52 -27.35 60.69
C PHE E 82 8.38 -27.82 61.85
N GLY E 83 7.91 -27.59 63.07
CA GLY E 83 8.62 -27.97 64.26
C GLY E 83 9.27 -26.77 64.94
N ASP E 84 9.95 -27.07 66.05
CA ASP E 84 10.59 -26.03 66.86
C ASP E 84 12.06 -25.84 66.50
N SER E 85 12.88 -26.88 66.72
CA SER E 85 14.33 -26.77 66.51
C SER E 85 15.03 -28.10 66.70
N ASN E 86 16.18 -28.28 66.05
CA ASN E 86 17.02 -29.45 66.23
C ASN E 86 18.43 -29.15 65.76
N PRO E 87 19.44 -29.32 66.63
CA PRO E 87 20.83 -29.04 66.19
C PRO E 87 21.28 -29.92 65.04
N ASN E 88 20.81 -31.16 64.96
CA ASN E 88 21.26 -32.11 63.95
C ASN E 88 20.28 -32.17 62.78
N SER E 89 19.67 -31.04 62.47
CA SER E 89 18.70 -30.94 61.38
C SER E 89 19.04 -29.70 60.55
N ILE E 90 19.19 -29.88 59.25
CA ILE E 90 19.60 -28.81 58.34
C ILE E 90 18.53 -28.65 57.27
N THR E 91 18.09 -27.42 57.07
CA THR E 91 17.10 -27.09 56.03
C THR E 91 17.79 -26.67 54.74
N ASN E 92 18.74 -27.47 54.26
CA ASN E 92 19.49 -27.19 53.04
C ASN E 92 19.46 -28.46 52.19
N LEU E 93 18.44 -28.58 51.35
CA LEU E 93 18.29 -29.77 50.52
C LEU E 93 18.84 -29.52 49.13
N PRO E 94 19.60 -30.47 48.58
CA PRO E 94 20.19 -30.28 47.25
C PRO E 94 19.12 -30.12 46.19
N ILE E 95 19.40 -29.23 45.23
CA ILE E 95 18.49 -29.05 44.09
C ILE E 95 18.45 -30.31 43.25
N THR E 96 19.54 -31.08 43.26
CA THR E 96 19.66 -32.28 42.45
C THR E 96 18.72 -33.41 42.92
N VAL E 97 18.06 -33.23 44.06
CA VAL E 97 17.22 -34.29 44.62
C VAL E 97 16.16 -34.74 43.62
N LEU E 98 15.51 -33.78 42.97
CA LEU E 98 14.46 -34.11 42.02
C LEU E 98 15.01 -34.95 40.87
N GLN E 99 14.28 -36.02 40.54
CA GLN E 99 14.68 -36.92 39.46
C GLN E 99 13.64 -36.89 38.35
N LEU E 100 14.13 -36.90 37.10
CA LEU E 100 13.29 -36.85 35.93
C LEU E 100 13.54 -38.06 35.05
N PHE E 101 12.48 -38.59 34.46
CA PHE E 101 12.58 -39.68 33.50
C PHE E 101 11.96 -39.23 32.19
N GLN E 102 12.72 -39.39 31.10
CA GLN E 102 12.27 -39.06 29.76
C GLN E 102 11.86 -40.34 29.04
N SER E 103 10.78 -40.26 28.26
CA SER E 103 10.28 -41.43 27.56
C SER E 103 11.17 -41.86 26.41
N LYS E 104 12.13 -41.03 26.00
CA LYS E 104 12.99 -41.35 24.87
C LYS E 104 14.45 -41.07 25.17
N PRO E 105 15.38 -41.68 24.45
CA PRO E 105 16.77 -41.24 24.50
C PRO E 105 16.98 -40.00 23.65
N ASN E 106 18.15 -39.40 23.81
CA ASN E 106 18.48 -38.22 23.01
C ASN E 106 18.58 -38.61 21.55
N PRO E 107 17.82 -37.97 20.65
CA PRO E 107 17.88 -38.33 19.23
C PRO E 107 19.28 -38.17 18.64
N ASP E 108 19.84 -36.97 18.75
CA ASP E 108 21.18 -36.67 18.25
C ASP E 108 22.02 -36.20 19.43
N THR E 109 22.73 -37.14 20.05
CA THR E 109 23.57 -36.84 21.20
C THR E 109 25.04 -37.08 20.87
N ASN E 110 25.89 -36.14 21.27
CA ASN E 110 27.34 -36.28 21.19
C ASN E 110 27.89 -35.92 22.57
N SER E 111 27.90 -36.89 23.47
CA SER E 111 28.38 -36.66 24.83
C SER E 111 28.76 -37.99 25.46
N THR E 112 29.63 -37.92 26.46
CA THR E 112 30.09 -39.11 27.17
C THR E 112 30.10 -38.88 28.67
N ALA E 113 29.06 -38.22 29.19
CA ALA E 113 28.94 -38.03 30.63
C ALA E 113 28.40 -39.30 31.29
N ASP E 114 27.94 -39.16 32.53
CA ASP E 114 27.32 -40.28 33.23
C ASP E 114 26.11 -40.77 32.45
N SER E 115 25.30 -39.84 31.94
CA SER E 115 24.20 -40.17 31.06
C SER E 115 23.83 -38.92 30.27
N PRO E 116 23.80 -38.99 28.94
CA PRO E 116 23.51 -37.77 28.16
C PRO E 116 22.13 -37.20 28.41
N SER E 117 21.14 -38.03 28.70
CA SER E 117 19.77 -37.57 28.91
C SER E 117 19.10 -38.44 29.95
N PHE E 118 17.87 -38.07 30.31
CA PHE E 118 17.10 -38.81 31.30
C PHE E 118 16.40 -40.00 30.64
N ALA E 119 17.16 -40.83 29.92
CA ALA E 119 16.58 -41.92 29.15
C ALA E 119 16.36 -43.18 29.99
N THR E 120 17.29 -43.50 30.89
CA THR E 120 17.21 -44.72 31.66
C THR E 120 16.05 -44.65 32.64
N ALA E 121 15.47 -45.82 32.91
CA ALA E 121 14.34 -45.90 33.83
C ALA E 121 14.79 -45.63 35.25
N PHE E 122 13.81 -45.32 36.11
CA PHE E 122 14.11 -45.04 37.51
C PHE E 122 14.68 -46.26 38.20
N ASP E 123 15.69 -46.04 39.03
CA ASP E 123 16.36 -47.11 39.75
C ASP E 123 16.03 -47.02 41.23
N THR E 124 16.35 -48.11 41.95
CA THR E 124 16.01 -48.25 43.36
C THR E 124 17.29 -48.25 44.19
N GLY E 125 17.25 -47.53 45.31
CA GLY E 125 18.39 -47.49 46.21
C GLY E 125 19.53 -46.66 45.63
N ARG E 126 20.67 -46.76 46.32
CA ARG E 126 21.86 -46.05 45.87
C ARG E 126 22.59 -46.93 44.85
N ALA E 127 22.09 -46.92 43.61
CA ALA E 127 22.70 -47.68 42.53
C ALA E 127 23.11 -46.83 41.34
N ALA E 128 22.21 -45.96 40.86
CA ALA E 128 22.49 -45.21 39.63
C ALA E 128 23.32 -43.96 39.93
N LEU E 129 22.76 -43.03 40.70
CA LEU E 129 23.44 -41.80 41.11
C LEU E 129 23.90 -40.99 39.90
N GLY E 130 22.91 -40.52 39.14
CA GLY E 130 23.20 -39.59 38.07
C GLY E 130 22.40 -39.77 36.79
N GLU E 131 21.94 -40.99 36.52
CA GLU E 131 21.24 -41.26 35.28
C GLU E 131 19.87 -40.62 35.19
N ASN E 132 19.29 -40.18 36.32
CA ASN E 132 17.98 -39.56 36.30
C ASN E 132 17.92 -38.23 37.04
N ASN E 133 19.03 -37.78 37.63
CA ASN E 133 19.01 -36.53 38.39
C ASN E 133 18.85 -35.33 37.46
N VAL E 134 18.24 -34.28 37.99
CA VAL E 134 17.99 -33.07 37.21
C VAL E 134 19.26 -32.25 37.13
N TYR E 135 19.32 -31.36 36.13
CA TYR E 135 20.47 -30.49 35.93
C TYR E 135 20.26 -29.21 36.73
N ALA E 136 21.16 -28.94 37.67
CA ALA E 136 21.07 -27.77 38.53
C ALA E 136 22.04 -26.70 38.05
N SER E 137 21.56 -25.47 37.95
CA SER E 137 22.39 -24.36 37.50
C SER E 137 21.92 -23.08 38.18
N ARG E 138 22.88 -22.22 38.52
CA ARG E 138 22.57 -20.92 39.12
C ARG E 138 22.18 -19.87 38.08
N ASP E 139 22.26 -20.21 36.80
CA ASP E 139 21.84 -19.32 35.72
C ASP E 139 21.33 -20.17 34.57
N PRO E 140 20.02 -20.34 34.45
CA PRO E 140 19.48 -21.30 33.47
C PRO E 140 19.25 -20.72 32.09
N PHE E 141 19.80 -19.54 31.81
CA PHE E 141 19.55 -18.85 30.54
C PHE E 141 20.75 -18.90 29.61
N ASP E 142 21.67 -19.84 29.81
CA ASP E 142 22.78 -20.04 28.90
C ASP E 142 22.93 -21.52 28.60
N ARG E 143 23.68 -21.83 27.55
CA ARG E 143 23.89 -23.21 27.16
C ARG E 143 24.65 -23.96 28.24
N PRO E 144 24.12 -25.06 28.77
CA PRO E 144 24.90 -25.88 29.69
C PRO E 144 26.08 -26.53 29.00
N SER E 145 27.06 -26.92 29.80
CA SER E 145 28.29 -27.50 29.26
C SER E 145 27.99 -28.81 28.54
N ALA E 146 28.98 -29.26 27.76
CA ALA E 146 28.81 -30.46 26.95
C ALA E 146 28.62 -31.71 27.80
N ASP E 147 29.04 -31.69 29.07
CA ASP E 147 28.90 -32.82 29.96
C ASP E 147 27.59 -32.77 30.74
N ALA E 148 26.74 -31.78 30.49
CA ALA E 148 25.46 -31.67 31.16
C ALA E 148 24.44 -32.57 30.48
N ARG E 149 23.17 -32.42 30.85
CA ARG E 149 22.09 -33.26 30.34
C ARG E 149 21.19 -32.42 29.44
N TYR E 150 21.06 -32.84 28.18
CA TYR E 150 20.13 -32.21 27.25
C TYR E 150 19.02 -33.19 26.91
N ILE E 151 17.78 -32.70 26.95
CA ILE E 151 16.63 -33.55 26.71
C ILE E 151 16.59 -34.01 25.26
N ALA E 152 16.74 -33.06 24.32
CA ALA E 152 16.60 -33.38 22.90
C ALA E 152 17.63 -32.64 22.06
N GLY E 153 18.89 -32.62 22.48
CA GLY E 153 19.89 -31.92 21.72
C GLY E 153 21.29 -32.11 22.25
N GLY E 154 22.21 -31.30 21.73
CA GLY E 154 23.60 -31.35 22.14
C GLY E 154 24.20 -29.97 22.17
N ASN E 155 25.27 -29.83 22.95
CA ASN E 155 25.89 -28.52 23.16
C ASN E 155 26.57 -28.03 21.90
N ALA E 156 27.33 -28.90 21.23
CA ALA E 156 28.10 -28.49 20.07
C ALA E 156 27.16 -28.21 18.89
N GLY E 157 27.74 -27.64 17.83
CA GLY E 157 26.99 -27.35 16.63
C GLY E 157 26.77 -28.54 15.72
N ALA E 158 27.29 -29.71 16.07
CA ALA E 158 27.08 -30.93 15.31
C ALA E 158 26.09 -31.89 15.94
N ALA E 159 25.75 -31.71 17.22
CA ALA E 159 24.78 -32.54 17.91
C ALA E 159 23.47 -31.75 18.01
N GLU E 160 22.64 -31.86 16.98
CA GLU E 160 21.38 -31.15 16.92
C GLU E 160 20.36 -32.00 16.17
N VAL E 161 19.09 -31.75 16.45
CA VAL E 161 18.00 -32.41 15.76
C VAL E 161 17.41 -31.47 14.73
N ALA E 162 16.98 -32.03 13.61
CA ALA E 162 16.48 -31.24 12.50
C ALA E 162 15.16 -30.56 12.85
N GLY E 163 14.90 -29.44 12.16
CA GLY E 163 13.65 -28.74 12.39
C GLY E 163 12.46 -29.51 11.90
N GLY E 164 11.32 -29.25 12.53
CA GLY E 164 10.09 -29.94 12.16
C GLY E 164 8.97 -29.56 13.10
N SER E 165 7.90 -30.35 13.04
CA SER E 165 6.74 -30.13 13.89
C SER E 165 6.15 -31.47 14.28
N TYR E 166 5.69 -31.57 15.53
CA TYR E 166 5.12 -32.82 16.01
C TYR E 166 3.81 -33.15 15.30
N LEU E 167 3.02 -32.14 14.95
CA LEU E 167 1.77 -32.39 14.25
C LEU E 167 2.01 -32.99 12.87
N VAL E 168 3.00 -32.47 12.14
CA VAL E 168 3.27 -32.97 10.79
C VAL E 168 3.93 -34.34 10.87
N ASP E 169 3.64 -35.17 9.87
CA ASP E 169 4.19 -36.52 9.79
C ASP E 169 5.61 -36.42 9.24
N ASP E 170 6.58 -36.34 10.13
CA ASP E 170 7.98 -36.22 9.74
C ASP E 170 8.59 -37.62 9.61
N GLY E 171 9.92 -37.67 9.49
CA GLY E 171 10.59 -38.96 9.40
C GLY E 171 10.37 -39.81 10.63
N GLY E 172 10.32 -39.19 11.80
CA GLY E 172 10.03 -39.90 13.03
C GLY E 172 8.55 -40.09 13.26
N ALA E 173 7.88 -40.78 12.32
CA ALA E 173 6.45 -41.08 12.37
C ALA E 173 5.70 -39.75 12.56
N SER E 174 4.71 -39.69 13.46
CA SER E 174 3.97 -38.46 13.70
C SER E 174 3.36 -38.54 15.08
N GLY E 175 3.35 -37.42 15.79
CA GLY E 175 2.74 -37.37 17.11
C GLY E 175 3.75 -37.58 18.23
N GLN E 176 3.48 -38.57 19.09
CA GLN E 176 4.29 -38.79 20.27
C GLN E 176 5.71 -39.24 19.94
N ASN E 177 5.94 -39.80 18.74
CA ASN E 177 7.12 -40.60 18.52
C ASN E 177 8.39 -39.76 18.48
N GLU E 178 8.35 -38.58 17.85
CA GLU E 178 9.60 -37.85 17.65
C GLU E 178 9.69 -36.50 18.36
N PHE E 179 8.77 -35.59 18.07
CA PHE E 179 8.89 -34.21 18.57
C PHE E 179 8.03 -34.00 19.80
N TYR E 180 7.81 -35.05 20.58
CA TYR E 180 6.84 -35.02 21.67
C TYR E 180 7.42 -35.82 22.82
N PHE E 181 7.84 -35.12 23.88
CA PHE E 181 8.53 -35.77 25.00
C PHE E 181 7.71 -35.66 26.28
N THR E 182 7.44 -36.80 26.90
CA THR E 182 6.71 -36.86 28.16
C THR E 182 7.68 -37.13 29.29
N ILE E 183 7.63 -36.31 30.34
CA ILE E 183 8.58 -36.36 31.44
C ILE E 183 7.85 -36.75 32.71
N SER E 184 8.42 -37.69 33.45
CA SER E 184 7.85 -38.15 34.71
C SER E 184 8.77 -37.77 35.86
N PHE E 185 8.19 -37.23 36.93
CA PHE E 185 8.96 -36.78 38.09
C PHE E 185 8.98 -37.85 39.16
N ARG E 186 10.07 -37.88 39.94
CA ARG E 186 10.19 -38.80 41.06
C ARG E 186 11.17 -38.23 42.06
N VAL E 187 10.78 -38.28 43.34
CA VAL E 187 11.64 -37.91 44.45
C VAL E 187 11.62 -39.03 45.47
N VAL E 188 12.79 -39.47 45.91
CA VAL E 188 12.87 -40.54 46.90
C VAL E 188 13.60 -40.06 48.15
N PRO E 189 12.87 -39.69 49.20
CA PRO E 189 13.52 -39.45 50.50
C PRO E 189 13.82 -40.76 51.19
N ALA E 190 14.31 -40.70 52.43
CA ALA E 190 14.60 -41.89 53.20
C ALA E 190 13.88 -41.80 54.54
N LEU E 191 13.62 -42.97 55.13
CA LEU E 191 12.98 -42.99 56.44
C LEU E 191 13.77 -42.23 57.50
N PRO E 192 15.09 -42.32 57.59
CA PRO E 192 15.83 -41.41 58.48
C PRO E 192 15.65 -39.95 58.11
N GLY E 193 15.39 -39.64 56.84
CA GLY E 193 15.19 -38.27 56.39
C GLY E 193 16.20 -37.77 55.39
N THR E 194 17.14 -38.61 54.96
CA THR E 194 18.15 -38.19 54.00
C THR E 194 17.66 -38.47 52.57
N TYR E 195 18.48 -38.05 51.60
CA TYR E 195 18.18 -38.21 50.17
C TYR E 195 19.36 -38.90 49.49
N PRO E 196 19.42 -40.23 49.49
CA PRO E 196 20.64 -40.92 49.02
C PRO E 196 20.89 -40.79 47.53
N ARG E 197 20.01 -40.15 46.77
CA ARG E 197 20.17 -40.05 45.33
C ARG E 197 20.67 -38.68 44.87
N ALA E 198 20.96 -37.77 45.79
CA ALA E 198 21.46 -36.46 45.41
C ALA E 198 22.90 -36.55 44.92
N THR E 199 23.21 -35.75 43.91
CA THR E 199 24.55 -35.69 43.33
C THR E 199 25.11 -34.29 43.46
N SER E 200 26.26 -34.06 42.81
CA SER E 200 26.97 -32.80 42.92
C SER E 200 26.21 -31.67 42.24
N GLU E 201 26.71 -30.45 42.44
CA GLU E 201 26.15 -29.26 41.82
C GLU E 201 27.09 -28.59 40.84
N ASP E 202 28.33 -29.04 40.73
CA ASP E 202 29.27 -28.44 39.80
C ASP E 202 28.81 -28.60 38.36
N GLN E 203 28.37 -29.82 38.01
CA GLN E 203 27.81 -30.10 36.70
C GLN E 203 26.40 -30.65 36.74
N GLY E 204 25.99 -31.23 37.87
CA GLY E 204 24.71 -31.91 37.96
C GLY E 204 24.67 -33.26 37.29
N ASN E 205 25.81 -33.77 36.82
CA ASN E 205 25.88 -35.03 36.10
C ASN E 205 26.79 -36.05 36.77
N THR E 206 27.64 -35.62 37.69
CA THR E 206 28.61 -36.52 38.30
C THR E 206 27.92 -37.57 39.17
N ASP E 207 28.71 -38.52 39.64
CA ASP E 207 28.21 -39.68 40.36
C ASP E 207 28.31 -39.56 41.89
N GLU E 208 29.23 -38.74 42.39
CA GLU E 208 29.48 -38.68 43.82
C GLU E 208 28.21 -38.27 44.56
N THR E 209 27.90 -38.98 45.64
CA THR E 209 26.64 -38.77 46.34
C THR E 209 26.71 -37.51 47.21
N ASP E 210 25.61 -36.77 47.24
CA ASP E 210 25.52 -35.53 47.99
C ASP E 210 24.38 -35.58 48.99
N ASP E 211 24.16 -36.75 49.59
CA ASP E 211 23.14 -36.88 50.61
C ASP E 211 23.61 -36.25 51.92
N LEU E 212 22.69 -36.16 52.87
CA LEU E 212 22.97 -35.43 54.11
C LEU E 212 23.96 -36.16 54.99
N VAL E 213 24.05 -37.50 54.85
CA VAL E 213 25.02 -38.24 55.64
C VAL E 213 26.44 -37.93 55.16
N VAL E 214 26.60 -37.57 53.89
CA VAL E 214 27.91 -37.08 53.44
C VAL E 214 28.23 -35.76 54.12
N ARG E 215 27.25 -34.89 54.26
CA ARG E 215 27.50 -33.57 54.86
C ARG E 215 27.81 -33.68 56.34
N GLY E 216 27.00 -34.41 57.09
CA GLY E 216 27.14 -34.44 58.53
C GLY E 216 27.21 -35.79 59.20
N ASP E 217 26.79 -36.84 58.50
CA ASP E 217 26.73 -38.23 58.93
C ASP E 217 25.60 -38.48 59.92
N GLY E 218 24.88 -37.47 60.37
CA GLY E 218 23.74 -37.68 61.24
C GLY E 218 22.61 -36.72 60.96
N ARG E 219 22.74 -35.93 59.90
CA ARG E 219 21.73 -34.94 59.56
C ARG E 219 20.56 -35.59 58.82
N TYR E 220 19.44 -34.88 58.84
CA TYR E 220 18.24 -35.30 58.12
C TYR E 220 17.44 -34.06 57.78
N ALA E 221 16.55 -34.21 56.79
CA ALA E 221 15.77 -33.08 56.33
C ALA E 221 14.80 -32.59 57.41
N TYR E 222 14.80 -31.28 57.63
CA TYR E 222 13.88 -30.70 58.60
C TYR E 222 12.44 -30.85 58.13
N PRO E 223 11.50 -31.14 59.02
CA PRO E 223 10.09 -31.14 58.62
C PRO E 223 9.67 -29.77 58.13
N GLY E 224 8.85 -29.76 57.08
CA GLY E 224 8.44 -28.49 56.51
C GLY E 224 8.09 -28.67 55.05
N VAL E 225 8.18 -27.56 54.31
CA VAL E 225 7.85 -27.51 52.90
C VAL E 225 8.93 -26.72 52.17
N TYR E 226 9.19 -27.12 50.93
CA TYR E 226 10.22 -26.47 50.13
C TYR E 226 9.75 -26.35 48.70
N THR E 227 10.35 -25.41 47.98
CA THR E 227 9.92 -25.08 46.63
C THR E 227 11.13 -25.08 45.70
N LEU E 228 10.87 -25.48 44.45
CA LEU E 228 11.87 -25.49 43.39
C LEU E 228 11.14 -25.32 42.06
N ASN E 229 11.77 -24.58 41.14
CA ASN E 229 11.20 -24.30 39.84
C ASN E 229 12.01 -25.02 38.77
N VAL E 230 11.34 -25.54 37.76
CA VAL E 230 11.97 -26.26 36.65
C VAL E 230 11.65 -25.52 35.36
N LYS E 231 12.70 -25.24 34.58
CA LYS E 231 12.58 -24.49 33.33
C LYS E 231 12.95 -25.42 32.18
N PHE E 232 12.03 -25.59 31.24
CA PHE E 232 12.31 -26.31 30.00
C PHE E 232 12.59 -25.30 28.90
N VAL E 233 13.82 -25.27 28.40
CA VAL E 233 14.26 -24.22 27.48
C VAL E 233 14.75 -24.88 26.20
N MET E 234 14.29 -24.36 25.07
CA MET E 234 14.76 -24.80 23.76
C MET E 234 15.53 -23.67 23.09
N VAL E 235 16.68 -24.01 22.51
CA VAL E 235 17.62 -23.02 21.98
C VAL E 235 18.00 -23.44 20.55
N GLU E 236 18.07 -22.47 19.65
CA GLU E 236 18.51 -22.76 18.29
C GLU E 236 19.95 -23.26 18.30
N CYS E 237 20.22 -24.27 17.47
CA CYS E 237 21.57 -24.81 17.36
C CYS E 237 22.24 -24.34 16.08
N ASN F 1 23.97 27.39 -25.48
CA ASN F 1 23.62 26.69 -24.25
C ASN F 1 22.20 26.12 -24.34
N LEU F 2 21.93 25.39 -25.43
CA LEU F 2 20.63 24.76 -25.62
C LEU F 2 20.42 23.67 -24.59
N ILE F 3 19.21 23.62 -24.02
CA ILE F 3 18.91 22.76 -22.90
C ILE F 3 17.69 21.91 -23.22
N SER F 4 17.83 20.60 -23.05
CA SER F 4 16.71 19.68 -23.01
C SER F 4 16.83 18.84 -21.74
N GLU F 5 15.79 18.86 -20.92
CA GLU F 5 15.88 18.30 -19.58
C GLU F 5 14.65 17.47 -19.28
N GLN F 6 14.81 16.51 -18.37
CA GLN F 6 13.71 15.71 -17.84
C GLN F 6 13.89 15.59 -16.34
N ASN F 7 12.80 15.70 -15.61
CA ASN F 7 12.82 15.74 -14.16
C ASN F 7 12.01 14.59 -13.58
N VAL F 8 12.54 13.98 -12.51
CA VAL F 8 11.83 12.96 -11.76
C VAL F 8 11.80 13.37 -10.30
N THR F 9 10.66 13.17 -9.65
CA THR F 9 10.46 13.56 -8.26
C THR F 9 10.58 12.33 -7.36
N VAL F 10 11.46 12.42 -6.36
CA VAL F 10 11.71 11.32 -5.44
C VAL F 10 11.06 11.65 -4.10
N THR F 11 10.21 10.75 -3.62
CA THR F 11 9.54 10.91 -2.34
C THR F 11 9.95 9.77 -1.42
N MET F 12 10.56 10.11 -0.29
CA MET F 12 11.03 9.14 0.69
C MET F 12 10.30 9.37 2.01
N ASP F 13 9.67 8.32 2.53
CA ASP F 13 8.99 8.41 3.82
C ASP F 13 9.61 7.39 4.78
N LEU F 14 9.92 7.82 5.99
CA LEU F 14 10.43 6.94 7.04
C LEU F 14 9.29 6.71 8.03
N GLN F 15 8.44 5.75 7.71
CA GLN F 15 7.33 5.44 8.60
C GLN F 15 7.85 4.79 9.88
N PRO F 16 7.39 5.27 11.04
CA PRO F 16 7.87 4.71 12.30
C PRO F 16 7.33 3.31 12.54
N VAL F 17 8.21 2.42 13.01
CA VAL F 17 7.85 1.04 13.28
C VAL F 17 7.97 0.83 14.78
N LEU F 18 6.84 0.61 15.45
CA LEU F 18 6.78 0.41 16.89
C LEU F 18 6.01 -0.87 17.16
N GLN F 19 6.70 -1.92 17.59
CA GLN F 19 6.07 -3.21 17.82
C GLN F 19 6.51 -3.75 19.17
N LEU F 20 5.53 -4.14 19.98
CA LEU F 20 5.77 -4.80 21.27
C LEU F 20 5.05 -6.15 21.23
N SER F 21 5.82 -7.23 21.03
CA SER F 21 5.26 -8.57 20.91
C SER F 21 5.46 -9.30 22.23
N MET F 22 4.36 -9.74 22.83
CA MET F 22 4.38 -10.43 24.11
C MET F 22 4.07 -11.90 23.93
N GLN F 23 4.89 -12.75 24.53
CA GLN F 23 4.63 -14.19 24.53
C GLN F 23 4.43 -14.67 25.97
N GLY F 24 3.46 -15.57 26.14
CA GLY F 24 3.11 -16.07 27.45
C GLY F 24 1.61 -16.22 27.59
N SER F 25 1.11 -16.06 28.82
CA SER F 25 -0.32 -16.15 29.09
C SER F 25 -0.85 -14.78 29.48
N GLU F 26 -1.91 -14.34 28.80
CA GLU F 26 -2.47 -13.03 29.08
C GLU F 26 -3.22 -13.01 30.41
N THR F 27 -3.55 -14.18 30.96
CA THR F 27 -4.05 -14.30 32.33
C THR F 27 -3.00 -14.97 33.19
N VAL F 28 -2.64 -14.32 34.29
CA VAL F 28 -1.75 -14.90 35.30
C VAL F 28 -2.56 -15.08 36.57
N SER F 29 -2.70 -16.33 37.01
CA SER F 29 -3.56 -16.68 38.13
C SER F 29 -2.73 -17.18 39.29
N PHE F 30 -2.94 -16.57 40.46
CA PHE F 30 -2.34 -17.02 41.72
C PHE F 30 -3.44 -17.62 42.57
N VAL F 31 -3.29 -18.90 42.92
CA VAL F 31 -4.29 -19.62 43.70
C VAL F 31 -3.65 -20.00 45.03
N PHE F 32 -4.25 -19.55 46.13
CA PHE F 32 -3.77 -19.84 47.48
C PHE F 32 -4.78 -20.77 48.16
N SER F 33 -4.35 -22.00 48.44
CA SER F 33 -5.24 -22.94 49.11
C SER F 33 -4.54 -23.68 50.24
N GLN F 34 -3.21 -23.68 50.24
CA GLN F 34 -2.44 -24.29 51.30
C GLN F 34 -1.86 -23.22 52.22
N ILE F 35 -1.54 -23.62 53.45
CA ILE F 35 -0.96 -22.70 54.43
C ILE F 35 0.38 -22.18 53.92
N SER F 36 1.21 -23.07 53.37
CA SER F 36 2.51 -22.65 52.84
C SER F 36 2.36 -21.59 51.78
N GLU F 37 1.37 -21.76 50.88
CA GLU F 37 1.13 -20.75 49.86
C GLU F 37 0.73 -19.43 50.50
N TYR F 38 -0.06 -19.47 51.57
CA TYR F 38 -0.47 -18.24 52.23
C TYR F 38 0.71 -17.51 52.85
N ILE F 39 1.57 -18.22 53.57
CA ILE F 39 2.69 -17.57 54.25
C ILE F 39 3.77 -17.10 53.29
N GLY F 40 4.06 -17.87 52.24
CA GLY F 40 5.15 -17.50 51.37
C GLY F 40 4.78 -16.99 49.98
N GLY F 41 3.67 -17.48 49.44
CA GLY F 41 3.17 -16.96 48.18
C GLY F 41 3.74 -17.62 46.94
N LEU F 42 2.93 -17.65 45.88
CA LEU F 42 3.36 -18.23 44.61
C LEU F 42 4.43 -17.34 43.97
N THR F 43 5.50 -17.96 43.49
CA THR F 43 6.49 -17.29 42.66
C THR F 43 6.47 -17.91 41.28
N GLN F 44 6.06 -17.14 40.28
CA GLN F 44 5.92 -17.62 38.91
C GLN F 44 7.10 -17.13 38.09
N TYR F 45 7.83 -18.05 37.48
CA TYR F 45 9.02 -17.73 36.71
C TYR F 45 8.72 -17.75 35.22
N GLY F 46 9.17 -16.72 34.53
CA GLY F 46 9.01 -16.62 33.09
C GLY F 46 7.57 -16.61 32.64
N ALA F 47 6.72 -15.86 33.33
CA ALA F 47 5.30 -15.81 33.00
C ALA F 47 5.08 -15.14 31.64
N VAL F 48 5.68 -13.97 31.44
CA VAL F 48 5.50 -13.18 30.22
C VAL F 48 6.86 -12.67 29.76
N ASP F 49 7.10 -12.75 28.45
CA ASP F 49 8.30 -12.17 27.85
C ASP F 49 7.87 -11.16 26.80
N LEU F 50 8.69 -10.12 26.63
CA LEU F 50 8.40 -9.01 25.73
C LEU F 50 9.57 -8.83 24.76
N SER F 51 9.23 -8.65 23.48
CA SER F 51 10.19 -8.38 22.43
C SER F 51 9.84 -7.05 21.78
N VAL F 52 10.86 -6.23 21.52
CA VAL F 52 10.68 -4.86 21.06
C VAL F 52 11.30 -4.71 19.69
N SER F 53 10.51 -4.20 18.74
CA SER F 53 11.00 -3.79 17.43
C SER F 53 10.73 -2.31 17.27
N SER F 54 11.77 -1.54 16.95
CA SER F 54 11.62 -0.09 16.95
C SER F 54 12.59 0.52 15.94
N THR F 55 12.29 1.75 15.56
CA THR F 55 13.15 2.54 14.69
C THR F 55 13.82 3.68 15.43
N VAL F 56 13.17 4.28 16.43
CA VAL F 56 13.69 5.42 17.15
C VAL F 56 13.96 5.03 18.60
N ASP F 57 14.51 5.98 19.35
CA ASP F 57 14.78 5.76 20.76
C ASP F 57 13.49 5.48 21.51
N TRP F 58 13.51 4.44 22.33
CA TRP F 58 12.31 3.98 23.02
C TRP F 58 12.61 3.68 24.47
N CYS F 59 11.58 3.85 25.31
CA CYS F 59 11.64 3.51 26.73
C CYS F 59 10.42 2.66 27.07
N LEU F 60 10.66 1.54 27.73
CA LEU F 60 9.61 0.60 28.08
C LEU F 60 9.41 0.62 29.59
N TYR F 61 8.16 0.75 30.02
CA TYR F 61 7.85 0.70 31.44
C TYR F 61 6.61 -0.18 31.66
N ALA F 62 6.40 -0.54 32.93
CA ALA F 62 5.27 -1.33 33.35
C ALA F 62 4.48 -0.57 34.41
N ALA F 63 3.17 -0.48 34.20
CA ALA F 63 2.29 0.20 35.12
C ALA F 63 1.19 -0.76 35.57
N ALA F 64 0.57 -0.46 36.70
CA ALA F 64 -0.50 -1.27 37.25
C ALA F 64 -1.76 -0.43 37.39
N PHE F 65 -2.87 -0.99 36.94
CA PHE F 65 -4.14 -0.26 36.92
C PHE F 65 -5.27 -1.23 37.23
N SER F 66 -6.35 -0.68 37.77
CA SER F 66 -7.54 -1.45 38.10
C SER F 66 -8.74 -0.51 38.08
N SER F 67 -9.93 -1.10 38.24
CA SER F 67 -11.14 -0.31 38.28
C SER F 67 -11.14 0.65 39.46
N ASP F 68 -10.68 0.18 40.62
CA ASP F 68 -10.56 1.06 41.77
C ASP F 68 -9.53 2.16 41.52
N ALA F 69 -8.41 1.80 40.88
CA ALA F 69 -7.35 2.77 40.63
C ALA F 69 -7.81 3.94 39.76
N ALA F 70 -8.92 3.79 39.06
CA ALA F 70 -9.45 4.86 38.25
C ALA F 70 -10.04 6.00 39.08
N ASP F 71 -10.35 5.77 40.36
CA ASP F 71 -10.93 6.79 41.21
C ASP F 71 -9.97 7.28 42.29
N ALA F 72 -8.69 7.38 41.98
CA ALA F 72 -7.62 7.97 42.80
C ALA F 72 -7.22 7.11 43.99
N GLU F 73 -7.90 6.00 44.26
CA GLU F 73 -7.50 5.08 45.31
C GLU F 73 -6.87 3.85 44.65
N LEU F 74 -5.56 3.70 44.83
CA LEU F 74 -4.81 2.64 44.17
C LEU F 74 -4.84 1.36 45.02
N ASN F 75 -6.00 0.70 44.98
CA ASN F 75 -6.21 -0.58 45.62
C ASN F 75 -6.66 -1.59 44.59
N TRP F 76 -6.47 -2.87 44.91
CA TRP F 76 -6.90 -3.93 44.01
C TRP F 76 -8.41 -3.91 43.85
N THR F 77 -8.87 -4.46 42.73
CA THR F 77 -10.30 -4.54 42.46
C THR F 77 -10.85 -5.74 43.23
N ASN F 78 -11.60 -5.49 44.30
CA ASN F 78 -12.27 -6.55 45.01
C ASN F 78 -13.25 -7.24 44.06
N MET F 79 -13.26 -8.57 44.08
CA MET F 79 -13.93 -9.34 43.03
C MET F 79 -15.05 -10.17 43.62
N VAL F 80 -14.76 -10.99 44.64
CA VAL F 80 -15.74 -11.71 45.44
C VAL F 80 -15.27 -11.66 46.89
N THR F 81 -16.23 -11.63 47.80
CA THR F 81 -15.94 -11.59 49.24
C THR F 81 -16.34 -12.93 49.86
N PHE F 82 -15.37 -13.82 50.01
CA PHE F 82 -15.61 -15.09 50.69
C PHE F 82 -15.79 -14.85 52.18
N GLY F 83 -16.81 -15.46 52.76
CA GLY F 83 -17.10 -15.32 54.17
C GLY F 83 -18.29 -14.39 54.41
N ASP F 84 -18.60 -14.23 55.69
CA ASP F 84 -19.74 -13.41 56.10
C ASP F 84 -19.35 -11.97 56.42
N SER F 85 -18.52 -11.78 57.46
CA SER F 85 -18.18 -10.44 57.93
C SER F 85 -17.14 -10.48 59.03
N ASN F 86 -16.35 -9.40 59.16
CA ASN F 86 -15.39 -9.25 60.25
C ASN F 86 -15.04 -7.78 60.41
N PRO F 87 -15.22 -7.20 61.60
CA PRO F 87 -14.87 -5.79 61.78
C PRO F 87 -13.39 -5.49 61.55
N ASN F 88 -12.51 -6.43 61.86
CA ASN F 88 -11.06 -6.22 61.77
C ASN F 88 -10.50 -6.79 60.47
N SER F 89 -11.31 -6.73 59.41
CA SER F 89 -10.92 -7.24 58.10
C SER F 89 -11.28 -6.20 57.05
N ILE F 90 -10.30 -5.82 56.24
CA ILE F 90 -10.48 -4.76 55.24
C ILE F 90 -10.16 -5.34 53.86
N THR F 91 -11.07 -5.12 52.91
CA THR F 91 -10.89 -5.57 51.53
C THR F 91 -10.27 -4.47 50.68
N ASN F 92 -9.16 -3.89 51.15
CA ASN F 92 -8.47 -2.81 50.45
C ASN F 92 -6.99 -3.19 50.41
N LEU F 93 -6.59 -3.91 49.37
CA LEU F 93 -5.22 -4.36 49.24
C LEU F 93 -4.42 -3.43 48.33
N PRO F 94 -3.20 -3.06 48.73
CA PRO F 94 -2.41 -2.14 47.92
C PRO F 94 -2.11 -2.72 46.55
N ILE F 95 -2.14 -1.85 45.53
CA ILE F 95 -1.76 -2.26 44.18
C ILE F 95 -0.29 -2.65 44.14
N THR F 96 0.52 -2.06 45.02
CA THR F 96 1.96 -2.28 45.04
C THR F 96 2.32 -3.70 45.49
N VAL F 97 1.34 -4.49 45.95
CA VAL F 97 1.62 -5.82 46.49
C VAL F 97 2.35 -6.68 45.45
N LEU F 98 1.88 -6.66 44.21
CA LEU F 98 2.49 -7.47 43.16
C LEU F 98 3.95 -7.07 42.96
N GLN F 99 4.81 -8.09 42.88
CA GLN F 99 6.25 -7.88 42.70
C GLN F 99 6.69 -8.48 41.37
N LEU F 100 7.56 -7.76 40.68
CA LEU F 100 8.07 -8.17 39.37
C LEU F 100 9.58 -8.26 39.41
N PHE F 101 10.12 -9.27 38.73
CA PHE F 101 11.56 -9.42 38.58
C PHE F 101 11.89 -9.42 37.10
N GLN F 102 12.84 -8.58 36.71
CA GLN F 102 13.33 -8.49 35.34
C GLN F 102 14.65 -9.23 35.22
N SER F 103 14.83 -9.92 34.10
CA SER F 103 16.04 -10.70 33.89
C SER F 103 17.28 -9.83 33.65
N LYS F 104 17.09 -8.53 33.41
CA LYS F 104 18.22 -7.66 33.10
C LYS F 104 18.13 -6.35 33.87
N PRO F 105 19.24 -5.64 34.06
CA PRO F 105 19.18 -4.26 34.54
C PRO F 105 18.80 -3.32 33.40
N ASN F 106 18.49 -2.09 33.78
CA ASN F 106 18.17 -1.07 32.79
C ASN F 106 19.39 -0.79 31.92
N PRO F 107 19.28 -0.95 30.60
CA PRO F 107 20.45 -0.69 29.73
C PRO F 107 20.98 0.73 29.86
N ASP F 108 20.12 1.72 29.64
CA ASP F 108 20.49 3.13 29.73
C ASP F 108 19.59 3.77 30.78
N THR F 109 20.07 3.80 32.02
CA THR F 109 19.32 4.37 33.13
C THR F 109 20.02 5.61 33.67
N ASN F 110 19.24 6.65 33.92
CA ASN F 110 19.71 7.86 34.60
C ASN F 110 18.69 8.15 35.72
N SER F 111 18.88 7.51 36.86
CA SER F 111 17.98 7.68 37.99
C SER F 111 18.68 7.25 39.26
N THR F 112 18.21 7.78 40.39
CA THR F 112 18.76 7.46 41.69
C THR F 112 17.66 7.20 42.71
N ALA F 113 16.62 6.47 42.31
CA ALA F 113 15.57 6.09 43.24
C ALA F 113 16.02 4.91 44.08
N ASP F 114 15.05 4.26 44.73
CA ASP F 114 15.33 3.05 45.50
C ASP F 114 15.92 1.98 44.60
N SER F 115 15.36 1.84 43.39
CA SER F 115 15.92 0.96 42.37
C SER F 115 15.38 1.40 41.02
N PRO F 116 16.24 1.67 40.04
CA PRO F 116 15.74 2.16 38.75
C PRO F 116 14.84 1.17 38.03
N SER F 117 15.09 -0.13 38.18
CA SER F 117 14.32 -1.15 37.47
C SER F 117 14.18 -2.38 38.37
N PHE F 118 13.43 -3.36 37.87
CA PHE F 118 13.22 -4.60 38.61
C PHE F 118 14.38 -5.57 38.37
N ALA F 119 15.60 -5.10 38.57
CA ALA F 119 16.79 -5.89 38.25
C ALA F 119 17.17 -6.85 39.37
N THR F 120 17.07 -6.40 40.62
CA THR F 120 17.51 -7.23 41.74
C THR F 120 16.60 -8.45 41.91
N ALA F 121 17.19 -9.53 42.39
CA ALA F 121 16.45 -10.76 42.60
C ALA F 121 15.46 -10.62 43.74
N PHE F 122 14.49 -11.52 43.79
CA PHE F 122 13.47 -11.49 44.83
C PHE F 122 14.10 -11.72 46.20
N ASP F 123 13.64 -10.97 47.17
CA ASP F 123 14.15 -11.04 48.54
C ASP F 123 13.11 -11.67 49.45
N THR F 124 13.56 -12.05 50.64
CA THR F 124 12.73 -12.76 51.60
C THR F 124 12.49 -11.87 52.82
N GLY F 125 11.26 -11.87 53.30
CA GLY F 125 10.91 -11.09 54.47
C GLY F 125 10.88 -9.60 54.19
N ARG F 126 10.77 -8.84 55.27
CA ARG F 126 10.77 -7.38 55.16
C ARG F 126 12.21 -6.89 55.14
N ALA F 127 12.86 -7.01 53.98
CA ALA F 127 14.24 -6.55 53.81
C ALA F 127 14.41 -5.52 52.71
N ALA F 128 13.86 -5.78 51.54
CA ALA F 128 14.10 -4.90 50.39
C ALA F 128 13.15 -3.70 50.40
N LEU F 129 11.84 -3.96 50.28
CA LEU F 129 10.81 -2.94 50.31
C LEU F 129 11.02 -1.87 49.24
N GLY F 130 10.93 -2.32 47.98
CA GLY F 130 10.95 -1.39 46.87
C GLY F 130 11.70 -1.84 45.64
N GLU F 131 12.69 -2.72 45.80
CA GLU F 131 13.52 -3.13 44.67
C GLU F 131 12.78 -4.00 43.67
N ASN F 132 11.63 -4.59 44.03
CA ASN F 132 10.89 -5.43 43.12
C ASN F 132 9.42 -5.08 43.02
N ASN F 133 8.95 -4.07 43.74
CA ASN F 133 7.54 -3.72 43.71
C ASN F 133 7.16 -3.08 42.38
N VAL F 134 5.91 -3.28 41.99
CA VAL F 134 5.42 -2.76 40.72
C VAL F 134 5.12 -1.28 40.86
N TYR F 135 5.07 -0.58 39.72
CA TYR F 135 4.78 0.85 39.70
C TYR F 135 3.27 1.03 39.58
N ALA F 136 2.68 1.68 40.57
CA ALA F 136 1.24 1.91 40.61
C ALA F 136 0.93 3.35 40.20
N SER F 137 -0.05 3.51 39.31
CA SER F 137 -0.44 4.84 38.84
C SER F 137 -1.92 4.83 38.51
N ARG F 138 -2.58 5.94 38.80
CA ARG F 138 -3.99 6.11 38.49
C ARG F 138 -4.24 6.51 37.04
N ASP F 139 -3.18 6.74 36.28
CA ASP F 139 -3.29 7.05 34.86
C ASP F 139 -2.04 6.52 34.16
N PRO F 140 -2.11 5.34 33.54
CA PRO F 140 -0.89 4.70 33.03
C PRO F 140 -0.54 5.11 31.61
N PHE F 141 -1.15 6.18 31.09
CA PHE F 141 -0.94 6.58 29.70
C PHE F 141 -0.07 7.84 29.58
N ASP F 142 0.71 8.14 30.60
CA ASP F 142 1.66 9.25 30.53
C ASP F 142 3.01 8.78 31.08
N ARG F 143 4.04 9.56 30.79
CA ARG F 143 5.39 9.22 31.25
C ARG F 143 5.45 9.28 32.77
N PRO F 144 5.84 8.20 33.45
CA PRO F 144 6.05 8.27 34.89
C PRO F 144 7.24 9.16 35.22
N SER F 145 7.24 9.63 36.46
CA SER F 145 8.28 10.57 36.91
C SER F 145 9.66 9.91 36.85
N ALA F 146 10.69 10.75 36.93
CA ALA F 146 12.06 10.27 36.82
C ALA F 146 12.44 9.34 37.97
N ASP F 147 11.74 9.40 39.10
CA ASP F 147 12.01 8.54 40.24
C ASP F 147 11.22 7.24 40.19
N ALA F 148 10.44 7.02 39.14
CA ALA F 148 9.67 5.80 38.99
C ALA F 148 10.56 4.69 38.44
N ARG F 149 9.95 3.58 38.06
CA ARG F 149 10.66 2.40 37.56
C ARG F 149 10.39 2.23 36.08
N TYR F 150 11.45 2.24 35.29
CA TYR F 150 11.35 1.96 33.85
C TYR F 150 12.06 0.65 33.55
N ILE F 151 11.40 -0.20 32.77
CA ILE F 151 11.95 -1.52 32.47
C ILE F 151 13.18 -1.39 31.57
N ALA F 152 13.08 -0.60 30.50
CA ALA F 152 14.15 -0.51 29.52
C ALA F 152 14.33 0.91 29.02
N GLY F 153 14.32 1.90 29.91
CA GLY F 153 14.48 3.27 29.46
C GLY F 153 14.60 4.25 30.61
N GLY F 154 14.49 5.53 30.26
CA GLY F 154 14.58 6.60 31.23
C GLY F 154 13.64 7.73 30.88
N ASN F 155 13.28 8.51 31.90
CA ASN F 155 12.30 9.57 31.72
C ASN F 155 12.85 10.70 30.85
N ALA F 156 14.07 11.13 31.13
CA ALA F 156 14.64 12.27 30.41
C ALA F 156 14.95 11.88 28.97
N GLY F 157 15.30 12.88 28.17
CA GLY F 157 15.67 12.68 26.79
C GLY F 157 17.07 12.18 26.57
N ALA F 158 17.86 12.02 27.63
CA ALA F 158 19.21 11.49 27.54
C ALA F 158 19.33 10.05 28.01
N ALA F 159 18.34 9.53 28.72
CA ALA F 159 18.33 8.14 29.19
C ALA F 159 17.39 7.35 28.28
N GLU F 160 17.94 6.85 27.18
CA GLU F 160 17.17 6.09 26.21
C GLU F 160 18.05 5.02 25.58
N VAL F 161 17.42 3.97 25.08
CA VAL F 161 18.11 2.90 24.38
C VAL F 161 17.90 3.08 22.89
N ALA F 162 18.93 2.74 22.11
CA ALA F 162 18.91 2.95 20.67
C ALA F 162 17.89 2.02 20.00
N GLY F 163 17.42 2.46 18.84
CA GLY F 163 16.47 1.66 18.09
C GLY F 163 17.11 0.41 17.53
N GLY F 164 16.28 -0.62 17.35
CA GLY F 164 16.77 -1.89 16.85
C GLY F 164 15.66 -2.92 16.83
N SER F 165 16.06 -4.17 16.67
CA SER F 165 15.13 -5.29 16.67
C SER F 165 15.77 -6.48 17.33
N TYR F 166 14.98 -7.24 18.08
CA TYR F 166 15.51 -8.41 18.78
C TYR F 166 15.93 -9.50 17.80
N LEU F 167 15.20 -9.64 16.69
CA LEU F 167 15.55 -10.65 15.70
C LEU F 167 16.92 -10.37 15.08
N VAL F 168 17.18 -9.11 14.73
CA VAL F 168 18.44 -8.76 14.09
C VAL F 168 19.58 -8.82 15.10
N ASP F 169 20.76 -9.19 14.62
CA ASP F 169 21.95 -9.30 15.46
C ASP F 169 22.52 -7.89 15.65
N ASP F 170 22.12 -7.24 16.73
CA ASP F 170 22.57 -5.89 17.03
C ASP F 170 23.84 -5.95 17.88
N GLY F 171 24.23 -4.81 18.44
CA GLY F 171 25.41 -4.78 19.29
C GLY F 171 25.26 -5.66 20.52
N GLY F 172 24.05 -5.71 21.08
CA GLY F 172 23.77 -6.59 22.19
C GLY F 172 23.46 -8.01 21.77
N ALA F 173 24.42 -8.64 21.09
CA ALA F 173 24.30 -10.02 20.60
C ALA F 173 23.03 -10.14 19.77
N SER F 174 22.21 -11.17 19.95
CA SER F 174 20.97 -11.32 19.21
C SER F 174 20.05 -12.25 19.99
N GLY F 175 18.76 -11.92 19.98
CA GLY F 175 17.79 -12.75 20.67
C GLY F 175 17.46 -12.27 22.06
N GLN F 176 17.64 -13.14 23.06
CA GLN F 176 17.26 -12.84 24.42
C GLN F 176 18.10 -11.73 25.04
N ASN F 177 19.30 -11.50 24.51
CA ASN F 177 20.31 -10.78 25.28
C ASN F 177 19.96 -9.29 25.44
N GLU F 178 19.44 -8.66 24.39
CA GLU F 178 19.28 -7.20 24.47
C GLU F 178 17.84 -6.70 24.40
N PHE F 179 17.13 -7.01 23.32
CA PHE F 179 15.81 -6.43 23.10
C PHE F 179 14.70 -7.38 23.52
N TYR F 180 14.97 -8.23 24.50
CA TYR F 180 14.07 -9.32 24.85
C TYR F 180 14.08 -9.46 26.36
N PHE F 181 13.01 -9.06 27.02
CA PHE F 181 12.96 -9.04 28.48
C PHE F 181 11.91 -10.01 29.00
N THR F 182 12.33 -10.91 29.89
CA THR F 182 11.44 -11.88 30.51
C THR F 182 11.17 -11.45 31.94
N ILE F 183 9.88 -11.39 32.31
CA ILE F 183 9.45 -10.87 33.60
C ILE F 183 8.80 -11.99 34.40
N SER F 184 9.19 -12.11 35.66
CA SER F 184 8.64 -13.12 36.56
C SER F 184 7.84 -12.43 37.67
N PHE F 185 6.64 -12.96 37.94
CA PHE F 185 5.75 -12.40 38.94
C PHE F 185 5.91 -13.12 40.27
N ARG F 186 5.70 -12.39 41.37
CA ARG F 186 5.74 -12.97 42.70
C ARG F 186 4.89 -12.13 43.64
N VAL F 187 4.06 -12.81 44.44
CA VAL F 187 3.27 -12.17 45.49
C VAL F 187 3.49 -12.96 46.77
N VAL F 188 3.81 -12.25 47.85
CA VAL F 188 4.03 -12.92 49.13
C VAL F 188 3.05 -12.39 50.18
N PRO F 189 1.97 -13.11 50.45
CA PRO F 189 1.12 -12.77 51.61
C PRO F 189 1.76 -13.26 52.89
N ALA F 190 1.05 -13.13 54.02
CA ALA F 190 1.55 -13.60 55.29
C ALA F 190 0.49 -14.52 55.92
N LEU F 191 0.96 -15.41 56.79
CA LEU F 191 0.04 -16.30 57.49
C LEU F 191 -1.03 -15.55 58.28
N PRO F 192 -0.72 -14.46 59.01
CA PRO F 192 -1.81 -13.66 59.58
C PRO F 192 -2.73 -13.06 58.52
N GLY F 193 -2.24 -12.83 57.31
CA GLY F 193 -3.04 -12.28 56.23
C GLY F 193 -2.58 -10.94 55.71
N THR F 194 -1.48 -10.39 56.22
CA THR F 194 -0.99 -9.11 55.77
C THR F 194 0.00 -9.28 54.61
N TYR F 195 0.45 -8.15 54.07
CA TYR F 195 1.38 -8.13 52.95
C TYR F 195 2.57 -7.24 53.30
N PRO F 196 3.60 -7.79 53.96
CA PRO F 196 4.67 -6.93 54.51
C PRO F 196 5.54 -6.28 53.45
N ARG F 197 5.34 -6.57 52.17
CA ARG F 197 6.19 -6.03 51.11
C ARG F 197 5.53 -4.88 50.35
N ALA F 198 4.34 -4.45 50.74
CA ALA F 198 3.68 -3.34 50.06
C ALA F 198 4.36 -2.02 50.41
N THR F 199 4.44 -1.13 49.42
CA THR F 199 5.04 0.19 49.58
C THR F 199 4.02 1.26 49.27
N SER F 200 4.49 2.51 49.21
CA SER F 200 3.62 3.65 49.02
C SER F 200 3.02 3.68 47.62
N GLU F 201 2.07 4.59 47.42
CA GLU F 201 1.43 4.80 46.13
C GLU F 201 1.72 6.15 45.52
N ASP F 202 2.41 7.05 46.23
CA ASP F 202 2.72 8.37 45.69
C ASP F 202 3.63 8.24 44.47
N GLN F 203 4.68 7.41 44.59
CA GLN F 203 5.57 7.14 43.47
C GLN F 203 5.67 5.67 43.12
N GLY F 204 5.33 4.77 44.04
CA GLY F 204 5.51 3.35 43.84
C GLY F 204 6.94 2.88 43.97
N ASN F 205 7.85 3.74 44.39
CA ASN F 205 9.27 3.42 44.47
C ASN F 205 9.83 3.59 45.88
N THR F 206 9.12 4.29 46.76
CA THR F 206 9.63 4.56 48.10
C THR F 206 9.74 3.28 48.92
N ASP F 207 10.35 3.42 50.10
CA ASP F 207 10.68 2.29 50.97
C ASP F 207 9.67 2.06 52.08
N GLU F 208 8.93 3.08 52.50
CA GLU F 208 8.05 2.97 53.66
C GLU F 208 7.02 1.87 53.43
N THR F 209 6.84 1.01 54.43
CA THR F 209 5.97 -0.15 54.26
C THR F 209 4.50 0.25 54.35
N ASP F 210 3.68 -0.36 53.51
CA ASP F 210 2.26 -0.07 53.43
C ASP F 210 1.44 -1.33 53.68
N ASP F 211 1.91 -2.19 54.58
CA ASP F 211 1.17 -3.39 54.93
C ASP F 211 -0.01 -3.03 55.84
N LEU F 212 -0.87 -4.02 56.07
CA LEU F 212 -2.12 -3.75 56.78
C LEU F 212 -1.89 -3.45 58.25
N VAL F 213 -0.78 -3.93 58.82
CA VAL F 213 -0.50 -3.63 60.21
C VAL F 213 -0.13 -2.16 60.37
N VAL F 214 0.41 -1.54 59.32
CA VAL F 214 0.60 -0.08 59.36
C VAL F 214 -0.74 0.62 59.39
N ARG F 215 -1.72 0.13 58.62
CA ARG F 215 -3.02 0.78 58.56
C ARG F 215 -3.79 0.62 59.86
N GLY F 216 -3.87 -0.59 60.39
CA GLY F 216 -4.71 -0.84 61.55
C GLY F 216 -4.08 -1.55 62.73
N ASP F 217 -2.94 -2.21 62.50
CA ASP F 217 -2.16 -2.98 63.47
C ASP F 217 -2.82 -4.32 63.80
N GLY F 218 -4.02 -4.59 63.31
CA GLY F 218 -4.64 -5.87 63.54
C GLY F 218 -5.43 -6.36 62.35
N ARG F 219 -5.36 -5.62 61.24
CA ARG F 219 -6.11 -5.97 60.05
C ARG F 219 -5.42 -7.08 59.26
N TYR F 220 -6.21 -7.74 58.41
CA TYR F 220 -5.70 -8.77 57.53
C TYR F 220 -6.60 -8.83 56.31
N ALA F 221 -6.08 -9.41 55.23
CA ALA F 221 -6.82 -9.46 53.98
C ALA F 221 -8.06 -10.34 54.12
N TYR F 222 -9.19 -9.83 53.65
CA TYR F 222 -10.43 -10.58 53.67
C TYR F 222 -10.32 -11.78 52.72
N PRO F 223 -10.85 -12.94 53.09
CA PRO F 223 -10.91 -14.05 52.14
C PRO F 223 -11.73 -13.68 50.93
N GLY F 224 -11.28 -14.12 49.75
CA GLY F 224 -11.98 -13.77 48.54
C GLY F 224 -11.02 -13.77 47.36
N VAL F 225 -11.39 -13.02 46.34
CA VAL F 225 -10.62 -12.93 45.10
C VAL F 225 -10.54 -11.46 44.68
N TYR F 226 -9.42 -11.12 44.06
CA TYR F 226 -9.21 -9.73 43.64
C TYR F 226 -8.51 -9.74 42.29
N THR F 227 -8.65 -8.61 41.58
CA THR F 227 -8.17 -8.48 40.22
C THR F 227 -7.34 -7.23 40.08
N LEU F 228 -6.33 -7.31 39.22
CA LEU F 228 -5.44 -6.20 38.89
C LEU F 228 -4.92 -6.41 37.48
N ASN F 229 -4.78 -5.32 36.74
CA ASN F 229 -4.31 -5.35 35.36
C ASN F 229 -2.93 -4.70 35.29
N VAL F 230 -2.06 -5.26 34.46
CA VAL F 230 -0.70 -4.76 34.27
C VAL F 230 -0.53 -4.38 32.81
N LYS F 231 -0.04 -3.16 32.57
CA LYS F 231 0.14 -2.62 31.23
C LYS F 231 1.63 -2.42 30.98
N PHE F 232 2.14 -3.05 29.93
CA PHE F 232 3.51 -2.83 29.49
C PHE F 232 3.48 -1.87 28.31
N VAL F 233 4.02 -0.67 28.49
CA VAL F 233 3.89 0.40 27.51
C VAL F 233 5.28 0.87 27.09
N MET F 234 5.48 0.98 25.78
CA MET F 234 6.73 1.52 25.23
C MET F 234 6.45 2.85 24.55
N VAL F 235 7.29 3.83 24.81
CA VAL F 235 7.09 5.21 24.38
C VAL F 235 8.36 5.70 23.70
N GLU F 236 8.20 6.43 22.59
CA GLU F 236 9.34 7.01 21.91
C GLU F 236 10.03 8.03 22.82
N CYS F 237 11.35 8.01 22.81
CA CYS F 237 12.11 8.96 23.61
C CYS F 237 12.69 10.07 22.74
N ASN G 1 -1.06 44.85 -32.27
CA ASN G 1 -1.35 43.94 -31.17
C ASN G 1 -1.16 42.48 -31.63
N LEU G 2 -0.02 42.20 -32.23
CA LEU G 2 0.29 40.84 -32.67
C LEU G 2 0.45 39.92 -31.48
N ILE G 3 -0.13 38.72 -31.59
CA ILE G 3 -0.22 37.80 -30.47
C ILE G 3 0.35 36.44 -30.87
N SER G 4 1.28 35.94 -30.06
CA SER G 4 1.70 34.55 -30.12
C SER G 4 1.60 33.99 -28.72
N GLU G 5 0.85 32.89 -28.58
CA GLU G 5 0.48 32.38 -27.26
C GLU G 5 0.65 30.87 -27.22
N GLN G 6 0.88 30.37 -26.01
CA GLN G 6 0.92 28.94 -25.75
C GLN G 6 0.13 28.67 -24.47
N ASN G 7 -0.64 27.59 -24.47
CA ASN G 7 -1.55 27.27 -23.38
C ASN G 7 -1.21 25.92 -22.78
N VAL G 8 -1.28 25.84 -21.45
CA VAL G 8 -1.11 24.59 -20.73
C VAL G 8 -2.33 24.38 -19.84
N THR G 9 -2.82 23.15 -19.76
CA THR G 9 -4.01 22.82 -19.00
C THR G 9 -3.59 22.15 -17.69
N VAL G 10 -4.08 22.69 -16.58
CA VAL G 10 -3.75 22.20 -15.25
C VAL G 10 -4.96 21.47 -14.70
N THR G 11 -4.75 20.21 -14.30
CA THR G 11 -5.81 19.39 -13.71
C THR G 11 -5.39 19.00 -12.30
N MET G 12 -6.21 19.40 -11.33
CA MET G 12 -5.98 19.13 -9.92
C MET G 12 -7.10 18.28 -9.37
N ASP G 13 -6.77 17.14 -8.77
CA ASP G 13 -7.77 16.29 -8.14
C ASP G 13 -7.44 16.12 -6.67
N LEU G 14 -8.45 16.28 -5.82
CA LEU G 14 -8.31 16.07 -4.38
C LEU G 14 -8.98 14.75 -4.04
N GLN G 15 -8.24 13.65 -4.23
CA GLN G 15 -8.79 12.35 -3.91
C GLN G 15 -8.98 12.19 -2.40
N PRO G 16 -10.13 11.72 -1.97
CA PRO G 16 -10.37 11.57 -0.53
C PRO G 16 -9.57 10.43 0.05
N VAL G 17 -8.99 10.67 1.23
CA VAL G 17 -8.18 9.68 1.92
C VAL G 17 -8.91 9.32 3.20
N LEU G 18 -9.39 8.09 3.28
CA LEU G 18 -10.14 7.59 4.44
C LEU G 18 -9.50 6.29 4.89
N GLN G 19 -8.81 6.31 6.03
CA GLN G 19 -8.11 5.14 6.52
C GLN G 19 -8.41 4.93 7.99
N LEU G 20 -8.82 3.72 8.34
CA LEU G 20 -9.06 3.31 9.72
C LEU G 20 -8.16 2.11 10.00
N SER G 21 -7.06 2.34 10.71
CA SER G 21 -6.10 1.28 10.99
C SER G 21 -6.29 0.79 12.42
N MET G 22 -6.56 -0.49 12.57
CA MET G 22 -6.82 -1.08 13.87
C MET G 22 -5.65 -1.97 14.27
N GLN G 23 -5.19 -1.80 15.51
CA GLN G 23 -4.15 -2.67 16.07
C GLN G 23 -4.70 -3.40 17.28
N GLY G 24 -4.35 -4.68 17.39
CA GLY G 24 -4.84 -5.53 18.45
C GLY G 24 -5.16 -6.92 17.95
N SER G 25 -6.12 -7.58 18.56
CA SER G 25 -6.53 -8.91 18.15
C SER G 25 -7.93 -8.85 17.56
N GLU G 26 -8.09 -9.41 16.36
CA GLU G 26 -9.38 -9.37 15.69
C GLU G 26 -10.38 -10.33 16.34
N THR G 27 -9.89 -11.27 17.15
CA THR G 27 -10.74 -12.09 18.01
C THR G 27 -10.52 -11.69 19.46
N VAL G 28 -11.62 -11.38 20.15
CA VAL G 28 -11.59 -11.11 21.59
C VAL G 28 -12.41 -12.21 22.26
N SER G 29 -11.75 -12.99 23.12
CA SER G 29 -12.36 -14.16 23.72
C SER G 29 -12.51 -13.96 25.22
N PHE G 30 -13.72 -14.16 25.72
CA PHE G 30 -14.01 -14.15 27.15
C PHE G 30 -14.32 -15.58 27.58
N VAL G 31 -13.52 -16.11 28.50
CA VAL G 31 -13.68 -17.47 28.98
C VAL G 31 -14.06 -17.42 30.46
N PHE G 32 -15.20 -18.01 30.78
CA PHE G 32 -15.69 -18.07 32.16
C PHE G 32 -15.62 -19.51 32.65
N SER G 33 -14.77 -19.76 33.64
CA SER G 33 -14.65 -21.11 34.17
C SER G 33 -14.63 -21.11 35.70
N GLN G 34 -14.33 -19.97 36.30
CA GLN G 34 -14.34 -19.84 37.75
C GLN G 34 -15.59 -19.10 38.19
N ILE G 35 -15.96 -19.30 39.47
CA ILE G 35 -17.12 -18.62 40.03
C ILE G 35 -16.93 -17.12 40.02
N SER G 36 -15.72 -16.66 40.40
CA SER G 36 -15.43 -15.23 40.41
C SER G 36 -15.62 -14.63 39.04
N GLU G 37 -15.17 -15.33 37.99
CA GLU G 37 -15.37 -14.84 36.63
C GLU G 37 -16.85 -14.74 36.32
N TYR G 38 -17.65 -15.70 36.78
CA TYR G 38 -19.08 -15.68 36.51
C TYR G 38 -19.75 -14.48 37.16
N ILE G 39 -19.46 -14.24 38.45
CA ILE G 39 -20.13 -13.16 39.17
C ILE G 39 -19.65 -11.78 38.72
N GLY G 40 -18.36 -11.61 38.42
CA GLY G 40 -17.87 -10.29 38.09
C GLY G 40 -17.49 -10.05 36.64
N GLY G 41 -17.04 -11.09 35.95
CA GLY G 41 -16.78 -10.97 34.53
C GLY G 41 -15.39 -10.48 34.16
N LEU G 42 -14.90 -10.92 33.01
CA LEU G 42 -13.60 -10.50 32.51
C LEU G 42 -13.64 -9.03 32.10
N THR G 43 -12.65 -8.26 32.52
CA THR G 43 -12.44 -6.91 32.05
C THR G 43 -11.11 -6.87 31.29
N GLN G 44 -11.19 -6.62 29.98
CA GLN G 44 -10.01 -6.62 29.12
C GLN G 44 -9.63 -5.18 28.81
N TYR G 45 -8.39 -4.83 29.11
CA TYR G 45 -7.91 -3.47 28.94
C TYR G 45 -7.04 -3.37 27.68
N GLY G 46 -7.32 -2.34 26.87
CA GLY G 46 -6.55 -2.09 25.68
C GLY G 46 -6.60 -3.22 24.67
N ALA G 47 -7.79 -3.78 24.45
CA ALA G 47 -7.93 -4.90 23.52
C ALA G 47 -7.66 -4.45 22.08
N VAL G 48 -8.31 -3.36 21.66
CA VAL G 48 -8.19 -2.86 20.29
C VAL G 48 -8.00 -1.36 20.32
N ASP G 49 -7.09 -0.86 19.48
CA ASP G 49 -6.90 0.58 19.32
C ASP G 49 -7.13 0.93 17.84
N LEU G 50 -7.63 2.13 17.61
CA LEU G 50 -7.99 2.60 16.27
C LEU G 50 -7.28 3.92 15.99
N SER G 51 -6.71 4.04 14.79
CA SER G 51 -6.07 5.24 14.31
C SER G 51 -6.76 5.69 13.04
N VAL G 52 -7.00 7.00 12.93
CA VAL G 52 -7.80 7.57 11.86
C VAL G 52 -6.94 8.50 11.02
N SER G 53 -6.94 8.29 9.71
CA SER G 53 -6.34 9.21 8.77
C SER G 53 -7.43 9.68 7.82
N SER G 54 -7.59 10.99 7.70
CA SER G 54 -8.71 11.52 6.94
C SER G 54 -8.36 12.86 6.35
N THR G 55 -9.12 13.26 5.34
CA THR G 55 -9.01 14.56 4.71
C THR G 55 -10.18 15.47 5.04
N VAL G 56 -11.38 14.93 5.21
CA VAL G 56 -12.58 15.72 5.46
C VAL G 56 -13.11 15.41 6.86
N ASP G 57 -14.17 16.12 7.22
CA ASP G 57 -14.79 15.91 8.53
C ASP G 57 -15.33 14.49 8.63
N TRP G 58 -15.04 13.83 9.74
CA TRP G 58 -15.37 12.43 9.92
C TRP G 58 -15.97 12.20 11.31
N CYS G 59 -16.83 11.19 11.38
CA CYS G 59 -17.41 10.74 12.63
C CYS G 59 -17.25 9.23 12.73
N LEU G 60 -16.74 8.77 13.87
CA LEU G 60 -16.47 7.35 14.09
C LEU G 60 -17.46 6.83 15.13
N TYR G 61 -18.09 5.70 14.82
CA TYR G 61 -18.99 5.06 15.76
C TYR G 61 -18.73 3.55 15.78
N ALA G 62 -19.27 2.90 16.81
CA ALA G 62 -19.17 1.46 16.97
C ALA G 62 -20.57 0.87 17.05
N ALA G 63 -20.80 -0.17 16.25
CA ALA G 63 -22.08 -0.86 16.23
C ALA G 63 -21.86 -2.34 16.50
N ALA G 64 -22.93 -3.01 16.93
CA ALA G 64 -22.86 -4.43 17.23
C ALA G 64 -23.88 -5.17 16.36
N PHE G 65 -23.43 -6.27 15.77
CA PHE G 65 -24.25 -7.02 14.84
C PHE G 65 -23.96 -8.51 15.00
N SER G 66 -24.95 -9.33 14.66
CA SER G 66 -24.82 -10.78 14.72
C SER G 66 -25.78 -11.38 13.72
N SER G 67 -25.69 -12.71 13.57
CA SER G 67 -26.60 -13.40 12.65
C SER G 67 -28.04 -13.26 13.09
N ASP G 68 -28.29 -13.36 14.41
CA ASP G 68 -29.64 -13.15 14.92
C ASP G 68 -30.08 -11.71 14.69
N ALA G 69 -29.18 -10.74 14.89
CA ALA G 69 -29.54 -9.34 14.74
C ALA G 69 -29.99 -9.01 13.33
N ALA G 70 -29.69 -9.86 12.35
CA ALA G 70 -30.13 -9.64 10.99
C ALA G 70 -31.64 -9.83 10.81
N ASP G 71 -32.31 -10.52 11.75
CA ASP G 71 -33.74 -10.77 11.63
C ASP G 71 -34.56 -9.99 12.66
N ALA G 72 -34.15 -8.76 12.97
CA ALA G 72 -34.87 -7.79 13.80
C ALA G 72 -34.86 -8.12 15.28
N GLU G 73 -34.32 -9.26 15.70
CA GLU G 73 -34.17 -9.60 17.12
C GLU G 73 -32.70 -9.44 17.48
N LEU G 74 -32.40 -8.42 18.28
CA LEU G 74 -31.01 -8.09 18.64
C LEU G 74 -30.58 -8.90 19.85
N ASN G 75 -30.30 -10.17 19.60
CA ASN G 75 -29.78 -11.09 20.60
C ASN G 75 -28.46 -11.68 20.09
N TRP G 76 -27.65 -12.17 21.02
CA TRP G 76 -26.39 -12.78 20.64
C TRP G 76 -26.64 -14.04 19.81
N THR G 77 -25.64 -14.40 19.01
CA THR G 77 -25.74 -15.61 18.19
C THR G 77 -25.41 -16.80 19.08
N ASN G 78 -26.42 -17.59 19.42
CA ASN G 78 -26.19 -18.83 20.15
C ASN G 78 -25.30 -19.74 19.31
N MET G 79 -24.31 -20.34 19.95
CA MET G 79 -23.24 -21.01 19.22
C MET G 79 -23.21 -22.49 19.53
N VAL G 80 -23.15 -22.84 20.81
CA VAL G 80 -23.29 -24.21 21.31
C VAL G 80 -24.11 -24.14 22.59
N THR G 81 -24.90 -25.19 22.83
CA THR G 81 -25.75 -25.28 24.01
C THR G 81 -25.19 -26.36 24.93
N PHE G 82 -24.39 -25.96 25.91
CA PHE G 82 -23.89 -26.91 26.91
C PHE G 82 -25.03 -27.32 27.84
N GLY G 83 -25.14 -28.62 28.09
CA GLY G 83 -26.17 -29.15 28.95
C GLY G 83 -27.28 -29.81 28.16
N ASP G 84 -28.26 -30.33 28.90
CA ASP G 84 -29.38 -31.04 28.29
C ASP G 84 -30.60 -30.14 28.05
N SER G 85 -31.19 -29.60 29.11
CA SER G 85 -32.41 -28.82 29.00
C SER G 85 -32.82 -28.21 30.33
N ASN G 86 -33.54 -27.08 30.28
CA ASN G 86 -34.11 -26.46 31.47
C ASN G 86 -35.25 -25.53 31.06
N PRO G 87 -36.46 -25.73 31.60
CA PRO G 87 -37.57 -24.83 31.25
C PRO G 87 -37.33 -23.38 31.62
N ASN G 88 -36.60 -23.11 32.69
CA ASN G 88 -36.39 -21.75 33.18
C ASN G 88 -35.04 -21.21 32.72
N SER G 89 -34.62 -21.61 31.54
CA SER G 89 -33.34 -21.19 30.97
C SER G 89 -33.58 -20.77 29.52
N ILE G 90 -33.15 -19.56 29.17
CA ILE G 90 -33.38 -18.99 27.85
C ILE G 90 -32.04 -18.64 27.23
N THR G 91 -31.83 -19.10 25.99
CA THR G 91 -30.61 -18.79 25.25
C THR G 91 -30.78 -17.56 24.37
N ASN G 92 -31.27 -16.47 24.96
CA ASN G 92 -31.51 -15.21 24.25
C ASN G 92 -30.87 -14.10 25.07
N LEU G 93 -29.60 -13.82 24.80
CA LEU G 93 -28.88 -12.82 25.55
C LEU G 93 -28.86 -11.50 24.80
N PRO G 94 -29.11 -10.38 25.48
CA PRO G 94 -29.15 -9.09 24.80
C PRO G 94 -27.80 -8.74 24.19
N ILE G 95 -27.85 -8.13 23.00
CA ILE G 95 -26.63 -7.66 22.34
C ILE G 95 -25.99 -6.56 23.17
N THR G 96 -26.78 -5.81 23.92
CA THR G 96 -26.30 -4.69 24.71
C THR G 96 -25.42 -5.12 25.87
N VAL G 97 -25.32 -6.42 26.14
CA VAL G 97 -24.57 -6.91 27.30
C VAL G 97 -23.13 -6.41 27.27
N LEU G 98 -22.50 -6.50 26.10
CA LEU G 98 -21.10 -6.08 25.97
C LEU G 98 -20.95 -4.60 26.31
N GLN G 99 -19.94 -4.29 27.12
CA GLN G 99 -19.67 -2.92 27.54
C GLN G 99 -18.31 -2.48 27.03
N LEU G 100 -18.23 -1.24 26.57
CA LEU G 100 -17.02 -0.66 26.00
C LEU G 100 -16.64 0.59 26.77
N PHE G 101 -15.34 0.77 26.99
CA PHE G 101 -14.80 1.98 27.61
C PHE G 101 -13.83 2.63 26.64
N GLN G 102 -14.04 3.91 26.38
CA GLN G 102 -13.16 4.70 25.53
C GLN G 102 -12.23 5.54 26.40
N SER G 103 -10.97 5.67 25.96
CA SER G 103 -9.99 6.41 26.73
C SER G 103 -10.23 7.92 26.71
N LYS G 104 -11.11 8.41 25.84
CA LYS G 104 -11.34 9.84 25.71
C LYS G 104 -12.82 10.16 25.63
N PRO G 105 -13.24 11.38 25.96
CA PRO G 105 -14.59 11.82 25.64
C PRO G 105 -14.69 12.20 24.16
N ASN G 106 -15.93 12.39 23.73
CA ASN G 106 -16.17 12.81 22.35
C ASN G 106 -15.59 14.19 22.13
N PRO G 107 -14.69 14.37 21.15
CA PRO G 107 -14.10 15.70 20.91
C PRO G 107 -15.13 16.75 20.59
N ASP G 108 -15.93 16.52 19.57
CA ASP G 108 -16.99 17.44 19.15
C ASP G 108 -18.32 16.69 19.22
N THR G 109 -18.99 16.81 20.36
CA THR G 109 -20.26 16.16 20.59
C THR G 109 -21.38 17.17 20.74
N ASN G 110 -22.51 16.90 20.08
CA ASN G 110 -23.74 17.68 20.24
C ASN G 110 -24.86 16.67 20.47
N SER G 111 -25.03 16.26 21.72
CA SER G 111 -26.04 15.29 22.09
C SER G 111 -26.34 15.39 23.56
N THR G 112 -27.54 14.93 23.94
CA THR G 112 -27.97 14.95 25.33
C THR G 112 -28.63 13.64 25.72
N ALA G 113 -28.06 12.52 25.29
CA ALA G 113 -28.57 11.21 25.67
C ALA G 113 -28.08 10.85 27.07
N ASP G 114 -28.19 9.57 27.42
CA ASP G 114 -27.69 9.09 28.70
C ASP G 114 -26.19 9.35 28.79
N SER G 115 -25.48 9.09 27.69
CA SER G 115 -24.06 9.43 27.59
C SER G 115 -23.69 9.49 26.12
N PRO G 116 -23.11 10.61 25.65
CA PRO G 116 -22.80 10.70 24.21
C PRO G 116 -21.81 9.66 23.73
N SER G 117 -20.85 9.26 24.56
CA SER G 117 -19.82 8.31 24.16
C SER G 117 -19.45 7.44 25.34
N PHE G 118 -18.58 6.46 25.09
CA PHE G 118 -18.13 5.55 26.13
C PHE G 118 -16.99 6.17 26.92
N ALA G 119 -17.20 7.39 27.43
CA ALA G 119 -16.14 8.12 28.10
C ALA G 119 -16.01 7.75 29.58
N THR G 120 -17.13 7.56 30.26
CA THR G 120 -17.10 7.29 31.69
C THR G 120 -16.47 5.92 31.97
N ALA G 121 -15.80 5.84 33.12
CA ALA G 121 -15.15 4.59 33.52
C ALA G 121 -16.19 3.52 33.85
N PHE G 122 -15.73 2.28 33.86
CA PHE G 122 -16.61 1.16 34.17
C PHE G 122 -17.13 1.26 35.59
N ASP G 123 -18.41 0.96 35.76
CA ASP G 123 -19.07 1.03 37.06
C ASP G 123 -19.37 -0.37 37.57
N THR G 124 -19.71 -0.45 38.85
CA THR G 124 -19.95 -1.72 39.52
C THR G 124 -21.41 -1.83 39.92
N GLY G 125 -22.00 -3.00 39.71
CA GLY G 125 -23.37 -3.24 40.08
C GLY G 125 -24.33 -2.53 39.14
N ARG G 126 -25.60 -2.55 39.55
CA ARG G 126 -26.64 -1.87 38.78
C ARG G 126 -26.68 -0.40 39.20
N ALA G 127 -25.74 0.39 38.68
CA ALA G 127 -25.68 1.81 38.98
C ALA G 127 -25.76 2.68 37.74
N ALA G 128 -24.96 2.40 36.72
CA ALA G 128 -24.89 3.27 35.55
C ALA G 128 -26.01 2.99 34.56
N LEU G 129 -26.03 1.79 33.99
CA LEU G 129 -27.07 1.33 33.06
C LEU G 129 -27.16 2.27 31.84
N GLY G 130 -26.09 2.29 31.07
CA GLY G 130 -26.11 2.99 29.81
C GLY G 130 -24.85 3.75 29.43
N GLU G 131 -24.06 4.17 30.42
CA GLU G 131 -22.88 4.97 30.15
C GLU G 131 -21.77 4.20 29.46
N ASN G 132 -21.80 2.86 29.48
CA ASN G 132 -20.76 2.07 28.84
C ASN G 132 -21.30 0.98 27.92
N ASN G 133 -22.61 0.86 27.78
CA ASN G 133 -23.17 -0.20 26.95
C ASN G 133 -22.92 0.09 25.47
N VAL G 134 -22.82 -0.98 24.69
CA VAL G 134 -22.54 -0.86 23.27
C VAL G 134 -23.82 -0.48 22.53
N TYR G 135 -23.67 0.06 21.33
CA TYR G 135 -24.80 0.45 20.51
C TYR G 135 -25.21 -0.72 19.64
N ALA G 136 -26.45 -1.18 19.80
CA ALA G 136 -26.97 -2.34 19.06
C ALA G 136 -27.88 -1.85 17.94
N SER G 137 -27.67 -2.41 16.75
CA SER G 137 -28.48 -2.04 15.59
C SER G 137 -28.60 -3.23 14.67
N ARG G 138 -29.78 -3.38 14.06
CA ARG G 138 -30.03 -4.45 13.10
C ARG G 138 -29.50 -4.12 11.71
N ASP G 139 -28.97 -2.91 11.51
CA ASP G 139 -28.37 -2.52 10.25
C ASP G 139 -27.26 -1.50 10.54
N PRO G 140 -26.00 -1.95 10.59
CA PRO G 140 -24.94 -1.06 11.06
C PRO G 140 -24.30 -0.22 9.96
N PHE G 141 -24.93 -0.14 8.79
CA PHE G 141 -24.35 0.56 7.65
C PHE G 141 -25.04 1.89 7.36
N ASP G 142 -25.72 2.46 8.36
CA ASP G 142 -26.31 3.79 8.23
C ASP G 142 -26.00 4.60 9.47
N ARG G 143 -26.18 5.90 9.37
CA ARG G 143 -25.90 6.79 10.49
C ARG G 143 -26.86 6.50 11.64
N PRO G 144 -26.36 6.19 12.83
CA PRO G 144 -27.24 6.05 13.99
C PRO G 144 -27.86 7.39 14.36
N SER G 145 -28.99 7.31 15.07
CA SER G 145 -29.74 8.50 15.46
C SER G 145 -28.90 9.40 16.35
N ALA G 146 -29.35 10.65 16.49
CA ALA G 146 -28.62 11.64 17.27
C ALA G 146 -28.53 11.27 18.74
N ASP G 147 -29.42 10.42 19.23
CA ASP G 147 -29.40 9.98 20.63
C ASP G 147 -28.56 8.74 20.85
N ALA G 148 -27.91 8.23 19.79
CA ALA G 148 -27.07 7.04 19.90
C ALA G 148 -25.69 7.46 20.41
N ARG G 149 -24.74 6.53 20.36
CA ARG G 149 -23.39 6.73 20.87
C ARG G 149 -22.43 6.79 19.71
N TYR G 150 -21.71 7.90 19.60
CA TYR G 150 -20.64 8.05 18.60
C TYR G 150 -19.30 8.14 19.32
N ILE G 151 -18.33 7.38 18.82
CA ILE G 151 -17.02 7.34 19.46
C ILE G 151 -16.29 8.68 19.30
N ALA G 152 -16.27 9.21 18.07
CA ALA G 152 -15.50 10.42 17.78
C ALA G 152 -16.24 11.33 16.81
N GLY G 153 -17.54 11.53 17.03
CA GLY G 153 -18.27 12.40 16.11
C GLY G 153 -19.69 12.66 16.57
N GLY G 154 -20.47 13.23 15.66
CA GLY G 154 -21.86 13.54 15.93
C GLY G 154 -22.72 13.33 14.70
N ASN G 155 -24.01 13.12 14.94
CA ASN G 155 -24.93 12.79 13.86
C ASN G 155 -25.14 13.98 12.93
N ALA G 156 -25.36 15.16 13.49
CA ALA G 156 -25.66 16.33 12.69
C ALA G 156 -24.42 16.79 11.92
N GLY G 157 -24.62 17.73 11.00
CA GLY G 157 -23.54 18.28 10.23
C GLY G 157 -22.72 19.33 10.94
N ALA G 158 -23.07 19.67 12.17
CA ALA G 158 -22.31 20.61 12.98
C ALA G 158 -21.47 19.96 14.07
N ALA G 159 -21.73 18.69 14.39
CA ALA G 159 -20.95 17.97 15.39
C ALA G 159 -20.01 17.02 14.64
N GLU G 160 -18.84 17.54 14.30
CA GLU G 160 -17.84 16.77 13.56
C GLU G 160 -16.45 17.21 14.01
N VAL G 161 -15.48 16.32 13.83
CA VAL G 161 -14.09 16.62 14.13
C VAL G 161 -13.36 16.88 12.82
N ALA G 162 -12.40 17.80 12.86
CA ALA G 162 -11.69 18.22 11.67
C ALA G 162 -10.81 17.11 11.13
N GLY G 163 -10.53 17.18 9.84
CA GLY G 163 -9.67 16.18 9.21
C GLY G 163 -8.24 16.31 9.67
N GLY G 164 -7.53 15.18 9.64
CA GLY G 164 -6.15 15.16 10.07
C GLY G 164 -5.61 13.75 10.05
N SER G 165 -4.46 13.58 10.69
CA SER G 165 -3.82 12.28 10.78
C SER G 165 -3.16 12.14 12.14
N TYR G 166 -3.22 10.93 12.71
CA TYR G 166 -2.64 10.69 14.02
C TYR G 166 -1.13 10.81 13.99
N LEU G 167 -0.50 10.39 12.88
CA LEU G 167 0.95 10.48 12.77
C LEU G 167 1.42 11.93 12.80
N VAL G 168 0.73 12.80 12.06
CA VAL G 168 1.14 14.21 12.00
C VAL G 168 0.81 14.91 13.31
N ASP G 169 1.65 15.88 13.66
CA ASP G 169 1.49 16.65 14.89
C ASP G 169 0.43 17.72 14.65
N ASP G 170 -0.82 17.40 14.96
CA ASP G 170 -1.93 18.31 14.76
C ASP G 170 -2.12 19.16 16.01
N GLY G 171 -3.24 19.89 16.08
CA GLY G 171 -3.52 20.70 17.25
C GLY G 171 -3.64 19.88 18.52
N GLY G 172 -4.20 18.68 18.40
CA GLY G 172 -4.27 17.77 19.53
C GLY G 172 -3.00 16.97 19.73
N ALA G 173 -1.90 17.68 19.96
CA ALA G 173 -0.57 17.09 20.19
C ALA G 173 -0.27 16.14 19.02
N SER G 174 0.24 14.93 19.28
CA SER G 174 0.52 13.98 18.22
C SER G 174 0.55 12.58 18.82
N GLY G 175 0.02 11.62 18.07
CA GLY G 175 0.02 10.24 18.52
C GLY G 175 -1.27 9.84 19.20
N GLN G 176 -1.16 9.35 20.44
CA GLN G 176 -2.32 8.83 21.15
C GLN G 176 -3.35 9.89 21.49
N ASN G 177 -2.94 11.17 21.53
CA ASN G 177 -3.74 12.16 22.24
C ASN G 177 -5.03 12.49 21.50
N GLU G 178 -5.01 12.58 20.17
CA GLU G 178 -6.19 13.08 19.47
C GLU G 178 -6.85 12.07 18.52
N PHE G 179 -6.11 11.59 17.53
CA PHE G 179 -6.72 10.77 16.48
C PHE G 179 -6.49 9.28 16.74
N TYR G 180 -6.39 8.90 18.01
CA TYR G 180 -5.97 7.55 18.37
C TYR G 180 -6.78 7.13 19.58
N PHE G 181 -7.72 6.21 19.39
CA PHE G 181 -8.64 5.83 20.46
C PHE G 181 -8.45 4.36 20.82
N THR G 182 -8.22 4.11 22.11
CA THR G 182 -8.05 2.76 22.62
C THR G 182 -9.31 2.35 23.38
N ILE G 183 -9.86 1.19 23.04
CA ILE G 183 -11.14 0.74 23.55
C ILE G 183 -10.92 -0.51 24.40
N SER G 184 -11.51 -0.55 25.58
CA SER G 184 -11.42 -1.70 26.47
C SER G 184 -12.78 -2.35 26.62
N PHE G 185 -12.81 -3.67 26.52
CA PHE G 185 -14.05 -4.44 26.61
C PHE G 185 -14.28 -4.95 28.01
N ARG G 186 -15.55 -5.08 28.41
CA ARG G 186 -15.90 -5.64 29.70
C ARG G 186 -17.30 -6.22 29.62
N VAL G 187 -17.47 -7.44 30.16
CA VAL G 187 -18.76 -8.09 30.29
C VAL G 187 -18.90 -8.56 31.73
N VAL G 188 -20.01 -8.24 32.36
CA VAL G 188 -20.25 -8.66 33.74
C VAL G 188 -21.51 -9.53 33.83
N PRO G 189 -21.37 -10.85 33.88
CA PRO G 189 -22.52 -11.70 34.19
C PRO G 189 -22.78 -11.69 35.69
N ALA G 190 -23.72 -12.51 36.15
CA ALA G 190 -24.03 -12.62 37.57
C ALA G 190 -23.94 -14.08 37.98
N LEU G 191 -23.69 -14.29 39.27
CA LEU G 191 -23.65 -15.66 39.79
C LEU G 191 -24.94 -16.44 39.54
N PRO G 192 -26.14 -15.87 39.73
CA PRO G 192 -27.35 -16.58 39.27
C PRO G 192 -27.36 -16.84 37.78
N GLY G 193 -26.68 -16.02 36.98
CA GLY G 193 -26.63 -16.20 35.54
C GLY G 193 -27.23 -15.08 34.73
N THR G 194 -27.71 -14.02 35.37
CA THR G 194 -28.30 -12.90 34.65
C THR G 194 -27.25 -11.85 34.31
N TYR G 195 -27.68 -10.83 33.58
CA TYR G 195 -26.80 -9.73 33.15
C TYR G 195 -27.43 -8.41 33.56
N PRO G 196 -27.19 -7.93 34.78
CA PRO G 196 -27.93 -6.76 35.27
C PRO G 196 -27.59 -5.46 34.57
N ARG G 197 -26.63 -5.44 33.65
CA ARG G 197 -26.23 -4.21 32.99
C ARG G 197 -26.77 -4.07 31.57
N ALA G 198 -27.60 -5.01 31.12
CA ALA G 198 -28.18 -4.91 29.78
C ALA G 198 -29.25 -3.82 29.73
N THR G 199 -29.30 -3.11 28.62
CA THR G 199 -30.27 -2.04 28.39
C THR G 199 -31.13 -2.37 27.17
N SER G 200 -31.93 -1.39 26.77
CA SER G 200 -32.89 -1.58 25.69
C SER G 200 -32.19 -1.75 24.35
N GLU G 201 -32.97 -2.10 23.33
CA GLU G 201 -32.48 -2.24 21.96
C GLU G 201 -33.07 -1.22 21.00
N ASP G 202 -34.04 -0.42 21.44
CA ASP G 202 -34.64 0.57 20.55
C ASP G 202 -33.60 1.61 20.11
N GLN G 203 -32.81 2.10 21.06
CA GLN G 203 -31.72 3.02 20.77
C GLN G 203 -30.37 2.53 21.23
N GLY G 204 -30.32 1.61 22.20
CA GLY G 204 -29.08 1.19 22.79
C GLY G 204 -28.48 2.18 23.77
N ASN G 205 -29.20 3.25 24.10
CA ASN G 205 -28.69 4.29 24.97
C ASN G 205 -29.55 4.51 26.21
N THR G 206 -30.78 3.99 26.22
CA THR G 206 -31.69 4.22 27.33
C THR G 206 -31.18 3.55 28.61
N ASP G 207 -31.87 3.84 29.70
CA ASP G 207 -31.47 3.40 31.03
C ASP G 207 -32.20 2.16 31.52
N GLU G 208 -33.40 1.88 31.01
CA GLU G 208 -34.21 0.79 31.55
C GLU G 208 -33.45 -0.53 31.41
N THR G 209 -33.46 -1.32 32.48
CA THR G 209 -32.66 -2.54 32.51
C THR G 209 -33.35 -3.65 31.70
N ASP G 210 -32.54 -4.42 30.99
CA ASP G 210 -33.05 -5.50 30.14
C ASP G 210 -32.41 -6.83 30.53
N ASP G 211 -32.21 -7.03 31.84
CA ASP G 211 -31.68 -8.29 32.33
C ASP G 211 -32.76 -9.37 32.29
N LEU G 212 -32.33 -10.61 32.53
CA LEU G 212 -33.24 -11.74 32.37
C LEU G 212 -34.32 -11.77 33.45
N VAL G 213 -34.05 -11.16 34.61
CA VAL G 213 -35.07 -11.13 35.64
C VAL G 213 -36.21 -10.20 35.25
N VAL G 214 -35.92 -9.18 34.41
CA VAL G 214 -37.00 -8.39 33.85
C VAL G 214 -37.86 -9.24 32.93
N ARG G 215 -37.23 -10.11 32.13
CA ARG G 215 -37.98 -10.92 31.17
C ARG G 215 -38.83 -11.96 31.87
N GLY G 216 -38.24 -12.71 32.81
CA GLY G 216 -38.95 -13.83 33.41
C GLY G 216 -38.98 -13.89 34.92
N ASP G 217 -38.09 -13.15 35.58
CA ASP G 217 -37.92 -13.06 37.03
C ASP G 217 -37.26 -14.31 37.61
N GLY G 218 -37.01 -15.35 36.82
CA GLY G 218 -36.31 -16.52 37.31
C GLY G 218 -35.39 -17.12 36.27
N ARG G 219 -35.25 -16.46 35.13
CA ARG G 219 -34.44 -16.96 34.05
C ARG G 219 -32.96 -16.67 34.30
N TYR G 220 -32.12 -17.43 33.60
CA TYR G 220 -30.67 -17.23 33.65
C TYR G 220 -30.08 -17.75 32.34
N ALA G 221 -28.87 -17.29 32.04
CA ALA G 221 -28.23 -17.64 30.78
C ALA G 221 -27.92 -19.12 30.73
N TYR G 222 -28.28 -19.76 29.62
CA TYR G 222 -27.99 -21.17 29.42
C TYR G 222 -26.49 -21.39 29.32
N PRO G 223 -25.94 -22.44 29.90
CA PRO G 223 -24.52 -22.75 29.68
C PRO G 223 -24.25 -23.00 28.21
N GLY G 224 -23.11 -22.52 27.73
CA GLY G 224 -22.78 -22.66 26.33
C GLY G 224 -21.86 -21.55 25.89
N VAL G 225 -21.88 -21.28 24.59
CA VAL G 225 -21.03 -20.28 23.97
C VAL G 225 -21.87 -19.45 23.00
N TYR G 226 -21.52 -18.17 22.88
CA TYR G 226 -22.26 -17.26 22.02
C TYR G 226 -21.28 -16.34 21.32
N THR G 227 -21.73 -15.79 20.20
CA THR G 227 -20.88 -14.98 19.33
C THR G 227 -21.58 -13.66 19.02
N LEU G 228 -20.76 -12.62 18.87
CA LEU G 228 -21.22 -11.29 18.52
C LEU G 228 -20.09 -10.58 17.78
N ASN G 229 -20.44 -9.79 16.78
CA ASN G 229 -19.47 -9.06 15.97
C ASN G 229 -19.61 -7.57 16.24
N VAL G 230 -18.48 -6.87 16.29
CA VAL G 230 -18.44 -5.43 16.53
C VAL G 230 -17.81 -4.75 15.33
N LYS G 231 -18.48 -3.73 14.80
CA LYS G 231 -18.05 -3.00 13.62
C LYS G 231 -17.71 -1.57 14.02
N PHE G 232 -16.48 -1.15 13.77
CA PHE G 232 -16.07 0.23 13.95
C PHE G 232 -16.09 0.92 12.60
N VAL G 233 -17.00 1.88 12.42
CA VAL G 233 -17.25 2.49 11.13
C VAL G 233 -17.04 3.99 11.23
N MET G 234 -16.29 4.55 10.28
CA MET G 234 -16.08 5.98 10.18
C MET G 234 -16.74 6.50 8.92
N VAL G 235 -17.45 7.62 9.05
CA VAL G 235 -18.29 8.15 7.97
C VAL G 235 -17.97 9.64 7.81
N GLU G 236 -17.87 10.09 6.56
CA GLU G 236 -17.66 11.51 6.30
C GLU G 236 -18.83 12.33 6.83
N CYS G 237 -18.52 13.47 7.43
CA CYS G 237 -19.57 14.35 7.95
C CYS G 237 -19.75 15.56 7.03
N ASN H 1 -15.58 33.11 -56.92
CA ASN H 1 -15.62 32.17 -55.80
C ASN H 1 -14.20 31.80 -55.37
N LEU H 2 -13.36 32.81 -55.14
CA LEU H 2 -12.00 32.60 -54.70
C LEU H 2 -11.99 32.02 -53.29
N ILE H 3 -11.14 31.02 -53.08
CA ILE H 3 -11.14 30.24 -51.84
C ILE H 3 -9.74 30.23 -51.25
N SER H 4 -9.66 30.60 -49.97
CA SER H 4 -8.48 30.37 -49.17
C SER H 4 -8.92 29.67 -47.88
N GLU H 5 -8.33 28.50 -47.62
CA GLU H 5 -8.83 27.63 -46.56
C GLU H 5 -7.67 27.10 -45.73
N GLN H 6 -7.98 26.77 -44.48
CA GLN H 6 -7.05 26.10 -43.59
C GLN H 6 -7.80 24.98 -42.88
N ASN H 7 -7.13 23.83 -42.72
CA ASN H 7 -7.75 22.64 -42.18
C ASN H 7 -7.02 22.18 -40.93
N VAL H 8 -7.79 21.75 -39.93
CA VAL H 8 -7.25 21.15 -38.72
C VAL H 8 -7.90 19.79 -38.52
N THR H 9 -7.10 18.81 -38.12
CA THR H 9 -7.57 17.44 -37.93
C THR H 9 -7.78 17.18 -36.45
N VAL H 10 -8.98 16.71 -36.09
CA VAL H 10 -9.34 16.45 -34.71
C VAL H 10 -9.38 14.94 -34.51
N THR H 11 -8.62 14.46 -33.53
CA THR H 11 -8.58 13.04 -33.18
C THR H 11 -9.07 12.87 -31.76
N MET H 12 -10.14 12.09 -31.60
CA MET H 12 -10.75 11.82 -30.30
C MET H 12 -10.67 10.33 -30.01
N ASP H 13 -10.10 9.96 -28.87
CA ASP H 13 -10.05 8.56 -28.45
C ASP H 13 -10.75 8.41 -27.12
N LEU H 14 -11.62 7.39 -27.03
CA LEU H 14 -12.30 7.06 -25.78
C LEU H 14 -11.65 5.81 -25.22
N GLN H 15 -10.55 6.00 -24.50
CA GLN H 15 -9.86 4.88 -23.90
C GLN H 15 -10.70 4.26 -22.78
N PRO H 16 -10.86 2.95 -22.77
CA PRO H 16 -11.68 2.31 -21.73
C PRO H 16 -10.99 2.34 -20.39
N VAL H 17 -11.77 2.66 -19.35
CA VAL H 17 -11.27 2.74 -17.99
C VAL H 17 -11.94 1.63 -17.20
N LEU H 18 -11.15 0.64 -16.78
CA LEU H 18 -11.64 -0.50 -16.02
C LEU H 18 -10.78 -0.65 -14.77
N GLN H 19 -11.36 -0.33 -13.61
CA GLN H 19 -10.61 -0.38 -12.36
C GLN H 19 -11.42 -1.10 -11.31
N LEU H 20 -10.80 -2.09 -10.66
CA LEU H 20 -11.39 -2.81 -9.54
C LEU H 20 -10.45 -2.65 -8.35
N SER H 21 -10.82 -1.78 -7.41
CA SER H 21 -9.99 -1.49 -6.25
C SER H 21 -10.54 -2.23 -5.04
N MET H 22 -9.71 -3.08 -4.45
CA MET H 22 -10.11 -3.89 -3.30
C MET H 22 -9.43 -3.38 -2.04
N GLN H 23 -10.22 -3.22 -1.00
CA GLN H 23 -9.69 -2.85 0.31
C GLN H 23 -9.98 -3.96 1.32
N GLY H 24 -9.00 -4.24 2.16
CA GLY H 24 -9.11 -5.31 3.14
C GLY H 24 -7.80 -6.07 3.27
N SER H 25 -7.88 -7.36 3.59
CA SER H 25 -6.70 -8.20 3.72
C SER H 25 -6.69 -9.22 2.60
N GLU H 26 -5.56 -9.30 1.89
CA GLU H 26 -5.46 -10.23 0.78
C GLU H 26 -5.33 -11.67 1.25
N THR H 27 -5.02 -11.88 2.53
CA THR H 27 -5.10 -13.19 3.16
C THR H 27 -6.24 -13.20 4.16
N VAL H 28 -7.14 -14.17 4.03
CA VAL H 28 -8.22 -14.39 4.99
C VAL H 28 -7.96 -15.74 5.64
N SER H 29 -7.76 -15.75 6.95
CA SER H 29 -7.36 -16.95 7.67
C SER H 29 -8.47 -17.36 8.63
N PHE H 30 -8.88 -18.61 8.53
CA PHE H 30 -9.83 -19.22 9.47
C PHE H 30 -9.06 -20.23 10.32
N VAL H 31 -9.06 -20.02 11.63
CA VAL H 31 -8.34 -20.88 12.56
C VAL H 31 -9.36 -21.55 13.48
N PHE H 32 -9.37 -22.87 13.47
CA PHE H 32 -10.27 -23.67 14.29
C PHE H 32 -9.46 -24.37 15.37
N SER H 33 -9.69 -24.01 16.64
CA SER H 33 -8.96 -24.65 17.72
C SER H 33 -9.89 -25.01 18.88
N GLN H 34 -11.07 -24.40 18.93
CA GLN H 34 -12.06 -24.72 19.95
C GLN H 34 -13.17 -25.57 19.35
N ILE H 35 -13.87 -26.29 20.23
CA ILE H 35 -14.98 -27.14 19.79
C ILE H 35 -16.07 -26.30 19.16
N SER H 36 -16.39 -25.16 19.79
CA SER H 36 -17.43 -24.28 19.27
C SER H 36 -17.08 -23.83 17.85
N GLU H 37 -15.82 -23.48 17.61
CA GLU H 37 -15.40 -23.10 16.27
C GLU H 37 -15.60 -24.25 15.29
N TYR H 38 -15.32 -25.47 15.73
CA TYR H 38 -15.48 -26.63 14.85
C TYR H 38 -16.93 -26.83 14.47
N ILE H 39 -17.84 -26.81 15.44
CA ILE H 39 -19.24 -27.08 15.16
C ILE H 39 -19.91 -25.94 14.40
N GLY H 40 -19.58 -24.69 14.70
CA GLY H 40 -20.29 -23.59 14.05
C GLY H 40 -19.50 -22.79 13.03
N GLY H 41 -18.19 -22.69 13.21
CA GLY H 41 -17.35 -22.06 12.21
C GLY H 41 -17.20 -20.56 12.35
N LEU H 42 -16.05 -20.03 11.92
CA LEU H 42 -15.80 -18.61 11.96
C LEU H 42 -16.68 -17.89 10.93
N THR H 43 -17.30 -16.79 11.35
CA THR H 43 -18.00 -15.89 10.45
C THR H 43 -17.28 -14.55 10.47
N GLN H 44 -16.69 -14.18 9.35
CA GLN H 44 -15.91 -12.95 9.23
C GLN H 44 -16.74 -11.90 8.51
N TYR H 45 -16.93 -10.75 9.15
CA TYR H 45 -17.75 -9.69 8.59
C TYR H 45 -16.87 -8.58 8.01
N GLY H 46 -17.22 -8.16 6.79
CA GLY H 46 -16.52 -7.09 6.12
C GLY H 46 -15.04 -7.37 5.88
N ALA H 47 -14.74 -8.59 5.43
CA ALA H 47 -13.35 -8.97 5.19
C ALA H 47 -12.76 -8.18 4.03
N VAL H 48 -13.45 -8.13 2.90
CA VAL H 48 -12.98 -7.49 1.69
C VAL H 48 -14.10 -6.65 1.11
N ASP H 49 -13.77 -5.44 0.66
CA ASP H 49 -14.72 -4.59 -0.07
C ASP H 49 -14.13 -4.27 -1.44
N LEU H 50 -15.02 -4.10 -2.42
CA LEU H 50 -14.64 -3.87 -3.80
C LEU H 50 -15.31 -2.60 -4.31
N SER H 51 -14.53 -1.76 -4.99
CA SER H 51 -15.03 -0.54 -5.62
C SER H 51 -14.74 -0.62 -7.11
N VAL H 52 -15.71 -0.22 -7.93
CA VAL H 52 -15.67 -0.39 -9.36
C VAL H 52 -15.68 0.98 -10.03
N SER H 53 -14.72 1.22 -10.91
CA SER H 53 -14.71 2.38 -11.78
C SER H 53 -14.72 1.90 -13.22
N SER H 54 -15.68 2.37 -14.00
CA SER H 54 -15.86 1.83 -15.34
C SER H 54 -16.44 2.89 -16.25
N THR H 55 -16.29 2.65 -17.56
CA THR H 55 -16.87 3.49 -18.59
C THR H 55 -18.01 2.80 -19.32
N VAL H 56 -17.96 1.48 -19.48
CA VAL H 56 -18.97 0.74 -20.23
C VAL H 56 -19.71 -0.20 -19.29
N ASP H 57 -20.70 -0.89 -19.84
CA ASP H 57 -21.47 -1.85 -19.06
C ASP H 57 -20.56 -2.97 -18.55
N TRP H 58 -20.68 -3.28 -17.27
CA TRP H 58 -19.80 -4.24 -16.63
C TRP H 58 -20.59 -5.21 -15.77
N CYS H 59 -20.06 -6.41 -15.63
CA CYS H 59 -20.60 -7.44 -14.75
C CYS H 59 -19.48 -7.99 -13.89
N LEU H 60 -19.72 -8.05 -12.58
CA LEU H 60 -18.72 -8.50 -11.62
C LEU H 60 -19.16 -9.84 -11.05
N TYR H 61 -18.25 -10.81 -11.03
CA TYR H 61 -18.52 -12.10 -10.44
C TYR H 61 -17.34 -12.55 -9.60
N ALA H 62 -17.59 -13.56 -8.78
CA ALA H 62 -16.57 -14.16 -7.93
C ALA H 62 -16.47 -15.64 -8.24
N ALA H 63 -15.23 -16.11 -8.45
CA ALA H 63 -14.97 -17.50 -8.74
C ALA H 63 -13.96 -18.04 -7.73
N ALA H 64 -13.95 -19.36 -7.58
CA ALA H 64 -13.04 -20.02 -6.66
C ALA H 64 -12.15 -21.00 -7.43
N PHE H 65 -10.86 -20.95 -7.15
CA PHE H 65 -9.88 -21.75 -7.87
C PHE H 65 -8.80 -22.20 -6.92
N SER H 66 -8.18 -23.33 -7.24
CA SER H 66 -7.09 -23.88 -6.45
C SER H 66 -6.21 -24.72 -7.36
N SER H 67 -5.09 -25.20 -6.80
CA SER H 67 -4.20 -26.05 -7.57
C SER H 67 -4.88 -27.35 -7.98
N ASP H 68 -5.66 -27.93 -7.07
CA ASP H 68 -6.43 -29.13 -7.41
C ASP H 68 -7.47 -28.81 -8.48
N ALA H 69 -8.13 -27.66 -8.36
CA ALA H 69 -9.19 -27.30 -9.30
C ALA H 69 -8.68 -27.19 -10.73
N ALA H 70 -7.36 -27.06 -10.92
CA ALA H 70 -6.80 -27.00 -12.26
C ALA H 70 -6.86 -28.34 -12.99
N ASP H 71 -7.06 -29.45 -12.28
CA ASP H 71 -7.10 -30.76 -12.91
C ASP H 71 -8.50 -31.39 -12.89
N ALA H 72 -9.53 -30.58 -13.05
CA ALA H 72 -10.93 -30.96 -13.21
C ALA H 72 -11.60 -31.47 -11.94
N GLU H 73 -10.86 -31.63 -10.84
CA GLU H 73 -11.43 -32.00 -9.56
C GLU H 73 -11.47 -30.76 -8.67
N LEU H 74 -12.68 -30.25 -8.41
CA LEU H 74 -12.85 -29.00 -7.66
C LEU H 74 -12.88 -29.29 -6.17
N ASN H 75 -11.70 -29.56 -5.63
CA ASN H 75 -11.50 -29.76 -4.20
C ASN H 75 -10.46 -28.77 -3.69
N TRP H 76 -10.48 -28.52 -2.39
CA TRP H 76 -9.52 -27.61 -1.80
C TRP H 76 -8.10 -28.17 -1.94
N THR H 77 -7.13 -27.28 -1.91
CA THR H 77 -5.73 -27.69 -1.98
C THR H 77 -5.29 -28.16 -0.61
N ASN H 78 -5.11 -29.47 -0.45
CA ASN H 78 -4.57 -30.00 0.79
C ASN H 78 -3.17 -29.44 1.00
N MET H 79 -2.89 -29.01 2.22
CA MET H 79 -1.71 -28.20 2.49
C MET H 79 -0.76 -28.91 3.43
N VAL H 80 -1.27 -29.33 4.60
CA VAL H 80 -0.56 -30.20 5.54
C VAL H 80 -1.58 -31.19 6.10
N THR H 81 -1.10 -32.40 6.39
CA THR H 81 -1.94 -33.46 6.93
C THR H 81 -1.55 -33.69 8.39
N PHE H 82 -2.29 -33.08 9.31
CA PHE H 82 -2.07 -33.32 10.73
C PHE H 82 -2.57 -34.71 11.11
N GLY H 83 -1.75 -35.45 11.85
CA GLY H 83 -2.10 -36.79 12.27
C GLY H 83 -1.35 -37.83 11.47
N ASP H 84 -1.62 -39.10 11.82
CA ASP H 84 -0.94 -40.22 11.18
C ASP H 84 -1.74 -40.80 10.01
N SER H 85 -2.93 -41.35 10.27
CA SER H 85 -3.72 -42.02 9.24
C SER H 85 -5.08 -42.45 9.77
N ASN H 86 -6.06 -42.55 8.87
CA ASN H 86 -7.38 -43.07 9.20
C ASN H 86 -8.08 -43.52 7.92
N PRO H 87 -8.52 -44.78 7.86
CA PRO H 87 -9.22 -45.26 6.66
C PRO H 87 -10.50 -44.49 6.35
N ASN H 88 -11.21 -44.02 7.38
CA ASN H 88 -12.50 -43.37 7.20
C ASN H 88 -12.35 -41.85 7.22
N SER H 89 -11.21 -41.36 6.72
CA SER H 89 -10.92 -39.93 6.68
C SER H 89 -10.40 -39.59 5.29
N ILE H 90 -11.02 -38.59 4.66
CA ILE H 90 -10.69 -38.21 3.29
C ILE H 90 -10.29 -36.74 3.28
N THR H 91 -9.15 -36.45 2.67
CA THR H 91 -8.65 -35.08 2.54
C THR H 91 -9.10 -34.46 1.22
N ASN H 92 -10.39 -34.54 0.92
CA ASN H 92 -10.97 -34.02 -0.32
C ASN H 92 -12.18 -33.17 0.08
N LEU H 93 -11.95 -31.89 0.32
CA LEU H 93 -13.03 -31.01 0.74
C LEU H 93 -13.57 -30.22 -0.44
N PRO H 94 -14.89 -30.12 -0.57
CA PRO H 94 -15.47 -29.39 -1.71
C PRO H 94 -15.06 -27.93 -1.71
N ILE H 95 -14.82 -27.40 -2.91
CA ILE H 95 -14.51 -25.99 -3.05
C ILE H 95 -15.72 -25.14 -2.65
N THR H 96 -16.92 -25.70 -2.81
CA THR H 96 -18.15 -24.97 -2.54
C THR H 96 -18.35 -24.70 -1.05
N VAL H 97 -17.50 -25.27 -0.18
CA VAL H 97 -17.67 -25.13 1.26
C VAL H 97 -17.72 -23.66 1.66
N LEU H 98 -16.81 -22.86 1.13
CA LEU H 98 -16.76 -21.45 1.48
C LEU H 98 -18.05 -20.74 1.10
N GLN H 99 -18.58 -19.94 2.04
CA GLN H 99 -19.82 -19.20 1.83
C GLN H 99 -19.54 -17.70 1.87
N LEU H 100 -20.19 -16.98 0.97
CA LEU H 100 -20.04 -15.54 0.85
C LEU H 100 -21.38 -14.85 1.00
N PHE H 101 -21.37 -13.71 1.67
CA PHE H 101 -22.54 -12.87 1.82
C PHE H 101 -22.24 -11.49 1.25
N GLN H 102 -23.11 -11.04 0.34
CA GLN H 102 -23.00 -9.72 -0.25
C GLN H 102 -23.98 -8.77 0.42
N SER H 103 -23.54 -7.52 0.62
CA SER H 103 -24.36 -6.54 1.31
C SER H 103 -25.55 -6.07 0.46
N LYS H 104 -25.57 -6.38 -0.83
CA LYS H 104 -26.64 -5.92 -1.71
C LYS H 104 -27.14 -7.03 -2.61
N PRO H 105 -28.36 -6.92 -3.14
CA PRO H 105 -28.80 -7.81 -4.21
C PRO H 105 -28.19 -7.36 -5.54
N ASN H 106 -28.34 -8.22 -6.53
CA ASN H 106 -27.87 -7.90 -7.87
C ASN H 106 -28.67 -6.72 -8.42
N PRO H 107 -28.01 -5.64 -8.82
CA PRO H 107 -28.74 -4.47 -9.34
C PRO H 107 -29.58 -4.81 -10.57
N ASP H 108 -28.94 -5.35 -11.60
CA ASP H 108 -29.60 -5.74 -12.85
C ASP H 108 -29.36 -7.24 -13.04
N THR H 109 -30.30 -8.05 -12.56
CA THR H 109 -30.21 -9.50 -12.67
C THR H 109 -31.32 -10.04 -13.56
N ASN H 110 -30.95 -10.96 -14.46
CA ASN H 110 -31.89 -11.72 -15.27
C ASN H 110 -31.51 -13.19 -15.14
N SER H 111 -32.00 -13.82 -14.08
CA SER H 111 -31.69 -15.22 -13.83
C SER H 111 -32.74 -15.81 -12.90
N THR H 112 -32.88 -17.14 -12.96
CA THR H 112 -33.84 -17.85 -12.13
C THR H 112 -33.22 -19.10 -11.52
N ALA H 113 -31.97 -19.00 -11.06
CA ALA H 113 -31.32 -20.11 -10.38
C ALA H 113 -31.81 -20.20 -8.94
N ASP H 114 -31.07 -20.96 -8.13
CA ASP H 114 -31.38 -21.06 -6.71
C ASP H 114 -31.31 -19.69 -6.07
N SER H 115 -30.29 -18.90 -6.43
CA SER H 115 -30.18 -17.51 -6.01
C SER H 115 -29.26 -16.79 -6.97
N PRO H 116 -29.68 -15.68 -7.58
CA PRO H 116 -28.81 -15.01 -8.55
C PRO H 116 -27.51 -14.49 -7.97
N SER H 117 -27.52 -14.06 -6.71
CA SER H 117 -26.33 -13.49 -6.09
C SER H 117 -26.31 -13.88 -4.61
N PHE H 118 -25.22 -13.48 -3.94
CA PHE H 118 -25.07 -13.76 -2.52
C PHE H 118 -25.79 -12.71 -1.69
N ALA H 119 -27.07 -12.48 -1.98
CA ALA H 119 -27.82 -11.41 -1.34
C ALA H 119 -28.41 -11.83 0.01
N THR H 120 -28.91 -13.06 0.10
CA THR H 120 -29.59 -13.50 1.31
C THR H 120 -28.59 -13.64 2.45
N ALA H 121 -29.07 -13.40 3.67
CA ALA H 121 -28.23 -13.49 4.84
C ALA H 121 -27.85 -14.94 5.13
N PHE H 122 -26.80 -15.10 5.94
CA PHE H 122 -26.33 -16.44 6.28
C PHE H 122 -27.39 -17.20 7.06
N ASP H 123 -27.55 -18.47 6.74
CA ASP H 123 -28.53 -19.34 7.37
C ASP H 123 -27.84 -20.35 8.27
N THR H 124 -28.64 -21.00 9.11
CA THR H 124 -28.14 -21.94 10.11
C THR H 124 -28.61 -23.34 9.77
N GLY H 125 -27.70 -24.31 9.90
CA GLY H 125 -28.03 -25.70 9.65
C GLY H 125 -28.21 -25.97 8.17
N ARG H 126 -28.73 -27.17 7.88
CA ARG H 126 -28.99 -27.57 6.52
C ARG H 126 -30.37 -27.06 6.11
N ALA H 127 -30.45 -25.77 5.79
CA ALA H 127 -31.70 -25.17 5.36
C ALA H 127 -31.63 -24.53 3.99
N ALA H 128 -30.61 -23.70 3.73
CA ALA H 128 -30.55 -22.97 2.48
C ALA H 128 -29.96 -23.81 1.35
N LEU H 129 -28.70 -24.21 1.48
CA LEU H 129 -28.01 -25.06 0.51
C LEU H 129 -28.00 -24.43 -0.87
N GLY H 130 -27.32 -23.29 -0.97
CA GLY H 130 -27.08 -22.69 -2.27
C GLY H 130 -27.15 -21.18 -2.31
N GLU H 131 -27.91 -20.56 -1.40
CA GLU H 131 -28.10 -19.12 -1.44
C GLU H 131 -26.85 -18.33 -1.07
N ASN H 132 -25.86 -18.96 -0.44
CA ASN H 132 -24.64 -18.26 -0.06
C ASN H 132 -23.36 -18.97 -0.49
N ASN H 133 -23.47 -20.12 -1.14
CA ASN H 133 -22.28 -20.86 -1.53
C ASN H 133 -21.54 -20.14 -2.65
N VAL H 134 -20.22 -20.33 -2.68
CA VAL H 134 -19.38 -19.68 -3.68
C VAL H 134 -19.49 -20.43 -5.00
N TYR H 135 -19.14 -19.75 -6.09
CA TYR H 135 -19.18 -20.34 -7.42
C TYR H 135 -17.83 -21.00 -7.71
N ALA H 136 -17.84 -22.31 -7.93
CA ALA H 136 -16.63 -23.08 -8.19
C ALA H 136 -16.49 -23.36 -9.67
N SER H 137 -15.30 -23.13 -10.22
CA SER H 137 -15.05 -23.36 -11.63
C SER H 137 -13.60 -23.78 -11.81
N ARG H 138 -13.37 -24.69 -12.75
CA ARG H 138 -12.02 -25.14 -13.08
C ARG H 138 -11.30 -24.19 -14.03
N ASP H 139 -11.99 -23.15 -14.51
CA ASP H 139 -11.39 -22.13 -15.36
C ASP H 139 -12.10 -20.81 -15.10
N PRO H 140 -11.53 -19.94 -14.27
CA PRO H 140 -12.27 -18.74 -13.85
C PRO H 140 -12.10 -17.54 -14.77
N PHE H 141 -11.57 -17.76 -15.97
CA PHE H 141 -11.29 -16.66 -16.89
C PHE H 141 -12.27 -16.59 -18.04
N ASP H 142 -13.46 -17.17 -17.89
CA ASP H 142 -14.51 -17.06 -18.89
C ASP H 142 -15.83 -16.75 -18.20
N ARG H 143 -16.80 -16.29 -18.98
CA ARG H 143 -18.10 -15.94 -18.43
C ARG H 143 -18.78 -17.19 -17.88
N PRO H 144 -19.16 -17.19 -16.61
CA PRO H 144 -19.96 -18.31 -16.08
C PRO H 144 -21.34 -18.35 -16.73
N SER H 145 -21.95 -19.53 -16.66
CA SER H 145 -23.24 -19.74 -17.29
C SER H 145 -24.31 -18.84 -16.66
N ALA H 146 -25.44 -18.72 -17.36
CA ALA H 146 -26.51 -17.84 -16.90
C ALA H 146 -27.11 -18.30 -15.58
N ASP H 147 -26.96 -19.57 -15.22
CA ASP H 147 -27.49 -20.09 -13.96
C ASP H 147 -26.48 -19.98 -12.82
N ALA H 148 -25.32 -19.39 -13.07
CA ALA H 148 -24.31 -19.22 -12.04
C ALA H 148 -24.64 -17.97 -11.21
N ARG H 149 -23.69 -17.56 -10.37
CA ARG H 149 -23.88 -16.44 -9.46
C ARG H 149 -23.00 -15.28 -9.91
N TYR H 150 -23.62 -14.14 -10.19
CA TYR H 150 -22.90 -12.92 -10.49
C TYR H 150 -23.12 -11.90 -9.39
N ILE H 151 -22.04 -11.28 -8.95
CA ILE H 151 -22.13 -10.33 -7.84
C ILE H 151 -22.88 -9.07 -8.27
N ALA H 152 -22.52 -8.50 -9.41
CA ALA H 152 -23.11 -7.24 -9.85
C ALA H 152 -23.37 -7.22 -11.35
N GLY H 153 -23.93 -8.30 -11.90
CA GLY H 153 -24.18 -8.32 -13.32
C GLY H 153 -24.96 -9.53 -13.76
N GLY H 154 -25.01 -9.72 -15.07
CA GLY H 154 -25.71 -10.86 -15.67
C GLY H 154 -24.97 -11.37 -16.89
N ASN H 155 -25.23 -12.64 -17.21
CA ASN H 155 -24.51 -13.29 -18.29
C ASN H 155 -24.89 -12.72 -19.65
N ALA H 156 -26.18 -12.52 -19.89
CA ALA H 156 -26.65 -12.06 -21.18
C ALA H 156 -26.26 -10.60 -21.40
N GLY H 157 -26.46 -10.12 -22.62
CA GLY H 157 -26.18 -8.74 -22.96
C GLY H 157 -27.23 -7.76 -22.54
N ALA H 158 -28.33 -8.22 -21.93
CA ALA H 158 -29.38 -7.36 -21.43
C ALA H 158 -29.37 -7.19 -19.92
N ALA H 159 -28.67 -8.06 -19.19
CA ALA H 159 -28.55 -7.98 -17.74
C ALA H 159 -27.18 -7.39 -17.42
N GLU H 160 -27.11 -6.06 -17.38
CA GLU H 160 -25.86 -5.36 -17.10
C GLU H 160 -26.17 -4.08 -16.34
N VAL H 161 -25.17 -3.60 -15.59
CA VAL H 161 -25.29 -2.34 -14.87
C VAL H 161 -24.53 -1.27 -15.64
N ALA H 162 -25.06 -0.05 -15.59
CA ALA H 162 -24.50 1.05 -16.36
C ALA H 162 -23.13 1.45 -15.82
N GLY H 163 -22.33 2.04 -16.69
CA GLY H 163 -21.01 2.50 -16.29
C GLY H 163 -21.08 3.68 -15.33
N GLY H 164 -20.05 3.79 -14.50
CA GLY H 164 -20.00 4.86 -13.53
C GLY H 164 -18.80 4.70 -12.63
N SER H 165 -18.82 5.45 -11.54
CA SER H 165 -17.75 5.40 -10.55
C SER H 165 -18.34 5.56 -9.16
N TYR H 166 -17.77 4.82 -8.20
CA TYR H 166 -18.27 4.90 -6.83
C TYR H 166 -18.01 6.26 -6.21
N LEU H 167 -16.88 6.89 -6.55
CA LEU H 167 -16.58 8.21 -6.00
C LEU H 167 -17.60 9.25 -6.45
N VAL H 168 -17.97 9.23 -7.74
CA VAL H 168 -18.91 10.21 -8.25
C VAL H 168 -20.31 9.92 -7.76
N ASP H 169 -21.09 10.97 -7.56
CA ASP H 169 -22.46 10.86 -7.08
C ASP H 169 -23.34 10.49 -8.27
N ASP H 170 -23.56 9.20 -8.45
CA ASP H 170 -24.38 8.70 -9.54
C ASP H 170 -25.84 8.60 -9.10
N GLY H 171 -26.66 7.94 -9.92
CA GLY H 171 -28.06 7.76 -9.55
C GLY H 171 -28.23 6.98 -8.26
N GLY H 172 -27.37 5.99 -8.04
CA GLY H 172 -27.38 5.24 -6.81
C GLY H 172 -26.63 5.93 -5.69
N ALA H 173 -27.07 7.14 -5.34
CA ALA H 173 -26.47 7.95 -4.27
C ALA H 173 -24.98 8.09 -4.56
N SER H 174 -24.10 7.92 -3.57
CA SER H 174 -22.66 8.01 -3.77
C SER H 174 -21.97 7.26 -2.66
N GLY H 175 -20.89 6.57 -3.00
CA GLY H 175 -20.13 5.84 -2.01
C GLY H 175 -20.51 4.39 -1.91
N GLN H 176 -20.87 3.95 -0.70
CA GLN H 176 -21.15 2.54 -0.45
C GLN H 176 -22.39 2.04 -1.18
N ASN H 177 -23.29 2.94 -1.56
CA ASN H 177 -24.65 2.52 -1.88
C ASN H 177 -24.74 1.75 -3.19
N GLU H 178 -23.98 2.14 -4.22
CA GLU H 178 -24.18 1.52 -5.52
C GLU H 178 -22.98 0.75 -6.06
N PHE H 179 -21.84 1.42 -6.24
CA PHE H 179 -20.71 0.80 -6.92
C PHE H 179 -19.68 0.27 -5.92
N TYR H 180 -20.15 -0.13 -4.74
CA TYR H 180 -19.26 -0.46 -3.64
C TYR H 180 -19.85 -1.64 -2.90
N PHE H 181 -19.23 -2.82 -3.05
CA PHE H 181 -19.79 -4.04 -2.49
C PHE H 181 -18.86 -4.63 -1.44
N THR H 182 -19.40 -4.87 -0.25
CA THR H 182 -18.65 -5.45 0.86
C THR H 182 -19.08 -6.90 1.02
N ILE H 183 -18.10 -7.81 1.06
CA ILE H 183 -18.35 -9.24 1.08
C ILE H 183 -17.86 -9.82 2.40
N SER H 184 -18.68 -10.65 3.02
CA SER H 184 -18.34 -11.30 4.28
C SER H 184 -18.22 -12.80 4.07
N PHE H 185 -17.16 -13.39 4.60
CA PHE H 185 -16.89 -14.81 4.45
C PHE H 185 -17.42 -15.58 5.65
N ARG H 186 -17.82 -16.83 5.41
CA ARG H 186 -18.27 -17.72 6.48
C ARG H 186 -18.08 -19.16 6.05
N VAL H 187 -17.52 -19.97 6.94
CA VAL H 187 -17.37 -21.40 6.76
C VAL H 187 -17.92 -22.10 7.99
N VAL H 188 -18.79 -23.08 7.79
CA VAL H 188 -19.37 -23.82 8.91
C VAL H 188 -19.03 -25.30 8.81
N PRO H 189 -18.02 -25.79 9.53
CA PRO H 189 -17.82 -27.23 9.64
C PRO H 189 -18.80 -27.83 10.64
N ALA H 190 -18.65 -29.12 10.93
CA ALA H 190 -19.50 -29.79 11.89
C ALA H 190 -18.63 -30.47 12.94
N LEU H 191 -19.20 -30.67 14.13
CA LEU H 191 -18.47 -31.38 15.18
C LEU H 191 -18.00 -32.77 14.76
N PRO H 192 -18.80 -33.59 14.08
CA PRO H 192 -18.24 -34.83 13.52
C PRO H 192 -17.13 -34.58 12.52
N GLY H 193 -17.12 -33.43 11.84
CA GLY H 193 -16.09 -33.10 10.88
C GLY H 193 -16.58 -32.91 9.45
N THR H 194 -17.88 -33.01 9.21
CA THR H 194 -18.41 -32.86 7.86
C THR H 194 -18.77 -31.40 7.61
N TYR H 195 -19.20 -31.12 6.37
CA TYR H 195 -19.59 -29.77 5.94
C TYR H 195 -20.98 -29.83 5.33
N PRO H 196 -22.04 -29.72 6.12
CA PRO H 196 -23.39 -29.96 5.60
C PRO H 196 -23.89 -28.92 4.62
N ARG H 197 -23.12 -27.85 4.37
CA ARG H 197 -23.57 -26.79 3.48
C ARG H 197 -22.93 -26.84 2.09
N ALA H 198 -22.11 -27.85 1.81
CA ALA H 198 -21.50 -27.96 0.49
C ALA H 198 -22.51 -28.40 -0.55
N THR H 199 -22.39 -27.84 -1.75
CA THR H 199 -23.27 -28.14 -2.87
C THR H 199 -22.46 -28.72 -4.02
N SER H 200 -23.12 -28.87 -5.17
CA SER H 200 -22.52 -29.51 -6.33
C SER H 200 -21.42 -28.63 -6.93
N GLU H 201 -20.70 -29.21 -7.89
CA GLU H 201 -19.65 -28.51 -8.61
C GLU H 201 -19.96 -28.33 -10.09
N ASP H 202 -21.04 -28.91 -10.60
CA ASP H 202 -21.39 -28.75 -12.01
C ASP H 202 -21.68 -27.30 -12.35
N GLN H 203 -22.47 -26.64 -11.50
CA GLN H 203 -22.76 -25.23 -11.65
C GLN H 203 -22.38 -24.39 -10.44
N GLY H 204 -22.26 -25.01 -9.27
CA GLY H 204 -22.03 -24.28 -8.04
C GLY H 204 -23.26 -23.57 -7.49
N ASN H 205 -24.43 -23.79 -8.09
CA ASN H 205 -25.65 -23.11 -7.69
C ASN H 205 -26.76 -24.06 -7.27
N THR H 206 -26.64 -25.36 -7.58
CA THR H 206 -27.68 -26.31 -7.29
C THR H 206 -27.85 -26.50 -5.77
N ASP H 207 -28.89 -27.25 -5.41
CA ASP H 207 -29.29 -27.42 -4.02
C ASP H 207 -28.79 -28.73 -3.40
N GLU H 208 -28.52 -29.75 -4.22
CA GLU H 208 -28.19 -31.07 -3.68
C GLU H 208 -26.95 -30.97 -2.81
N THR H 209 -27.00 -31.59 -1.63
CA THR H 209 -25.91 -31.47 -0.66
C THR H 209 -24.73 -32.34 -1.06
N ASP H 210 -23.53 -31.82 -0.85
CA ASP H 210 -22.30 -32.51 -1.21
C ASP H 210 -21.40 -32.66 0.01
N ASP H 211 -22.00 -32.89 1.17
CA ASP H 211 -21.21 -33.11 2.37
C ASP H 211 -20.61 -34.52 2.36
N LEU H 212 -19.73 -34.76 3.33
CA LEU H 212 -18.95 -36.00 3.31
C LEU H 212 -19.82 -37.22 3.63
N VAL H 213 -20.93 -37.02 4.35
CA VAL H 213 -21.83 -38.14 4.64
C VAL H 213 -22.53 -38.60 3.37
N VAL H 214 -22.72 -37.69 2.39
CA VAL H 214 -23.21 -38.13 1.09
C VAL H 214 -22.18 -39.01 0.40
N ARG H 215 -20.89 -38.65 0.51
CA ARG H 215 -19.86 -39.41 -0.17
C ARG H 215 -19.66 -40.79 0.46
N GLY H 216 -19.55 -40.85 1.79
CA GLY H 216 -19.22 -42.10 2.44
C GLY H 216 -20.10 -42.54 3.59
N ASP H 217 -20.88 -41.61 4.14
CA ASP H 217 -21.79 -41.79 5.26
C ASP H 217 -21.06 -41.92 6.59
N GLY H 218 -19.73 -41.98 6.60
CA GLY H 218 -18.99 -42.01 7.85
C GLY H 218 -17.70 -41.23 7.79
N ARG H 219 -17.49 -40.53 6.67
CA ARG H 219 -16.26 -39.78 6.48
C ARG H 219 -16.31 -38.44 7.23
N TYR H 220 -15.13 -37.88 7.46
CA TYR H 220 -15.00 -36.56 8.07
C TYR H 220 -13.70 -35.95 7.60
N ALA H 221 -13.59 -34.63 7.73
CA ALA H 221 -12.41 -33.92 7.24
C ALA H 221 -11.19 -34.29 8.05
N TYR H 222 -10.11 -34.61 7.35
CA TYR H 222 -8.85 -34.93 8.01
C TYR H 222 -8.30 -33.70 8.72
N PRO H 223 -7.73 -33.86 9.92
CA PRO H 223 -7.06 -32.72 10.56
C PRO H 223 -5.91 -32.22 9.69
N GLY H 224 -5.75 -30.91 9.64
CA GLY H 224 -4.71 -30.34 8.81
C GLY H 224 -5.10 -28.93 8.39
N VAL H 225 -4.50 -28.51 7.27
CA VAL H 225 -4.71 -27.18 6.74
C VAL H 225 -4.92 -27.28 5.23
N TYR H 226 -5.74 -26.38 4.70
CA TYR H 226 -6.07 -26.40 3.28
C TYR H 226 -6.13 -24.97 2.77
N THR H 227 -5.97 -24.84 1.45
CA THR H 227 -5.87 -23.53 0.82
C THR H 227 -6.83 -23.47 -0.37
N LEU H 228 -7.35 -22.26 -0.59
CA LEU H 228 -8.26 -21.97 -1.70
C LEU H 228 -8.10 -20.50 -2.05
N ASN H 229 -8.16 -20.20 -3.34
CA ASN H 229 -8.02 -18.83 -3.84
C ASN H 229 -9.34 -18.36 -4.41
N VAL H 230 -9.67 -17.09 -4.18
CA VAL H 230 -10.91 -16.48 -4.66
C VAL H 230 -10.55 -15.33 -5.59
N LYS H 231 -11.15 -15.32 -6.77
CA LYS H 231 -10.89 -14.33 -7.80
C LYS H 231 -12.15 -13.50 -8.03
N PHE H 232 -12.05 -12.19 -7.84
CA PHE H 232 -13.13 -11.28 -8.18
C PHE H 232 -12.83 -10.64 -9.53
N VAL H 233 -13.65 -10.95 -10.53
CA VAL H 233 -13.36 -10.57 -11.91
C VAL H 233 -14.53 -9.75 -12.44
N MET H 234 -14.21 -8.62 -13.05
CA MET H 234 -15.20 -7.78 -13.72
C MET H 234 -14.96 -7.79 -15.22
N VAL H 235 -16.04 -7.95 -15.98
CA VAL H 235 -15.97 -8.15 -17.43
C VAL H 235 -16.93 -7.18 -18.10
N GLU H 236 -16.49 -6.59 -19.21
CA GLU H 236 -17.37 -5.70 -19.97
C GLU H 236 -18.57 -6.48 -20.51
N CYS H 237 -19.74 -5.86 -20.45
CA CYS H 237 -20.94 -6.49 -20.96
C CYS H 237 -21.34 -5.89 -22.31
N ASN I 1 5.18 21.44 -76.64
CA ASN I 1 5.20 20.71 -75.37
C ASN I 1 5.53 21.65 -74.22
N LEU I 2 4.80 22.77 -74.13
CA LEU I 2 5.00 23.73 -73.07
C LEU I 2 4.58 23.14 -71.73
N ILE I 3 5.40 23.37 -70.71
CA ILE I 3 5.24 22.71 -69.42
C ILE I 3 5.19 23.76 -68.32
N SER I 4 4.15 23.69 -67.50
CA SER I 4 4.09 24.39 -66.23
C SER I 4 3.75 23.37 -65.15
N GLU I 5 4.60 23.29 -64.12
CA GLU I 5 4.51 22.21 -63.15
C GLU I 5 4.66 22.75 -61.74
N GLN I 6 4.09 22.03 -60.79
CA GLN I 6 4.26 22.32 -59.37
C GLN I 6 4.51 21.00 -58.65
N ASN I 7 5.44 21.01 -57.69
CA ASN I 7 5.88 19.81 -57.01
C ASN I 7 5.62 19.92 -55.52
N VAL I 8 5.17 18.83 -54.92
CA VAL I 8 5.02 18.73 -53.47
C VAL I 8 5.78 17.51 -52.99
N THR I 9 6.46 17.66 -51.85
CA THR I 9 7.29 16.59 -51.29
C THR I 9 6.54 15.92 -50.15
N VAL I 10 6.40 14.60 -50.22
CA VAL I 10 5.70 13.82 -49.21
C VAL I 10 6.71 13.07 -48.37
N THR I 11 6.65 13.25 -47.06
CA THR I 11 7.53 12.57 -46.12
C THR I 11 6.68 11.72 -45.19
N MET I 12 6.93 10.41 -45.20
CA MET I 12 6.22 9.45 -44.37
C MET I 12 7.20 8.78 -43.43
N ASP I 13 6.91 8.81 -42.13
CA ASP I 13 7.73 8.14 -41.14
C ASP I 13 6.88 7.12 -40.39
N LEU I 14 7.40 5.91 -40.23
CA LEU I 14 6.75 4.86 -39.46
C LEU I 14 7.51 4.73 -38.14
N GLN I 15 7.16 5.58 -37.19
CA GLN I 15 7.80 5.51 -35.89
C GLN I 15 7.40 4.25 -35.15
N PRO I 16 8.36 3.51 -34.61
CA PRO I 16 8.03 2.26 -33.91
C PRO I 16 7.34 2.53 -32.59
N VAL I 17 6.29 1.75 -32.32
CA VAL I 17 5.51 1.87 -31.10
C VAL I 17 5.73 0.60 -30.29
N LEU I 18 6.40 0.74 -29.14
CA LEU I 18 6.70 -0.39 -28.27
C LEU I 18 6.24 -0.03 -26.86
N GLN I 19 5.17 -0.67 -26.40
CA GLN I 19 4.60 -0.35 -25.10
C GLN I 19 4.33 -1.64 -24.34
N LEU I 20 4.81 -1.70 -23.10
CA LEU I 20 4.56 -2.81 -22.19
C LEU I 20 3.92 -2.24 -20.94
N SER I 21 2.61 -2.40 -20.81
CA SER I 21 1.86 -1.84 -19.70
C SER I 21 1.56 -2.94 -18.69
N MET I 22 2.03 -2.76 -17.46
CA MET I 22 1.86 -3.75 -16.41
C MET I 22 0.86 -3.25 -15.38
N GLN I 23 -0.09 -4.12 -15.03
CA GLN I 23 -1.04 -3.83 -13.97
C GLN I 23 -0.88 -4.82 -12.83
N GLY I 24 -0.97 -4.32 -11.61
CA GLY I 24 -0.76 -5.13 -10.43
C GLY I 24 0.02 -4.38 -9.37
N SER I 25 0.79 -5.11 -8.56
CA SER I 25 1.60 -4.50 -7.52
C SER I 25 3.08 -4.66 -7.87
N GLU I 26 3.81 -3.55 -7.85
CA GLU I 26 5.21 -3.60 -8.20
C GLU I 26 6.05 -4.26 -7.11
N THR I 27 5.50 -4.39 -5.90
CA THR I 27 6.10 -5.21 -4.85
C THR I 27 5.24 -6.44 -4.62
N VAL I 28 5.86 -7.61 -4.69
CA VAL I 28 5.22 -8.88 -4.36
C VAL I 28 5.91 -9.43 -3.12
N SER I 29 5.16 -9.58 -2.03
CA SER I 29 5.71 -9.96 -0.74
C SER I 29 5.20 -11.33 -0.34
N PHE I 30 6.13 -12.23 -0.02
CA PHE I 30 5.81 -13.54 0.54
C PHE I 30 6.23 -13.55 2.00
N VAL I 31 5.27 -13.78 2.89
CA VAL I 31 5.50 -13.78 4.33
C VAL I 31 5.24 -15.18 4.86
N PHE I 32 6.26 -15.78 5.47
CA PHE I 32 6.15 -17.11 6.05
C PHE I 32 6.22 -17.00 7.56
N SER I 33 5.12 -17.34 8.24
CA SER I 33 5.09 -17.28 9.69
C SER I 33 4.46 -18.52 10.30
N GLN I 34 3.71 -19.28 9.50
CA GLN I 34 3.11 -20.52 9.96
C GLN I 34 3.89 -21.71 9.40
N ILE I 35 3.75 -22.85 10.08
CA ILE I 35 4.42 -24.07 9.64
C ILE I 35 3.93 -24.48 8.26
N SER I 36 2.60 -24.41 8.06
CA SER I 36 2.03 -24.77 6.76
C SER I 36 2.62 -23.92 5.64
N GLU I 37 2.78 -22.61 5.89
CA GLU I 37 3.40 -21.76 4.90
C GLU I 37 4.82 -22.20 4.61
N TYR I 38 5.55 -22.61 5.65
CA TYR I 38 6.93 -23.04 5.45
C TYR I 38 7.01 -24.29 4.58
N ILE I 39 6.19 -25.30 4.89
CA ILE I 39 6.26 -26.56 4.15
C ILE I 39 5.71 -26.44 2.73
N GLY I 40 4.66 -25.67 2.52
CA GLY I 40 4.06 -25.62 1.20
C GLY I 40 4.25 -24.33 0.42
N GLY I 41 4.35 -23.20 1.11
CA GLY I 41 4.66 -21.95 0.45
C GLY I 41 3.46 -21.20 -0.08
N LEU I 42 3.58 -19.87 -0.13
CA LEU I 42 2.51 -19.03 -0.66
C LEU I 42 2.41 -19.20 -2.16
N THR I 43 1.18 -19.36 -2.65
CA THR I 43 0.89 -19.32 -4.07
C THR I 43 0.01 -18.12 -4.35
N GLN I 44 0.54 -17.15 -5.10
CA GLN I 44 -0.16 -15.91 -5.40
C GLN I 44 -0.68 -15.96 -6.82
N TYR I 45 -2.00 -15.78 -6.97
CA TYR I 45 -2.65 -15.87 -8.27
C TYR I 45 -2.94 -14.48 -8.82
N GLY I 46 -2.60 -14.29 -10.09
CA GLY I 46 -2.86 -13.04 -10.77
C GLY I 46 -2.18 -11.84 -10.14
N ALA I 47 -0.90 -12.01 -9.77
CA ALA I 47 -0.16 -10.93 -9.13
C ALA I 47 0.07 -9.77 -10.09
N VAL I 48 0.58 -10.08 -11.29
CA VAL I 48 0.92 -9.06 -12.28
C VAL I 48 0.41 -9.52 -13.63
N ASP I 49 -0.18 -8.58 -14.38
CA ASP I 49 -0.58 -8.84 -15.77
C ASP I 49 0.13 -7.84 -16.68
N LEU I 50 0.41 -8.29 -17.91
CA LEU I 50 1.15 -7.51 -18.89
C LEU I 50 0.36 -7.39 -20.17
N SER I 51 0.30 -6.19 -20.72
CA SER I 51 -0.35 -5.90 -21.99
C SER I 51 0.68 -5.33 -22.94
N VAL I 52 0.65 -5.77 -24.19
CA VAL I 52 1.68 -5.45 -25.18
C VAL I 52 1.04 -4.69 -26.32
N SER I 53 1.60 -3.54 -26.65
CA SER I 53 1.24 -2.79 -27.86
C SER I 53 2.49 -2.66 -28.71
N SER I 54 2.40 -3.08 -29.97
CA SER I 54 3.59 -3.14 -30.80
C SER I 54 3.21 -2.94 -32.25
N THR I 55 4.22 -2.59 -33.05
CA THR I 55 4.08 -2.46 -34.49
C THR I 55 4.80 -3.56 -35.25
N VAL I 56 5.91 -4.07 -34.73
CA VAL I 56 6.72 -5.07 -35.41
C VAL I 56 6.70 -6.36 -34.60
N ASP I 57 7.35 -7.39 -35.14
CA ASP I 57 7.43 -8.67 -34.46
C ASP I 57 8.17 -8.52 -33.15
N TRP I 58 7.61 -9.09 -32.08
CA TRP I 58 8.14 -8.91 -30.75
C TRP I 58 8.17 -10.24 -30.00
N CYS I 59 9.12 -10.36 -29.08
CA CYS I 59 9.25 -11.50 -28.20
C CYS I 59 9.39 -11.00 -26.77
N LEU I 60 8.59 -11.54 -25.87
CA LEU I 60 8.56 -11.13 -24.47
C LEU I 60 9.14 -12.26 -23.63
N TYR I 61 10.07 -11.91 -22.74
CA TYR I 61 10.64 -12.87 -21.81
C TYR I 61 10.71 -12.26 -20.42
N ALA I 62 10.93 -13.13 -19.44
CA ALA I 62 11.09 -12.74 -18.04
C ALA I 62 12.43 -13.23 -17.53
N ALA I 63 13.18 -12.33 -16.91
CA ALA I 63 14.49 -12.64 -16.35
C ALA I 63 14.50 -12.28 -14.87
N ALA I 64 15.42 -12.89 -14.14
CA ALA I 64 15.56 -12.63 -12.71
C ALA I 64 16.97 -12.11 -12.42
N PHE I 65 17.04 -11.06 -11.63
CA PHE I 65 18.30 -10.40 -11.35
C PHE I 65 18.30 -9.91 -9.91
N SER I 66 19.49 -9.78 -9.34
CA SER I 66 19.67 -9.29 -7.99
C SER I 66 21.06 -8.69 -7.86
N SER I 67 21.33 -8.08 -6.71
CA SER I 67 22.64 -7.49 -6.48
C SER I 67 23.72 -8.56 -6.49
N ASP I 68 23.45 -9.72 -5.89
CA ASP I 68 24.40 -10.83 -5.94
C ASP I 68 24.57 -11.32 -7.38
N ALA I 69 23.48 -11.40 -8.13
CA ALA I 69 23.55 -11.92 -9.49
C ALA I 69 24.45 -11.07 -10.39
N ALA I 70 24.75 -9.84 -9.98
CA ALA I 70 25.66 -8.99 -10.75
C ALA I 70 27.10 -9.46 -10.70
N ASP I 71 27.47 -10.30 -9.73
CA ASP I 71 28.85 -10.76 -9.61
C ASP I 71 29.00 -12.25 -9.95
N ALA I 72 28.25 -12.74 -10.93
CA ALA I 72 28.35 -14.07 -11.53
C ALA I 72 27.82 -15.19 -10.63
N GLU I 73 27.42 -14.90 -9.39
CA GLU I 73 26.79 -15.88 -8.52
C GLU I 73 25.31 -15.58 -8.45
N LEU I 74 24.49 -16.45 -9.05
CA LEU I 74 23.06 -16.22 -9.15
C LEU I 74 22.35 -16.76 -7.90
N ASN I 75 22.49 -15.99 -6.83
CA ASN I 75 21.81 -16.27 -5.57
C ASN I 75 20.98 -15.06 -5.17
N TRP I 76 19.98 -15.29 -4.32
CA TRP I 76 19.14 -14.21 -3.86
C TRP I 76 19.97 -13.20 -3.04
N THR I 77 19.48 -11.98 -2.99
CA THR I 77 20.15 -10.94 -2.21
C THR I 77 19.76 -11.12 -0.75
N ASN I 78 20.70 -11.59 0.07
CA ASN I 78 20.46 -11.67 1.50
C ASN I 78 20.20 -10.27 2.03
N MET I 79 19.20 -10.14 2.89
CA MET I 79 18.68 -8.83 3.25
C MET I 79 18.86 -8.57 4.74
N VAL I 80 18.36 -9.49 5.57
CA VAL I 80 18.59 -9.50 7.02
C VAL I 80 18.79 -10.95 7.44
N THR I 81 19.63 -11.15 8.44
CA THR I 81 19.93 -12.48 8.97
C THR I 81 19.30 -12.62 10.35
N PHE I 82 18.11 -13.21 10.41
CA PHE I 82 17.48 -13.48 11.69
C PHE I 82 18.19 -14.62 12.40
N GLY I 83 18.48 -14.44 13.68
CA GLY I 83 19.17 -15.44 14.46
C GLY I 83 20.62 -15.07 14.70
N ASP I 84 21.31 -15.94 15.42
CA ASP I 84 22.71 -15.71 15.79
C ASP I 84 23.69 -16.35 14.82
N SER I 85 23.68 -17.69 14.72
CA SER I 85 24.65 -18.40 13.90
C SER I 85 24.36 -19.90 13.85
N ASN I 86 24.78 -20.56 12.77
CA ASN I 86 24.67 -22.02 12.65
C ASN I 86 25.65 -22.51 11.59
N PRO I 87 26.55 -23.43 11.94
CA PRO I 87 27.49 -23.94 10.93
C PRO I 87 26.82 -24.62 9.75
N ASN I 88 25.67 -25.28 9.97
CA ASN I 88 25.00 -26.05 8.93
C ASN I 88 23.86 -25.25 8.31
N SER I 89 24.04 -23.93 8.22
CA SER I 89 23.05 -23.03 7.66
C SER I 89 23.74 -22.08 6.69
N ILE I 90 23.24 -22.01 5.46
CA ILE I 90 23.85 -21.22 4.40
C ILE I 90 22.83 -20.21 3.89
N THR I 91 23.22 -18.95 3.83
CA THR I 91 22.37 -17.88 3.31
C THR I 91 22.61 -17.66 1.83
N ASN I 92 22.57 -18.73 1.04
CA ASN I 92 22.80 -18.68 -0.41
C ASN I 92 21.65 -19.44 -1.07
N LEU I 93 20.57 -18.74 -1.38
CA LEU I 93 19.41 -19.38 -1.97
C LEU I 93 19.41 -19.19 -3.49
N PRO I 94 19.12 -20.25 -4.24
CA PRO I 94 19.15 -20.14 -5.71
C PRO I 94 18.12 -19.14 -6.20
N ILE I 95 18.50 -18.38 -7.24
CA ILE I 95 17.57 -17.46 -7.88
C ILE I 95 16.43 -18.22 -8.53
N THR I 96 16.68 -19.45 -8.95
CA THR I 96 15.69 -20.27 -9.64
C THR I 96 14.53 -20.69 -8.74
N VAL I 97 14.63 -20.43 -7.43
CA VAL I 97 13.60 -20.87 -6.49
C VAL I 97 12.22 -20.36 -6.91
N LEU I 98 12.14 -19.09 -7.26
CA LEU I 98 10.86 -18.50 -7.63
C LEU I 98 10.27 -19.20 -8.84
N GLN I 99 8.97 -19.53 -8.76
CA GLN I 99 8.27 -20.21 -9.83
C GLN I 99 7.17 -19.32 -10.39
N LEU I 100 7.02 -19.33 -11.71
CA LEU I 100 6.04 -18.51 -12.40
C LEU I 100 5.12 -19.41 -13.23
N PHE I 101 3.84 -19.05 -13.25
CA PHE I 101 2.86 -19.73 -14.09
C PHE I 101 2.23 -18.71 -15.02
N GLN I 102 2.23 -19.02 -16.31
CA GLN I 102 1.62 -18.20 -17.33
C GLN I 102 0.26 -18.77 -17.72
N SER I 103 -0.70 -17.89 -17.95
CA SER I 103 -2.05 -18.34 -18.29
C SER I 103 -2.15 -18.94 -19.69
N LYS I 104 -1.13 -18.77 -20.52
CA LYS I 104 -1.18 -19.26 -21.89
C LYS I 104 0.11 -19.97 -22.28
N PRO I 105 0.08 -20.83 -23.29
CA PRO I 105 1.31 -21.33 -23.88
C PRO I 105 1.92 -20.29 -24.82
N ASN I 106 3.15 -20.55 -25.23
CA ASN I 106 3.82 -19.66 -26.16
C ASN I 106 3.08 -19.68 -27.50
N PRO I 107 2.64 -18.53 -28.00
CA PRO I 107 1.92 -18.52 -29.29
C PRO I 107 2.74 -19.09 -30.43
N ASP I 108 3.92 -18.51 -30.66
CA ASP I 108 4.82 -18.95 -31.71
C ASP I 108 6.14 -19.37 -31.06
N THR I 109 6.26 -20.66 -30.75
CA THR I 109 7.45 -21.19 -30.11
C THR I 109 8.17 -22.16 -31.03
N ASN I 110 9.49 -22.03 -31.10
CA ASN I 110 10.36 -22.98 -31.80
C ASN I 110 11.48 -23.34 -30.83
N SER I 111 11.21 -24.31 -29.96
CA SER I 111 12.19 -24.73 -28.97
C SER I 111 11.84 -26.13 -28.48
N THR I 112 12.86 -26.83 -27.98
CA THR I 112 12.68 -28.17 -27.46
C THR I 112 13.41 -28.34 -26.12
N ALA I 113 13.31 -27.36 -25.25
CA ALA I 113 13.90 -27.46 -23.92
C ALA I 113 12.98 -28.27 -23.01
N ASP I 114 13.22 -28.19 -21.71
CA ASP I 114 12.37 -28.84 -20.73
C ASP I 114 10.94 -28.33 -20.87
N SER I 115 10.79 -27.01 -21.03
CA SER I 115 9.50 -26.40 -21.32
C SER I 115 9.74 -25.05 -21.95
N PRO I 116 9.18 -24.77 -23.13
CA PRO I 116 9.44 -23.48 -23.78
C PRO I 116 8.98 -22.28 -22.98
N SER I 117 7.87 -22.40 -22.24
CA SER I 117 7.33 -21.29 -21.49
C SER I 117 6.72 -21.79 -20.19
N PHE I 118 6.25 -20.87 -19.36
CA PHE I 118 5.63 -21.21 -18.10
C PHE I 118 4.17 -21.58 -18.30
N ALA I 119 3.89 -22.49 -19.21
CA ALA I 119 2.52 -22.82 -19.58
C ALA I 119 1.89 -23.85 -18.65
N THR I 120 2.66 -24.86 -18.24
CA THR I 120 2.11 -25.93 -17.42
C THR I 120 1.73 -25.42 -16.03
N ALA I 121 0.71 -26.03 -15.46
CA ALA I 121 0.24 -25.64 -14.15
C ALA I 121 1.26 -26.03 -13.07
N PHE I 122 1.12 -25.41 -11.90
CA PHE I 122 2.03 -25.68 -10.80
C PHE I 122 1.90 -27.13 -10.34
N ASP I 123 3.04 -27.75 -10.06
CA ASP I 123 3.09 -29.14 -9.64
C ASP I 123 3.47 -29.22 -8.16
N THR I 124 3.28 -30.41 -7.60
CA THR I 124 3.49 -30.65 -6.18
C THR I 124 4.67 -31.60 -5.98
N GLY I 125 5.51 -31.28 -5.01
CA GLY I 125 6.65 -32.12 -4.71
C GLY I 125 7.73 -32.03 -5.78
N ARG I 126 8.70 -32.94 -5.66
CA ARG I 126 9.78 -33.00 -6.62
C ARG I 126 9.34 -33.86 -7.80
N ALA I 127 8.53 -33.27 -8.69
CA ALA I 127 8.06 -33.97 -9.87
C ALA I 127 8.43 -33.28 -11.17
N ALA I 128 8.19 -31.97 -11.28
CA ALA I 128 8.39 -31.28 -12.54
C ALA I 128 9.86 -30.86 -12.72
N LEU I 129 10.36 -30.00 -11.85
CA LEU I 129 11.74 -29.55 -11.86
C LEU I 129 12.12 -28.90 -13.21
N GLY I 130 11.45 -27.78 -13.48
CA GLY I 130 11.83 -26.98 -14.64
C GLY I 130 10.70 -26.36 -15.42
N GLU I 131 9.51 -26.97 -15.37
CA GLU I 131 8.39 -26.48 -16.16
C GLU I 131 7.84 -25.15 -15.68
N ASN I 132 8.15 -24.72 -14.45
CA ASN I 132 7.65 -23.47 -13.94
C ASN I 132 8.73 -22.58 -13.33
N ASN I 133 9.99 -23.02 -13.33
CA ASN I 133 11.05 -22.23 -12.72
C ASN I 133 11.35 -20.99 -13.56
N VAL I 134 11.79 -19.94 -12.89
CA VAL I 134 12.10 -18.67 -13.56
C VAL I 134 13.44 -18.78 -14.25
N TYR I 135 13.67 -17.89 -15.23
CA TYR I 135 14.93 -17.86 -15.96
C TYR I 135 15.89 -16.93 -15.25
N ALA I 136 17.02 -17.46 -14.81
CA ALA I 136 18.02 -16.70 -14.07
C ALA I 136 19.18 -16.34 -15.00
N SER I 137 19.60 -15.08 -14.96
CA SER I 137 20.69 -14.62 -15.80
C SER I 137 21.43 -13.51 -15.08
N ARG I 138 22.76 -13.48 -15.24
CA ARG I 138 23.59 -12.44 -14.66
C ARG I 138 23.61 -11.16 -15.49
N ASP I 139 22.95 -11.16 -16.65
CA ASP I 139 22.83 -9.99 -17.50
C ASP I 139 21.51 -10.07 -18.25
N PRO I 140 20.46 -9.40 -17.77
CA PRO I 140 19.13 -9.61 -18.35
C PRO I 140 18.82 -8.70 -19.53
N PHE I 141 19.84 -8.04 -20.09
CA PHE I 141 19.62 -7.08 -21.17
C PHE I 141 20.06 -7.60 -22.52
N ASP I 142 20.15 -8.92 -22.69
CA ASP I 142 20.44 -9.52 -23.97
C ASP I 142 19.49 -10.68 -24.21
N ARG I 143 19.41 -11.13 -25.46
CA ARG I 143 18.52 -12.22 -25.81
C ARG I 143 18.98 -13.50 -25.13
N PRO I 144 18.13 -14.15 -24.35
CA PRO I 144 18.48 -15.47 -23.80
C PRO I 144 18.60 -16.51 -24.90
N SER I 145 19.34 -17.57 -24.59
CA SER I 145 19.59 -18.63 -25.55
C SER I 145 18.28 -19.30 -26.00
N ALA I 146 18.38 -20.04 -27.10
CA ALA I 146 17.19 -20.68 -27.66
C ALA I 146 16.60 -21.74 -26.74
N ASP I 147 17.39 -22.26 -25.80
CA ASP I 147 16.91 -23.26 -24.84
C ASP I 147 16.35 -22.63 -23.57
N ALA I 148 16.30 -21.30 -23.50
CA ALA I 148 15.76 -20.61 -22.34
C ALA I 148 14.24 -20.55 -22.45
N ARG I 149 13.61 -19.76 -21.58
CA ARG I 149 12.17 -19.65 -21.50
C ARG I 149 11.75 -18.27 -21.98
N TYR I 150 10.92 -18.22 -23.01
CA TYR I 150 10.32 -16.98 -23.49
C TYR I 150 8.83 -17.00 -23.23
N ILE I 151 8.32 -15.89 -22.70
CA ILE I 151 6.91 -15.82 -22.35
C ILE I 151 6.05 -15.80 -23.60
N ALA I 152 6.39 -14.95 -24.58
CA ALA I 152 5.56 -14.79 -25.76
C ALA I 152 6.41 -14.62 -27.02
N GLY I 153 7.43 -15.45 -27.18
CA GLY I 153 8.26 -15.32 -28.37
C GLY I 153 9.29 -16.43 -28.48
N GLY I 154 10.23 -16.22 -29.41
CA GLY I 154 11.29 -17.18 -29.65
C GLY I 154 12.59 -16.47 -29.98
N ASN I 155 13.69 -17.18 -29.74
CA ASN I 155 15.02 -16.59 -29.92
C ASN I 155 15.32 -16.32 -31.39
N ALA I 156 15.03 -17.29 -32.25
CA ALA I 156 15.36 -17.15 -33.66
C ALA I 156 14.47 -16.11 -34.32
N GLY I 157 14.81 -15.77 -35.56
CA GLY I 157 14.03 -14.82 -36.35
C GLY I 157 12.79 -15.40 -36.98
N ALA I 158 12.54 -16.69 -36.81
CA ALA I 158 11.35 -17.33 -37.32
C ALA I 158 10.30 -17.63 -36.25
N ALA I 159 10.67 -17.59 -34.98
CA ALA I 159 9.74 -17.82 -33.87
C ALA I 159 9.40 -16.46 -33.26
N GLU I 160 8.38 -15.82 -33.83
CA GLU I 160 7.95 -14.50 -33.37
C GLU I 160 6.44 -14.39 -33.54
N VAL I 161 5.84 -13.50 -32.75
CA VAL I 161 4.42 -13.21 -32.84
C VAL I 161 4.24 -11.90 -33.57
N ALA I 162 3.16 -11.82 -34.36
CA ALA I 162 2.91 -10.65 -35.19
C ALA I 162 2.57 -9.43 -34.34
N GLY I 163 2.84 -8.26 -34.91
CA GLY I 163 2.53 -7.02 -34.21
C GLY I 163 1.04 -6.80 -34.08
N GLY I 164 0.66 -6.07 -33.03
CA GLY I 164 -0.73 -5.80 -32.78
C GLY I 164 -0.90 -5.06 -31.47
N SER I 165 -2.14 -5.02 -31.00
CA SER I 165 -2.47 -4.36 -29.75
C SER I 165 -3.57 -5.14 -29.05
N TYR I 166 -3.47 -5.22 -27.72
CA TYR I 166 -4.47 -5.96 -26.96
C TYR I 166 -5.83 -5.29 -27.01
N LEU I 167 -5.86 -3.95 -27.03
CA LEU I 167 -7.13 -3.24 -27.10
C LEU I 167 -7.86 -3.54 -28.41
N VAL I 168 -7.15 -3.54 -29.53
CA VAL I 168 -7.78 -3.78 -30.81
C VAL I 168 -8.17 -5.25 -30.94
N ASP I 169 -9.27 -5.48 -31.66
CA ASP I 169 -9.78 -6.84 -31.88
C ASP I 169 -8.97 -7.47 -33.01
N ASP I 170 -7.91 -8.19 -32.64
CA ASP I 170 -7.04 -8.83 -33.61
C ASP I 170 -7.56 -10.25 -33.90
N GLY I 171 -6.73 -11.04 -34.58
CA GLY I 171 -7.13 -12.41 -34.87
C GLY I 171 -7.35 -13.23 -33.61
N GLY I 172 -6.54 -12.99 -32.58
CA GLY I 172 -6.74 -13.65 -31.31
C GLY I 172 -7.77 -12.98 -30.45
N ALA I 173 -9.01 -12.90 -30.95
CA ALA I 173 -10.15 -12.29 -30.25
C ALA I 173 -9.76 -10.88 -29.84
N SER I 174 -10.04 -10.44 -28.62
CA SER I 174 -9.67 -9.12 -28.15
C SER I 174 -9.63 -9.13 -26.63
N GLY I 175 -8.64 -8.43 -26.07
CA GLY I 175 -8.53 -8.34 -24.63
C GLY I 175 -7.57 -9.35 -24.04
N GLN I 176 -8.05 -10.16 -23.10
CA GLN I 176 -7.19 -11.08 -22.38
C GLN I 176 -6.64 -12.19 -23.27
N ASN I 177 -7.29 -12.46 -24.40
CA ASN I 177 -7.08 -13.75 -25.07
C ASN I 177 -5.69 -13.83 -25.72
N GLU I 178 -5.21 -12.75 -26.34
CA GLU I 178 -3.98 -12.88 -27.11
C GLU I 178 -2.81 -12.05 -26.61
N PHE I 179 -2.97 -10.73 -26.53
CA PHE I 179 -1.83 -9.86 -26.22
C PHE I 179 -1.81 -9.47 -24.75
N TYR I 180 -2.32 -10.34 -23.89
CA TYR I 180 -2.56 -9.99 -22.49
C TYR I 180 -2.23 -11.22 -21.66
N PHE I 181 -1.11 -11.18 -20.94
CA PHE I 181 -0.63 -12.34 -20.19
C PHE I 181 -0.63 -12.06 -18.70
N THR I 182 -1.29 -12.94 -17.95
CA THR I 182 -1.35 -12.83 -16.49
C THR I 182 -0.44 -13.88 -15.88
N ILE I 183 0.43 -13.46 -14.97
CA ILE I 183 1.47 -14.31 -14.40
C ILE I 183 1.21 -14.48 -12.92
N SER I 184 1.28 -15.71 -12.44
CA SER I 184 1.08 -16.02 -11.02
C SER I 184 2.38 -16.54 -10.42
N PHE I 185 2.73 -16.03 -9.25
CA PHE I 185 3.97 -16.39 -8.57
C PHE I 185 3.71 -17.49 -7.55
N ARG I 186 4.71 -18.33 -7.33
CA ARG I 186 4.64 -19.38 -6.32
C ARG I 186 6.05 -19.74 -5.88
N VAL I 187 6.24 -19.85 -4.57
CA VAL I 187 7.48 -20.32 -3.97
C VAL I 187 7.13 -21.42 -2.96
N VAL I 188 7.80 -22.56 -3.06
CA VAL I 188 7.56 -23.65 -2.13
C VAL I 188 8.84 -24.00 -1.36
N PRO I 189 8.98 -23.53 -0.13
CA PRO I 189 10.06 -24.03 0.73
C PRO I 189 9.70 -25.38 1.32
N ALA I 190 10.52 -25.90 2.21
CA ALA I 190 10.26 -27.18 2.86
C ALA I 190 10.34 -26.99 4.36
N LEU I 191 9.65 -27.87 5.08
CA LEU I 191 9.69 -27.82 6.55
C LEU I 191 11.11 -27.93 7.10
N PRO I 192 11.98 -28.82 6.60
CA PRO I 192 13.39 -28.75 7.01
C PRO I 192 14.05 -27.43 6.67
N GLY I 193 13.59 -26.75 5.61
CA GLY I 193 14.16 -25.47 5.22
C GLY I 193 14.77 -25.45 3.83
N THR I 194 14.71 -26.55 3.09
CA THR I 194 15.29 -26.60 1.76
C THR I 194 14.26 -26.20 0.71
N TYR I 195 14.71 -26.14 -0.54
CA TYR I 195 13.87 -25.76 -1.68
C TYR I 195 13.98 -26.83 -2.75
N PRO I 196 13.18 -27.88 -2.69
CA PRO I 196 13.38 -29.03 -3.60
C PRO I 196 13.08 -28.74 -5.06
N ARG I 197 12.59 -27.55 -5.40
CA ARG I 197 12.23 -27.23 -6.77
C ARG I 197 13.26 -26.36 -7.49
N ALA I 198 14.38 -26.04 -6.85
CA ALA I 198 15.40 -25.23 -7.50
C ALA I 198 16.13 -26.04 -8.56
N THR I 199 16.47 -25.37 -9.66
CA THR I 199 17.19 -26.00 -10.77
C THR I 199 18.51 -25.27 -10.99
N SER I 200 19.19 -25.62 -12.09
CA SER I 200 20.51 -25.09 -12.39
C SER I 200 20.44 -23.61 -12.74
N GLU I 201 21.63 -23.01 -12.86
CA GLU I 201 21.77 -21.62 -13.25
C GLU I 201 22.46 -21.43 -14.59
N ASP I 202 22.98 -22.49 -15.20
CA ASP I 202 23.65 -22.37 -16.48
C ASP I 202 22.67 -21.89 -17.56
N GLN I 203 21.49 -22.48 -17.60
CA GLN I 203 20.43 -22.07 -18.52
C GLN I 203 19.15 -21.67 -17.82
N GLY I 204 18.92 -22.13 -16.59
CA GLY I 204 17.66 -21.92 -15.90
C GLY I 204 16.54 -22.79 -16.39
N ASN I 205 16.81 -23.75 -17.28
CA ASN I 205 15.78 -24.59 -17.87
C ASN I 205 16.01 -26.07 -17.61
N THR I 206 17.20 -26.46 -17.18
CA THR I 206 17.52 -27.88 -16.99
C THR I 206 16.71 -28.47 -15.84
N ASP I 207 16.84 -29.79 -15.70
CA ASP I 207 16.03 -30.55 -14.75
C ASP I 207 16.76 -30.86 -13.45
N GLU I 208 18.08 -30.89 -13.46
CA GLU I 208 18.83 -31.33 -12.28
C GLU I 208 18.50 -30.44 -11.10
N THR I 209 18.25 -31.05 -9.94
CA THR I 209 17.80 -30.30 -8.77
C THR I 209 18.97 -29.58 -8.11
N ASP I 210 18.70 -28.35 -7.65
CA ASP I 210 19.72 -27.52 -7.02
C ASP I 210 19.29 -27.12 -5.63
N ASP I 211 18.62 -28.03 -4.91
CA ASP I 211 18.23 -27.76 -3.54
C ASP I 211 19.44 -27.87 -2.61
N LEU I 212 19.23 -27.45 -1.37
CA LEU I 212 20.34 -27.34 -0.43
C LEU I 212 20.89 -28.71 -0.02
N VAL I 213 20.06 -29.75 -0.10
CA VAL I 213 20.55 -31.08 0.24
C VAL I 213 21.52 -31.57 -0.83
N VAL I 214 21.37 -31.10 -2.07
CA VAL I 214 22.40 -31.39 -3.07
C VAL I 214 23.71 -30.73 -2.70
N ARG I 215 23.66 -29.49 -2.20
CA ARG I 215 24.88 -28.76 -1.87
C ARG I 215 25.59 -29.38 -0.67
N GLY I 216 24.85 -29.63 0.41
CA GLY I 216 25.48 -30.07 1.65
C GLY I 216 24.92 -31.31 2.31
N ASP I 217 23.70 -31.70 1.93
CA ASP I 217 22.96 -32.86 2.44
C ASP I 217 22.40 -32.61 3.84
N GLY I 218 22.72 -31.49 4.48
CA GLY I 218 22.15 -31.18 5.78
C GLY I 218 21.87 -29.71 5.96
N ARG I 219 22.07 -28.93 4.89
CA ARG I 219 21.88 -27.50 4.97
C ARG I 219 20.40 -27.14 4.87
N TYR I 220 20.09 -25.93 5.33
CA TYR I 220 18.74 -25.38 5.23
C TYR I 220 18.85 -23.86 5.20
N ALA I 221 17.79 -23.22 4.72
CA ALA I 221 17.80 -21.78 4.56
C ALA I 221 17.86 -21.09 5.92
N TYR I 222 18.76 -20.12 6.03
CA TYR I 222 18.88 -19.35 7.26
C TYR I 222 17.63 -18.51 7.48
N PRO I 223 17.15 -18.38 8.71
CA PRO I 223 16.03 -17.46 8.97
C PRO I 223 16.43 -16.04 8.62
N GLY I 224 15.50 -15.30 8.04
CA GLY I 224 15.79 -13.94 7.62
C GLY I 224 14.90 -13.53 6.48
N VAL I 225 15.39 -12.57 5.70
CA VAL I 225 14.66 -12.01 4.58
C VAL I 225 15.61 -11.87 3.39
N TYR I 226 15.07 -12.04 2.19
CA TYR I 226 15.88 -11.97 0.98
C TYR I 226 15.08 -11.26 -0.10
N THR I 227 15.82 -10.72 -1.07
CA THR I 227 15.23 -9.91 -2.12
C THR I 227 15.70 -10.40 -3.48
N LEU I 228 14.80 -10.26 -4.45
CA LEU I 228 15.05 -10.63 -5.84
C LEU I 228 14.18 -9.75 -6.73
N ASN I 229 14.73 -9.34 -7.88
CA ASN I 229 14.02 -8.49 -8.82
C ASN I 229 13.72 -9.28 -10.08
N VAL I 230 12.55 -9.05 -10.66
CA VAL I 230 12.11 -9.72 -11.87
C VAL I 230 11.87 -8.67 -12.95
N LYS I 231 12.46 -8.88 -14.12
CA LYS I 231 12.38 -7.95 -15.24
C LYS I 231 11.62 -8.62 -16.39
N PHE I 232 10.53 -8.00 -16.81
CA PHE I 232 9.80 -8.43 -17.99
C PHE I 232 10.21 -7.55 -19.16
N VAL I 233 10.87 -8.14 -20.16
CA VAL I 233 11.49 -7.38 -21.24
C VAL I 233 10.93 -7.88 -22.56
N MET I 234 10.51 -6.95 -23.42
CA MET I 234 10.05 -7.27 -24.76
C MET I 234 11.04 -6.69 -25.78
N VAL I 235 11.39 -7.50 -26.77
CA VAL I 235 12.44 -7.17 -27.72
C VAL I 235 11.90 -7.39 -29.14
N GLU I 236 12.22 -6.47 -30.05
CA GLU I 236 11.82 -6.64 -31.44
C GLU I 236 12.48 -7.88 -32.03
N CYS I 237 11.72 -8.63 -32.82
CA CYS I 237 12.25 -9.82 -33.47
C CYS I 237 12.51 -9.55 -34.94
N ASN J 1 30.67 39.26 -76.33
CA ASN J 1 30.46 38.64 -75.03
C ASN J 1 29.11 39.05 -74.45
N LEU J 2 28.06 38.91 -75.25
CA LEU J 2 26.71 39.24 -74.81
C LEU J 2 26.26 38.28 -73.72
N ILE J 3 25.63 38.83 -72.69
CA ILE J 3 25.31 38.07 -71.48
C ILE J 3 23.83 38.22 -71.17
N SER J 4 23.16 37.08 -70.99
CA SER J 4 21.83 37.03 -70.40
C SER J 4 21.87 36.01 -69.27
N GLU J 5 21.50 36.45 -68.08
CA GLU J 5 21.70 35.64 -66.89
C GLU J 5 20.45 35.67 -66.00
N GLN J 6 20.30 34.62 -65.21
CA GLN J 6 19.26 34.53 -64.20
C GLN J 6 19.88 33.97 -62.93
N ASN J 7 19.48 34.55 -61.79
CA ASN J 7 20.08 34.21 -60.51
C ASN J 7 19.02 33.66 -59.55
N VAL J 8 19.39 32.64 -58.79
CA VAL J 8 18.55 32.09 -57.74
C VAL J 8 19.35 32.08 -56.45
N THR J 9 18.70 32.44 -55.35
CA THR J 9 19.34 32.54 -54.05
C THR J 9 18.98 31.31 -53.22
N VAL J 10 20.01 30.63 -52.72
CA VAL J 10 19.84 29.41 -51.93
C VAL J 10 20.12 29.73 -50.47
N THR J 11 19.16 29.43 -49.60
CA THR J 11 19.29 29.64 -48.17
C THR J 11 19.19 28.30 -47.46
N MET J 12 20.24 27.93 -46.74
CA MET J 12 20.31 26.68 -46.00
C MET J 12 20.48 26.98 -44.52
N ASP J 13 19.59 26.42 -43.70
CA ASP J 13 19.68 26.58 -42.25
C ASP J 13 19.81 25.21 -41.60
N LEU J 14 20.75 25.07 -40.67
CA LEU J 14 20.93 23.84 -39.90
C LEU J 14 20.39 24.11 -38.51
N GLN J 15 19.09 23.94 -38.35
CA GLN J 15 18.49 24.15 -37.04
C GLN J 15 18.91 23.05 -36.08
N PRO J 16 19.34 23.40 -34.87
CA PRO J 16 19.79 22.39 -33.93
C PRO J 16 18.63 21.58 -33.38
N VAL J 17 18.84 20.27 -33.29
CA VAL J 17 17.82 19.34 -32.80
C VAL J 17 18.34 18.76 -31.49
N LEU J 18 17.70 19.10 -30.39
CA LEU J 18 18.07 18.64 -29.06
C LEU J 18 16.84 18.05 -28.39
N GLN J 19 16.81 16.73 -28.24
CA GLN J 19 15.65 16.06 -27.67
C GLN J 19 16.11 15.06 -26.63
N LEU J 20 15.51 15.14 -25.44
CA LEU J 20 15.74 14.19 -24.35
C LEU J 20 14.40 13.59 -23.98
N SER J 21 14.15 12.36 -24.42
CA SER J 21 12.88 11.69 -24.19
C SER J 21 13.04 10.69 -23.06
N MET J 22 12.25 10.86 -22.01
CA MET J 22 12.33 10.01 -20.83
C MET J 22 11.11 9.11 -20.76
N GLN J 23 11.34 7.82 -20.52
CA GLN J 23 10.26 6.86 -20.31
C GLN J 23 10.36 6.27 -18.91
N GLY J 24 9.21 6.12 -18.26
CA GLY J 24 9.15 5.64 -16.90
C GLY J 24 8.11 6.37 -16.10
N SER J 25 8.33 6.51 -14.80
CA SER J 25 7.42 7.21 -13.92
C SER J 25 8.08 8.50 -13.43
N GLU J 26 7.38 9.62 -13.59
CA GLU J 26 7.95 10.89 -13.18
C GLU J 26 7.95 11.04 -11.66
N THR J 27 7.20 10.20 -10.94
CA THR J 27 7.31 10.08 -9.49
C THR J 27 7.92 8.74 -9.14
N VAL J 28 8.99 8.76 -8.35
CA VAL J 28 9.61 7.56 -7.81
C VAL J 28 9.43 7.59 -6.30
N SER J 29 8.71 6.61 -5.77
CA SER J 29 8.33 6.59 -4.36
C SER J 29 9.02 5.44 -3.66
N PHE J 30 9.71 5.75 -2.56
CA PHE J 30 10.30 4.75 -1.68
C PHE J 30 9.50 4.74 -0.38
N VAL J 31 8.92 3.59 -0.05
CA VAL J 31 8.10 3.43 1.15
C VAL J 31 8.78 2.45 2.07
N PHE J 32 9.09 2.89 3.29
CA PHE J 32 9.72 2.07 4.30
C PHE J 32 8.73 1.78 5.41
N SER J 33 8.34 0.52 5.56
CA SER J 33 7.40 0.16 6.62
C SER J 33 7.83 -1.08 7.37
N GLN J 34 8.73 -1.87 6.78
CA GLN J 34 9.26 -3.06 7.42
C GLN J 34 10.68 -2.78 7.92
N ILE J 35 11.11 -3.58 8.91
CA ILE J 35 12.45 -3.45 9.46
C ILE J 35 13.49 -3.71 8.38
N SER J 36 13.28 -4.76 7.58
CA SER J 36 14.21 -5.09 6.51
C SER J 36 14.38 -3.92 5.54
N GLU J 37 13.27 -3.26 5.20
CA GLU J 37 13.35 -2.10 4.33
C GLU J 37 14.18 -1.00 4.99
N TYR J 38 14.03 -0.81 6.30
CA TYR J 38 14.78 0.23 6.99
C TYR J 38 16.27 -0.06 6.96
N ILE J 39 16.67 -1.28 7.29
CA ILE J 39 18.10 -1.60 7.35
C ILE J 39 18.75 -1.66 5.98
N GLY J 40 18.05 -2.18 4.96
CA GLY J 40 18.70 -2.33 3.67
C GLY J 40 18.25 -1.40 2.57
N GLY J 41 16.98 -0.99 2.61
CA GLY J 41 16.50 0.01 1.67
C GLY J 41 15.98 -0.54 0.36
N LEU J 42 15.03 0.16 -0.24
CA LEU J 42 14.47 -0.24 -1.53
C LEU J 42 15.51 -0.03 -2.63
N THR J 43 15.65 -1.03 -3.49
CA THR J 43 16.43 -0.90 -4.71
C THR J 43 15.49 -1.05 -5.90
N GLN J 44 15.33 0.02 -6.66
CA GLN J 44 14.42 0.06 -7.80
C GLN J 44 15.22 -0.06 -9.09
N TYR J 45 14.88 -1.07 -9.89
CA TYR J 45 15.59 -1.34 -11.12
C TYR J 45 14.81 -0.83 -12.33
N GLY J 46 15.51 -0.14 -13.21
CA GLY J 46 14.92 0.38 -14.44
C GLY J 46 13.78 1.35 -14.20
N ALA J 47 13.96 2.26 -13.26
CA ALA J 47 12.90 3.22 -12.93
C ALA J 47 12.66 4.19 -14.09
N VAL J 48 13.74 4.79 -14.61
CA VAL J 48 13.64 5.78 -15.67
C VAL J 48 14.70 5.47 -16.72
N ASP J 49 14.33 5.59 -17.99
CA ASP J 49 15.27 5.46 -19.10
C ASP J 49 15.24 6.74 -19.92
N LEU J 50 16.37 7.10 -20.51
CA LEU J 50 16.54 8.34 -21.26
C LEU J 50 17.08 8.02 -22.65
N SER J 51 16.48 8.65 -23.65
CA SER J 51 16.89 8.54 -25.03
C SER J 51 17.26 9.93 -25.55
N VAL J 52 18.36 10.02 -26.28
CA VAL J 52 18.95 11.28 -26.70
C VAL J 52 18.92 11.36 -28.22
N SER J 53 18.36 12.45 -28.75
CA SER J 53 18.46 12.78 -30.16
C SER J 53 19.15 14.13 -30.29
N SER J 54 20.22 14.17 -31.07
CA SER J 54 21.04 15.38 -31.12
C SER J 54 21.69 15.50 -32.48
N THR J 55 22.13 16.73 -32.78
CA THR J 55 22.88 17.03 -33.98
C THR J 55 24.34 17.33 -33.70
N VAL J 56 24.65 17.94 -32.55
CA VAL J 56 26.01 18.34 -32.22
C VAL J 56 26.48 17.55 -31.02
N ASP J 57 27.75 17.78 -30.65
CA ASP J 57 28.32 17.11 -29.49
C ASP J 57 27.56 17.48 -28.22
N TRP J 58 27.23 16.48 -27.43
CA TRP J 58 26.39 16.67 -26.25
C TRP J 58 26.96 15.92 -25.07
N CYS J 59 26.69 16.45 -23.88
CA CYS J 59 27.04 15.83 -22.62
C CYS J 59 25.83 15.82 -21.72
N LEU J 60 25.52 14.65 -21.15
CA LEU J 60 24.35 14.47 -20.31
C LEU J 60 24.80 14.25 -18.87
N TYR J 61 24.20 14.97 -17.95
CA TYR J 61 24.49 14.79 -16.53
C TYR J 61 23.19 14.80 -15.73
N ALA J 62 23.31 14.34 -14.49
CA ALA J 62 22.19 14.30 -13.56
C ALA J 62 22.55 15.11 -12.31
N ALA J 63 21.64 16.00 -11.92
CA ALA J 63 21.83 16.82 -10.74
C ALA J 63 20.65 16.64 -9.80
N ALA J 64 20.87 16.96 -8.53
CA ALA J 64 19.84 16.85 -7.52
C ALA J 64 19.58 18.21 -6.90
N PHE J 65 18.29 18.54 -6.76
CA PHE J 65 17.90 19.86 -6.27
C PHE J 65 16.64 19.71 -5.43
N SER J 66 16.48 20.65 -4.50
CA SER J 66 15.30 20.68 -3.63
C SER J 66 15.08 22.11 -3.18
N SER J 67 13.97 22.33 -2.47
CA SER J 67 13.67 23.66 -1.95
C SER J 67 14.73 24.12 -0.96
N ASP J 68 15.18 23.21 -0.09
CA ASP J 68 16.26 23.54 0.82
C ASP J 68 17.56 23.83 0.06
N ALA J 69 17.84 23.04 -0.97
CA ALA J 69 19.08 23.22 -1.73
C ALA J 69 19.17 24.59 -2.37
N ALA J 70 18.06 25.31 -2.51
CA ALA J 70 18.07 26.65 -3.07
C ALA J 70 18.72 27.67 -2.13
N ASP J 71 18.86 27.36 -0.84
CA ASP J 71 19.44 28.31 0.10
C ASP J 71 20.80 27.86 0.63
N ALA J 72 21.62 27.24 -0.24
CA ALA J 72 23.01 26.87 -0.02
C ALA J 72 23.20 25.70 0.93
N GLU J 73 22.14 25.18 1.54
CA GLU J 73 22.22 23.97 2.38
C GLU J 73 21.61 22.82 1.59
N LEU J 74 22.45 21.88 1.17
CA LEU J 74 22.04 20.77 0.31
C LEU J 74 21.53 19.62 1.19
N ASN J 75 20.32 19.81 1.70
CA ASN J 75 19.61 18.79 2.46
C ASN J 75 18.27 18.51 1.80
N TRP J 76 17.70 17.34 2.09
CA TRP J 76 16.41 16.99 1.54
C TRP J 76 15.34 17.94 2.06
N THR J 77 14.25 18.06 1.29
CA THR J 77 13.14 18.90 1.71
C THR J 77 12.29 18.13 2.71
N ASN J 78 12.36 18.51 3.98
CA ASN J 78 11.49 17.92 4.98
C ASN J 78 10.05 18.20 4.61
N MET J 79 9.21 17.18 4.72
CA MET J 79 7.88 17.23 4.13
C MET J 79 6.81 17.11 5.21
N VAL J 80 6.88 16.06 6.04
CA VAL J 80 6.07 15.89 7.24
C VAL J 80 6.96 15.32 8.32
N THR J 81 6.68 15.69 9.56
CA THR J 81 7.45 15.22 10.72
C THR J 81 6.57 14.28 11.53
N PHE J 82 6.71 12.98 11.30
CA PHE J 82 6.00 11.98 12.10
C PHE J 82 6.59 11.92 13.50
N GLY J 83 5.74 11.92 14.51
CA GLY J 83 6.18 11.87 15.89
C GLY J 83 6.06 13.23 16.56
N ASP J 84 6.43 13.24 17.84
CA ASP J 84 6.34 14.45 18.66
C ASP J 84 7.64 15.24 18.68
N SER J 85 8.71 14.67 19.23
CA SER J 85 9.98 15.37 19.40
C SER J 85 11.07 14.46 19.94
N ASN J 86 12.33 14.80 19.63
CA ASN J 86 13.48 14.09 20.17
C ASN J 86 14.72 14.97 20.06
N PRO J 87 15.41 15.25 21.17
CA PRO J 87 16.62 16.08 21.08
C PRO J 87 17.71 15.49 20.20
N ASN J 88 17.83 14.17 20.14
CA ASN J 88 18.89 13.50 19.42
C ASN J 88 18.41 13.04 18.04
N SER J 89 17.51 13.81 17.45
CA SER J 89 16.95 13.50 16.14
C SER J 89 16.97 14.76 15.28
N ILE J 90 17.55 14.67 14.10
CA ILE J 90 17.73 15.82 13.22
C ILE J 90 17.06 15.51 11.88
N THR J 91 16.23 16.44 11.43
CA THR J 91 15.54 16.31 10.13
C THR J 91 16.33 17.00 9.03
N ASN J 92 17.62 16.68 8.92
CA ASN J 92 18.51 17.26 7.92
C ASN J 92 19.25 16.10 7.25
N LEU J 93 18.66 15.56 6.19
CA LEU J 93 19.25 14.43 5.49
C LEU J 93 20.04 14.89 4.27
N PRO J 94 21.24 14.35 4.07
CA PRO J 94 22.05 14.80 2.93
C PRO J 94 21.37 14.49 1.61
N ILE J 95 21.52 15.41 0.66
CA ILE J 95 21.00 15.20 -0.69
C ILE J 95 21.72 14.03 -1.35
N THR J 96 22.97 13.81 -0.97
CA THR J 96 23.80 12.76 -1.57
C THR J 96 23.32 11.36 -1.24
N VAL J 97 22.34 11.23 -0.34
CA VAL J 97 21.88 9.91 0.10
C VAL J 97 21.44 9.05 -1.08
N LEU J 98 20.67 9.65 -1.99
CA LEU J 98 20.16 8.91 -3.15
C LEU J 98 21.31 8.39 -4.00
N GLN J 99 21.22 7.12 -4.38
CA GLN J 99 22.24 6.47 -5.19
C GLN J 99 21.66 6.07 -6.54
N LEU J 100 22.44 6.26 -7.60
CA LEU J 100 22.04 5.97 -8.96
C LEU J 100 23.01 4.98 -9.59
N PHE J 101 22.48 4.05 -10.36
CA PHE J 101 23.28 3.11 -11.13
C PHE J 101 22.95 3.26 -12.60
N GLN J 102 23.97 3.45 -13.41
CA GLN J 102 23.83 3.55 -14.86
C GLN J 102 24.22 2.22 -15.51
N SER J 103 23.47 1.85 -16.55
CA SER J 103 23.71 0.59 -17.22
C SER J 103 25.00 0.58 -18.03
N LYS J 104 25.62 1.74 -18.26
CA LYS J 104 26.81 1.82 -19.09
C LYS J 104 27.87 2.70 -18.45
N PRO J 105 29.14 2.54 -18.82
CA PRO J 105 30.16 3.53 -18.45
C PRO J 105 30.06 4.74 -19.36
N ASN J 106 30.78 5.78 -18.97
CA ASN J 106 30.83 7.00 -19.78
C ASN J 106 31.49 6.69 -21.11
N PRO J 107 30.83 6.96 -22.24
CA PRO J 107 31.44 6.66 -23.55
C PRO J 107 32.75 7.40 -23.76
N ASP J 108 32.72 8.73 -23.65
CA ASP J 108 33.90 9.57 -23.82
C ASP J 108 34.10 10.35 -22.52
N THR J 109 34.91 9.80 -21.63
CA THR J 109 35.19 10.42 -20.35
C THR J 109 36.65 10.82 -20.24
N ASN J 110 36.89 12.04 -19.74
CA ASN J 110 38.23 12.54 -19.43
C ASN J 110 38.15 13.09 -18.00
N SER J 111 38.31 12.21 -17.02
CA SER J 111 38.24 12.61 -15.62
C SER J 111 38.92 11.56 -14.77
N THR J 112 39.36 12.00 -13.58
CA THR J 112 40.04 11.11 -12.64
C THR J 112 39.52 11.32 -11.22
N ALA J 113 38.20 11.47 -11.07
CA ALA J 113 37.59 11.59 -9.76
C ALA J 113 37.46 10.21 -9.12
N ASP J 114 36.65 10.12 -8.07
CA ASP J 114 36.37 8.85 -7.43
C ASP J 114 35.75 7.89 -8.43
N SER J 115 34.82 8.40 -9.25
CA SER J 115 34.25 7.63 -10.35
C SER J 115 33.65 8.60 -11.35
N PRO J 116 34.03 8.54 -12.63
CA PRO J 116 33.50 9.52 -13.59
C PRO J 116 32.00 9.45 -13.77
N SER J 117 31.40 8.27 -13.66
CA SER J 117 29.98 8.10 -13.87
C SER J 117 29.45 7.03 -12.94
N PHE J 118 28.12 6.84 -12.99
CA PHE J 118 27.47 5.84 -12.16
C PHE J 118 27.55 4.46 -12.81
N ALA J 119 28.76 4.05 -13.21
CA ALA J 119 28.92 2.81 -13.96
C ALA J 119 29.00 1.58 -13.07
N THR J 120 29.68 1.68 -11.94
CA THR J 120 29.89 0.53 -11.07
C THR J 120 28.56 0.09 -10.44
N ALA J 121 28.45 -1.21 -10.21
CA ALA J 121 27.26 -1.77 -9.61
C ALA J 121 27.12 -1.34 -8.16
N PHE J 122 25.90 -1.47 -7.64
CA PHE J 122 25.63 -1.09 -6.25
C PHE J 122 26.43 -1.97 -5.30
N ASP J 123 26.98 -1.35 -4.26
CA ASP J 123 27.78 -2.02 -3.27
C ASP J 123 27.03 -2.11 -1.94
N THR J 124 27.54 -2.94 -1.05
CA THR J 124 26.91 -3.23 0.23
C THR J 124 27.77 -2.70 1.36
N GLY J 125 27.12 -2.07 2.34
CA GLY J 125 27.83 -1.55 3.49
C GLY J 125 28.64 -0.31 3.15
N ARG J 126 29.47 0.09 4.11
CA ARG J 126 30.34 1.24 3.92
C ARG J 126 31.62 0.77 3.23
N ALA J 127 31.54 0.56 1.91
CA ALA J 127 32.69 0.13 1.13
C ALA J 127 33.04 1.08 0.00
N ALA J 128 32.07 1.49 -0.81
CA ALA J 128 32.35 2.30 -1.98
C ALA J 128 32.47 3.78 -1.64
N LEU J 129 31.38 4.38 -1.16
CA LEU J 129 31.34 5.77 -0.72
C LEU J 129 31.77 6.72 -1.86
N GLY J 130 30.94 6.73 -2.91
CA GLY J 130 31.12 7.69 -3.97
C GLY J 130 30.87 7.20 -5.37
N GLU J 131 31.04 5.90 -5.60
CA GLU J 131 30.91 5.35 -6.95
C GLU J 131 29.48 5.35 -7.47
N ASN J 132 28.47 5.50 -6.60
CA ASN J 132 27.09 5.51 -7.04
C ASN J 132 26.28 6.68 -6.50
N ASN J 133 26.89 7.56 -5.71
CA ASN J 133 26.16 8.68 -5.13
C ASN J 133 25.79 9.70 -6.20
N VAL J 134 24.68 10.39 -5.99
CA VAL J 134 24.19 11.37 -6.93
C VAL J 134 24.99 12.66 -6.78
N TYR J 135 24.95 13.49 -7.82
CA TYR J 135 25.66 14.77 -7.80
C TYR J 135 24.73 15.84 -7.26
N ALA J 136 25.11 16.46 -6.15
CA ALA J 136 24.31 17.48 -5.49
C ALA J 136 24.85 18.86 -5.82
N SER J 137 23.96 19.77 -6.19
CA SER J 137 24.35 21.14 -6.53
C SER J 137 23.23 22.09 -6.16
N ARG J 138 23.60 23.27 -5.68
CA ARG J 138 22.64 24.31 -5.35
C ARG J 138 22.17 25.10 -6.56
N ASP J 139 22.75 24.83 -7.73
CA ASP J 139 22.33 25.48 -8.97
C ASP J 139 22.57 24.49 -10.12
N PRO J 140 21.54 23.77 -10.56
CA PRO J 140 21.75 22.68 -11.52
C PRO J 140 21.72 23.12 -12.97
N PHE J 141 21.79 24.42 -13.24
CA PHE J 141 21.66 24.94 -14.59
C PHE J 141 22.99 25.42 -15.16
N ASP J 142 24.11 24.95 -14.62
CA ASP J 142 25.42 25.25 -15.17
C ASP J 142 26.24 23.97 -15.24
N ARG J 143 27.32 24.03 -16.01
CA ARG J 143 28.17 22.86 -16.18
C ARG J 143 28.84 22.51 -14.85
N PRO J 144 28.67 21.28 -14.35
CA PRO J 144 29.41 20.86 -13.16
C PRO J 144 30.90 20.78 -13.44
N SER J 145 31.68 20.84 -12.37
CA SER J 145 33.12 20.84 -12.49
C SER J 145 33.61 19.53 -13.10
N ALA J 146 34.88 19.56 -13.54
CA ALA J 146 35.45 18.39 -14.21
C ALA J 146 35.56 17.18 -13.30
N ASP J 147 35.55 17.38 -11.98
CA ASP J 147 35.63 16.29 -11.03
C ASP J 147 34.25 15.76 -10.64
N ALA J 148 33.18 16.30 -11.22
CA ALA J 148 31.83 15.85 -10.92
C ALA J 148 31.52 14.61 -11.74
N ARG J 149 30.25 14.20 -11.74
CA ARG J 149 29.80 12.99 -12.41
C ARG J 149 28.94 13.38 -13.61
N TYR J 150 29.36 12.94 -14.80
CA TYR J 150 28.58 13.11 -16.01
C TYR J 150 28.11 11.75 -16.50
N ILE J 151 26.82 11.69 -16.86
CA ILE J 151 26.25 10.42 -17.29
C ILE J 151 26.81 9.99 -18.64
N ALA J 152 26.84 10.91 -19.60
CA ALA J 152 27.25 10.57 -20.96
C ALA J 152 28.08 11.69 -21.58
N GLY J 153 29.03 12.24 -20.85
CA GLY J 153 29.85 13.31 -21.40
C GLY J 153 30.98 13.72 -20.50
N GLY J 154 31.59 14.86 -20.86
CA GLY J 154 32.70 15.39 -20.08
C GLY J 154 32.65 16.91 -20.07
N ASN J 155 33.29 17.47 -19.05
CA ASN J 155 33.24 18.93 -18.84
C ASN J 155 33.99 19.67 -19.94
N ALA J 156 35.19 19.21 -20.26
CA ALA J 156 36.02 19.92 -21.22
C ALA J 156 35.44 19.77 -22.63
N GLY J 157 36.01 20.53 -23.56
CA GLY J 157 35.60 20.49 -24.95
C GLY J 157 36.14 19.32 -25.73
N ALA J 158 36.98 18.49 -25.11
CA ALA J 158 37.51 17.30 -25.76
C ALA J 158 36.86 16.00 -25.30
N ALA J 159 36.13 16.01 -24.19
CA ALA J 159 35.43 14.84 -23.68
C ALA J 159 33.95 15.01 -24.03
N GLU J 160 33.57 14.56 -25.23
CA GLU J 160 32.21 14.66 -25.71
C GLU J 160 31.89 13.47 -26.58
N VAL J 161 30.60 13.15 -26.67
CA VAL J 161 30.13 12.08 -27.54
C VAL J 161 29.53 12.69 -28.80
N ALA J 162 29.71 12.00 -29.92
CA ALA J 162 29.29 12.53 -31.21
C ALA J 162 27.76 12.57 -31.30
N GLY J 163 27.27 13.46 -32.16
CA GLY J 163 25.85 13.59 -32.35
C GLY J 163 25.26 12.37 -33.05
N GLY J 164 23.99 12.11 -32.79
CA GLY J 164 23.32 10.97 -33.37
C GLY J 164 21.92 10.84 -32.81
N SER J 165 21.33 9.66 -33.06
CA SER J 165 19.99 9.37 -32.57
C SER J 165 19.92 7.90 -32.19
N TYR J 166 19.19 7.61 -31.12
CA TYR J 166 19.07 6.23 -30.65
C TYR J 166 18.28 5.37 -31.64
N LEU J 167 17.29 5.96 -32.30
CA LEU J 167 16.50 5.20 -33.27
C LEU J 167 17.37 4.77 -34.46
N VAL J 168 18.21 5.67 -34.96
CA VAL J 168 19.03 5.33 -36.11
C VAL J 168 20.16 4.38 -35.70
N ASP J 169 20.53 3.51 -36.63
CA ASP J 169 21.58 2.52 -36.41
C ASP J 169 22.93 3.22 -36.59
N ASP J 170 23.49 3.70 -35.48
CA ASP J 170 24.76 4.40 -35.50
C ASP J 170 25.89 3.41 -35.30
N GLY J 171 27.09 3.92 -35.06
CA GLY J 171 28.23 3.04 -34.81
C GLY J 171 28.03 2.17 -33.58
N GLY J 172 27.40 2.71 -32.55
CA GLY J 172 27.08 1.93 -31.37
C GLY J 172 25.81 1.13 -31.52
N ALA J 173 25.80 0.23 -32.51
CA ALA J 173 24.65 -0.65 -32.81
C ALA J 173 23.41 0.21 -32.98
N SER J 174 22.27 -0.14 -32.39
CA SER J 174 21.06 0.65 -32.49
C SER J 174 20.15 0.31 -31.32
N GLY J 175 19.48 1.32 -30.78
CA GLY J 175 18.56 1.10 -29.67
C GLY J 175 19.18 1.33 -28.32
N GLN J 176 19.12 0.31 -27.45
CA GLN J 176 19.58 0.45 -26.08
C GLN J 176 21.08 0.66 -25.97
N ASN J 177 21.84 0.26 -27.00
CA ASN J 177 23.27 0.03 -26.80
C ASN J 177 24.04 1.34 -26.61
N GLU J 178 23.69 2.39 -27.35
CA GLU J 178 24.54 3.59 -27.31
C GLU J 178 23.85 4.83 -26.76
N PHE J 179 22.77 5.28 -27.40
CA PHE J 179 22.16 6.56 -27.05
C PHE J 179 20.98 6.39 -26.12
N TYR J 180 21.00 5.34 -25.31
CA TYR J 180 19.83 4.95 -24.53
C TYR J 180 20.32 4.47 -23.17
N PHE J 181 20.09 5.26 -22.12
CA PHE J 181 20.63 4.97 -20.81
C PHE J 181 19.51 4.72 -19.81
N THR J 182 19.56 3.56 -19.14
CA THR J 182 18.59 3.20 -18.13
C THR J 182 19.21 3.35 -16.75
N ILE J 183 18.53 4.07 -15.86
CA ILE J 183 19.05 4.43 -14.55
C ILE J 183 18.22 3.76 -13.48
N SER J 184 18.88 3.14 -12.51
CA SER J 184 18.21 2.47 -11.39
C SER J 184 18.53 3.21 -10.09
N PHE J 185 17.49 3.46 -9.29
CA PHE J 185 17.63 4.18 -8.04
C PHE J 185 17.78 3.21 -6.88
N ARG J 186 18.51 3.64 -5.85
CA ARG J 186 18.68 2.86 -4.63
C ARG J 186 19.00 3.78 -3.47
N VAL J 187 18.31 3.57 -2.35
CA VAL J 187 18.58 4.27 -1.10
C VAL J 187 18.72 3.23 -0.01
N VAL J 188 19.79 3.33 0.78
CA VAL J 188 20.00 2.39 1.88
C VAL J 188 20.08 3.13 3.21
N PRO J 189 19.00 3.15 3.99
CA PRO J 189 19.09 3.64 5.36
C PRO J 189 19.68 2.58 6.27
N ALA J 190 19.72 2.84 7.57
CA ALA J 190 20.24 1.87 8.52
C ALA J 190 19.19 1.64 9.60
N LEU J 191 19.27 0.48 10.24
CA LEU J 191 18.35 0.18 11.33
C LEU J 191 18.41 1.19 12.46
N PRO J 192 19.57 1.68 12.91
CA PRO J 192 19.58 2.81 13.85
C PRO J 192 18.93 4.06 13.27
N GLY J 193 18.95 4.24 11.95
CA GLY J 193 18.35 5.38 11.31
C GLY J 193 19.31 6.27 10.55
N THR J 194 20.60 5.91 10.49
CA THR J 194 21.57 6.72 9.78
C THR J 194 21.68 6.29 8.32
N TYR J 195 22.49 7.01 7.56
CA TYR J 195 22.71 6.74 6.14
C TYR J 195 24.20 6.63 5.88
N PRO J 196 24.80 5.45 6.06
CA PRO J 196 26.27 5.35 6.01
C PRO J 196 26.88 5.58 4.63
N ARG J 197 26.07 5.78 3.59
CA ARG J 197 26.58 5.95 2.24
C ARG J 197 26.58 7.40 1.77
N ALA J 198 26.20 8.35 2.62
CA ALA J 198 26.21 9.75 2.22
C ALA J 198 27.63 10.28 2.15
N THR J 199 27.88 11.15 1.17
CA THR J 199 29.17 11.77 0.96
C THR J 199 29.05 13.28 1.06
N SER J 200 30.14 13.98 0.72
CA SER J 200 30.21 15.42 0.87
C SER J 200 29.28 16.13 -0.12
N GLU J 201 29.16 17.44 0.05
CA GLU J 201 28.36 18.28 -0.83
C GLU J 201 29.18 19.29 -1.60
N ASP J 202 30.48 19.41 -1.31
CA ASP J 202 31.32 20.37 -2.03
C ASP J 202 31.40 20.01 -3.51
N GLN J 203 31.62 18.73 -3.82
CA GLN J 203 31.62 18.25 -5.19
C GLN J 203 30.62 17.14 -5.45
N GLY J 204 30.16 16.44 -4.41
CA GLY J 204 29.31 15.29 -4.58
C GLY J 204 30.03 14.04 -5.07
N ASN J 205 31.35 14.08 -5.16
CA ASN J 205 32.13 12.96 -5.68
C ASN J 205 33.15 12.43 -4.69
N THR J 206 33.45 13.17 -3.62
CA THR J 206 34.48 12.77 -2.67
C THR J 206 34.05 11.52 -1.91
N ASP J 207 35.00 11.00 -1.13
CA ASP J 207 34.83 9.73 -0.43
C ASP J 207 34.42 9.88 1.03
N GLU J 208 34.74 11.02 1.67
CA GLU J 208 34.52 11.17 3.10
C GLU J 208 33.04 10.98 3.42
N THR J 209 32.75 10.20 4.45
CA THR J 209 31.37 9.86 4.76
C THR J 209 30.67 11.01 5.47
N ASP J 210 29.40 11.22 5.12
CA ASP J 210 28.60 12.31 5.66
C ASP J 210 27.35 11.76 6.32
N ASP J 211 27.46 10.62 6.98
CA ASP J 211 26.34 10.05 7.71
C ASP J 211 26.11 10.81 9.01
N LEU J 212 24.99 10.51 9.66
CA LEU J 212 24.58 11.28 10.83
C LEU J 212 25.48 11.03 12.03
N VAL J 213 26.14 9.86 12.07
CA VAL J 213 27.07 9.60 13.17
C VAL J 213 28.30 10.48 13.06
N VAL J 214 28.66 10.89 11.84
CA VAL J 214 29.72 11.88 11.68
C VAL J 214 29.27 13.21 12.27
N ARG J 215 28.02 13.59 12.04
CA ARG J 215 27.53 14.88 12.52
C ARG J 215 27.41 14.91 14.04
N GLY J 216 26.79 13.90 14.64
CA GLY J 216 26.51 13.93 16.06
C GLY J 216 26.92 12.73 16.87
N ASP J 217 27.19 11.60 16.21
CA ASP J 217 27.59 10.32 16.77
C ASP J 217 26.43 9.60 17.46
N GLY J 218 25.25 10.21 17.57
CA GLY J 218 24.11 9.54 18.14
C GLY J 218 22.81 9.92 17.45
N ARG J 219 22.92 10.71 16.38
CA ARG J 219 21.74 11.17 15.67
C ARG J 219 21.19 10.08 14.74
N TYR J 220 19.94 10.24 14.36
CA TYR J 220 19.28 9.36 13.41
C TYR J 220 18.17 10.14 12.73
N ALA J 221 17.74 9.64 11.57
CA ALA J 221 16.73 10.33 10.78
C ALA J 221 15.40 10.36 11.50
N TYR J 222 14.79 11.54 11.56
CA TYR J 222 13.48 11.67 12.17
C TYR J 222 12.43 10.92 11.37
N PRO J 223 11.48 10.26 12.00
CA PRO J 223 10.38 9.65 11.24
C PRO J 223 9.59 10.72 10.51
N GLY J 224 9.18 10.39 9.29
CA GLY J 224 8.47 11.36 8.48
C GLY J 224 8.66 11.06 7.01
N VAL J 225 8.50 12.11 6.20
CA VAL J 225 8.61 12.01 4.76
C VAL J 225 9.43 13.20 4.24
N TYR J 226 10.17 12.95 3.17
CA TYR J 226 11.04 13.97 2.61
C TYR J 226 11.00 13.89 1.09
N THR J 227 11.34 15.01 0.45
CA THR J 227 11.22 15.14 -0.99
C THR J 227 12.53 15.65 -1.57
N LEU J 228 12.83 15.19 -2.79
CA LEU J 228 14.00 15.59 -3.53
C LEU J 228 13.69 15.46 -5.02
N ASN J 229 14.20 16.39 -5.81
CA ASN J 229 13.98 16.41 -7.25
C ASN J 229 15.28 16.11 -7.97
N VAL J 230 15.19 15.36 -9.06
CA VAL J 230 16.36 14.98 -9.87
C VAL J 230 16.16 15.52 -11.27
N LYS J 231 17.17 16.22 -11.77
CA LYS J 231 17.13 16.85 -13.09
C LYS J 231 18.16 16.19 -13.99
N PHE J 232 17.70 15.64 -15.11
CA PHE J 232 18.60 15.11 -16.13
C PHE J 232 18.73 16.15 -17.23
N VAL J 233 19.93 16.70 -17.39
CA VAL J 233 20.16 17.85 -18.28
C VAL J 233 21.23 17.47 -19.30
N MET J 234 20.94 17.75 -20.57
CA MET J 234 21.90 17.55 -21.64
C MET J 234 22.30 18.91 -22.22
N VAL J 235 23.60 19.10 -22.43
CA VAL J 235 24.16 20.39 -22.82
C VAL J 235 25.08 20.17 -24.01
N GLU J 236 25.00 21.10 -24.98
CA GLU J 236 25.89 21.02 -26.13
C GLU J 236 27.34 21.18 -25.70
N CYS J 237 28.23 20.39 -26.28
CA CYS J 237 29.65 20.48 -25.97
C CYS J 237 30.40 21.20 -27.08
N ASN K 1 22.77 68.95 -72.55
CA ASN K 1 22.40 68.16 -71.39
C ASN K 1 21.44 67.04 -71.78
N LEU K 2 21.81 66.27 -72.79
CA LEU K 2 21.00 65.15 -73.25
C LEU K 2 20.97 64.06 -72.18
N ILE K 3 19.77 63.50 -71.96
CA ILE K 3 19.54 62.58 -70.86
C ILE K 3 18.93 61.30 -71.39
N SER K 4 19.53 60.18 -71.03
CA SER K 4 18.93 58.86 -71.18
C SER K 4 19.02 58.16 -69.84
N GLU K 5 17.86 57.73 -69.32
CA GLU K 5 17.80 57.25 -67.95
C GLU K 5 16.96 55.97 -67.89
N GLN K 6 17.25 55.16 -66.87
CA GLN K 6 16.47 53.98 -66.56
C GLN K 6 16.24 53.94 -65.06
N ASN K 7 15.03 53.56 -64.66
CA ASN K 7 14.62 53.61 -63.26
C ASN K 7 14.22 52.22 -62.79
N VAL K 8 14.61 51.89 -61.56
CA VAL K 8 14.20 50.64 -60.90
C VAL K 8 13.58 51.00 -59.56
N THR K 9 12.49 50.32 -59.21
CA THR K 9 11.76 50.59 -57.98
C THR K 9 12.11 49.53 -56.95
N VAL K 10 12.54 49.98 -55.77
CA VAL K 10 12.94 49.09 -54.69
C VAL K 10 11.86 49.11 -53.62
N THR K 11 11.35 47.93 -53.27
CA THR K 11 10.34 47.78 -52.24
C THR K 11 10.90 46.92 -51.12
N MET K 12 10.95 47.47 -49.92
CA MET K 12 11.47 46.79 -48.73
C MET K 12 10.36 46.68 -47.70
N ASP K 13 10.08 45.47 -47.24
CA ASP K 13 9.10 45.25 -46.19
C ASP K 13 9.78 44.58 -44.99
N LEU K 14 9.51 45.10 -43.81
CA LEU K 14 10.01 44.52 -42.56
C LEU K 14 8.84 43.82 -41.88
N GLN K 15 8.58 42.59 -42.30
CA GLN K 15 7.49 41.83 -41.70
C GLN K 15 7.83 41.47 -40.26
N PRO K 16 6.91 41.69 -39.33
CA PRO K 16 7.19 41.38 -37.93
C PRO K 16 7.22 39.88 -37.68
N VAL K 17 8.21 39.45 -36.90
CA VAL K 17 8.39 38.05 -36.56
C VAL K 17 8.15 37.90 -35.07
N LEU K 18 7.06 37.21 -34.71
CA LEU K 18 6.68 37.00 -33.32
C LEU K 18 6.45 35.52 -33.11
N GLN K 19 7.36 34.86 -32.39
CA GLN K 19 7.28 33.42 -32.18
C GLN K 19 7.48 33.11 -30.71
N LEU K 20 6.57 32.33 -30.15
CA LEU K 20 6.67 31.84 -28.78
C LEU K 20 6.62 30.31 -28.84
N SER K 21 7.77 29.67 -28.70
CA SER K 21 7.86 28.22 -28.80
C SER K 21 7.95 27.63 -27.40
N MET K 22 7.01 26.75 -27.06
CA MET K 22 6.95 26.14 -25.75
C MET K 22 7.33 24.67 -25.84
N GLN K 23 8.21 24.25 -24.94
CA GLN K 23 8.58 22.84 -24.83
C GLN K 23 8.19 22.31 -23.46
N GLY K 24 7.66 21.09 -23.44
CA GLY K 24 7.19 20.48 -22.22
C GLY K 24 5.90 19.70 -22.45
N SER K 25 5.05 19.63 -21.44
CA SER K 25 3.78 18.94 -21.54
C SER K 25 2.64 19.95 -21.48
N GLU K 26 1.74 19.90 -22.46
CA GLU K 26 0.64 20.84 -22.49
C GLU K 26 -0.40 20.54 -21.42
N THR K 27 -0.36 19.33 -20.84
CA THR K 27 -1.15 19.01 -19.65
C THR K 27 -0.21 18.85 -18.47
N VAL K 28 -0.49 19.58 -17.38
CA VAL K 28 0.22 19.43 -16.13
C VAL K 28 -0.77 18.91 -15.10
N SER K 29 -0.50 17.72 -14.57
CA SER K 29 -1.43 17.03 -13.68
C SER K 29 -0.85 16.92 -12.28
N PHE K 30 -1.61 17.39 -11.30
CA PHE K 30 -1.27 17.22 -9.89
C PHE K 30 -2.21 16.21 -9.29
N VAL K 31 -1.67 15.11 -8.77
CA VAL K 31 -2.47 14.04 -8.18
C VAL K 31 -2.14 13.95 -6.69
N PHE K 32 -3.16 14.10 -5.86
CA PHE K 32 -3.02 14.02 -4.42
C PHE K 32 -3.71 12.77 -3.91
N SER K 33 -2.93 11.83 -3.39
CA SER K 33 -3.50 10.59 -2.87
C SER K 33 -2.92 10.21 -1.51
N GLN K 34 -1.77 10.79 -1.17
CA GLN K 34 -1.15 10.56 0.13
C GLN K 34 -1.37 11.77 1.03
N ILE K 35 -1.26 11.53 2.34
CA ILE K 35 -1.43 12.61 3.32
C ILE K 35 -0.34 13.66 3.13
N SER K 36 0.90 13.21 2.92
CA SER K 36 2.01 14.13 2.71
C SER K 36 1.75 15.04 1.52
N GLU K 37 1.24 14.47 0.43
CA GLU K 37 0.89 15.28 -0.73
C GLU K 37 -0.16 16.32 -0.38
N TYR K 38 -1.14 15.93 0.44
CA TYR K 38 -2.20 16.87 0.82
C TYR K 38 -1.65 18.03 1.63
N ILE K 39 -0.83 17.74 2.64
CA ILE K 39 -0.32 18.80 3.51
C ILE K 39 0.71 19.70 2.81
N GLY K 40 1.57 19.13 1.97
CA GLY K 40 2.62 19.93 1.38
C GLY K 40 2.50 20.24 -0.10
N GLY K 41 1.88 19.33 -0.86
CA GLY K 41 1.60 19.59 -2.25
C GLY K 41 2.72 19.24 -3.22
N LEU K 42 2.34 18.88 -4.44
CA LEU K 42 3.32 18.55 -5.47
C LEU K 42 4.06 19.80 -5.91
N THR K 43 5.39 19.70 -6.01
CA THR K 43 6.21 20.73 -6.62
C THR K 43 6.85 20.16 -7.88
N GLN K 44 6.46 20.70 -9.03
CA GLN K 44 6.94 20.21 -10.32
C GLN K 44 7.99 21.17 -10.85
N TYR K 45 9.18 20.64 -11.14
CA TYR K 45 10.30 21.44 -11.59
C TYR K 45 10.48 21.29 -13.10
N GLY K 46 10.65 22.43 -13.77
CA GLY K 46 10.88 22.46 -15.19
C GLY K 46 9.76 21.86 -16.01
N ALA K 47 8.52 22.18 -15.65
CA ALA K 47 7.37 21.62 -16.37
C ALA K 47 7.31 22.14 -17.80
N VAL K 48 7.40 23.45 -17.97
CA VAL K 48 7.27 24.09 -19.28
C VAL K 48 8.38 25.13 -19.42
N ASP K 49 8.99 25.18 -20.61
CA ASP K 49 9.96 26.21 -20.92
C ASP K 49 9.49 26.96 -22.17
N LEU K 50 9.82 28.24 -22.24
CA LEU K 50 9.39 29.13 -23.31
C LEU K 50 10.59 29.79 -23.96
N SER K 51 10.59 29.82 -25.28
CA SER K 51 11.63 30.47 -26.07
C SER K 51 10.97 31.54 -26.94
N VAL K 52 11.59 32.71 -27.01
CA VAL K 52 11.00 33.88 -27.66
C VAL K 52 11.87 34.28 -28.84
N SER K 53 11.25 34.42 -30.01
CA SER K 53 11.89 35.00 -31.19
C SER K 53 11.10 36.23 -31.59
N SER K 54 11.78 37.36 -31.70
CA SER K 54 11.06 38.61 -31.92
C SER K 54 11.94 39.58 -32.71
N THR K 55 11.28 40.57 -33.30
CA THR K 55 11.95 41.66 -34.00
C THR K 55 11.85 42.98 -33.25
N VAL K 56 10.76 43.22 -32.53
CA VAL K 56 10.54 44.48 -31.84
C VAL K 56 10.51 44.23 -30.34
N ASP K 57 10.38 45.32 -29.59
CA ASP K 57 10.30 45.23 -28.14
C ASP K 57 9.07 44.43 -27.73
N TRP K 58 9.27 43.49 -26.81
CA TRP K 58 8.23 42.55 -26.42
C TRP K 58 8.18 42.41 -24.90
N CYS K 59 6.99 42.12 -24.40
CA CYS K 59 6.77 41.83 -22.99
C CYS K 59 5.97 40.55 -22.87
N LEU K 60 6.44 39.63 -22.05
CA LEU K 60 5.81 38.32 -21.88
C LEU K 60 5.20 38.26 -20.49
N TYR K 61 3.94 37.83 -20.42
CA TYR K 61 3.27 37.64 -19.14
C TYR K 61 2.50 36.33 -19.15
N ALA K 62 2.10 35.90 -17.95
CA ALA K 62 1.33 34.70 -17.76
C ALA K 62 0.02 35.04 -17.04
N ALA K 63 -1.08 34.57 -17.59
CA ALA K 63 -2.40 34.80 -17.02
C ALA K 63 -3.09 33.47 -16.77
N ALA K 64 -4.06 33.48 -15.88
CA ALA K 64 -4.83 32.28 -15.55
C ALA K 64 -6.29 32.50 -15.84
N PHE K 65 -6.91 31.53 -16.51
CA PHE K 65 -8.28 31.65 -16.94
C PHE K 65 -8.97 30.29 -16.83
N SER K 66 -10.28 30.33 -16.65
CA SER K 66 -11.09 29.12 -16.57
C SER K 66 -12.51 29.45 -17.02
N SER K 67 -13.34 28.41 -17.11
CA SER K 67 -14.73 28.61 -17.49
C SER K 67 -15.46 29.48 -16.47
N ASP K 68 -15.21 29.25 -15.18
CA ASP K 68 -15.80 30.08 -14.15
C ASP K 68 -15.28 31.52 -14.25
N ALA K 69 -13.98 31.68 -14.52
CA ALA K 69 -13.39 33.00 -14.59
C ALA K 69 -14.00 33.87 -15.68
N ALA K 70 -14.70 33.26 -16.64
CA ALA K 70 -15.37 34.02 -17.68
C ALA K 70 -16.59 34.79 -17.18
N ASP K 71 -17.12 34.44 -16.00
CA ASP K 71 -18.30 35.13 -15.47
C ASP K 71 -17.98 35.96 -14.23
N ALA K 72 -16.82 36.61 -14.20
CA ALA K 72 -16.37 37.58 -13.21
C ALA K 72 -16.02 36.98 -11.86
N GLU K 73 -16.24 35.68 -11.65
CA GLU K 73 -15.81 35.01 -10.43
C GLU K 73 -14.57 34.17 -10.75
N LEU K 74 -13.43 34.59 -10.22
CA LEU K 74 -12.15 33.94 -10.53
C LEU K 74 -11.91 32.78 -9.57
N ASN K 75 -12.63 31.69 -9.84
CA ASN K 75 -12.47 30.44 -9.12
C ASN K 75 -12.14 29.33 -10.11
N TRP K 76 -11.56 28.25 -9.59
CA TRP K 76 -11.23 27.12 -10.45
C TRP K 76 -12.50 26.49 -11.01
N THR K 77 -12.35 25.80 -12.13
CA THR K 77 -13.49 25.12 -12.75
C THR K 77 -13.69 23.80 -12.02
N ASN K 78 -14.75 23.71 -11.23
CA ASN K 78 -15.10 22.45 -10.60
C ASN K 78 -15.39 21.42 -11.68
N MET K 79 -14.87 20.21 -11.51
CA MET K 79 -14.82 19.24 -12.59
C MET K 79 -15.64 18.00 -12.23
N VAL K 80 -15.33 17.39 -11.07
CA VAL K 80 -16.11 16.31 -10.48
C VAL K 80 -16.14 16.54 -8.98
N THR K 81 -17.26 16.16 -8.36
CA THR K 81 -17.44 16.30 -6.91
C THR K 81 -17.42 14.93 -6.26
N PHE K 82 -16.25 14.53 -5.76
CA PHE K 82 -16.14 13.28 -5.02
C PHE K 82 -16.82 13.41 -3.67
N GLY K 83 -17.63 12.42 -3.32
CA GLY K 83 -18.35 12.42 -2.07
C GLY K 83 -19.81 12.75 -2.25
N ASP K 84 -20.53 12.76 -1.12
CA ASP K 84 -21.97 13.01 -1.14
C ASP K 84 -22.32 14.48 -0.89
N SER K 85 -21.98 15.00 0.30
CA SER K 85 -22.35 16.37 0.67
C SER K 85 -21.75 16.76 2.01
N ASN K 86 -21.55 18.07 2.21
CA ASN K 86 -21.10 18.60 3.49
C ASN K 86 -21.44 20.09 3.56
N PRO K 87 -22.18 20.53 4.58
CA PRO K 87 -22.51 21.95 4.69
C PRO K 87 -21.29 22.86 4.82
N ASN K 88 -20.22 22.38 5.46
CA ASN K 88 -19.04 23.19 5.73
C ASN K 88 -17.94 22.91 4.70
N SER K 89 -18.36 22.63 3.46
CA SER K 89 -17.43 22.34 2.37
C SER K 89 -17.87 23.13 1.15
N ILE K 90 -16.94 23.90 0.58
CA ILE K 90 -17.23 24.78 -0.54
C ILE K 90 -16.32 24.40 -1.71
N THR K 91 -16.93 24.21 -2.88
CA THR K 91 -16.19 23.90 -4.10
C THR K 91 -15.85 25.16 -4.89
N ASN K 92 -15.27 26.15 -4.21
CA ASN K 92 -14.90 27.43 -4.82
C ASN K 92 -13.46 27.71 -4.43
N LEU K 93 -12.52 27.24 -5.24
CA LEU K 93 -11.11 27.42 -4.94
C LEU K 93 -10.55 28.60 -5.71
N PRO K 94 -9.75 29.45 -5.05
CA PRO K 94 -9.21 30.63 -5.73
C PRO K 94 -8.31 30.24 -6.90
N ILE K 95 -8.40 31.03 -7.98
CA ILE K 95 -7.52 30.82 -9.12
C ILE K 95 -6.08 31.09 -8.73
N THR K 96 -5.87 31.97 -7.75
CA THR K 96 -4.53 32.37 -7.32
C THR K 96 -3.77 31.23 -6.63
N VAL K 97 -4.43 30.11 -6.34
CA VAL K 97 -3.80 29.02 -5.61
C VAL K 97 -2.52 28.57 -6.30
N LEU K 98 -2.57 28.39 -7.62
CA LEU K 98 -1.42 27.92 -8.36
C LEU K 98 -0.25 28.89 -8.21
N GLN K 99 0.94 28.35 -7.94
CA GLN K 99 2.14 29.14 -7.77
C GLN K 99 3.15 28.79 -8.85
N LEU K 100 3.82 29.82 -9.38
CA LEU K 100 4.80 29.68 -10.44
C LEU K 100 6.13 30.24 -9.99
N PHE K 101 7.21 29.56 -10.38
CA PHE K 101 8.57 30.04 -10.13
C PHE K 101 9.28 30.18 -11.46
N GLN K 102 9.86 31.35 -11.68
CA GLN K 102 10.64 31.64 -12.88
C GLN K 102 12.13 31.54 -12.55
N SER K 103 12.89 31.00 -13.49
CA SER K 103 14.32 30.81 -13.28
C SER K 103 15.10 32.12 -13.29
N LYS K 104 14.49 33.22 -13.72
CA LYS K 104 15.19 34.49 -13.82
C LYS K 104 14.35 35.64 -13.26
N PRO K 105 14.97 36.74 -12.88
CA PRO K 105 14.21 37.96 -12.60
C PRO K 105 13.83 38.66 -13.90
N ASN K 106 12.96 39.65 -13.77
CA ASN K 106 12.54 40.43 -14.92
C ASN K 106 13.74 41.20 -15.47
N PRO K 107 14.09 41.04 -16.74
CA PRO K 107 15.25 41.76 -17.30
C PRO K 107 15.09 43.27 -17.20
N ASP K 108 14.02 43.80 -17.75
CA ASP K 108 13.72 45.24 -17.73
C ASP K 108 12.38 45.42 -17.05
N THR K 109 12.42 45.66 -15.73
CA THR K 109 11.22 45.85 -14.93
C THR K 109 11.16 47.25 -14.37
N ASN K 110 9.98 47.87 -14.47
CA ASN K 110 9.69 49.16 -13.84
C ASN K 110 8.38 48.99 -13.07
N SER K 111 8.49 48.47 -11.85
CA SER K 111 7.29 48.24 -11.03
C SER K 111 7.72 48.15 -9.58
N THR K 112 6.76 48.42 -8.69
CA THR K 112 6.99 48.36 -7.25
C THR K 112 5.86 47.65 -6.53
N ALA K 113 5.37 46.55 -7.10
CA ALA K 113 4.34 45.75 -6.45
C ALA K 113 4.97 44.86 -5.39
N ASP K 114 4.21 43.86 -4.95
CA ASP K 114 4.73 42.89 -3.99
C ASP K 114 5.94 42.17 -4.57
N SER K 115 5.85 41.82 -5.86
CA SER K 115 6.99 41.27 -6.58
C SER K 115 6.74 41.43 -8.07
N PRO K 116 7.66 42.06 -8.81
CA PRO K 116 7.40 42.29 -10.24
C PRO K 116 7.24 41.01 -11.05
N SER K 117 7.94 39.93 -10.69
CA SER K 117 7.89 38.70 -11.44
C SER K 117 8.02 37.52 -10.48
N PHE K 118 7.91 36.32 -11.02
CA PHE K 118 8.02 35.10 -10.23
C PHE K 118 9.49 34.72 -10.04
N ALA K 119 10.30 35.67 -9.58
CA ALA K 119 11.74 35.45 -9.48
C ALA K 119 12.14 34.75 -8.19
N THR K 120 11.51 35.09 -7.07
CA THR K 120 11.90 34.53 -5.79
C THR K 120 11.56 33.05 -5.73
N ALA K 121 12.38 32.31 -4.98
CA ALA K 121 12.19 30.88 -4.83
C ALA K 121 10.93 30.58 -4.02
N PHE K 122 10.45 29.35 -4.12
CA PHE K 122 9.26 28.94 -3.40
C PHE K 122 9.50 28.99 -1.90
N ASP K 123 8.51 29.48 -1.16
CA ASP K 123 8.58 29.62 0.28
C ASP K 123 7.68 28.60 0.95
N THR K 124 7.88 28.44 2.26
CA THR K 124 7.17 27.44 3.05
C THR K 124 6.25 28.14 4.04
N GLY K 125 5.04 27.61 4.18
CA GLY K 125 4.08 28.17 5.11
C GLY K 125 3.53 29.50 4.65
N ARG K 126 2.81 30.15 5.57
CA ARG K 126 2.25 31.46 5.30
C ARG K 126 3.30 32.52 5.60
N ALA K 127 4.25 32.70 4.67
CA ALA K 127 5.30 33.69 4.82
C ALA K 127 5.34 34.70 3.69
N ALA K 128 5.32 34.24 2.44
CA ALA K 128 5.49 35.15 1.31
C ALA K 128 4.18 35.82 0.93
N LEU K 129 3.20 35.03 0.50
CA LEU K 129 1.87 35.52 0.13
C LEU K 129 1.93 36.58 -0.97
N GLY K 130 2.40 36.14 -2.13
CA GLY K 130 2.35 37.00 -3.30
C GLY K 130 3.54 36.92 -4.23
N GLU K 131 4.71 36.54 -3.72
CA GLU K 131 5.92 36.53 -4.52
C GLU K 131 5.94 35.43 -5.58
N ASN K 132 5.07 34.41 -5.46
CA ASN K 132 5.04 33.34 -6.43
C ASN K 132 3.65 33.03 -6.96
N ASN K 133 2.61 33.74 -6.51
CA ASN K 133 1.26 33.46 -6.95
C ASN K 133 1.07 33.88 -8.40
N VAL K 134 0.18 33.17 -9.08
CA VAL K 134 -0.10 33.43 -10.49
C VAL K 134 -1.00 34.65 -10.61
N TYR K 135 -1.00 35.26 -11.80
CA TYR K 135 -1.82 36.43 -12.06
C TYR K 135 -3.17 35.97 -12.59
N ALA K 136 -4.24 36.29 -11.88
CA ALA K 136 -5.60 35.89 -12.25
C ALA K 136 -6.33 37.06 -12.89
N SER K 137 -6.99 36.79 -14.03
CA SER K 137 -7.73 37.83 -14.73
C SER K 137 -8.91 37.19 -15.43
N ARG K 138 -10.03 37.92 -15.47
CA ARG K 138 -11.22 37.47 -16.16
C ARG K 138 -11.17 37.73 -17.65
N ASP K 139 -10.14 38.39 -18.14
CA ASP K 139 -9.95 38.63 -19.56
C ASP K 139 -8.45 38.69 -19.84
N PRO K 140 -7.85 37.60 -20.31
CA PRO K 140 -6.38 37.54 -20.41
C PRO K 140 -5.83 38.07 -21.71
N PHE K 141 -6.65 38.77 -22.50
CA PHE K 141 -6.23 39.24 -23.82
C PHE K 141 -5.97 40.74 -23.86
N ASP K 142 -5.70 41.35 -22.71
CA ASP K 142 -5.31 42.76 -22.65
C ASP K 142 -4.12 42.91 -21.71
N ARG K 143 -3.46 44.05 -21.81
CA ARG K 143 -2.28 44.30 -20.99
C ARG K 143 -2.70 44.38 -19.52
N PRO K 144 -2.11 43.57 -18.65
CA PRO K 144 -2.36 43.72 -17.21
C PRO K 144 -1.81 45.03 -16.69
N SER K 145 -2.35 45.45 -15.55
CA SER K 145 -1.96 46.73 -14.97
C SER K 145 -0.49 46.73 -14.58
N ALA K 146 0.04 47.93 -14.32
CA ALA K 146 1.45 48.08 -14.01
C ALA K 146 1.83 47.39 -12.70
N ASP K 147 0.87 47.14 -11.82
CA ASP K 147 1.13 46.48 -10.55
C ASP K 147 0.99 44.96 -10.65
N ALA K 148 0.72 44.43 -11.84
CA ALA K 148 0.58 43.01 -12.03
C ALA K 148 1.97 42.38 -12.20
N ARG K 149 2.00 41.11 -12.60
CA ARG K 149 3.24 40.35 -12.74
C ARG K 149 3.50 40.10 -14.21
N TYR K 150 4.65 40.56 -14.69
CA TYR K 150 5.10 40.26 -16.06
C TYR K 150 6.34 39.38 -16.00
N ILE K 151 6.33 38.34 -16.82
CA ILE K 151 7.44 37.38 -16.81
C ILE K 151 8.70 38.02 -17.36
N ALA K 152 8.60 38.70 -18.51
CA ALA K 152 9.78 39.25 -19.17
C ALA K 152 9.50 40.62 -19.77
N GLY K 153 8.83 41.50 -19.04
CA GLY K 153 8.54 42.80 -19.59
C GLY K 153 7.91 43.74 -18.58
N GLY K 154 7.40 44.85 -19.09
CA GLY K 154 6.75 45.85 -18.26
C GLY K 154 5.58 46.48 -18.98
N ASN K 155 4.66 47.03 -18.19
CA ASN K 155 3.42 47.57 -18.75
C ASN K 155 3.69 48.83 -19.57
N ALA K 156 4.50 49.74 -19.04
CA ALA K 156 4.73 51.01 -19.71
C ALA K 156 5.57 50.81 -20.96
N GLY K 157 5.70 51.86 -21.75
CA GLY K 157 6.49 51.84 -22.95
C GLY K 157 7.97 51.99 -22.74
N ALA K 158 8.41 52.17 -21.49
CA ALA K 158 9.82 52.26 -21.16
C ALA K 158 10.38 51.01 -20.51
N ALA K 159 9.53 50.11 -20.02
CA ALA K 159 9.96 48.85 -19.41
C ALA K 159 9.73 47.75 -20.44
N GLU K 160 10.74 47.53 -21.29
CA GLU K 160 10.65 46.52 -22.34
C GLU K 160 12.04 45.93 -22.57
N VAL K 161 12.06 44.72 -23.10
CA VAL K 161 13.31 44.05 -23.45
C VAL K 161 13.48 44.12 -24.96
N ALA K 162 14.73 44.26 -25.39
CA ALA K 162 15.04 44.45 -26.80
C ALA K 162 14.73 43.19 -27.60
N GLY K 163 14.48 43.37 -28.90
CA GLY K 163 14.20 42.25 -29.76
C GLY K 163 15.43 41.39 -29.98
N GLY K 164 15.19 40.11 -30.25
CA GLY K 164 16.27 39.18 -30.45
C GLY K 164 15.73 37.77 -30.63
N SER K 165 16.65 36.81 -30.53
CA SER K 165 16.29 35.41 -30.66
C SER K 165 17.15 34.60 -29.71
N TYR K 166 16.56 33.57 -29.10
CA TYR K 166 17.29 32.73 -28.16
C TYR K 166 18.38 31.93 -28.86
N LEU K 167 18.13 31.50 -30.10
CA LEU K 167 19.14 30.74 -30.83
C LEU K 167 20.38 31.57 -31.11
N VAL K 168 20.19 32.83 -31.52
CA VAL K 168 21.33 33.68 -31.84
C VAL K 168 22.04 34.11 -30.55
N ASP K 169 23.36 34.28 -30.67
CA ASP K 169 24.19 34.69 -29.54
C ASP K 169 24.06 36.19 -29.37
N ASP K 170 23.13 36.61 -28.52
CA ASP K 170 22.87 38.02 -28.27
C ASP K 170 23.75 38.50 -27.11
N GLY K 171 23.47 39.70 -26.62
CA GLY K 171 24.23 40.22 -25.49
C GLY K 171 24.10 39.35 -24.25
N GLY K 172 22.91 38.79 -24.04
CA GLY K 172 22.71 37.88 -22.93
C GLY K 172 23.14 36.47 -23.25
N ALA K 173 24.43 36.29 -23.58
CA ALA K 173 25.04 35.00 -23.91
C ALA K 173 24.22 34.36 -25.03
N SER K 174 23.89 33.08 -24.95
CA SER K 174 23.08 32.42 -25.97
C SER K 174 22.43 31.19 -25.34
N GLY K 175 21.19 30.93 -25.74
CA GLY K 175 20.49 29.76 -25.24
C GLY K 175 19.62 30.06 -24.04
N GLN K 176 19.83 29.33 -22.95
CA GLN K 176 18.99 29.43 -21.77
C GLN K 176 19.08 30.79 -21.08
N ASN K 177 20.18 31.52 -21.30
CA ASN K 177 20.53 32.60 -20.38
C ASN K 177 19.58 33.79 -20.51
N GLU K 178 19.17 34.15 -21.73
CA GLU K 178 18.42 35.40 -21.86
C GLU K 178 16.98 35.24 -22.37
N PHE K 179 16.81 34.66 -23.56
CA PHE K 179 15.49 34.63 -24.18
C PHE K 179 14.80 33.29 -23.95
N TYR K 180 15.09 32.64 -22.84
CA TYR K 180 14.66 31.26 -22.61
C TYR K 180 14.30 31.13 -21.14
N PHE K 181 13.01 31.03 -20.86
CA PHE K 181 12.53 31.03 -19.48
C PHE K 181 11.87 29.70 -19.14
N THR K 182 12.35 29.07 -18.07
CA THR K 182 11.80 27.80 -17.59
C THR K 182 10.97 28.06 -16.34
N ILE K 183 9.73 27.56 -16.33
CA ILE K 183 8.76 27.85 -15.28
C ILE K 183 8.43 26.56 -14.55
N SER K 184 8.45 26.61 -13.22
CA SER K 184 8.13 25.45 -12.39
C SER K 184 6.84 25.72 -11.62
N PHE K 185 5.94 24.74 -11.62
CA PHE K 185 4.64 24.87 -10.96
C PHE K 185 4.70 24.27 -9.56
N ARG K 186 3.90 24.83 -8.66
CA ARG K 186 3.78 24.31 -7.30
C ARG K 186 2.44 24.71 -6.73
N VAL K 187 1.76 23.74 -6.10
CA VAL K 187 0.52 23.98 -5.37
C VAL K 187 0.66 23.36 -3.99
N VAL K 188 0.34 24.13 -2.96
CA VAL K 188 0.41 23.61 -1.59
C VAL K 188 -0.95 23.67 -0.92
N PRO K 189 -1.68 22.56 -0.86
CA PRO K 189 -2.87 22.50 -0.01
C PRO K 189 -2.50 22.31 1.45
N ALA K 190 -3.48 22.12 2.32
CA ALA K 190 -3.23 21.90 3.72
C ALA K 190 -3.94 20.62 4.16
N LEU K 191 -3.42 20.01 5.22
CA LEU K 191 -4.06 18.81 5.75
C LEU K 191 -5.53 19.04 6.14
N PRO K 192 -5.92 20.14 6.79
CA PRO K 192 -7.36 20.41 6.95
C PRO K 192 -8.08 20.56 5.63
N GLY K 193 -7.40 20.98 4.56
CA GLY K 193 -8.01 21.15 3.26
C GLY K 193 -8.01 22.56 2.72
N THR K 194 -7.43 23.51 3.44
CA THR K 194 -7.39 24.89 2.98
C THR K 194 -6.14 25.15 2.15
N TYR K 195 -6.05 26.37 1.62
CA TYR K 195 -4.93 26.80 0.79
C TYR K 195 -4.37 28.10 1.34
N PRO K 196 -3.44 28.04 2.31
CA PRO K 196 -3.02 29.27 3.01
C PRO K 196 -2.23 30.24 2.15
N ARG K 197 -1.91 29.89 0.90
CA ARG K 197 -1.10 30.76 0.05
C ARG K 197 -1.92 31.51 -0.99
N ALA K 198 -3.24 31.40 -0.98
CA ALA K 198 -4.06 32.13 -1.93
C ALA K 198 -4.12 33.61 -1.58
N THR K 199 -4.12 34.45 -2.61
CA THR K 199 -4.19 35.90 -2.45
C THR K 199 -5.42 36.44 -3.16
N SER K 200 -5.51 37.77 -3.23
CA SER K 200 -6.68 38.44 -3.78
C SER K 200 -6.80 38.20 -5.28
N GLU K 201 -7.94 38.63 -5.82
CA GLU K 201 -8.20 38.55 -7.26
C GLU K 201 -8.32 39.91 -7.93
N ASP K 202 -8.31 41.01 -7.16
CA ASP K 202 -8.42 42.33 -7.76
C ASP K 202 -7.22 42.61 -8.67
N GLN K 203 -6.02 42.31 -8.19
CA GLN K 203 -4.81 42.44 -8.99
C GLN K 203 -4.02 41.15 -9.13
N GLY K 204 -4.21 40.19 -8.22
CA GLY K 204 -3.42 38.99 -8.20
C GLY K 204 -2.03 39.17 -7.65
N ASN K 205 -1.71 40.34 -7.11
CA ASN K 205 -0.38 40.65 -6.61
C ASN K 205 -0.37 41.04 -5.14
N THR K 206 -1.52 41.36 -4.56
CA THR K 206 -1.58 41.82 -3.19
C THR K 206 -1.19 40.70 -2.21
N ASP K 207 -1.07 41.08 -0.94
CA ASP K 207 -0.57 40.20 0.10
C ASP K 207 -1.67 39.55 0.93
N GLU K 208 -2.85 40.16 1.02
CA GLU K 208 -3.90 39.69 1.92
C GLU K 208 -4.27 38.24 1.55
N THR K 209 -4.38 37.38 2.56
CA THR K 209 -4.61 35.97 2.32
C THR K 209 -6.07 35.71 1.97
N ASP K 210 -6.27 34.80 1.01
CA ASP K 210 -7.61 34.46 0.53
C ASP K 210 -7.87 32.97 0.70
N ASP K 211 -7.38 32.39 1.79
CA ASP K 211 -7.63 31.00 2.08
C ASP K 211 -9.06 30.81 2.58
N LEU K 212 -9.47 29.54 2.69
CA LEU K 212 -10.86 29.24 3.01
C LEU K 212 -11.21 29.61 4.45
N VAL K 213 -10.21 29.64 5.34
CA VAL K 213 -10.49 30.04 6.71
C VAL K 213 -10.83 31.52 6.79
N VAL K 214 -10.31 32.32 5.86
CA VAL K 214 -10.75 33.71 5.77
C VAL K 214 -12.22 33.77 5.36
N ARG K 215 -12.63 32.92 4.42
CA ARG K 215 -14.01 32.95 3.94
C ARG K 215 -14.98 32.48 5.01
N GLY K 216 -14.71 31.34 5.64
CA GLY K 216 -15.67 30.76 6.56
C GLY K 216 -15.17 30.38 7.93
N ASP K 217 -13.85 30.28 8.10
CA ASP K 217 -13.15 29.90 9.31
C ASP K 217 -13.27 28.41 9.63
N GLY K 218 -14.05 27.65 8.87
CA GLY K 218 -14.14 26.22 9.07
C GLY K 218 -14.27 25.44 7.78
N ARG K 219 -14.19 26.16 6.66
CA ARG K 219 -14.36 25.52 5.36
C ARG K 219 -13.08 24.82 4.92
N TYR K 220 -13.24 23.89 3.97
CA TYR K 220 -12.12 23.19 3.38
C TYR K 220 -12.53 22.75 1.98
N ALA K 221 -11.53 22.45 1.16
CA ALA K 221 -11.78 22.10 -0.23
C ALA K 221 -12.54 20.77 -0.32
N TYR K 222 -13.60 20.76 -1.12
CA TYR K 222 -14.35 19.55 -1.34
C TYR K 222 -13.51 18.52 -2.08
N PRO K 223 -13.60 17.24 -1.73
CA PRO K 223 -12.91 16.21 -2.52
C PRO K 223 -13.43 16.20 -3.95
N GLY K 224 -12.52 16.02 -4.89
CA GLY K 224 -12.91 16.04 -6.28
C GLY K 224 -11.75 16.45 -7.15
N VAL K 225 -12.07 16.97 -8.33
CA VAL K 225 -11.09 17.39 -9.31
C VAL K 225 -11.50 18.74 -9.87
N TYR K 226 -10.50 19.55 -10.21
CA TYR K 226 -10.75 20.89 -10.72
C TYR K 226 -9.75 21.19 -11.83
N THR K 227 -10.14 22.15 -12.68
CA THR K 227 -9.36 22.47 -13.87
C THR K 227 -9.12 23.97 -13.94
N LEU K 228 -7.97 24.32 -14.48
CA LEU K 228 -7.56 25.72 -14.69
C LEU K 228 -6.62 25.75 -15.88
N ASN K 229 -6.73 26.81 -16.69
CA ASN K 229 -5.91 26.98 -17.87
C ASN K 229 -4.96 28.16 -17.66
N VAL K 230 -3.73 28.02 -18.16
CA VAL K 230 -2.70 29.05 -18.04
C VAL K 230 -2.30 29.48 -19.44
N LYS K 231 -2.30 30.79 -19.68
CA LYS K 231 -1.98 31.37 -20.98
C LYS K 231 -0.70 32.19 -20.86
N PHE K 232 0.31 31.83 -21.64
CA PHE K 232 1.53 32.62 -21.74
C PHE K 232 1.45 33.47 -22.99
N VAL K 233 1.38 34.80 -22.81
CA VAL K 233 1.11 35.72 -23.91
C VAL K 233 2.24 36.73 -24.00
N MET K 234 2.75 36.93 -25.21
CA MET K 234 3.76 37.94 -25.48
C MET K 234 3.17 39.03 -26.36
N VAL K 235 3.44 40.28 -26.00
CA VAL K 235 2.82 41.43 -26.64
C VAL K 235 3.91 42.43 -27.01
N GLU K 236 3.79 43.02 -28.20
CA GLU K 236 4.74 44.05 -28.62
C GLU K 236 4.66 45.24 -27.69
N CYS K 237 5.82 45.81 -27.34
CA CYS K 237 5.86 46.98 -26.48
C CYS K 237 6.15 48.23 -27.31
N ASN L 1 -4.06 74.14 -87.71
CA ASN L 1 -4.26 73.17 -86.64
C ASN L 1 -3.38 71.94 -86.85
N LEU L 2 -2.09 72.17 -87.07
CA LEU L 2 -1.14 71.08 -87.27
C LEU L 2 -0.96 70.31 -85.97
N ILE L 3 -0.94 68.99 -86.08
CA ILE L 3 -0.97 68.10 -84.93
C ILE L 3 0.19 67.12 -85.00
N SER L 4 0.96 67.05 -83.93
CA SER L 4 1.92 65.98 -83.70
C SER L 4 1.65 65.41 -82.32
N GLU L 5 1.41 64.11 -82.26
CA GLU L 5 0.93 63.48 -81.04
C GLU L 5 1.67 62.19 -80.77
N GLN L 6 1.73 61.82 -79.49
CA GLN L 6 2.27 60.55 -79.05
C GLN L 6 1.32 59.96 -78.02
N ASN L 7 1.10 58.65 -78.09
CA ASN L 7 0.13 57.97 -77.25
C ASN L 7 0.81 56.90 -76.42
N VAL L 8 0.39 56.78 -75.16
CA VAL L 8 0.83 55.72 -74.28
C VAL L 8 -0.39 55.01 -73.72
N THR L 9 -0.33 53.68 -73.63
CA THR L 9 -1.45 52.87 -73.18
C THR L 9 -1.19 52.44 -71.73
N VAL L 10 -2.15 52.72 -70.86
CA VAL L 10 -2.05 52.41 -69.44
C VAL L 10 -2.96 51.22 -69.15
N THR L 11 -2.39 50.17 -68.56
CA THR L 11 -3.13 48.97 -68.18
C THR L 11 -3.03 48.80 -66.68
N MET L 12 -4.17 48.80 -66.00
CA MET L 12 -4.26 48.65 -64.56
C MET L 12 -5.07 47.40 -64.24
N ASP L 13 -4.48 46.51 -63.44
CA ASP L 13 -5.17 45.30 -63.01
C ASP L 13 -5.25 45.29 -61.48
N LEU L 14 -6.43 45.00 -60.95
CA LEU L 14 -6.63 44.87 -59.51
C LEU L 14 -6.77 43.37 -59.21
N GLN L 15 -5.64 42.70 -59.06
CA GLN L 15 -5.67 41.29 -58.76
C GLN L 15 -6.20 41.05 -57.34
N PRO L 16 -7.14 40.14 -57.17
CA PRO L 16 -7.70 39.90 -55.83
C PRO L 16 -6.71 39.19 -54.94
N VAL L 17 -6.64 39.66 -53.69
CA VAL L 17 -5.74 39.11 -52.69
C VAL L 17 -6.60 38.46 -51.62
N LEU L 18 -6.53 37.14 -51.52
CA LEU L 18 -7.31 36.37 -50.55
C LEU L 18 -6.35 35.45 -49.79
N GLN L 19 -6.09 35.77 -48.53
CA GLN L 19 -5.14 35.00 -47.73
C GLN L 19 -5.76 34.68 -46.38
N LEU L 20 -5.71 33.39 -46.01
CA LEU L 20 -6.15 32.93 -44.70
C LEU L 20 -4.96 32.22 -44.06
N SER L 21 -4.31 32.88 -43.11
CA SER L 21 -3.12 32.34 -42.46
C SER L 21 -3.50 31.81 -41.09
N MET L 22 -3.25 30.53 -40.86
CA MET L 22 -3.61 29.88 -39.61
C MET L 22 -2.35 29.57 -38.82
N GLN L 23 -2.38 29.91 -37.53
CA GLN L 23 -1.30 29.57 -36.62
C GLN L 23 -1.82 28.67 -35.52
N GLY L 24 -1.02 27.66 -35.17
CA GLY L 24 -1.41 26.68 -34.18
C GLY L 24 -0.96 25.29 -34.58
N SER L 25 -1.70 24.27 -34.18
CA SER L 25 -1.40 22.89 -34.52
C SER L 25 -2.47 22.36 -35.46
N GLU L 26 -2.03 21.79 -36.59
CA GLU L 26 -2.97 21.29 -37.57
C GLU L 26 -3.62 19.98 -37.10
N THR L 27 -3.06 19.33 -36.07
CA THR L 27 -3.70 18.23 -35.38
C THR L 27 -4.09 18.67 -33.99
N VAL L 28 -5.37 18.49 -33.65
CA VAL L 28 -5.87 18.73 -32.30
C VAL L 28 -6.32 17.39 -31.73
N SER L 29 -5.68 16.95 -30.65
CA SER L 29 -5.91 15.63 -30.09
C SER L 29 -6.55 15.75 -28.72
N PHE L 30 -7.67 15.06 -28.54
CA PHE L 30 -8.33 14.93 -27.25
C PHE L 30 -8.14 13.50 -26.76
N VAL L 31 -7.51 13.36 -25.59
CA VAL L 31 -7.22 12.05 -25.02
C VAL L 31 -7.99 11.93 -23.71
N PHE L 32 -8.84 10.91 -23.62
CA PHE L 32 -9.64 10.64 -22.43
C PHE L 32 -9.13 9.36 -21.77
N SER L 33 -8.58 9.49 -20.58
CA SER L 33 -8.07 8.32 -19.87
C SER L 33 -8.50 8.32 -18.41
N GLN L 34 -8.88 9.48 -17.88
CA GLN L 34 -9.36 9.58 -16.52
C GLN L 34 -10.88 9.72 -16.50
N ILE L 35 -11.47 9.38 -15.36
CA ILE L 35 -12.92 9.48 -15.21
C ILE L 35 -13.37 10.93 -15.35
N SER L 36 -12.63 11.86 -14.72
CA SER L 36 -12.95 13.27 -14.80
C SER L 36 -12.97 13.75 -16.24
N GLU L 37 -11.99 13.32 -17.03
CA GLU L 37 -11.98 13.68 -18.45
C GLU L 37 -13.21 13.14 -19.15
N TYR L 38 -13.64 11.93 -18.81
CA TYR L 38 -14.80 11.34 -19.45
C TYR L 38 -16.07 12.13 -19.13
N ILE L 39 -16.29 12.47 -17.87
CA ILE L 39 -17.51 13.16 -17.48
C ILE L 39 -17.53 14.61 -17.94
N GLY L 40 -16.40 15.31 -17.92
CA GLY L 40 -16.42 16.72 -18.26
C GLY L 40 -15.77 17.11 -19.57
N GLY L 41 -14.76 16.36 -19.99
CA GLY L 41 -14.16 16.59 -21.29
C GLY L 41 -13.06 17.62 -21.34
N LEU L 42 -12.12 17.44 -22.26
CA LEU L 42 -11.03 18.38 -22.44
C LEU L 42 -11.55 19.69 -23.02
N THR L 43 -11.12 20.81 -22.44
CA THR L 43 -11.35 22.12 -23.00
C THR L 43 -10.00 22.72 -23.39
N GLN L 44 -9.79 22.92 -24.69
CA GLN L 44 -8.53 23.43 -25.21
C GLN L 44 -8.69 24.90 -25.57
N TYR L 45 -7.85 25.74 -25.00
CA TYR L 45 -7.93 27.18 -25.20
C TYR L 45 -6.87 27.65 -26.19
N GLY L 46 -7.29 28.45 -27.14
CA GLY L 46 -6.38 29.03 -28.13
C GLY L 46 -5.68 27.99 -28.97
N ALA L 47 -6.41 26.98 -29.42
CA ALA L 47 -5.81 25.91 -30.22
C ALA L 47 -5.34 26.43 -31.58
N VAL L 48 -6.22 27.15 -32.28
CA VAL L 48 -5.93 27.65 -33.62
C VAL L 48 -6.39 29.10 -33.72
N ASP L 49 -5.56 29.94 -34.34
CA ASP L 49 -5.94 31.32 -34.62
C ASP L 49 -5.85 31.55 -36.14
N LEU L 50 -6.71 32.43 -36.64
CA LEU L 50 -6.83 32.71 -38.06
C LEU L 50 -6.67 34.21 -38.30
N SER L 51 -5.88 34.54 -39.31
CA SER L 51 -5.67 35.91 -39.74
C SER L 51 -6.09 36.04 -41.20
N VAL L 52 -6.80 37.12 -41.52
CA VAL L 52 -7.42 37.30 -42.82
C VAL L 52 -6.81 38.52 -43.51
N SER L 53 -6.34 38.33 -44.74
CA SER L 53 -5.92 39.42 -45.60
C SER L 53 -6.79 39.39 -46.85
N SER L 54 -7.43 40.51 -47.16
CA SER L 54 -8.40 40.51 -48.24
C SER L 54 -8.47 41.89 -48.87
N THR L 55 -9.00 41.92 -50.10
CA THR L 55 -9.25 43.15 -50.81
C THR L 55 -10.74 43.48 -50.92
N VAL L 56 -11.60 42.47 -51.00
CA VAL L 56 -13.03 42.67 -51.17
C VAL L 56 -13.77 42.17 -49.94
N ASP L 57 -15.08 42.36 -49.96
CA ASP L 57 -15.92 41.89 -48.85
C ASP L 57 -15.83 40.38 -48.73
N TRP L 58 -15.63 39.91 -47.50
CA TRP L 58 -15.39 38.50 -47.25
C TRP L 58 -16.21 38.02 -46.06
N CYS L 59 -16.57 36.74 -46.09
CA CYS L 59 -17.26 36.08 -45.00
C CYS L 59 -16.53 34.78 -44.69
N LEU L 60 -16.23 34.57 -43.41
CA LEU L 60 -15.48 33.41 -42.95
C LEU L 60 -16.41 32.50 -42.16
N TYR L 61 -16.42 31.21 -42.48
CA TYR L 61 -17.20 30.24 -41.74
C TYR L 61 -16.36 29.00 -41.48
N ALA L 62 -16.87 28.17 -40.56
CA ALA L 62 -16.24 26.91 -40.21
C ALA L 62 -17.22 25.78 -40.43
N ALA L 63 -16.77 24.74 -41.13
CA ALA L 63 -17.60 23.57 -41.41
C ALA L 63 -16.88 22.33 -40.92
N ALA L 64 -17.65 21.27 -40.70
CA ALA L 64 -17.11 20.00 -40.23
C ALA L 64 -17.43 18.91 -41.24
N PHE L 65 -16.42 18.11 -41.56
CA PHE L 65 -16.55 17.08 -42.59
C PHE L 65 -15.74 15.87 -42.17
N SER L 66 -16.16 14.70 -42.66
CA SER L 66 -15.48 13.45 -42.40
C SER L 66 -15.77 12.49 -43.54
N SER L 67 -15.11 11.33 -43.51
CA SER L 67 -15.34 10.32 -44.54
C SER L 67 -16.78 9.83 -44.51
N ASP L 68 -17.34 9.63 -43.31
CA ASP L 68 -18.74 9.25 -43.20
C ASP L 68 -19.64 10.35 -43.71
N ALA L 69 -19.31 11.62 -43.39
CA ALA L 69 -20.15 12.74 -43.79
C ALA L 69 -20.28 12.85 -45.31
N ALA L 70 -19.38 12.22 -46.06
CA ALA L 70 -19.47 12.23 -47.51
C ALA L 70 -20.64 11.41 -48.06
N ASP L 71 -21.21 10.52 -47.25
CA ASP L 71 -22.32 9.67 -47.71
C ASP L 71 -23.64 10.02 -47.03
N ALA L 72 -23.88 11.30 -46.77
CA ALA L 72 -25.14 11.88 -46.28
C ALA L 72 -25.41 11.57 -44.82
N GLU L 73 -24.60 10.76 -44.15
CA GLU L 73 -24.75 10.52 -42.72
C GLU L 73 -23.65 11.29 -41.99
N LEU L 74 -24.03 12.33 -41.27
CA LEU L 74 -23.08 13.21 -40.60
C LEU L 74 -22.71 12.66 -39.23
N ASN L 75 -21.88 11.62 -39.25
CA ASN L 75 -21.33 11.02 -38.04
C ASN L 75 -19.81 11.05 -38.12
N TRP L 76 -19.18 10.95 -36.95
CA TRP L 76 -17.72 10.93 -36.91
C TRP L 76 -17.19 9.69 -37.62
N THR L 77 -15.95 9.80 -38.08
CA THR L 77 -15.31 8.66 -38.74
C THR L 77 -14.79 7.72 -37.67
N ASN L 78 -15.44 6.57 -37.52
CA ASN L 78 -14.94 5.55 -36.61
C ASN L 78 -13.56 5.11 -37.07
N MET L 79 -12.63 4.97 -36.13
CA MET L 79 -11.23 4.84 -36.46
C MET L 79 -10.69 3.50 -35.98
N VAL L 80 -10.86 3.20 -34.70
CA VAL L 80 -10.57 1.90 -34.09
C VAL L 80 -11.68 1.61 -33.10
N THR L 81 -12.00 0.33 -32.95
CA THR L 81 -13.04 -0.12 -32.03
C THR L 81 -12.38 -0.87 -30.87
N PHE L 82 -12.14 -0.17 -29.77
CA PHE L 82 -11.60 -0.82 -28.58
C PHE L 82 -12.69 -1.68 -27.93
N GLY L 83 -12.33 -2.90 -27.57
CA GLY L 83 -13.25 -3.83 -26.96
C GLY L 83 -13.71 -4.90 -27.93
N ASP L 84 -14.57 -5.79 -27.42
CA ASP L 84 -15.07 -6.90 -28.21
C ASP L 84 -16.41 -6.60 -28.86
N SER L 85 -17.46 -6.38 -28.07
CA SER L 85 -18.80 -6.18 -28.59
C SER L 85 -19.80 -5.82 -27.50
N ASN L 86 -20.87 -5.10 -27.87
CA ASN L 86 -21.95 -4.79 -26.95
C ASN L 86 -23.20 -4.43 -27.75
N PRO L 87 -24.32 -5.13 -27.53
CA PRO L 87 -25.55 -4.79 -28.27
C PRO L 87 -26.03 -3.37 -28.04
N ASN L 88 -25.83 -2.82 -26.84
CA ASN L 88 -26.35 -1.51 -26.48
C ASN L 88 -25.27 -0.45 -26.63
N SER L 89 -24.38 -0.62 -27.61
CA SER L 89 -23.29 0.31 -27.86
C SER L 89 -23.25 0.60 -29.35
N ILE L 90 -23.27 1.87 -29.72
CA ILE L 90 -23.33 2.30 -31.11
C ILE L 90 -22.13 3.18 -31.40
N THR L 91 -21.41 2.88 -32.47
CA THR L 91 -20.25 3.67 -32.90
C THR L 91 -20.66 4.71 -33.93
N ASN L 92 -21.70 5.49 -33.63
CA ASN L 92 -22.22 6.53 -34.52
C ASN L 92 -22.34 7.81 -33.69
N LEU L 93 -21.29 8.60 -33.65
CA LEU L 93 -21.29 9.81 -32.86
C LEU L 93 -21.60 11.03 -33.73
N PRO L 94 -22.47 11.92 -33.28
CA PRO L 94 -22.83 13.08 -34.09
C PRO L 94 -21.63 13.97 -34.37
N ILE L 95 -21.57 14.51 -35.58
CA ILE L 95 -20.52 15.46 -35.95
C ILE L 95 -20.65 16.72 -35.11
N THR L 96 -21.87 17.06 -34.70
CA THR L 96 -22.14 18.27 -33.95
C THR L 96 -21.53 18.26 -32.55
N VAL L 97 -21.00 17.11 -32.12
CA VAL L 97 -20.48 16.98 -30.75
C VAL L 97 -19.43 18.05 -30.46
N LEU L 98 -18.50 18.25 -31.40
CA LEU L 98 -17.43 19.22 -31.21
C LEU L 98 -18.00 20.62 -31.01
N GLN L 99 -17.49 21.33 -30.00
CA GLN L 99 -17.93 22.68 -29.70
C GLN L 99 -16.79 23.66 -29.88
N LEU L 100 -17.10 24.82 -30.45
CA LEU L 100 -16.12 25.85 -30.74
C LEU L 100 -16.53 27.15 -30.05
N PHE L 101 -15.54 27.86 -29.53
CA PHE L 101 -15.75 29.18 -28.94
C PHE L 101 -14.89 30.18 -29.68
N GLN L 102 -15.51 31.26 -30.13
CA GLN L 102 -14.83 32.35 -30.80
C GLN L 102 -14.63 33.51 -29.84
N SER L 103 -13.46 34.16 -29.94
CA SER L 103 -13.13 35.25 -29.03
C SER L 103 -13.95 36.51 -29.29
N LYS L 104 -14.66 36.58 -30.42
CA LYS L 104 -15.41 37.78 -30.77
C LYS L 104 -16.81 37.44 -31.28
N PRO L 105 -17.75 38.37 -31.21
CA PRO L 105 -19.01 38.19 -31.93
C PRO L 105 -18.83 38.49 -33.41
N ASN L 106 -19.86 38.14 -34.18
CA ASN L 106 -19.84 38.43 -35.61
C ASN L 106 -19.83 39.93 -35.83
N PRO L 107 -18.85 40.48 -36.55
CA PRO L 107 -18.80 41.93 -36.78
C PRO L 107 -20.04 42.45 -37.49
N ASP L 108 -20.35 41.89 -38.66
CA ASP L 108 -21.51 42.28 -39.45
C ASP L 108 -22.38 41.04 -39.63
N THR L 109 -23.34 40.86 -38.73
CA THR L 109 -24.25 39.72 -38.78
C THR L 109 -25.67 40.17 -39.05
N ASN L 110 -26.34 39.45 -39.94
CA ASN L 110 -27.77 39.63 -40.21
C ASN L 110 -28.40 38.24 -40.16
N SER L 111 -28.73 37.79 -38.95
CA SER L 111 -29.32 36.46 -38.77
C SER L 111 -30.05 36.43 -37.44
N THR L 112 -31.00 35.50 -37.34
CA THR L 112 -31.79 35.33 -36.12
C THR L 112 -31.93 33.85 -35.77
N ALA L 113 -30.86 33.09 -35.90
CA ALA L 113 -30.87 31.69 -35.51
C ALA L 113 -30.72 31.56 -34.00
N ASP L 114 -30.39 30.36 -33.55
CA ASP L 114 -30.13 30.13 -32.13
C ASP L 114 -28.96 31.00 -31.68
N SER L 115 -27.91 31.08 -32.51
CA SER L 115 -26.80 31.99 -32.27
C SER L 115 -26.08 32.21 -33.59
N PRO L 116 -25.90 33.45 -34.03
CA PRO L 116 -25.25 33.69 -35.33
C PRO L 116 -23.83 33.17 -35.41
N SER L 117 -23.08 33.21 -34.31
CA SER L 117 -21.68 32.80 -34.31
C SER L 117 -21.35 32.15 -32.98
N PHE L 118 -20.12 31.64 -32.87
CA PHE L 118 -19.66 31.01 -31.65
C PHE L 118 -19.16 32.05 -30.66
N ALA L 119 -19.98 33.06 -30.38
CA ALA L 119 -19.56 34.18 -29.54
C ALA L 119 -19.72 33.89 -28.05
N THR L 120 -20.81 33.23 -27.67
CA THR L 120 -21.08 33.00 -26.25
C THR L 120 -20.06 32.02 -25.66
N ALA L 121 -19.78 32.22 -24.38
CA ALA L 121 -18.83 31.37 -23.68
C ALA L 121 -19.38 29.96 -23.50
N PHE L 122 -18.47 29.03 -23.22
CA PHE L 122 -18.87 27.64 -23.03
C PHE L 122 -19.78 27.50 -21.82
N ASP L 123 -20.81 26.69 -21.96
CA ASP L 123 -21.78 26.46 -20.90
C ASP L 123 -21.63 25.06 -20.32
N THR L 124 -22.25 24.84 -19.18
CA THR L 124 -22.14 23.59 -18.44
C THR L 124 -23.48 22.86 -18.44
N GLY L 125 -23.43 21.55 -18.65
CA GLY L 125 -24.63 20.75 -18.65
C GLY L 125 -25.49 20.99 -19.87
N ARG L 126 -26.70 20.43 -19.81
CA ARG L 126 -27.66 20.60 -20.90
C ARG L 126 -28.41 21.91 -20.69
N ALA L 127 -27.77 23.02 -21.03
CA ALA L 127 -28.38 24.34 -20.89
C ALA L 127 -28.46 25.10 -22.21
N ALA L 128 -27.34 25.19 -22.94
CA ALA L 128 -27.30 26.02 -24.15
C ALA L 128 -27.87 25.29 -25.35
N LEU L 129 -27.23 24.19 -25.76
CA LEU L 129 -27.67 23.35 -26.87
C LEU L 129 -27.79 24.17 -28.17
N GLY L 130 -26.64 24.65 -28.62
CA GLY L 130 -26.58 25.28 -29.94
C GLY L 130 -25.69 26.50 -30.05
N GLU L 131 -25.47 27.20 -28.95
CA GLU L 131 -24.70 28.44 -28.99
C GLU L 131 -23.21 28.21 -29.26
N ASN L 132 -22.70 26.99 -29.09
CA ASN L 132 -21.29 26.73 -29.33
C ASN L 132 -21.05 25.52 -30.22
N ASN L 133 -22.09 24.84 -30.69
CA ASN L 133 -21.92 23.65 -31.52
C ASN L 133 -21.39 24.03 -32.89
N VAL L 134 -20.63 23.12 -33.48
CA VAL L 134 -20.03 23.34 -34.80
C VAL L 134 -21.08 23.15 -35.88
N TYR L 135 -20.82 23.70 -37.06
CA TYR L 135 -21.73 23.59 -38.19
C TYR L 135 -21.35 22.35 -38.99
N ALA L 136 -22.28 21.39 -39.10
CA ALA L 136 -22.04 20.15 -39.80
C ALA L 136 -22.70 20.20 -41.18
N SER L 137 -21.96 19.80 -42.20
CA SER L 137 -22.47 19.79 -43.56
C SER L 137 -21.82 18.66 -44.35
N ARG L 138 -22.60 18.03 -45.22
CA ARG L 138 -22.10 16.97 -46.08
C ARG L 138 -21.38 17.50 -47.30
N ASP L 139 -21.35 18.81 -47.50
CA ASP L 139 -20.63 19.43 -48.60
C ASP L 139 -20.17 20.81 -48.15
N PRO L 140 -18.93 20.95 -47.71
CA PRO L 140 -18.50 22.21 -47.09
C PRO L 140 -17.97 23.25 -48.06
N PHE L 141 -18.21 23.05 -49.36
CA PHE L 141 -17.67 23.94 -50.39
C PHE L 141 -18.72 24.85 -51.00
N ASP L 142 -19.83 25.07 -50.29
CA ASP L 142 -20.85 26.02 -50.74
C ASP L 142 -21.28 26.88 -49.56
N ARG L 143 -21.93 27.99 -49.86
CA ARG L 143 -22.37 28.90 -48.83
C ARG L 143 -23.42 28.23 -47.93
N PRO L 144 -23.20 28.16 -46.63
CA PRO L 144 -24.24 27.65 -45.73
C PRO L 144 -25.44 28.59 -45.71
N SER L 145 -26.58 28.04 -45.30
CA SER L 145 -27.82 28.79 -45.29
C SER L 145 -27.74 29.96 -44.30
N ALA L 146 -28.68 30.89 -44.44
CA ALA L 146 -28.67 32.10 -43.62
C ALA L 146 -28.86 31.80 -42.14
N ASP L 147 -29.42 30.64 -41.80
CA ASP L 147 -29.63 30.25 -40.41
C ASP L 147 -28.46 29.48 -39.84
N ALA L 148 -27.39 29.30 -40.61
CA ALA L 148 -26.22 28.59 -40.14
C ALA L 148 -25.33 29.54 -39.34
N ARG L 149 -24.12 29.11 -39.03
CA ARG L 149 -23.18 29.86 -38.21
C ARG L 149 -22.02 30.34 -39.08
N TYR L 150 -21.83 31.65 -39.13
CA TYR L 150 -20.68 32.24 -39.81
C TYR L 150 -19.76 32.88 -38.79
N ILE L 151 -18.46 32.62 -38.92
CA ILE L 151 -17.51 33.14 -37.95
C ILE L 151 -17.38 34.65 -38.08
N ALA L 152 -17.21 35.15 -39.30
CA ALA L 152 -16.96 36.57 -39.52
C ALA L 152 -17.70 37.09 -40.75
N GLY L 153 -18.96 36.72 -40.92
CA GLY L 153 -19.69 37.19 -42.09
C GLY L 153 -21.15 36.83 -42.05
N GLY L 154 -21.80 37.01 -43.20
CA GLY L 154 -23.21 36.70 -43.34
C GLY L 154 -23.50 36.15 -44.72
N ASN L 155 -24.61 35.41 -44.81
CA ASN L 155 -24.95 34.73 -46.06
C ASN L 155 -25.35 35.71 -47.14
N ALA L 156 -26.19 36.69 -46.80
CA ALA L 156 -26.70 37.62 -47.78
C ALA L 156 -25.58 38.57 -48.24
N GLY L 157 -25.89 39.34 -49.29
CA GLY L 157 -24.95 40.30 -49.81
C GLY L 157 -24.87 41.60 -49.04
N ALA L 158 -25.67 41.75 -47.99
CA ALA L 158 -25.63 42.92 -47.13
C ALA L 158 -24.96 42.69 -45.78
N ALA L 159 -24.75 41.43 -45.39
CA ALA L 159 -24.07 41.10 -44.14
C ALA L 159 -22.66 40.65 -44.50
N GLU L 160 -21.75 41.62 -44.58
CA GLU L 160 -20.37 41.36 -44.93
C GLU L 160 -19.46 42.34 -44.19
N VAL L 161 -18.21 41.94 -44.01
CA VAL L 161 -17.21 42.80 -43.38
C VAL L 161 -16.31 43.36 -44.48
N ALA L 162 -15.87 44.60 -44.29
CA ALA L 162 -15.08 45.29 -45.30
C ALA L 162 -13.71 44.66 -45.45
N GLY L 163 -13.13 44.84 -46.62
CA GLY L 163 -11.79 44.32 -46.87
C GLY L 163 -10.73 45.04 -46.07
N GLY L 164 -9.65 44.32 -45.78
CA GLY L 164 -8.58 44.89 -45.00
C GLY L 164 -7.52 43.84 -44.71
N SER L 165 -6.65 44.17 -43.77
CA SER L 165 -5.59 43.26 -43.36
C SER L 165 -5.35 43.42 -41.87
N TYR L 166 -5.07 42.29 -41.21
CA TYR L 166 -4.85 42.31 -39.77
C TYR L 166 -3.57 43.07 -39.41
N LEU L 167 -2.55 42.96 -40.25
CA LEU L 167 -1.29 43.66 -39.99
C LEU L 167 -1.49 45.18 -40.01
N VAL L 168 -2.23 45.67 -41.01
CA VAL L 168 -2.44 47.11 -41.13
C VAL L 168 -3.38 47.60 -40.04
N ASP L 169 -3.15 48.83 -39.59
CA ASP L 169 -3.96 49.46 -38.55
C ASP L 169 -5.25 49.98 -39.19
N ASP L 170 -6.29 49.15 -39.18
CA ASP L 170 -7.57 49.51 -39.77
C ASP L 170 -8.45 50.19 -38.72
N GLY L 171 -9.73 50.37 -39.04
CA GLY L 171 -10.64 50.98 -38.09
C GLY L 171 -10.77 50.17 -36.81
N GLY L 172 -10.74 48.85 -36.93
CA GLY L 172 -10.76 48.00 -35.76
C GLY L 172 -9.39 47.81 -35.14
N ALA L 173 -8.78 48.92 -34.71
CA ALA L 173 -7.46 48.95 -34.08
C ALA L 173 -6.47 48.23 -34.99
N SER L 174 -5.62 47.35 -34.47
CA SER L 174 -4.67 46.61 -35.31
C SER L 174 -4.26 45.36 -34.56
N GLY L 175 -4.10 44.26 -35.30
CA GLY L 175 -3.67 43.02 -34.70
C GLY L 175 -4.82 42.09 -34.34
N GLN L 176 -4.88 41.70 -33.07
CA GLN L 176 -5.88 40.72 -32.63
C GLN L 176 -7.30 41.24 -32.70
N ASN L 177 -7.48 42.57 -32.70
CA ASN L 177 -8.79 43.13 -32.37
C ASN L 177 -9.83 42.89 -33.45
N GLU L 178 -9.45 42.98 -34.73
CA GLU L 178 -10.48 42.93 -35.76
C GLU L 178 -10.37 41.75 -36.73
N PHE L 179 -9.24 41.63 -37.43
CA PHE L 179 -9.12 40.64 -38.49
C PHE L 179 -8.40 39.39 -38.02
N TYR L 180 -8.52 39.08 -36.73
CA TYR L 180 -7.71 38.03 -36.11
C TYR L 180 -8.59 37.31 -35.11
N PHE L 181 -8.97 36.07 -35.44
CA PHE L 181 -9.91 35.33 -34.61
C PHE L 181 -9.26 34.09 -34.04
N THR L 182 -9.32 33.94 -32.72
CA THR L 182 -8.78 32.79 -32.02
C THR L 182 -9.92 31.88 -31.58
N ILE L 183 -9.83 30.60 -31.91
CA ILE L 183 -10.90 29.63 -31.70
C ILE L 183 -10.43 28.59 -30.69
N SER L 184 -11.28 28.30 -29.71
CA SER L 184 -10.99 27.31 -28.68
C SER L 184 -11.94 26.14 -28.83
N PHE L 185 -11.40 24.91 -28.78
CA PHE L 185 -12.18 23.70 -28.93
C PHE L 185 -12.58 23.14 -27.58
N ARG L 186 -13.74 22.47 -27.53
CA ARG L 186 -14.19 21.81 -26.31
C ARG L 186 -15.14 20.69 -26.69
N VAL L 187 -14.95 19.52 -26.07
CA VAL L 187 -15.83 18.38 -26.21
C VAL L 187 -16.17 17.88 -24.82
N VAL L 188 -17.46 17.69 -24.55
CA VAL L 188 -17.88 17.20 -23.24
C VAL L 188 -18.65 15.88 -23.38
N PRO L 189 -18.00 14.75 -23.14
CA PRO L 189 -18.74 13.50 -23.04
C PRO L 189 -19.40 13.37 -21.68
N ALA L 190 -20.01 12.23 -21.39
CA ALA L 190 -20.64 11.99 -20.10
C ALA L 190 -20.09 10.72 -19.51
N LEU L 191 -20.16 10.62 -18.18
CA LEU L 191 -19.71 9.39 -17.51
C LEU L 191 -20.45 8.15 -18.00
N PRO L 192 -21.77 8.15 -18.20
CA PRO L 192 -22.39 6.99 -18.87
C PRO L 192 -21.87 6.75 -20.27
N GLY L 193 -21.39 7.79 -20.96
CA GLY L 193 -20.84 7.66 -22.30
C GLY L 193 -21.58 8.43 -23.36
N THR L 194 -22.63 9.18 -23.01
CA THR L 194 -23.39 9.93 -23.99
C THR L 194 -22.80 11.33 -24.16
N TYR L 195 -23.38 12.09 -25.09
CA TYR L 195 -22.94 13.45 -25.40
C TYR L 195 -24.15 14.38 -25.33
N PRO L 196 -24.50 14.91 -24.16
CA PRO L 196 -25.76 15.65 -24.02
C PRO L 196 -25.79 16.98 -24.75
N ARG L 197 -24.70 17.41 -25.38
CA ARG L 197 -24.66 18.69 -26.06
C ARG L 197 -24.78 18.59 -27.58
N ALA L 198 -24.99 17.39 -28.12
CA ALA L 198 -25.14 17.25 -29.56
C ALA L 198 -26.50 17.78 -30.02
N THR L 199 -26.51 18.41 -31.20
CA THR L 199 -27.72 18.95 -31.78
C THR L 199 -27.98 18.31 -33.14
N SER L 200 -28.96 18.85 -33.86
CA SER L 200 -29.39 18.27 -35.12
C SER L 200 -28.32 18.44 -36.20
N GLU L 201 -28.57 17.78 -37.34
CA GLU L 201 -27.69 17.87 -38.49
C GLU L 201 -28.35 18.54 -39.70
N ASP L 202 -29.64 18.85 -39.63
CA ASP L 202 -30.30 19.50 -40.76
C ASP L 202 -29.70 20.88 -41.02
N GLN L 203 -29.50 21.67 -39.97
CA GLN L 203 -28.84 22.97 -40.07
C GLN L 203 -27.60 23.09 -39.20
N GLY L 204 -27.47 22.27 -38.16
CA GLY L 204 -26.38 22.42 -37.22
C GLY L 204 -26.55 23.55 -36.24
N ASN L 205 -27.71 24.22 -36.24
CA ASN L 205 -27.95 25.38 -35.40
C ASN L 205 -29.14 25.20 -34.46
N THR L 206 -29.99 24.21 -34.71
CA THR L 206 -31.20 24.03 -33.91
C THR L 206 -30.85 23.63 -32.48
N ASP L 207 -31.90 23.59 -31.65
CA ASP L 207 -31.75 23.36 -30.22
C ASP L 207 -32.01 21.92 -29.80
N GLU L 208 -32.79 21.16 -30.57
CA GLU L 208 -33.20 19.83 -30.14
C GLU L 208 -31.97 18.95 -29.92
N THR L 209 -31.95 18.23 -28.80
CA THR L 209 -30.78 17.46 -28.42
C THR L 209 -30.69 16.17 -29.24
N ASP L 210 -29.46 15.82 -29.62
CA ASP L 210 -29.21 14.64 -30.44
C ASP L 210 -28.24 13.71 -29.73
N ASP L 211 -28.35 13.61 -28.41
CA ASP L 211 -27.52 12.69 -27.65
C ASP L 211 -28.01 11.26 -27.84
N LEU L 212 -27.20 10.31 -27.35
CA LEU L 212 -27.48 8.89 -27.61
C LEU L 212 -28.71 8.40 -26.86
N VAL L 213 -29.06 9.07 -25.74
CA VAL L 213 -30.27 8.66 -25.03
C VAL L 213 -31.51 9.01 -25.82
N VAL L 214 -31.43 10.06 -26.67
CA VAL L 214 -32.53 10.32 -27.59
C VAL L 214 -32.65 9.19 -28.60
N ARG L 215 -31.53 8.68 -29.09
CA ARG L 215 -31.56 7.63 -30.10
C ARG L 215 -32.08 6.31 -29.53
N GLY L 216 -31.54 5.89 -28.39
CA GLY L 216 -31.87 4.58 -27.87
C GLY L 216 -32.31 4.50 -26.42
N ASP L 217 -32.03 5.54 -25.64
CA ASP L 217 -32.34 5.69 -24.23
C ASP L 217 -31.42 4.84 -23.35
N GLY L 218 -30.55 4.00 -23.92
CA GLY L 218 -29.61 3.24 -23.12
C GLY L 218 -28.26 3.10 -23.81
N ARG L 219 -28.09 3.76 -24.94
CA ARG L 219 -26.86 3.65 -25.70
C ARG L 219 -25.77 4.54 -25.11
N TYR L 220 -24.54 4.22 -25.46
CA TYR L 220 -23.38 5.01 -25.06
C TYR L 220 -22.28 4.80 -26.10
N ALA L 221 -21.33 5.74 -26.11
CA ALA L 221 -20.27 5.70 -27.10
C ALA L 221 -19.37 4.48 -26.90
N TYR L 222 -19.11 3.77 -27.98
CA TYR L 222 -18.22 2.61 -27.93
C TYR L 222 -16.80 3.06 -27.61
N PRO L 223 -16.06 2.33 -26.78
CA PRO L 223 -14.65 2.65 -26.58
C PRO L 223 -13.89 2.55 -27.89
N GLY L 224 -12.97 3.48 -28.10
CA GLY L 224 -12.22 3.50 -29.34
C GLY L 224 -11.74 4.90 -29.65
N VAL L 225 -11.49 5.14 -30.93
CA VAL L 225 -11.00 6.41 -31.42
C VAL L 225 -11.77 6.81 -32.66
N TYR L 226 -11.95 8.11 -32.83
CA TYR L 226 -12.71 8.62 -33.96
C TYR L 226 -12.05 9.88 -34.49
N THR L 227 -12.34 10.19 -35.75
CA THR L 227 -11.69 11.29 -36.44
C THR L 227 -12.74 12.18 -37.09
N LEU L 228 -12.41 13.48 -37.14
CA LEU L 228 -13.26 14.49 -37.76
C LEU L 228 -12.34 15.62 -38.24
N ASN L 229 -12.68 16.19 -39.39
CA ASN L 229 -11.91 17.27 -39.99
C ASN L 229 -12.72 18.55 -39.95
N VAL L 230 -12.04 19.67 -39.69
CA VAL L 230 -12.67 20.99 -39.62
C VAL L 230 -12.05 21.88 -40.68
N LYS L 231 -12.89 22.52 -41.48
CA LYS L 231 -12.48 23.37 -42.59
C LYS L 231 -12.89 24.80 -42.29
N PHE L 232 -11.92 25.71 -42.25
CA PHE L 232 -12.19 27.13 -42.13
C PHE L 232 -12.09 27.75 -43.52
N VAL L 233 -13.21 28.24 -44.04
CA VAL L 233 -13.30 28.69 -45.42
C VAL L 233 -13.76 30.14 -45.44
N MET L 234 -13.07 30.97 -46.21
CA MET L 234 -13.45 32.35 -46.43
C MET L 234 -13.87 32.55 -47.87
N VAL L 235 -14.98 33.25 -48.07
CA VAL L 235 -15.61 33.39 -49.38
C VAL L 235 -15.89 34.87 -49.63
N GLU L 236 -15.64 35.32 -50.86
CA GLU L 236 -15.96 36.70 -51.21
C GLU L 236 -17.45 36.94 -51.12
N CYS L 237 -17.83 38.11 -50.59
CA CYS L 237 -19.25 38.45 -50.48
C CYS L 237 -19.63 39.47 -51.55
N ASN M 1 -4.71 57.44 -113.76
CA ASN M 1 -4.68 56.57 -112.58
C ASN M 1 -3.43 56.84 -111.75
N LEU M 2 -3.18 58.11 -111.43
CA LEU M 2 -2.04 58.49 -110.62
C LEU M 2 -2.20 57.97 -109.20
N ILE M 3 -1.12 57.43 -108.65
CA ILE M 3 -1.16 56.71 -107.39
C ILE M 3 -0.12 57.31 -106.44
N SER M 4 -0.56 57.66 -105.24
CA SER M 4 0.32 57.95 -104.12
C SER M 4 -0.14 57.12 -102.94
N GLU M 5 0.75 56.31 -102.39
CA GLU M 5 0.38 55.31 -101.40
C GLU M 5 1.36 55.31 -100.24
N GLN M 6 0.87 54.87 -99.09
CA GLN M 6 1.69 54.66 -97.92
C GLN M 6 1.30 53.33 -97.29
N ASN M 7 2.30 52.58 -96.84
CA ASN M 7 2.08 51.23 -96.34
C ASN M 7 2.54 51.12 -94.89
N VAL M 8 1.78 50.39 -94.08
CA VAL M 8 2.14 50.09 -92.71
C VAL M 8 2.07 48.57 -92.53
N THR M 9 3.04 48.02 -91.81
CA THR M 9 3.15 46.58 -91.60
C THR M 9 2.64 46.25 -90.20
N VAL M 10 1.69 45.32 -90.12
CA VAL M 10 1.08 44.91 -88.87
C VAL M 10 1.61 43.53 -88.51
N THR M 11 2.18 43.40 -87.31
CA THR M 11 2.69 42.15 -86.80
C THR M 11 1.93 41.77 -85.54
N MET M 12 1.27 40.61 -85.58
CA MET M 12 0.48 40.10 -84.46
C MET M 12 1.07 38.79 -84.00
N ASP M 13 1.39 38.69 -82.71
CA ASP M 13 1.89 37.45 -82.13
C ASP M 13 0.95 37.00 -81.02
N LEU M 14 0.59 35.71 -81.04
CA LEU M 14 -0.22 35.11 -79.98
C LEU M 14 0.70 34.26 -79.13
N GLN M 15 1.36 34.89 -78.17
CA GLN M 15 2.25 34.16 -77.28
C GLN M 15 1.45 33.25 -76.36
N PRO M 16 1.84 31.99 -76.24
CA PRO M 16 1.08 31.06 -75.39
C PRO M 16 1.28 31.38 -73.92
N VAL M 17 0.18 31.33 -73.17
CA VAL M 17 0.18 31.60 -71.74
C VAL M 17 -0.17 30.30 -71.03
N LEU M 18 0.79 29.74 -70.30
CA LEU M 18 0.62 28.50 -69.57
C LEU M 18 1.06 28.72 -68.14
N GLN M 19 0.09 28.76 -67.21
CA GLN M 19 0.40 29.04 -65.81
C GLN M 19 -0.31 28.02 -64.93
N LEU M 20 0.44 27.41 -64.03
CA LEU M 20 -0.09 26.49 -63.03
C LEU M 20 0.31 27.03 -61.66
N SER M 21 -0.64 27.65 -60.96
CA SER M 21 -0.37 28.26 -59.67
C SER M 21 -0.89 27.35 -58.57
N MET M 22 0.00 26.93 -57.68
CA MET M 22 -0.34 26.03 -56.60
C MET M 22 -0.33 26.77 -55.27
N GLN M 23 -1.38 26.58 -54.49
CA GLN M 23 -1.45 27.12 -53.14
C GLN M 23 -1.55 26.00 -52.12
N GLY M 24 -0.83 26.15 -51.02
CA GLY M 24 -0.76 25.13 -49.99
C GLY M 24 0.64 25.00 -49.43
N SER M 25 1.01 23.80 -48.99
CA SER M 25 2.32 23.54 -48.45
C SER M 25 3.09 22.63 -49.40
N GLU M 26 4.30 23.04 -49.78
CA GLU M 26 5.09 22.25 -50.70
C GLU M 26 5.66 21.00 -50.05
N THR M 27 5.64 20.94 -48.71
CA THR M 27 5.93 19.71 -47.97
C THR M 27 4.65 19.22 -47.32
N VAL M 28 4.30 17.96 -47.57
CA VAL M 28 3.19 17.29 -46.90
C VAL M 28 3.77 16.17 -46.05
N SER M 29 3.58 16.25 -44.75
CA SER M 29 4.19 15.32 -43.80
C SER M 29 3.13 14.48 -43.13
N PHE M 30 3.31 13.16 -43.18
CA PHE M 30 2.47 12.21 -42.46
C PHE M 30 3.30 11.62 -41.33
N VAL M 31 2.83 11.80 -40.10
CA VAL M 31 3.53 11.32 -38.91
C VAL M 31 2.66 10.28 -38.24
N PHE M 32 3.20 9.07 -38.09
CA PHE M 32 2.51 7.97 -37.43
C PHE M 32 3.19 7.67 -36.11
N SER M 33 2.48 7.90 -35.01
CA SER M 33 3.05 7.64 -33.69
C SER M 33 2.06 6.91 -32.79
N GLN M 34 0.78 6.95 -33.13
CA GLN M 34 -0.25 6.24 -32.38
C GLN M 34 -0.67 4.99 -33.14
N ILE M 35 -1.24 4.05 -32.40
CA ILE M 35 -1.73 2.81 -33.00
C ILE M 35 -2.85 3.10 -34.00
N SER M 36 -3.77 3.98 -33.61
CA SER M 36 -4.88 4.35 -34.50
C SER M 36 -4.35 4.92 -35.81
N GLU M 37 -3.33 5.76 -35.75
CA GLU M 37 -2.73 6.30 -36.96
C GLU M 37 -2.15 5.17 -37.82
N TYR M 38 -1.54 4.18 -37.17
CA TYR M 38 -0.95 3.08 -37.92
C TYR M 38 -2.02 2.27 -38.66
N ILE M 39 -3.09 1.91 -37.96
CA ILE M 39 -4.11 1.07 -38.57
C ILE M 39 -4.95 1.81 -39.62
N GLY M 40 -5.25 3.09 -39.39
CA GLY M 40 -6.12 3.78 -40.32
C GLY M 40 -5.47 4.84 -41.18
N GLY M 41 -4.42 5.49 -40.68
CA GLY M 41 -3.67 6.43 -41.49
C GLY M 41 -4.20 7.85 -41.51
N LEU M 42 -3.30 8.81 -41.68
CA LEU M 42 -3.68 10.21 -41.74
C LEU M 42 -4.43 10.49 -43.03
N THR M 43 -5.54 11.21 -42.93
CA THR M 43 -6.25 11.74 -44.08
C THR M 43 -6.19 13.26 -44.04
N GLN M 44 -5.50 13.85 -44.99
CA GLN M 44 -5.30 15.29 -45.04
C GLN M 44 -6.22 15.90 -46.08
N TYR M 45 -7.05 16.85 -45.66
CA TYR M 45 -8.03 17.47 -46.53
C TYR M 45 -7.55 18.84 -46.99
N GLY M 46 -7.67 19.08 -48.30
CA GLY M 46 -7.32 20.36 -48.88
C GLY M 46 -5.86 20.73 -48.69
N ALA M 47 -4.97 19.76 -48.89
CA ALA M 47 -3.54 20.01 -48.71
C ALA M 47 -3.01 20.99 -49.76
N VAL M 48 -3.31 20.72 -51.03
CA VAL M 48 -2.80 21.53 -52.13
C VAL M 48 -3.95 21.80 -53.10
N ASP M 49 -4.04 23.04 -53.58
CA ASP M 49 -4.99 23.41 -54.62
C ASP M 49 -4.22 23.96 -55.82
N LEU M 50 -4.77 23.74 -57.01
CA LEU M 50 -4.13 24.13 -58.26
C LEU M 50 -5.09 24.99 -59.08
N SER M 51 -4.56 26.07 -59.64
CA SER M 51 -5.30 26.97 -60.51
C SER M 51 -4.59 27.03 -61.84
N VAL M 52 -5.37 26.98 -62.92
CA VAL M 52 -4.84 26.86 -64.28
C VAL M 52 -5.22 28.09 -65.08
N SER M 53 -4.22 28.72 -65.69
CA SER M 53 -4.44 29.79 -66.66
C SER M 53 -3.84 29.35 -67.99
N SER M 54 -4.64 29.37 -69.05
CA SER M 54 -4.18 28.81 -70.31
C SER M 54 -4.86 29.53 -71.47
N THR M 55 -4.25 29.40 -72.64
CA THR M 55 -4.80 29.90 -73.88
C THR M 55 -5.30 28.80 -74.81
N VAL M 56 -4.67 27.62 -74.79
CA VAL M 56 -5.02 26.53 -75.68
C VAL M 56 -5.55 25.36 -74.86
N ASP M 57 -5.96 24.32 -75.56
CA ASP M 57 -6.46 23.11 -74.90
C ASP M 57 -5.36 22.49 -74.06
N TRP M 58 -5.71 22.14 -72.83
CA TRP M 58 -4.74 21.65 -71.86
C TRP M 58 -5.29 20.44 -71.12
N CYS M 59 -4.36 19.57 -70.70
CA CYS M 59 -4.68 18.41 -69.90
C CYS M 59 -3.73 18.38 -68.71
N LEU M 60 -4.29 18.23 -67.51
CA LEU M 60 -3.51 18.23 -66.27
C LEU M 60 -3.51 16.83 -65.69
N TYR M 61 -2.33 16.34 -65.32
CA TYR M 61 -2.21 15.05 -64.67
C TYR M 61 -1.25 15.14 -63.51
N ALA M 62 -1.29 14.11 -62.66
CA ALA M 62 -0.41 14.00 -61.50
C ALA M 62 0.38 12.70 -61.59
N ALA M 63 1.69 12.81 -61.41
CA ALA M 63 2.58 11.67 -61.46
C ALA M 63 3.38 11.60 -60.16
N ALA M 64 3.89 10.42 -59.86
CA ALA M 64 4.69 10.20 -58.67
C ALA M 64 6.06 9.70 -59.06
N PHE M 65 7.09 10.29 -58.44
CA PHE M 65 8.47 9.98 -58.78
C PHE M 65 9.31 10.03 -57.52
N SER M 66 10.41 9.28 -57.54
CA SER M 66 11.36 9.24 -56.43
C SER M 66 12.72 8.85 -56.97
N SER M 67 13.72 8.90 -56.09
CA SER M 67 15.07 8.51 -56.49
C SER M 67 15.12 7.05 -56.91
N ASP M 68 14.42 6.18 -56.17
CA ASP M 68 14.34 4.78 -56.56
C ASP M 68 13.62 4.62 -57.89
N ALA M 69 12.54 5.38 -58.09
CA ALA M 69 11.75 5.26 -59.31
C ALA M 69 12.57 5.59 -60.56
N ALA M 70 13.70 6.26 -60.41
CA ALA M 70 14.55 6.57 -61.54
C ALA M 70 15.25 5.33 -62.10
N ASP M 71 15.33 4.24 -61.34
CA ASP M 71 16.02 3.03 -61.80
C ASP M 71 15.06 1.87 -62.07
N ALA M 72 13.87 2.17 -62.59
CA ALA M 72 12.86 1.23 -63.09
C ALA M 72 12.14 0.47 -61.97
N GLU M 73 12.52 0.64 -60.71
CA GLU M 73 11.80 0.05 -59.59
C GLU M 73 11.01 1.16 -58.89
N LEU M 74 9.68 1.11 -59.02
CA LEU M 74 8.81 2.16 -58.51
C LEU M 74 8.46 1.87 -57.04
N ASN M 75 9.45 2.13 -56.18
CA ASN M 75 9.28 2.03 -54.74
C ASN M 75 9.63 3.37 -54.11
N TRP M 76 9.13 3.57 -52.89
CA TRP M 76 9.42 4.81 -52.18
C TRP M 76 10.92 4.90 -51.87
N THR M 77 11.39 6.12 -51.69
CA THR M 77 12.79 6.35 -51.36
C THR M 77 12.96 6.11 -49.86
N ASN M 78 13.61 4.99 -49.51
CA ASN M 78 13.94 4.74 -48.11
C ASN M 78 14.86 5.84 -47.61
N MET M 79 14.57 6.34 -46.41
CA MET M 79 15.18 7.58 -45.95
C MET M 79 16.02 7.33 -44.70
N VAL M 80 15.42 6.73 -43.67
CA VAL M 80 16.10 6.24 -42.49
C VAL M 80 15.48 4.91 -42.10
N THR M 81 16.30 4.02 -41.54
CA THR M 81 15.86 2.69 -41.12
C THR M 81 15.87 2.63 -39.60
N PHE M 82 14.71 2.88 -38.99
CA PHE M 82 14.58 2.74 -37.54
C PHE M 82 14.61 1.27 -37.16
N GLY M 83 15.40 0.95 -36.13
CA GLY M 83 15.53 -0.41 -35.66
C GLY M 83 16.84 -1.04 -36.10
N ASP M 84 17.02 -2.30 -35.71
CA ASP M 84 18.25 -3.03 -36.00
C ASP M 84 18.14 -3.88 -37.26
N SER M 85 17.26 -4.88 -37.25
CA SER M 85 17.15 -5.82 -38.37
C SER M 85 15.99 -6.79 -38.18
N ASN M 86 15.44 -7.30 -39.28
CA ASN M 86 14.41 -8.32 -39.25
C ASN M 86 14.36 -9.03 -40.60
N PRO M 87 14.52 -10.36 -40.63
CA PRO M 87 14.45 -11.08 -41.91
C PRO M 87 13.13 -10.93 -42.63
N ASN M 88 12.02 -10.82 -41.90
CA ASN M 88 10.68 -10.76 -42.48
C ASN M 88 10.19 -9.32 -42.59
N SER M 89 11.12 -8.40 -42.84
CA SER M 89 10.80 -6.98 -42.96
C SER M 89 11.50 -6.44 -44.20
N ILE M 90 10.75 -5.80 -45.09
CA ILE M 90 11.27 -5.31 -46.35
C ILE M 90 11.02 -3.81 -46.43
N THR M 91 12.07 -3.06 -46.75
CA THR M 91 11.97 -1.60 -46.92
C THR M 91 11.72 -1.23 -48.37
N ASN M 92 10.71 -1.85 -48.99
CA ASN M 92 10.36 -1.61 -50.39
C ASN M 92 8.85 -1.37 -50.43
N LEU M 93 8.45 -0.12 -50.29
CA LEU M 93 7.04 0.22 -50.27
C LEU M 93 6.59 0.71 -51.63
N PRO M 94 5.45 0.25 -52.12
CA PRO M 94 4.98 0.66 -53.44
C PRO M 94 4.73 2.16 -53.51
N ILE M 95 5.07 2.75 -54.66
CA ILE M 95 4.80 4.16 -54.89
C ILE M 95 3.30 4.41 -54.92
N THR M 96 2.53 3.40 -55.33
CA THR M 96 1.08 3.52 -55.47
C THR M 96 0.37 3.68 -54.13
N VAL M 97 1.09 3.52 -53.02
CA VAL M 97 0.46 3.57 -51.70
C VAL M 97 -0.30 4.87 -51.49
N LEU M 98 0.32 5.99 -51.86
CA LEU M 98 -0.31 7.29 -51.68
C LEU M 98 -1.62 7.37 -52.47
N GLN M 99 -2.66 7.87 -51.80
CA GLN M 99 -3.97 8.01 -52.41
C GLN M 99 -4.36 9.48 -52.49
N LEU M 100 -4.97 9.87 -53.61
CA LEU M 100 -5.38 11.24 -53.85
C LEU M 100 -6.86 11.29 -54.14
N PHE M 101 -7.52 12.33 -53.62
CA PHE M 101 -8.93 12.58 -53.91
C PHE M 101 -9.06 13.96 -54.53
N GLN M 102 -9.73 14.01 -55.68
CA GLN M 102 -10.01 15.25 -56.38
C GLN M 102 -11.44 15.70 -56.10
N SER M 103 -11.62 17.01 -55.94
CA SER M 103 -12.94 17.54 -55.62
C SER M 103 -13.91 17.46 -56.80
N LYS M 104 -13.43 17.18 -58.01
CA LYS M 104 -14.29 17.15 -59.18
C LYS M 104 -14.01 15.93 -60.05
N PRO M 105 -14.96 15.51 -60.88
CA PRO M 105 -14.66 14.53 -61.92
C PRO M 105 -13.94 15.19 -63.08
N ASN M 106 -13.43 14.36 -63.98
CA ASN M 106 -12.76 14.86 -65.16
C ASN M 106 -13.77 15.59 -66.04
N PRO M 107 -13.53 16.86 -66.38
CA PRO M 107 -14.49 17.60 -67.22
C PRO M 107 -14.72 16.94 -68.56
N ASP M 108 -13.65 16.74 -69.33
CA ASP M 108 -13.71 16.10 -70.64
C ASP M 108 -12.83 14.85 -70.60
N THR M 109 -13.45 13.72 -70.29
CA THR M 109 -12.75 12.44 -70.20
C THR M 109 -13.22 11.48 -71.28
N ASN M 110 -12.27 10.82 -71.92
CA ASN M 110 -12.55 9.74 -72.86
C ASN M 110 -11.65 8.56 -72.45
N SER M 111 -12.12 7.77 -71.50
CA SER M 111 -11.36 6.63 -71.01
C SER M 111 -12.29 5.65 -70.34
N THR M 112 -11.85 4.40 -70.27
CA THR M 112 -12.64 3.33 -69.64
C THR M 112 -11.76 2.47 -68.74
N ALA M 113 -10.86 3.08 -67.98
CA ALA M 113 -10.03 2.35 -67.04
C ALA M 113 -10.83 2.06 -65.77
N ASP M 114 -10.12 1.68 -64.71
CA ASP M 114 -10.75 1.45 -63.41
C ASP M 114 -11.44 2.73 -62.95
N SER M 115 -10.77 3.87 -63.13
CA SER M 115 -11.37 5.17 -62.86
C SER M 115 -10.58 6.22 -63.62
N PRO M 116 -11.24 7.04 -64.44
CA PRO M 116 -10.47 8.03 -65.23
C PRO M 116 -9.73 9.05 -64.39
N SER M 117 -10.27 9.43 -63.24
CA SER M 117 -9.66 10.45 -62.39
C SER M 117 -9.91 10.10 -60.93
N PHE M 118 -9.33 10.92 -60.05
CA PHE M 118 -9.49 10.72 -58.61
C PHE M 118 -10.79 11.36 -58.14
N ALA M 119 -11.90 11.03 -58.78
CA ALA M 119 -13.18 11.68 -58.48
C ALA M 119 -13.90 11.04 -57.31
N THR M 120 -13.87 9.71 -57.21
CA THR M 120 -14.61 9.02 -56.17
C THR M 120 -14.02 9.31 -54.79
N ALA M 121 -14.90 9.32 -53.79
CA ALA M 121 -14.47 9.58 -52.43
C ALA M 121 -13.62 8.43 -51.89
N PHE M 122 -12.89 8.73 -50.82
CA PHE M 122 -12.03 7.72 -50.20
C PHE M 122 -12.86 6.57 -49.65
N ASP M 123 -12.38 5.35 -49.84
CA ASP M 123 -13.06 4.15 -49.40
C ASP M 123 -12.31 3.53 -48.23
N THR M 124 -12.98 2.59 -47.56
CA THR M 124 -12.45 1.95 -46.36
C THR M 124 -12.19 0.48 -46.64
N GLY M 125 -11.05 -0.01 -46.15
CA GLY M 125 -10.70 -1.40 -46.33
C GLY M 125 -10.31 -1.71 -47.76
N ARG M 126 -10.18 -3.02 -48.02
CA ARG M 126 -9.84 -3.49 -49.36
C ARG M 126 -11.14 -3.61 -50.16
N ALA M 127 -11.64 -2.48 -50.65
CA ALA M 127 -12.86 -2.46 -51.46
C ALA M 127 -12.64 -1.85 -52.84
N ALA M 128 -12.03 -0.67 -52.91
CA ALA M 128 -11.92 0.04 -54.18
C ALA M 128 -10.74 -0.47 -55.00
N LEU M 129 -9.52 -0.30 -54.49
CA LEU M 129 -8.29 -0.77 -55.13
C LEU M 129 -8.13 -0.19 -56.55
N GLY M 130 -7.99 1.13 -56.59
CA GLY M 130 -7.66 1.78 -57.83
C GLY M 130 -8.32 3.12 -58.09
N GLU M 131 -9.49 3.35 -57.49
CA GLU M 131 -10.24 4.58 -57.74
C GLU M 131 -9.59 5.82 -57.15
N ASN M 132 -8.65 5.68 -56.21
CA ASN M 132 -8.00 6.82 -55.62
C ASN M 132 -6.48 6.73 -55.59
N ASN M 133 -5.90 5.64 -56.11
CA ASN M 133 -4.46 5.48 -56.08
C ASN M 133 -3.79 6.45 -57.05
N VAL M 134 -2.57 6.84 -56.71
CA VAL M 134 -1.81 7.80 -57.52
C VAL M 134 -1.22 7.07 -58.73
N TYR M 135 -0.87 7.85 -59.75
CA TYR M 135 -0.28 7.30 -60.97
C TYR M 135 1.23 7.28 -60.81
N ALA M 136 1.83 6.09 -60.88
CA ALA M 136 3.25 5.91 -60.70
C ALA M 136 3.92 5.71 -62.06
N SER M 137 5.02 6.43 -62.29
CA SER M 137 5.74 6.34 -63.54
C SER M 137 7.21 6.59 -63.30
N ARG M 138 8.07 5.87 -64.02
CA ARG M 138 9.51 6.04 -63.93
C ARG M 138 10.02 7.21 -64.76
N ASP M 139 9.14 7.85 -65.52
CA ASP M 139 9.49 9.04 -66.31
C ASP M 139 8.26 9.93 -66.40
N PRO M 140 8.15 10.95 -65.56
CA PRO M 140 6.90 11.72 -65.48
C PRO M 140 6.83 12.88 -66.46
N PHE M 141 7.72 12.92 -67.45
CA PHE M 141 7.78 14.03 -68.39
C PHE M 141 7.23 13.68 -69.76
N ASP M 142 6.40 12.66 -69.87
CA ASP M 142 5.74 12.31 -71.11
C ASP M 142 4.27 12.03 -70.83
N ARG M 143 3.46 12.03 -71.89
CA ARG M 143 2.04 11.79 -71.74
C ARG M 143 1.80 10.37 -71.25
N PRO M 144 1.09 10.19 -70.13
CA PRO M 144 0.71 8.85 -69.71
C PRO M 144 -0.28 8.23 -70.68
N SER M 145 -0.34 6.90 -70.65
CA SER M 145 -1.20 6.17 -71.57
C SER M 145 -2.67 6.52 -71.35
N ALA M 146 -3.49 6.15 -72.33
CA ALA M 146 -4.91 6.48 -72.28
C ALA M 146 -5.64 5.81 -71.11
N ASP M 147 -5.09 4.73 -70.58
CA ASP M 147 -5.68 4.02 -69.46
C ASP M 147 -5.19 4.55 -68.11
N ALA M 148 -4.36 5.58 -68.11
CA ALA M 148 -3.84 6.15 -66.88
C ALA M 148 -4.87 7.14 -66.31
N ARG M 149 -4.47 7.91 -65.32
CA ARG M 149 -5.35 8.84 -64.62
C ARG M 149 -4.94 10.27 -64.95
N TYR M 150 -5.86 11.03 -65.53
CA TYR M 150 -5.65 12.45 -65.78
C TYR M 150 -6.58 13.27 -64.90
N ILE M 151 -6.02 14.30 -64.27
CA ILE M 151 -6.80 15.11 -63.34
C ILE M 151 -7.85 15.92 -64.09
N ALA M 152 -7.44 16.60 -65.17
CA ALA M 152 -8.33 17.50 -65.89
C ALA M 152 -8.14 17.41 -67.40
N GLY M 153 -8.02 16.20 -67.94
CA GLY M 153 -7.83 16.08 -69.37
C GLY M 153 -7.87 14.65 -69.85
N GLY M 154 -7.46 14.47 -71.10
CA GLY M 154 -7.43 13.15 -71.71
C GLY M 154 -6.23 13.01 -72.62
N ASN M 155 -5.84 11.75 -72.85
CA ASN M 155 -4.64 11.46 -73.63
C ASN M 155 -4.82 11.83 -75.09
N ALA M 156 -5.95 11.46 -75.67
CA ALA M 156 -6.16 11.69 -77.10
C ALA M 156 -6.36 13.18 -77.37
N GLY M 157 -6.37 13.53 -78.65
CA GLY M 157 -6.59 14.89 -79.07
C GLY M 157 -8.03 15.33 -79.06
N ALA M 158 -8.96 14.44 -78.72
CA ALA M 158 -10.37 14.78 -78.61
C ALA M 158 -10.86 14.93 -77.18
N ALA M 159 -10.11 14.44 -76.20
CA ALA M 159 -10.47 14.56 -74.79
C ALA M 159 -9.61 15.67 -74.19
N GLU M 160 -10.11 16.90 -74.29
CA GLU M 160 -9.40 18.06 -73.77
C GLU M 160 -10.40 19.08 -73.27
N VAL M 161 -9.95 19.94 -72.36
CA VAL M 161 -10.77 21.02 -71.84
C VAL M 161 -10.34 22.32 -72.50
N ALA M 162 -11.30 23.20 -72.74
CA ALA M 162 -11.05 24.44 -73.47
C ALA M 162 -10.18 25.38 -72.64
N GLY M 163 -9.47 26.26 -73.34
CA GLY M 163 -8.64 27.23 -72.66
C GLY M 163 -9.46 28.26 -71.90
N GLY M 164 -8.86 28.80 -70.85
CA GLY M 164 -9.54 29.78 -70.03
C GLY M 164 -8.68 30.15 -68.83
N SER M 165 -9.33 30.82 -67.87
CA SER M 165 -8.66 31.22 -66.65
C SER M 165 -9.64 31.11 -65.49
N TYR M 166 -9.13 30.68 -64.33
CA TYR M 166 -9.99 30.52 -63.16
C TYR M 166 -10.49 31.86 -62.66
N LEU M 167 -9.69 32.92 -62.77
CA LEU M 167 -10.12 34.24 -62.31
C LEU M 167 -11.29 34.74 -63.14
N VAL M 168 -11.23 34.57 -64.47
CA VAL M 168 -12.30 35.07 -65.33
C VAL M 168 -13.54 34.20 -65.18
N ASP M 169 -14.70 34.83 -65.32
CA ASP M 169 -15.99 34.14 -65.22
C ASP M 169 -16.26 33.43 -66.54
N ASP M 170 -15.86 32.17 -66.62
CA ASP M 170 -16.03 31.37 -67.83
C ASP M 170 -17.39 30.66 -67.77
N GLY M 171 -17.60 29.71 -68.69
CA GLY M 171 -18.84 28.95 -68.69
C GLY M 171 -19.04 28.17 -67.41
N GLY M 172 -17.95 27.65 -66.85
CA GLY M 172 -18.02 26.95 -65.59
C GLY M 172 -17.98 27.89 -64.40
N ALA M 173 -18.95 28.80 -64.32
CA ALA M 173 -19.08 29.78 -63.24
C ALA M 173 -17.76 30.54 -63.13
N SER M 174 -17.22 30.76 -61.94
CA SER M 174 -15.95 31.45 -61.76
C SER M 174 -15.36 31.06 -60.42
N GLY M 175 -14.05 30.90 -60.39
CA GLY M 175 -13.38 30.57 -59.15
C GLY M 175 -13.13 29.08 -58.98
N GLN M 176 -13.62 28.52 -57.87
CA GLN M 176 -13.36 27.13 -57.54
C GLN M 176 -14.01 26.15 -58.51
N ASN M 177 -15.06 26.59 -59.22
CA ASN M 177 -15.97 25.62 -59.82
C ASN M 177 -15.34 24.90 -61.01
N GLU M 178 -14.56 25.59 -61.84
CA GLU M 178 -14.10 24.95 -63.07
C GLU M 178 -12.59 24.76 -63.18
N PHE M 179 -11.83 25.85 -63.13
CA PHE M 179 -10.40 25.78 -63.40
C PHE M 179 -9.58 25.73 -62.12
N TYR M 180 -10.16 25.16 -61.06
CA TYR M 180 -9.57 25.24 -59.73
C TYR M 180 -9.81 23.91 -59.04
N PHE M 181 -8.76 23.11 -58.89
CA PHE M 181 -8.89 21.76 -58.35
C PHE M 181 -8.16 21.63 -57.02
N THR M 182 -8.87 21.18 -56.00
CA THR M 182 -8.30 20.96 -54.68
C THR M 182 -8.12 19.46 -54.46
N ILE M 183 -6.93 19.06 -54.06
CA ILE M 183 -6.56 17.65 -53.94
C ILE M 183 -6.28 17.34 -52.47
N SER M 184 -6.83 16.23 -51.99
CA SER M 184 -6.64 15.79 -50.61
C SER M 184 -5.86 14.47 -50.61
N PHE M 185 -4.85 14.39 -49.75
CA PHE M 185 -4.00 13.21 -49.66
C PHE M 185 -4.49 12.29 -48.56
N ARG M 186 -4.26 10.99 -48.74
CA ARG M 186 -4.59 9.99 -47.73
C ARG M 186 -3.71 8.77 -47.93
N VAL M 187 -3.15 8.27 -46.83
CA VAL M 187 -2.39 7.03 -46.80
C VAL M 187 -2.94 6.16 -45.67
N VAL M 188 -3.23 4.91 -45.98
CA VAL M 188 -3.75 3.99 -44.97
C VAL M 188 -2.82 2.79 -44.81
N PRO M 189 -1.96 2.79 -43.79
CA PRO M 189 -1.23 1.55 -43.46
C PRO M 189 -2.11 0.60 -42.69
N ALA M 190 -1.54 -0.51 -42.21
CA ALA M 190 -2.29 -1.48 -41.44
C ALA M 190 -1.56 -1.74 -40.13
N LEU M 191 -2.31 -2.17 -39.12
CA LEU M 191 -1.69 -2.50 -37.84
C LEU M 191 -0.61 -3.55 -37.95
N PRO M 192 -0.76 -4.63 -38.72
CA PRO M 192 0.40 -5.51 -38.96
C PRO M 192 1.55 -4.81 -39.65
N GLY M 193 1.28 -3.76 -40.44
CA GLY M 193 2.32 -3.03 -41.12
C GLY M 193 2.22 -3.05 -42.63
N THR M 194 1.21 -3.70 -43.20
CA THR M 194 1.08 -3.78 -44.65
C THR M 194 0.24 -2.60 -45.17
N TYR M 195 0.11 -2.54 -46.49
CA TYR M 195 -0.64 -1.48 -47.17
C TYR M 195 -1.65 -2.11 -48.12
N PRO M 196 -2.84 -2.48 -47.64
CA PRO M 196 -3.76 -3.27 -48.47
C PRO M 196 -4.33 -2.52 -49.67
N ARG M 197 -4.03 -1.23 -49.84
CA ARG M 197 -4.59 -0.46 -50.93
C ARG M 197 -3.61 -0.23 -52.07
N ALA M 198 -2.42 -0.80 -52.02
CA ALA M 198 -1.46 -0.63 -53.10
C ALA M 198 -1.87 -1.44 -54.32
N THR M 199 -1.64 -0.88 -55.49
CA THR M 199 -1.95 -1.53 -56.76
C THR M 199 -0.68 -1.69 -57.59
N SER M 200 -0.86 -2.10 -58.84
CA SER M 200 0.26 -2.42 -59.72
C SER M 200 1.02 -1.15 -60.11
N GLU M 201 2.16 -1.37 -60.77
CA GLU M 201 3.00 -0.29 -61.27
C GLU M 201 3.08 -0.24 -62.78
N ASP M 202 2.52 -1.23 -63.49
CA ASP M 202 2.58 -1.23 -64.94
C ASP M 202 1.82 -0.04 -65.51
N GLN M 203 0.62 0.22 -65.00
CA GLN M 203 -0.17 1.38 -65.39
C GLN M 203 -0.53 2.29 -64.22
N GLY M 204 -0.52 1.77 -62.99
CA GLY M 204 -0.97 2.52 -61.84
C GLY M 204 -2.47 2.65 -61.73
N ASN M 205 -3.23 1.95 -62.59
CA ASN M 205 -4.68 2.04 -62.62
C ASN M 205 -5.37 0.71 -62.37
N THR M 206 -4.64 -0.40 -62.49
CA THR M 206 -5.25 -1.72 -62.37
C THR M 206 -5.74 -1.97 -60.95
N ASP M 207 -6.44 -3.09 -60.79
CA ASP M 207 -7.12 -3.43 -59.54
C ASP M 207 -6.34 -4.39 -58.67
N GLU M 208 -5.45 -5.21 -59.25
CA GLU M 208 -4.78 -6.27 -58.49
C GLU M 208 -4.00 -5.65 -57.33
N THR M 209 -4.13 -6.24 -56.15
CA THR M 209 -3.52 -5.67 -54.96
C THR M 209 -2.03 -5.96 -54.91
N ASP M 210 -1.25 -4.97 -54.47
CA ASP M 210 0.20 -5.06 -54.40
C ASP M 210 0.69 -4.82 -52.98
N ASP M 211 -0.08 -5.29 -52.00
CA ASP M 211 0.33 -5.18 -50.61
C ASP M 211 1.44 -6.18 -50.30
N LEU M 212 2.03 -6.04 -49.11
CA LEU M 212 3.21 -6.83 -48.77
C LEU M 212 2.86 -8.30 -48.55
N VAL M 213 1.61 -8.59 -48.19
CA VAL M 213 1.22 -9.99 -48.02
C VAL M 213 1.17 -10.69 -49.36
N VAL M 214 0.91 -9.96 -50.44
CA VAL M 214 1.03 -10.56 -51.77
C VAL M 214 2.49 -10.91 -52.05
N ARG M 215 3.42 -10.04 -51.66
CA ARG M 215 4.83 -10.27 -51.94
C ARG M 215 5.37 -11.45 -51.13
N GLY M 216 5.12 -11.46 -49.82
CA GLY M 216 5.73 -12.46 -48.96
C GLY M 216 4.81 -13.24 -48.04
N ASP M 217 3.59 -12.74 -47.83
CA ASP M 217 2.55 -13.29 -46.97
C ASP M 217 2.86 -13.10 -45.49
N GLY M 218 4.02 -12.59 -45.12
CA GLY M 218 4.32 -12.30 -43.72
C GLY M 218 5.13 -11.05 -43.54
N ARG M 219 5.35 -10.32 -44.63
CA ARG M 219 6.17 -9.11 -44.58
C ARG M 219 5.36 -7.94 -44.04
N TYR M 220 6.09 -6.92 -43.59
CA TYR M 220 5.48 -5.68 -43.12
C TYR M 220 6.51 -4.56 -43.29
N ALA M 221 6.01 -3.33 -43.31
CA ALA M 221 6.87 -2.19 -43.54
C ALA M 221 7.86 -2.01 -42.40
N TYR M 222 9.13 -1.82 -42.74
CA TYR M 222 10.15 -1.58 -41.74
C TYR M 222 9.92 -0.24 -41.06
N PRO M 223 10.13 -0.15 -39.76
CA PRO M 223 10.06 1.17 -39.10
C PRO M 223 11.11 2.10 -39.68
N GLY M 224 10.72 3.36 -39.84
CA GLY M 224 11.63 4.32 -40.43
C GLY M 224 10.85 5.44 -41.10
N VAL M 225 11.51 6.08 -42.06
CA VAL M 225 10.94 7.20 -42.80
C VAL M 225 11.24 7.02 -44.28
N TYR M 226 10.30 7.49 -45.11
CA TYR M 226 10.45 7.34 -46.55
C TYR M 226 9.95 8.60 -47.23
N THR M 227 10.42 8.82 -48.46
CA THR M 227 10.16 10.04 -49.20
C THR M 227 9.65 9.69 -50.59
N LEU M 228 8.76 10.55 -51.08
CA LEU M 228 8.19 10.44 -52.42
C LEU M 228 7.81 11.85 -52.89
N ASN M 229 8.02 12.10 -54.18
CA ASN M 229 7.72 13.40 -54.77
C ASN M 229 6.55 13.26 -55.72
N VAL M 230 5.69 14.27 -55.75
CA VAL M 230 4.50 14.30 -56.61
C VAL M 230 4.60 15.49 -57.54
N LYS M 231 4.43 15.25 -58.84
CA LYS M 231 4.54 16.27 -59.87
C LYS M 231 3.18 16.48 -60.51
N PHE M 232 2.68 17.71 -60.46
CA PHE M 232 1.46 18.07 -61.17
C PHE M 232 1.86 18.79 -62.46
N VAL M 233 1.57 18.17 -63.60
CA VAL M 233 2.05 18.64 -64.89
C VAL M 233 0.86 18.89 -65.80
N MET M 234 0.86 20.05 -66.45
CA MET M 234 -0.16 20.39 -67.43
C MET M 234 0.49 20.49 -68.81
N VAL M 235 -0.16 19.89 -69.81
CA VAL M 235 0.40 19.74 -71.15
C VAL M 235 -0.63 20.22 -72.16
N GLU M 236 -0.17 20.94 -73.18
CA GLU M 236 -1.07 21.37 -74.24
C GLU M 236 -1.63 20.17 -74.98
N CYS M 237 -2.92 20.23 -75.31
CA CYS M 237 -3.55 19.14 -76.04
C CYS M 237 -3.76 19.52 -77.51
N ASN N 1 23.74 55.82 -125.76
CA ASN N 1 23.69 55.17 -124.46
C ASN N 1 23.26 56.15 -123.38
N LEU N 2 22.15 56.85 -123.63
CA LEU N 2 21.62 57.80 -122.67
C LEU N 2 21.11 57.08 -121.43
N ILE N 3 21.42 57.64 -120.26
CA ILE N 3 21.18 56.97 -118.99
C ILE N 3 20.38 57.88 -118.07
N SER N 4 19.28 57.36 -117.55
CA SER N 4 18.57 57.97 -116.43
C SER N 4 18.39 56.91 -115.37
N GLU N 5 18.86 57.19 -114.16
CA GLU N 5 18.93 56.17 -113.13
C GLU N 5 18.44 56.73 -111.80
N GLN N 6 17.97 55.82 -110.95
CA GLN N 6 17.59 56.14 -109.58
C GLN N 6 18.14 55.05 -108.67
N ASN N 7 18.65 55.46 -107.52
CA ASN N 7 19.33 54.55 -106.60
C ASN N 7 18.63 54.54 -105.25
N VAL N 8 18.52 53.35 -104.66
CA VAL N 8 18.00 53.18 -103.32
C VAL N 8 19.03 52.40 -102.50
N THR N 9 19.22 52.81 -101.26
CA THR N 9 20.21 52.21 -100.37
C THR N 9 19.51 51.28 -99.40
N VAL N 10 19.96 50.03 -99.33
CA VAL N 10 19.36 49.01 -98.48
C VAL N 10 20.31 48.76 -97.32
N THR N 11 19.80 48.89 -96.10
CA THR N 11 20.57 48.64 -94.88
C THR N 11 19.91 47.51 -94.12
N MET N 12 20.67 46.43 -93.90
CA MET N 12 20.20 45.26 -93.19
C MET N 12 21.06 45.05 -91.94
N ASP N 13 20.42 44.96 -90.78
CA ASP N 13 21.12 44.69 -89.53
C ASP N 13 20.58 43.41 -88.92
N LEU N 14 21.48 42.53 -88.49
CA LEU N 14 21.12 41.30 -87.80
C LEU N 14 21.45 41.49 -86.33
N GLN N 15 20.53 42.11 -85.60
CA GLN N 15 20.74 42.32 -84.18
C GLN N 15 20.69 40.99 -83.43
N PRO N 16 21.66 40.74 -82.56
CA PRO N 16 21.69 39.47 -81.84
C PRO N 16 20.59 39.41 -80.78
N VAL N 17 19.94 38.26 -80.71
CA VAL N 17 18.85 38.02 -79.77
C VAL N 17 19.33 36.97 -78.79
N LEU N 18 19.52 37.37 -77.52
CA LEU N 18 19.99 36.48 -76.47
C LEU N 18 19.04 36.60 -75.29
N GLN N 19 18.24 35.57 -75.06
CA GLN N 19 17.24 35.59 -74.00
C GLN N 19 17.31 34.31 -73.19
N LEU N 20 17.41 34.46 -71.87
CA LEU N 20 17.37 33.34 -70.93
C LEU N 20 16.22 33.58 -69.97
N SER N 21 15.11 32.88 -70.18
CA SER N 21 13.91 33.06 -69.36
C SER N 21 13.81 31.92 -68.35
N MET N 22 13.79 32.29 -67.08
CA MET N 22 13.74 31.32 -66.00
C MET N 22 12.36 31.33 -65.34
N GLN N 23 11.81 30.14 -65.15
CA GLN N 23 10.56 29.99 -64.41
C GLN N 23 10.78 29.15 -63.17
N GLY N 24 10.15 29.57 -62.08
CA GLY N 24 10.30 28.91 -60.79
C GLY N 24 10.37 29.92 -59.67
N SER N 25 11.09 29.59 -58.60
CA SER N 25 11.25 30.48 -57.47
C SER N 25 12.70 30.95 -57.40
N GLU N 26 12.88 32.27 -57.31
CA GLU N 26 14.22 32.84 -57.28
C GLU N 26 14.89 32.59 -55.92
N THR N 27 14.12 32.23 -54.91
CA THR N 27 14.66 31.73 -53.64
C THR N 27 14.36 30.25 -53.50
N VAL N 28 15.40 29.45 -53.26
CA VAL N 28 15.25 28.04 -52.96
C VAL N 28 15.72 27.82 -51.53
N SER N 29 14.82 27.37 -50.68
CA SER N 29 15.08 27.25 -49.24
C SER N 29 15.09 25.80 -48.83
N PHE N 30 16.16 25.37 -48.17
CA PHE N 30 16.27 24.05 -47.57
C PHE N 30 16.21 24.21 -46.06
N VAL N 31 15.21 23.59 -45.44
CA VAL N 31 15.01 23.68 -43.99
C VAL N 31 15.20 22.30 -43.40
N PHE N 32 16.14 22.18 -42.46
CA PHE N 32 16.43 20.93 -41.78
C PHE N 32 16.00 21.05 -40.32
N SER N 33 14.99 20.27 -39.94
CA SER N 33 14.52 20.32 -38.56
C SER N 33 14.31 18.92 -37.99
N GLN N 34 14.20 17.91 -38.86
CA GLN N 34 14.06 16.53 -38.44
C GLN N 34 15.38 15.80 -38.62
N ILE N 35 15.53 14.70 -37.87
CA ILE N 35 16.74 13.88 -37.97
C ILE N 35 16.87 13.30 -39.37
N SER N 36 15.76 12.81 -39.94
CA SER N 36 15.78 12.24 -41.27
C SER N 36 16.26 13.27 -42.29
N GLU N 37 15.80 14.51 -42.17
CA GLU N 37 16.27 15.57 -43.06
C GLU N 37 17.77 15.77 -42.90
N TYR N 38 18.28 15.71 -41.67
CA TYR N 38 19.70 15.90 -41.45
C TYR N 38 20.53 14.81 -42.10
N ILE N 39 20.14 13.55 -41.91
CA ILE N 39 20.94 12.44 -42.45
C ILE N 39 20.82 12.32 -43.96
N GLY N 40 19.65 12.58 -44.54
CA GLY N 40 19.50 12.37 -45.96
C GLY N 40 19.36 13.61 -46.82
N GLY N 41 18.78 14.67 -46.26
CA GLY N 41 18.72 15.94 -46.96
C GLY N 41 17.54 16.12 -47.88
N LEU N 42 17.11 17.37 -48.04
CA LEU N 42 16.00 17.69 -48.93
C LEU N 42 16.41 17.50 -50.38
N THR N 43 15.55 16.83 -51.15
CA THR N 43 15.70 16.75 -52.59
C THR N 43 14.53 17.47 -53.24
N GLN N 44 14.81 18.56 -53.93
CA GLN N 44 13.78 19.39 -54.55
C GLN N 44 13.76 19.12 -56.04
N TYR N 45 12.60 18.73 -56.55
CA TYR N 45 12.44 18.39 -57.95
C TYR N 45 11.79 19.52 -58.72
N GLY N 46 12.37 19.85 -59.87
CA GLY N 46 11.83 20.87 -60.75
C GLY N 46 11.75 22.24 -60.10
N ALA N 47 12.81 22.63 -59.39
CA ALA N 47 12.81 23.93 -58.71
C ALA N 47 12.84 25.08 -59.71
N VAL N 48 13.73 25.01 -60.68
CA VAL N 48 13.91 26.08 -61.66
C VAL N 48 14.04 25.46 -63.04
N ASP N 49 13.38 26.06 -64.03
CA ASP N 49 13.52 25.66 -65.42
C ASP N 49 13.99 26.87 -66.23
N LEU N 50 14.77 26.59 -67.27
CA LEU N 50 15.38 27.62 -68.10
C LEU N 50 15.01 27.39 -69.56
N SER N 51 14.64 28.47 -70.25
CA SER N 51 14.32 28.45 -71.66
C SER N 51 15.25 29.42 -72.37
N VAL N 52 15.78 29.00 -73.52
CA VAL N 52 16.81 29.74 -74.23
C VAL N 52 16.28 30.16 -75.59
N SER N 53 16.39 31.45 -75.90
CA SER N 53 16.13 31.98 -77.23
C SER N 53 17.40 32.64 -77.74
N SER N 54 17.86 32.22 -78.92
CA SER N 54 19.15 32.67 -79.39
C SER N 54 19.16 32.71 -80.91
N THR N 55 20.12 33.46 -81.45
CA THR N 55 20.37 33.52 -82.87
C THR N 55 21.66 32.83 -83.27
N VAL N 56 22.68 32.84 -82.42
CA VAL N 56 23.98 32.28 -82.74
C VAL N 56 24.25 31.10 -81.82
N ASP N 57 25.40 30.45 -82.05
CA ASP N 57 25.80 29.32 -81.22
C ASP N 57 25.99 29.77 -79.78
N TRP N 58 25.43 29.01 -78.85
CA TRP N 58 25.43 29.39 -77.45
C TRP N 58 25.79 28.20 -76.57
N CYS N 59 26.39 28.50 -75.43
CA CYS N 59 26.71 27.50 -74.42
C CYS N 59 26.22 28.02 -73.07
N LEU N 60 25.48 27.17 -72.35
CA LEU N 60 24.90 27.53 -71.07
C LEU N 60 25.61 26.75 -69.98
N TYR N 61 26.01 27.46 -68.92
CA TYR N 61 26.63 26.82 -67.77
C TYR N 61 26.05 27.40 -66.48
N ALA N 62 26.31 26.70 -65.39
CA ALA N 62 25.88 27.12 -64.06
C ALA N 62 27.10 27.24 -63.16
N ALA N 63 27.20 28.37 -62.47
CA ALA N 63 28.29 28.64 -61.55
C ALA N 63 27.73 28.97 -60.19
N ALA N 64 28.55 28.80 -59.16
CA ALA N 64 28.16 29.09 -57.79
C ALA N 64 29.08 30.15 -57.20
N PHE N 65 28.48 31.14 -56.56
CA PHE N 65 29.23 32.27 -56.03
C PHE N 65 28.61 32.71 -54.72
N SER N 66 29.43 33.32 -53.87
CA SER N 66 28.98 33.84 -52.58
C SER N 66 29.91 34.97 -52.17
N SER N 67 29.56 35.63 -51.07
CA SER N 67 30.39 36.72 -50.56
C SER N 67 31.77 36.21 -50.17
N ASP N 68 31.83 35.04 -49.52
CA ASP N 68 33.12 34.45 -49.20
C ASP N 68 33.89 34.09 -50.45
N ALA N 69 33.20 33.55 -51.46
CA ALA N 69 33.86 33.12 -52.69
C ALA N 69 34.55 34.27 -53.41
N ALA N 70 34.19 35.52 -53.09
CA ALA N 70 34.85 36.67 -53.68
C ALA N 70 36.28 36.87 -53.20
N ASP N 71 36.66 36.25 -52.08
CA ASP N 71 38.01 36.42 -51.55
C ASP N 71 38.85 35.14 -51.64
N ALA N 72 38.68 34.39 -52.73
CA ALA N 72 39.48 33.22 -53.11
C ALA N 72 39.21 31.98 -52.26
N GLU N 73 38.40 32.08 -51.22
CA GLU N 73 38.01 30.91 -50.43
C GLU N 73 36.57 30.55 -50.79
N LEU N 74 36.40 29.42 -51.48
CA LEU N 74 35.10 29.01 -51.99
C LEU N 74 34.34 28.22 -50.91
N ASN N 75 33.83 28.97 -49.93
CA ASN N 75 33.00 28.42 -48.87
C ASN N 75 31.66 29.16 -48.87
N TRP N 76 30.65 28.52 -48.28
CA TRP N 76 29.35 29.14 -48.18
C TRP N 76 29.42 30.39 -47.31
N THR N 77 28.47 31.30 -47.53
CA THR N 77 28.41 32.52 -46.73
C THR N 77 27.71 32.19 -45.42
N ASN N 78 28.49 32.16 -44.33
CA ASN N 78 27.90 31.98 -43.01
C ASN N 78 26.95 33.13 -42.73
N MET N 79 25.78 32.81 -42.19
CA MET N 79 24.70 33.77 -42.15
C MET N 79 24.31 34.07 -40.70
N VAL N 80 24.01 33.03 -39.92
CA VAL N 80 23.80 33.11 -38.48
C VAL N 80 24.45 31.88 -37.86
N THR N 81 24.97 32.05 -36.64
CA THR N 81 25.61 30.97 -35.90
C THR N 81 24.73 30.57 -34.73
N PHE N 82 23.92 29.54 -34.92
CA PHE N 82 23.11 29.01 -33.82
C PHE N 82 24.00 28.28 -32.83
N GLY N 83 23.80 28.56 -31.55
CA GLY N 83 24.58 27.94 -30.49
C GLY N 83 25.61 28.90 -29.92
N ASP N 84 26.37 28.40 -28.94
CA ASP N 84 27.36 29.21 -28.26
C ASP N 84 28.77 29.04 -28.85
N SER N 85 29.33 27.83 -28.79
CA SER N 85 30.70 27.59 -29.24
C SER N 85 31.06 26.12 -29.17
N ASN N 86 32.01 25.70 -30.02
CA ASN N 86 32.55 24.35 -29.99
C ASN N 86 33.90 24.32 -30.69
N PRO N 87 34.96 23.88 -30.02
CA PRO N 87 36.28 23.81 -30.68
C PRO N 87 36.32 22.92 -31.90
N ASN N 88 35.54 21.84 -31.92
CA ASN N 88 35.56 20.86 -32.99
C ASN N 88 34.43 21.10 -33.98
N SER N 89 34.08 22.37 -34.18
CA SER N 89 33.01 22.76 -35.08
C SER N 89 33.50 23.92 -35.94
N ILE N 90 33.39 23.78 -37.25
CA ILE N 90 33.90 24.76 -38.20
C ILE N 90 32.76 25.23 -39.08
N THR N 91 32.60 26.55 -39.19
CA THR N 91 31.57 27.16 -40.04
C THR N 91 32.12 27.47 -41.43
N ASN N 92 32.75 26.48 -42.05
CA ASN N 92 33.34 26.63 -43.38
C ASN N 92 32.85 25.46 -44.23
N LEU N 93 31.72 25.64 -44.90
CA LEU N 93 31.15 24.57 -45.70
C LEU N 93 31.51 24.74 -47.17
N PRO N 94 31.91 23.67 -47.84
CA PRO N 94 32.30 23.79 -49.25
C PRO N 94 31.15 24.26 -50.12
N ILE N 95 31.48 25.10 -51.10
CA ILE N 95 30.48 25.55 -52.06
C ILE N 95 29.99 24.38 -52.90
N THR N 96 30.84 23.37 -53.08
CA THR N 96 30.52 22.22 -53.91
C THR N 96 29.42 21.35 -53.31
N VAL N 97 29.02 21.61 -52.06
CA VAL N 97 28.03 20.77 -51.38
C VAL N 97 26.76 20.64 -52.19
N LEU N 98 26.26 21.76 -52.71
CA LEU N 98 25.02 21.76 -53.48
C LEU N 98 25.16 20.87 -54.71
N GLN N 99 24.14 20.03 -54.94
CA GLN N 99 24.12 19.12 -56.06
C GLN N 99 22.96 19.46 -56.98
N LEU N 100 23.22 19.38 -58.29
CA LEU N 100 22.23 19.71 -59.30
C LEU N 100 22.04 18.52 -60.24
N PHE N 101 20.79 18.30 -60.64
CA PHE N 101 20.46 17.26 -61.61
C PHE N 101 19.78 17.93 -62.80
N GLN N 102 20.28 17.65 -63.99
CA GLN N 102 19.71 18.14 -65.24
C GLN N 102 18.89 17.05 -65.89
N SER N 103 17.75 17.43 -66.47
CA SER N 103 16.87 16.46 -67.09
C SER N 103 17.43 15.89 -68.39
N LYS N 104 18.49 16.47 -68.93
CA LYS N 104 19.03 16.02 -70.21
C LYS N 104 20.55 15.92 -70.15
N PRO N 105 21.17 15.13 -71.03
CA PRO N 105 22.62 15.20 -71.20
C PRO N 105 22.98 16.41 -72.07
N ASN N 106 24.28 16.70 -72.10
CA ASN N 106 24.77 17.79 -72.93
C ASN N 106 24.52 17.47 -74.39
N PRO N 107 23.82 18.33 -75.14
CA PRO N 107 23.55 18.04 -76.55
C PRO N 107 24.83 17.88 -77.37
N ASP N 108 25.68 18.90 -77.35
CA ASP N 108 26.95 18.90 -78.07
C ASP N 108 28.06 19.08 -77.04
N THR N 109 28.61 17.97 -76.56
CA THR N 109 29.67 17.99 -75.56
C THR N 109 30.96 17.41 -76.14
N ASN N 110 32.07 18.09 -75.89
CA ASN N 110 33.41 17.61 -76.21
C ASN N 110 34.25 17.76 -74.94
N SER N 111 34.17 16.75 -74.06
CA SER N 111 34.90 16.79 -72.80
C SER N 111 35.02 15.37 -72.27
N THR N 112 36.04 15.17 -71.43
CA THR N 112 36.29 13.88 -70.81
C THR N 112 36.60 14.02 -69.33
N ALA N 113 35.86 14.88 -68.63
CA ALA N 113 36.03 15.02 -67.19
C ALA N 113 35.30 13.89 -66.47
N ASP N 114 35.10 14.07 -65.16
CA ASP N 114 34.35 13.10 -64.39
C ASP N 114 32.94 12.96 -64.95
N SER N 115 32.32 14.09 -65.31
CA SER N 115 31.04 14.08 -66.00
C SER N 115 30.87 15.42 -66.70
N PRO N 116 30.61 15.44 -68.01
CA PRO N 116 30.51 16.73 -68.71
C PRO N 116 29.38 17.60 -68.21
N SER N 117 28.26 17.03 -67.78
CA SER N 117 27.11 17.80 -67.33
C SER N 117 26.42 17.07 -66.19
N PHE N 118 25.40 17.71 -65.64
CA PHE N 118 24.63 17.12 -64.54
C PHE N 118 23.57 16.17 -65.07
N ALA N 119 23.97 15.23 -65.93
CA ALA N 119 23.02 14.36 -66.59
C ALA N 119 22.63 13.15 -65.74
N THR N 120 23.59 12.56 -65.03
CA THR N 120 23.32 11.36 -64.27
C THR N 120 22.39 11.65 -63.10
N ALA N 121 21.58 10.66 -62.75
CA ALA N 121 20.64 10.80 -61.66
C ALA N 121 21.36 10.88 -60.32
N PHE N 122 20.65 11.37 -59.31
CA PHE N 122 21.23 11.51 -57.98
C PHE N 122 21.58 10.14 -57.41
N ASP N 123 22.74 10.06 -56.76
CA ASP N 123 23.24 8.83 -56.17
C ASP N 123 23.16 8.91 -54.66
N THR N 124 23.32 7.75 -54.02
CA THR N 124 23.19 7.62 -52.58
C THR N 124 24.54 7.26 -51.97
N GLY N 125 24.86 7.89 -50.85
CA GLY N 125 26.10 7.62 -50.16
C GLY N 125 27.30 8.17 -50.92
N ARG N 126 28.48 7.76 -50.43
CA ARG N 126 29.72 8.17 -51.07
C ARG N 126 30.04 7.21 -52.22
N ALA N 127 29.36 7.40 -53.34
CA ALA N 127 29.57 6.57 -54.53
C ALA N 127 30.00 7.36 -55.75
N ALA N 128 29.28 8.44 -56.07
CA ALA N 128 29.54 9.17 -57.31
C ALA N 128 30.68 10.15 -57.15
N LEU N 129 30.51 11.16 -56.28
CA LEU N 129 31.53 12.16 -55.98
C LEU N 129 31.98 12.90 -57.23
N GLY N 130 31.03 13.63 -57.82
CA GLY N 130 31.37 14.52 -58.91
C GLY N 130 30.35 14.61 -60.03
N GLU N 131 29.56 13.56 -60.23
CA GLU N 131 28.62 13.53 -61.35
C GLU N 131 27.45 14.48 -61.19
N ASN N 132 27.20 15.00 -59.97
CA ASN N 132 26.09 15.93 -59.76
C ASN N 132 26.49 17.18 -59.01
N ASN N 133 27.76 17.33 -58.62
CA ASN N 133 28.19 18.49 -57.86
C ASN N 133 28.19 19.74 -58.73
N VAL N 134 27.94 20.87 -58.09
CA VAL N 134 27.88 22.15 -58.79
C VAL N 134 29.29 22.64 -59.10
N TYR N 135 29.40 23.53 -60.07
CA TYR N 135 30.69 24.10 -60.45
C TYR N 135 30.94 25.35 -59.62
N ALA N 136 32.01 25.35 -58.84
CA ALA N 136 32.35 26.46 -57.96
C ALA N 136 33.48 27.28 -58.59
N SER N 137 33.31 28.60 -58.60
CA SER N 137 34.31 29.49 -59.16
C SER N 137 34.29 30.81 -58.40
N ARG N 138 35.47 31.39 -58.22
CA ARG N 138 35.59 32.69 -57.56
C ARG N 138 35.32 33.85 -58.50
N ASP N 139 35.10 33.59 -59.78
CA ASP N 139 34.75 34.60 -60.76
C ASP N 139 33.87 33.96 -61.82
N PRO N 140 32.55 34.13 -61.73
CA PRO N 140 31.65 33.38 -62.61
C PRO N 140 31.35 34.07 -63.92
N PHE N 141 32.12 35.10 -64.28
CA PHE N 141 31.85 35.88 -65.48
C PHE N 141 32.83 35.60 -66.60
N ASP N 142 33.50 34.45 -66.57
CA ASP N 142 34.38 34.03 -67.66
C ASP N 142 34.09 32.58 -67.99
N ARG N 143 34.57 32.16 -69.16
CA ARG N 143 34.35 30.79 -69.59
C ARG N 143 35.08 29.82 -68.67
N PRO N 144 34.37 28.86 -68.07
CA PRO N 144 35.06 27.82 -67.30
C PRO N 144 35.91 26.93 -68.20
N SER N 145 36.88 26.28 -67.58
CA SER N 145 37.82 25.45 -68.32
C SER N 145 37.09 24.29 -68.99
N ALA N 146 37.79 23.65 -69.94
CA ALA N 146 37.20 22.57 -70.71
C ALA N 146 36.84 21.36 -69.86
N ASP N 147 37.46 21.22 -68.69
CA ASP N 147 37.18 20.11 -67.79
C ASP N 147 36.07 20.44 -66.80
N ALA N 148 35.47 21.62 -66.90
CA ALA N 148 34.38 22.00 -66.01
C ALA N 148 33.07 21.41 -66.52
N ARG N 149 31.96 21.85 -65.94
CA ARG N 149 30.63 21.34 -66.27
C ARG N 149 29.84 22.42 -67.00
N TYR N 150 29.41 22.10 -68.21
CA TYR N 150 28.53 22.98 -68.97
C TYR N 150 27.17 22.33 -69.13
N ILE N 151 26.12 23.11 -68.87
CA ILE N 151 24.76 22.58 -68.92
C ILE N 151 24.38 22.22 -70.35
N ALA N 152 24.60 23.15 -71.29
CA ALA N 152 24.16 22.95 -72.67
C ALA N 152 25.19 23.46 -73.67
N GLY N 153 26.47 23.16 -73.45
CA GLY N 153 27.48 23.63 -74.38
C GLY N 153 28.85 23.06 -74.10
N GLY N 154 29.84 23.65 -74.75
CA GLY N 154 31.23 23.24 -74.58
C GLY N 154 32.16 24.44 -74.64
N ASN N 155 33.34 24.26 -74.04
CA ASN N 155 34.29 25.36 -73.93
C ASN N 155 34.86 25.74 -75.29
N ALA N 156 35.26 24.75 -76.09
CA ALA N 156 35.90 25.02 -77.36
C ALA N 156 34.89 25.58 -78.35
N GLY N 157 35.41 26.05 -79.49
CA GLY N 157 34.57 26.58 -80.55
C GLY N 157 33.91 25.53 -81.42
N ALA N 158 34.18 24.25 -81.17
CA ALA N 158 33.55 23.16 -81.90
C ALA N 158 32.46 22.44 -81.12
N ALA N 159 32.39 22.63 -79.80
CA ALA N 159 31.37 22.03 -78.95
C ALA N 159 30.34 23.11 -78.64
N GLU N 160 29.35 23.26 -79.52
CA GLU N 160 28.31 24.26 -79.35
C GLU N 160 27.01 23.73 -79.92
N VAL N 161 25.90 24.27 -79.43
CA VAL N 161 24.58 23.92 -79.93
C VAL N 161 24.09 25.04 -80.83
N ALA N 162 23.35 24.65 -81.88
CA ALA N 162 22.91 25.61 -82.88
C ALA N 162 21.87 26.57 -82.30
N GLY N 163 21.78 27.74 -82.92
CA GLY N 163 20.82 28.72 -82.47
C GLY N 163 19.39 28.30 -82.77
N GLY N 164 18.47 28.79 -81.95
CA GLY N 164 17.07 28.44 -82.11
C GLY N 164 16.25 29.03 -80.98
N SER N 165 15.01 28.53 -80.88
CA SER N 165 14.10 28.99 -79.83
C SER N 165 13.27 27.81 -79.36
N TYR N 166 13.00 27.77 -78.06
CA TYR N 166 12.22 26.67 -77.50
C TYR N 166 10.79 26.70 -77.98
N LEU N 167 10.22 27.89 -78.19
CA LEU N 167 8.85 28.00 -78.66
C LEU N 167 8.71 27.42 -80.07
N VAL N 168 9.66 27.73 -80.95
CA VAL N 168 9.57 27.26 -82.33
C VAL N 168 9.88 25.76 -82.38
N ASP N 169 9.24 25.08 -83.32
CA ASP N 169 9.40 23.64 -83.51
C ASP N 169 10.69 23.43 -84.30
N ASP N 170 11.79 23.22 -83.58
CA ASP N 170 13.09 23.01 -84.21
C ASP N 170 13.31 21.51 -84.45
N GLY N 171 14.54 21.15 -84.79
CA GLY N 171 14.85 19.73 -85.01
C GLY N 171 14.62 18.90 -83.77
N GLY N 172 14.92 19.46 -82.60
CA GLY N 172 14.67 18.77 -81.35
C GLY N 172 13.23 18.94 -80.88
N ALA N 173 12.28 18.48 -81.70
CA ALA N 173 10.84 18.54 -81.41
C ALA N 173 10.49 20.00 -81.07
N SER N 174 9.70 20.25 -80.02
CA SER N 174 9.35 21.61 -79.64
C SER N 174 8.96 21.60 -78.18
N GLY N 175 9.35 22.66 -77.46
CA GLY N 175 9.00 22.78 -76.06
C GLY N 175 10.08 22.28 -75.13
N GLN N 176 9.73 21.34 -74.26
CA GLN N 176 10.63 20.86 -73.23
C GLN N 176 11.83 20.09 -73.80
N ASN N 177 11.70 19.57 -75.02
CA ASN N 177 12.60 18.51 -75.46
C ASN N 177 14.02 19.02 -75.71
N GLU N 178 14.17 20.21 -76.29
CA GLU N 178 15.51 20.62 -76.71
C GLU N 178 16.05 21.86 -76.00
N PHE N 179 15.35 22.99 -76.13
CA PHE N 179 15.88 24.26 -75.64
C PHE N 179 15.32 24.61 -74.27
N TYR N 180 14.98 23.60 -73.49
CA TYR N 180 14.24 23.82 -72.24
C TYR N 180 14.78 22.84 -71.21
N PHE N 181 15.53 23.35 -70.23
CA PHE N 181 16.19 22.50 -69.26
C PHE N 181 15.64 22.74 -67.86
N THR N 182 15.21 21.67 -67.20
CA THR N 182 14.70 21.72 -65.85
C THR N 182 15.74 21.16 -64.90
N ILE N 183 16.06 21.92 -63.85
CA ILE N 183 17.14 21.58 -62.92
C ILE N 183 16.55 21.31 -61.55
N SER N 184 16.97 20.22 -60.93
CA SER N 184 16.52 19.85 -59.59
C SER N 184 17.68 19.93 -58.62
N PHE N 185 17.44 20.54 -57.46
CA PHE N 185 18.47 20.73 -56.45
C PHE N 185 18.40 19.62 -55.40
N ARG N 186 19.56 19.29 -54.83
CA ARG N 186 19.63 18.30 -53.75
C ARG N 186 20.86 18.57 -52.92
N VAL N 187 20.70 18.54 -51.60
CA VAL N 187 21.79 18.64 -50.64
C VAL N 187 21.64 17.50 -49.65
N VAL N 188 22.72 16.76 -49.42
CA VAL N 188 22.69 15.65 -48.47
C VAL N 188 23.71 15.88 -47.35
N PRO N 189 23.28 16.36 -46.18
CA PRO N 189 24.17 16.36 -45.02
C PRO N 189 24.24 14.98 -44.40
N ALA N 190 24.92 14.86 -43.26
CA ALA N 190 25.02 13.59 -42.56
C ALA N 190 24.57 13.79 -41.12
N LEU N 191 24.13 12.69 -40.51
CA LEU N 191 23.72 12.75 -39.11
C LEU N 191 24.84 13.24 -38.20
N PRO N 192 26.10 12.82 -38.33
CA PRO N 192 27.17 13.48 -37.57
C PRO N 192 27.31 14.96 -37.88
N GLY N 193 26.94 15.39 -39.08
CA GLY N 193 27.02 16.79 -39.48
C GLY N 193 27.94 17.06 -40.64
N THR N 194 28.55 16.05 -41.23
CA THR N 194 29.46 16.26 -42.35
C THR N 194 28.71 16.19 -43.67
N TYR N 195 29.44 16.44 -44.76
CA TYR N 195 28.88 16.43 -46.11
C TYR N 195 29.72 15.52 -47.00
N PRO N 196 29.44 14.22 -47.02
CA PRO N 196 30.35 13.28 -47.70
C PRO N 196 30.39 13.42 -49.21
N ARG N 197 29.58 14.29 -49.81
CA ARG N 197 29.53 14.44 -51.25
C ARG N 197 30.26 15.66 -51.77
N ALA N 198 30.92 16.42 -50.90
CA ALA N 198 31.66 17.59 -51.35
C ALA N 198 32.94 17.18 -52.08
N THR N 199 33.28 17.92 -53.12
CA THR N 199 34.48 17.68 -53.91
C THR N 199 35.39 18.91 -53.87
N SER N 200 36.43 18.88 -54.70
CA SER N 200 37.45 19.91 -54.70
C SER N 200 36.89 21.23 -55.23
N GLU N 201 37.70 22.28 -55.10
CA GLU N 201 37.36 23.60 -55.60
C GLU N 201 38.28 24.07 -56.72
N ASP N 202 39.34 23.33 -57.04
CA ASP N 202 40.24 23.74 -58.12
C ASP N 202 39.51 23.76 -59.46
N GLN N 203 38.73 22.71 -59.74
CA GLN N 203 37.92 22.66 -60.94
C GLN N 203 36.44 22.46 -60.66
N GLY N 204 36.08 21.94 -59.48
CA GLY N 204 34.71 21.59 -59.19
C GLY N 204 34.22 20.32 -59.85
N ASN N 205 35.10 19.58 -60.51
CA ASN N 205 34.74 18.39 -61.26
C ASN N 205 35.46 17.14 -60.77
N THR N 206 36.54 17.29 -60.00
CA THR N 206 37.33 16.16 -59.57
C THR N 206 36.54 15.26 -58.61
N ASP N 207 37.14 14.12 -58.29
CA ASP N 207 36.50 13.08 -57.50
C ASP N 207 36.87 13.10 -56.02
N GLU N 208 38.03 13.64 -55.67
CA GLU N 208 38.51 13.56 -54.29
C GLU N 208 37.53 14.22 -53.35
N THR N 209 37.22 13.55 -52.24
CA THR N 209 36.19 14.03 -51.34
C THR N 209 36.71 15.18 -50.47
N ASP N 210 35.85 16.17 -50.25
CA ASP N 210 36.20 17.36 -49.48
C ASP N 210 35.25 17.53 -48.31
N ASP N 211 34.85 16.42 -47.70
CA ASP N 211 34.01 16.48 -46.51
C ASP N 211 34.83 16.91 -45.30
N LEU N 212 34.12 17.19 -44.20
CA LEU N 212 34.77 17.76 -43.03
C LEU N 212 35.68 16.75 -42.33
N VAL N 213 35.41 15.45 -42.49
CA VAL N 213 36.28 14.44 -41.89
C VAL N 213 37.63 14.42 -42.59
N VAL N 214 37.67 14.79 -43.88
CA VAL N 214 38.96 14.97 -44.53
C VAL N 214 39.72 16.13 -43.92
N ARG N 215 39.02 17.23 -43.59
CA ARG N 215 39.69 18.39 -43.04
C ARG N 215 40.20 18.14 -41.63
N GLY N 216 39.36 17.59 -40.75
CA GLY N 216 39.72 17.46 -39.36
C GLY N 216 39.56 16.09 -38.73
N ASP N 217 38.78 15.22 -39.36
CA ASP N 217 38.45 13.86 -38.94
C ASP N 217 37.47 13.83 -37.77
N GLY N 218 37.10 14.98 -37.20
CA GLY N 218 36.11 15.01 -36.15
C GLY N 218 35.21 16.22 -36.23
N ARG N 219 35.37 17.02 -37.28
CA ARG N 219 34.60 18.24 -37.44
C ARG N 219 33.20 17.93 -37.96
N TYR N 220 32.30 18.90 -37.76
CA TYR N 220 30.94 18.82 -38.26
C TYR N 220 30.43 20.23 -38.44
N ALA N 221 29.39 20.36 -39.26
CA ALA N 221 28.85 21.69 -39.58
C ALA N 221 28.22 22.32 -38.35
N TYR N 222 28.58 23.58 -38.11
CA TYR N 222 28.01 24.32 -37.00
C TYR N 222 26.52 24.55 -37.22
N PRO N 223 25.70 24.45 -36.18
CA PRO N 223 24.28 24.81 -36.33
C PRO N 223 24.15 26.27 -36.74
N GLY N 224 23.21 26.54 -37.62
CA GLY N 224 23.02 27.90 -38.11
C GLY N 224 22.42 27.90 -39.49
N VAL N 225 22.66 28.98 -40.21
CA VAL N 225 22.13 29.18 -41.55
C VAL N 225 23.24 29.72 -42.44
N TYR N 226 23.19 29.34 -43.72
CA TYR N 226 24.20 29.75 -44.67
C TYR N 226 23.55 30.06 -46.01
N THR N 227 24.24 30.86 -46.81
CA THR N 227 23.70 31.36 -48.06
C THR N 227 24.70 31.12 -49.18
N LEU N 228 24.16 30.87 -50.37
CA LEU N 228 24.92 30.65 -51.60
C LEU N 228 24.07 31.08 -52.77
N ASN N 229 24.70 31.69 -53.76
CA ASN N 229 24.02 32.17 -54.96
C ASN N 229 24.45 31.33 -56.16
N VAL N 230 23.50 31.03 -57.05
CA VAL N 230 23.75 30.25 -58.25
C VAL N 230 23.42 31.11 -59.47
N LYS N 231 24.36 31.17 -60.41
CA LYS N 231 24.24 31.98 -61.60
C LYS N 231 24.18 31.06 -62.82
N PHE N 232 23.10 31.16 -63.59
CA PHE N 232 22.98 30.46 -64.86
C PHE N 232 23.32 31.44 -65.98
N VAL N 233 24.42 31.19 -66.68
CA VAL N 233 24.96 32.14 -67.65
C VAL N 233 25.06 31.46 -69.00
N MET N 234 24.57 32.14 -70.04
CA MET N 234 24.69 31.66 -71.42
C MET N 234 25.60 32.60 -72.19
N VAL N 235 26.52 32.03 -72.97
CA VAL N 235 27.57 32.78 -73.64
C VAL N 235 27.60 32.36 -75.10
N GLU N 236 27.77 33.33 -76.00
CA GLU N 236 27.89 33.01 -77.42
C GLU N 236 29.14 32.17 -77.67
N CYS N 237 29.01 31.17 -78.53
CA CYS N 237 30.15 30.33 -78.87
C CYS N 237 30.70 30.69 -80.25
N ASN O 1 38.41 82.75 -120.90
CA ASN O 1 38.09 82.09 -119.64
C ASN O 1 36.58 81.89 -119.49
N LEU O 2 35.96 81.32 -120.52
CA LEU O 2 34.53 81.05 -120.49
C LEU O 2 34.22 79.97 -119.45
N ILE O 3 33.16 80.19 -118.69
CA ILE O 3 32.84 79.37 -117.53
C ILE O 3 31.41 78.87 -117.64
N SER O 4 31.24 77.56 -117.52
CA SER O 4 29.94 76.95 -117.29
C SER O 4 30.06 76.04 -116.08
N GLU O 5 29.21 76.27 -115.08
CA GLU O 5 29.37 75.62 -113.79
C GLU O 5 28.03 75.12 -113.28
N GLN O 6 28.11 74.09 -112.44
CA GLN O 6 26.95 73.56 -111.73
C GLN O 6 27.34 73.32 -110.29
N ASN O 7 26.44 73.65 -109.38
CA ASN O 7 26.72 73.60 -107.95
C ASN O 7 25.75 72.65 -107.25
N VAL O 8 26.27 71.88 -106.30
CA VAL O 8 25.46 71.02 -105.45
C VAL O 8 25.78 71.35 -104.00
N THR O 9 24.75 71.39 -103.16
CA THR O 9 24.90 71.75 -101.76
C THR O 9 24.86 70.48 -100.91
N VAL O 10 25.87 70.29 -100.08
CA VAL O 10 25.99 69.11 -99.23
C VAL O 10 25.68 69.52 -97.79
N THR O 11 24.73 68.83 -97.18
CA THR O 11 24.34 69.08 -95.79
C THR O 11 24.59 67.81 -94.99
N MET O 12 25.45 67.93 -93.97
CA MET O 12 25.81 66.82 -93.10
C MET O 12 25.39 67.15 -91.67
N ASP O 13 24.62 66.27 -91.06
CA ASP O 13 24.21 66.43 -89.66
C ASP O 13 24.69 65.25 -88.85
N LEU O 14 25.30 65.53 -87.70
CA LEU O 14 25.74 64.49 -86.78
C LEU O 14 24.77 64.49 -85.60
N GLN O 15 23.65 63.79 -85.77
CA GLN O 15 22.67 63.71 -84.71
C GLN O 15 23.21 62.89 -83.54
N PRO O 16 23.09 63.39 -82.32
CA PRO O 16 23.62 62.66 -81.17
C PRO O 16 22.78 61.43 -80.86
N VAL O 17 23.47 60.33 -80.57
CA VAL O 17 22.83 59.06 -80.25
C VAL O 17 23.14 58.75 -78.80
N LEU O 18 22.11 58.78 -77.95
CA LEU O 18 22.25 58.51 -76.52
C LEU O 18 21.23 57.46 -76.13
N GLN O 19 21.71 56.25 -75.84
CA GLN O 19 20.82 55.14 -75.52
C GLN O 19 21.32 54.42 -74.28
N LEU O 20 20.42 54.24 -73.30
CA LEU O 20 20.70 53.47 -72.10
C LEU O 20 19.67 52.35 -72.03
N SER O 21 20.09 51.13 -72.37
CA SER O 21 19.19 49.99 -72.40
C SER O 21 19.41 49.15 -71.15
N MET O 22 18.35 48.96 -70.37
CA MET O 22 18.43 48.22 -69.12
C MET O 22 17.72 46.88 -69.27
N GLN O 23 18.38 45.82 -68.84
CA GLN O 23 17.77 44.50 -68.79
C GLN O 23 17.69 44.00 -67.36
N GLY O 24 16.58 43.36 -67.03
CA GLY O 24 16.33 42.89 -65.69
C GLY O 24 14.90 43.11 -65.27
N SER O 25 14.66 43.32 -63.99
CA SER O 25 13.32 43.57 -63.47
C SER O 25 13.23 45.01 -62.98
N GLU O 26 12.21 45.73 -63.45
CA GLU O 26 12.06 47.13 -63.06
C GLU O 26 11.57 47.26 -61.62
N THR O 27 11.06 46.18 -61.03
CA THR O 27 10.78 46.11 -59.60
C THR O 27 11.76 45.15 -58.95
N VAL O 28 12.44 45.61 -57.92
CA VAL O 28 13.32 44.79 -57.09
C VAL O 28 12.70 44.74 -55.69
N SER O 29 12.33 43.54 -55.25
CA SER O 29 11.61 43.36 -54.01
C SER O 29 12.46 42.60 -53.01
N PHE O 30 12.62 43.17 -51.81
CA PHE O 30 13.29 42.51 -50.70
C PHE O 30 12.23 42.15 -49.67
N VAL O 31 12.10 40.87 -49.36
CA VAL O 31 11.11 40.37 -48.43
C VAL O 31 11.83 39.76 -47.23
N PHE O 32 11.56 40.29 -46.05
CA PHE O 32 12.16 39.80 -44.81
C PHE O 32 11.09 39.12 -43.97
N SER O 33 11.23 37.81 -43.78
CA SER O 33 10.25 37.09 -42.98
C SER O 33 10.92 36.13 -42.00
N GLN O 34 12.19 35.81 -42.23
CA GLN O 34 12.95 34.96 -41.33
C GLN O 34 13.91 35.81 -40.51
N ILE O 35 14.33 35.26 -39.37
CA ILE O 35 15.28 35.95 -38.50
C ILE O 35 16.60 36.17 -39.23
N SER O 36 17.08 35.12 -39.92
CA SER O 36 18.33 35.23 -40.66
C SER O 36 18.28 36.36 -41.68
N GLU O 37 17.15 36.49 -42.39
CA GLU O 37 17.00 37.58 -43.32
C GLU O 37 17.07 38.93 -42.62
N TYR O 38 16.49 39.01 -41.42
CA TYR O 38 16.51 40.27 -40.68
C TYR O 38 17.93 40.65 -40.29
N ILE O 39 18.68 39.70 -39.72
CA ILE O 39 20.03 40.03 -39.24
C ILE O 39 21.01 40.26 -40.38
N GLY O 40 20.92 39.51 -41.48
CA GLY O 40 21.91 39.64 -42.53
C GLY O 40 21.44 40.30 -43.81
N GLY O 41 20.17 40.14 -44.16
CA GLY O 41 19.62 40.84 -45.30
C GLY O 41 19.78 40.13 -46.63
N LEU O 42 18.84 40.36 -47.54
CA LEU O 42 18.89 39.77 -48.86
C LEU O 42 20.02 40.40 -49.67
N THR O 43 20.81 39.56 -50.34
CA THR O 43 21.78 40.01 -51.32
C THR O 43 21.37 39.48 -52.69
N GLN O 44 21.02 40.39 -53.59
CA GLN O 44 20.54 40.04 -54.92
C GLN O 44 21.65 40.27 -55.93
N TYR O 45 22.00 39.23 -56.67
CA TYR O 45 23.09 39.29 -57.63
C TYR O 45 22.54 39.43 -59.05
N GLY O 46 23.13 40.36 -59.80
CA GLY O 46 22.76 40.57 -61.18
C GLY O 46 21.30 40.96 -61.37
N ALA O 47 20.81 41.87 -60.53
CA ALA O 47 19.41 42.28 -60.61
C ALA O 47 19.15 43.07 -61.89
N VAL O 48 19.98 44.06 -62.18
CA VAL O 48 19.81 44.93 -63.33
C VAL O 48 21.15 45.11 -64.03
N ASP O 49 21.14 45.06 -65.36
CA ASP O 49 22.32 45.35 -66.15
C ASP O 49 22.02 46.50 -67.11
N LEU O 50 23.02 47.31 -67.40
CA LEU O 50 22.89 48.50 -68.23
C LEU O 50 23.87 48.45 -69.38
N SER O 51 23.39 48.77 -70.57
CA SER O 51 24.19 48.85 -71.77
C SER O 51 24.10 50.27 -72.34
N VAL O 52 25.22 50.81 -72.76
CA VAL O 52 25.33 52.21 -73.16
C VAL O 52 25.72 52.28 -74.63
N SER O 53 24.95 53.03 -75.41
CA SER O 53 25.30 53.38 -76.77
C SER O 53 25.38 54.89 -76.87
N SER O 54 26.52 55.39 -77.35
CA SER O 54 26.75 56.83 -77.32
C SER O 54 27.65 57.23 -78.48
N THR O 55 27.61 58.52 -78.79
CA THR O 55 28.50 59.12 -79.78
C THR O 55 29.55 60.02 -79.16
N VAL O 56 29.25 60.68 -78.05
CA VAL O 56 30.16 61.63 -77.42
C VAL O 56 30.56 61.10 -76.05
N ASP O 57 31.44 61.85 -75.39
CA ASP O 57 31.88 61.48 -74.05
C ASP O 57 30.71 61.49 -73.09
N TRP O 58 30.59 60.44 -72.28
CA TRP O 58 29.45 60.25 -71.42
C TRP O 58 29.90 59.80 -70.03
N CYS O 59 29.11 60.17 -69.03
CA CYS O 59 29.31 59.75 -67.65
C CYS O 59 28.00 59.21 -67.11
N LEU O 60 28.05 58.03 -66.51
CA LEU O 60 26.86 57.36 -65.99
C LEU O 60 26.94 57.36 -64.48
N TYR O 61 25.85 57.75 -63.82
CA TYR O 61 25.77 57.70 -62.38
C TYR O 61 24.41 57.15 -61.95
N ALA O 62 24.33 56.78 -60.68
CA ALA O 62 23.12 56.27 -60.07
C ALA O 62 22.74 57.14 -58.89
N ALA O 63 21.48 57.55 -58.85
CA ALA O 63 20.96 58.39 -57.77
C ALA O 63 19.75 57.71 -57.17
N ALA O 64 19.43 58.09 -55.93
CA ALA O 64 18.29 57.54 -55.22
C ALA O 64 17.34 58.65 -54.84
N PHE O 65 16.05 58.42 -55.10
CA PHE O 65 15.04 59.44 -54.89
C PHE O 65 13.77 58.77 -54.40
N SER O 66 12.96 59.54 -53.66
CA SER O 66 11.68 59.07 -53.14
C SER O 66 10.78 60.27 -52.93
N SER O 67 9.51 59.99 -52.57
CA SER O 67 8.57 61.06 -52.32
C SER O 67 9.02 61.92 -51.14
N ASP O 68 9.53 61.28 -50.08
CA ASP O 68 10.07 62.05 -48.96
C ASP O 68 11.28 62.86 -49.38
N ALA O 69 12.14 62.27 -50.21
CA ALA O 69 13.37 62.96 -50.62
C ALA O 69 13.09 64.24 -51.38
N ALA O 70 11.86 64.42 -51.89
CA ALA O 70 11.49 65.64 -52.58
C ALA O 70 11.37 66.84 -51.64
N ASP O 71 11.23 66.61 -50.33
CA ASP O 71 11.08 67.71 -49.38
C ASP O 71 12.29 67.88 -48.48
N ALA O 72 13.49 67.67 -49.01
CA ALA O 72 14.79 67.93 -48.38
C ALA O 72 15.15 66.94 -47.29
N GLU O 73 14.27 66.01 -46.92
CA GLU O 73 14.59 64.96 -45.97
C GLU O 73 14.77 63.66 -46.74
N LEU O 74 16.00 63.17 -46.80
CA LEU O 74 16.34 61.99 -47.60
C LEU O 74 16.13 60.73 -46.77
N ASN O 75 14.85 60.38 -46.62
CA ASN O 75 14.43 59.15 -45.95
C ASN O 75 13.58 58.34 -46.91
N TRP O 76 13.48 57.04 -46.64
CA TRP O 76 12.66 56.18 -47.46
C TRP O 76 11.19 56.58 -47.36
N THR O 77 10.43 56.24 -48.39
CA THR O 77 9.00 56.51 -48.39
C THR O 77 8.30 55.44 -47.56
N ASN O 78 7.82 55.82 -46.38
CA ASN O 78 7.03 54.92 -45.57
C ASN O 78 5.77 54.55 -46.34
N MET O 79 5.43 53.26 -46.33
CA MET O 79 4.42 52.76 -47.25
C MET O 79 3.23 52.19 -46.48
N VAL O 80 3.49 51.27 -45.55
CA VAL O 80 2.50 50.76 -44.60
C VAL O 80 3.20 50.62 -43.26
N THR O 81 2.45 50.83 -42.18
CA THR O 81 2.97 50.72 -40.82
C THR O 81 2.35 49.49 -40.16
N PHE O 82 3.07 48.37 -40.20
CA PHE O 82 2.63 47.16 -39.50
C PHE O 82 2.77 47.36 -38.00
N GLY O 83 1.74 46.99 -37.25
CA GLY O 83 1.74 47.12 -35.81
C GLY O 83 0.88 48.29 -35.36
N ASP O 84 0.84 48.46 -34.04
CA ASP O 84 0.03 49.52 -33.43
C ASP O 84 0.82 50.79 -33.15
N SER O 85 1.83 50.72 -32.27
CA SER O 85 2.59 51.89 -31.86
C SER O 85 3.76 51.54 -30.96
N ASN O 86 4.80 52.37 -30.96
CA ASN O 86 5.93 52.22 -30.06
C ASN O 86 6.67 53.54 -29.95
N PRO O 87 6.83 54.08 -28.74
CA PRO O 87 7.57 55.35 -28.59
C PRO O 87 9.00 55.28 -29.07
N ASN O 88 9.67 54.14 -28.94
CA ASN O 88 11.08 53.99 -29.28
C ASN O 88 11.24 53.38 -30.67
N SER O 89 10.32 53.69 -31.56
CA SER O 89 10.34 53.17 -32.93
C SER O 89 10.08 54.33 -33.89
N ILE O 90 10.97 54.50 -34.86
CA ILE O 90 10.91 55.62 -35.79
C ILE O 90 10.83 55.06 -37.21
N THR O 91 9.86 55.55 -37.98
CA THR O 91 9.69 55.15 -39.38
C THR O 91 10.43 56.11 -40.32
N ASN O 92 11.70 56.37 -40.04
CA ASN O 92 12.52 57.28 -40.84
C ASN O 92 13.83 56.54 -41.15
N LEU O 93 13.84 55.82 -42.25
CA LEU O 93 15.02 55.05 -42.62
C LEU O 93 15.87 55.80 -43.64
N PRO O 94 17.18 55.83 -43.45
CA PRO O 94 18.04 56.58 -44.39
C PRO O 94 17.95 56.01 -45.80
N ILE O 95 17.98 56.92 -46.78
CA ILE O 95 18.00 56.50 -48.17
C ILE O 95 19.29 55.77 -48.48
N THR O 96 20.37 56.08 -47.76
CA THR O 96 21.68 55.50 -48.00
C THR O 96 21.74 54.02 -47.64
N VAL O 97 20.68 53.48 -47.01
CA VAL O 97 20.69 52.09 -46.56
C VAL O 97 21.00 51.14 -47.71
N LEU O 98 20.36 51.35 -48.85
CA LEU O 98 20.55 50.47 -50.00
C LEU O 98 22.01 50.49 -50.45
N GLN O 99 22.56 49.31 -50.69
CA GLN O 99 23.95 49.16 -51.13
C GLN O 99 24.00 48.56 -52.51
N LEU O 100 24.90 49.07 -53.35
CA LEU O 100 25.05 48.63 -54.73
C LEU O 100 26.49 48.16 -54.95
N PHE O 101 26.63 47.09 -55.72
CA PHE O 101 27.94 46.59 -56.14
C PHE O 101 28.00 46.59 -57.65
N GLN O 102 29.05 47.20 -58.19
CA GLN O 102 29.31 47.24 -59.62
C GLN O 102 30.36 46.20 -59.98
N SER O 103 30.17 45.55 -61.12
CA SER O 103 31.09 44.51 -61.55
C SER O 103 32.45 45.06 -62.00
N LYS O 104 32.57 46.37 -62.19
CA LYS O 104 33.82 46.96 -62.68
C LYS O 104 34.19 48.20 -61.89
N PRO O 105 35.45 48.60 -61.89
CA PRO O 105 35.82 49.91 -61.39
C PRO O 105 35.50 50.98 -62.43
N ASN O 106 35.60 52.24 -61.99
CA ASN O 106 35.37 53.35 -62.89
C ASN O 106 36.46 53.37 -63.97
N PRO O 107 36.12 53.32 -65.25
CA PRO O 107 37.14 53.33 -66.30
C PRO O 107 38.03 54.55 -66.25
N ASP O 108 37.43 55.74 -66.31
CA ASP O 108 38.15 57.01 -66.26
C ASP O 108 37.63 57.79 -65.06
N THR O 109 38.31 57.63 -63.92
CA THR O 109 37.92 58.30 -62.69
C THR O 109 38.99 59.30 -62.26
N ASN O 110 38.55 60.49 -61.87
CA ASN O 110 39.43 61.50 -61.27
C ASN O 110 38.72 61.97 -59.99
N SER O 111 38.93 61.24 -58.90
CA SER O 111 38.30 61.56 -57.63
C SER O 111 39.07 60.90 -56.51
N THR O 112 38.94 61.48 -55.31
CA THR O 112 39.61 60.95 -54.13
C THR O 112 38.67 60.91 -52.93
N ALA O 113 37.42 60.49 -53.15
CA ALA O 113 36.47 60.34 -52.06
C ALA O 113 36.74 59.02 -51.32
N ASP O 114 35.76 58.60 -50.53
CA ASP O 114 35.85 57.33 -49.82
C ASP O 114 35.99 56.20 -50.84
N SER O 115 35.21 56.26 -51.92
CA SER O 115 35.36 55.33 -53.04
C SER O 115 34.73 55.96 -54.26
N PRO O 116 35.46 56.07 -55.38
CA PRO O 116 34.88 56.74 -56.56
C PRO O 116 33.66 56.04 -57.12
N SER O 117 33.59 54.72 -57.04
CA SER O 117 32.48 53.96 -57.60
C SER O 117 32.19 52.76 -56.71
N PHE O 118 31.13 52.03 -57.08
CA PHE O 118 30.75 50.84 -56.34
C PHE O 118 31.56 49.63 -56.78
N ALA O 119 32.88 49.77 -56.80
CA ALA O 119 33.75 48.72 -57.33
C ALA O 119 34.06 47.63 -56.31
N THR O 120 34.29 48.02 -55.06
CA THR O 120 34.68 47.05 -54.04
C THR O 120 33.53 46.09 -53.73
N ALA O 121 33.91 44.87 -53.38
CA ALA O 121 32.92 43.84 -53.06
C ALA O 121 32.20 44.18 -51.75
N PHE O 122 31.05 43.53 -51.56
CA PHE O 122 30.27 43.75 -50.35
C PHE O 122 31.04 43.30 -49.12
N ASP O 123 30.96 44.09 -48.06
CA ASP O 123 31.65 43.82 -46.81
C ASP O 123 30.66 43.41 -45.73
N THR O 124 31.18 42.87 -44.65
CA THR O 124 30.37 42.34 -43.56
C THR O 124 30.58 43.18 -42.31
N GLY O 125 29.48 43.46 -41.62
CA GLY O 125 29.55 44.23 -40.39
C GLY O 125 29.84 45.70 -40.66
N ARG O 126 30.12 46.41 -39.56
CA ARG O 126 30.48 47.82 -39.65
C ARG O 126 31.97 47.93 -39.92
N ALA O 127 32.37 47.72 -41.17
CA ALA O 127 33.76 47.83 -41.57
C ALA O 127 34.00 48.86 -42.67
N ALA O 128 33.22 48.80 -43.74
CA ALA O 128 33.48 49.66 -44.90
C ALA O 128 32.87 51.05 -44.71
N LEU O 129 31.54 51.13 -44.60
CA LEU O 129 30.82 52.38 -44.37
C LEU O 129 31.12 53.41 -45.46
N GLY O 130 30.71 53.08 -46.68
CA GLY O 130 30.77 54.03 -47.76
C GLY O 130 31.17 53.48 -49.12
N GLU O 131 31.92 52.39 -49.14
CA GLU O 131 32.42 51.84 -50.40
C GLU O 131 31.32 51.23 -51.27
N ASN O 132 30.15 50.93 -50.72
CA ASN O 132 29.06 50.36 -51.50
C ASN O 132 27.74 51.07 -51.34
N ASN O 133 27.67 52.12 -50.52
CA ASN O 133 26.41 52.81 -50.30
C ASN O 133 25.99 53.59 -51.54
N VAL O 134 24.68 53.74 -51.70
CA VAL O 134 24.13 54.44 -52.86
C VAL O 134 24.25 55.94 -52.66
N TYR O 135 24.19 56.68 -53.76
CA TYR O 135 24.27 58.13 -53.71
C TYR O 135 22.86 58.70 -53.57
N ALA O 136 22.63 59.42 -52.47
CA ALA O 136 21.33 60.00 -52.18
C ALA O 136 21.33 61.49 -52.51
N SER O 137 20.29 61.94 -53.21
CA SER O 137 20.17 63.34 -53.59
C SER O 137 18.71 63.72 -53.64
N ARG O 138 18.41 64.95 -53.23
CA ARG O 138 17.05 65.48 -53.28
C ARG O 138 16.68 66.00 -54.66
N ASP O 139 17.61 66.01 -55.60
CA ASP O 139 17.36 66.42 -56.98
C ASP O 139 18.30 65.63 -57.89
N PRO O 140 17.83 64.54 -58.50
CA PRO O 140 18.74 63.65 -59.24
C PRO O 140 18.94 64.05 -60.69
N PHE O 141 18.54 65.26 -61.07
CA PHE O 141 18.62 65.67 -62.46
C PHE O 141 19.73 66.67 -62.73
N ASP O 142 20.74 66.72 -61.86
CA ASP O 142 21.91 67.55 -62.08
C ASP O 142 23.17 66.75 -61.78
N ARG O 143 24.30 67.25 -62.23
CA ARG O 143 25.56 66.57 -62.03
C ARG O 143 25.90 66.51 -60.53
N PRO O 144 26.11 65.34 -59.97
CA PRO O 144 26.57 65.27 -58.57
C PRO O 144 27.98 65.83 -58.45
N SER O 145 28.32 66.21 -57.22
CA SER O 145 29.61 66.82 -56.95
C SER O 145 30.74 65.86 -57.26
N ALA O 146 31.96 66.40 -57.34
CA ALA O 146 33.12 65.61 -57.70
C ALA O 146 33.45 64.55 -56.66
N ASP O 147 32.98 64.72 -55.42
CA ASP O 147 33.21 63.75 -54.35
C ASP O 147 32.12 62.69 -54.27
N ALA O 148 31.14 62.73 -55.18
CA ALA O 148 30.07 61.76 -55.20
C ALA O 148 30.55 60.49 -55.91
N ARG O 149 29.61 59.59 -56.20
CA ARG O 149 29.91 58.30 -56.82
C ARG O 149 29.36 58.29 -58.24
N TYR O 150 30.24 58.08 -59.21
CA TYR O 150 29.84 57.91 -60.60
C TYR O 150 30.13 56.49 -61.05
N ILE O 151 29.15 55.88 -61.70
CA ILE O 151 29.30 54.49 -62.12
C ILE O 151 30.34 54.35 -63.22
N ALA O 152 30.27 55.20 -64.24
CA ALA O 152 31.15 55.08 -65.40
C ALA O 152 31.60 56.44 -65.91
N GLY O 153 31.99 57.34 -65.01
CA GLY O 153 32.42 58.65 -65.45
C GLY O 153 32.97 59.51 -64.34
N GLY O 154 33.14 60.79 -64.66
CA GLY O 154 33.66 61.75 -63.70
C GLY O 154 32.99 63.10 -63.87
N ASN O 155 33.02 63.88 -62.79
CA ASN O 155 32.32 65.17 -62.77
C ASN O 155 32.99 66.17 -63.71
N ALA O 156 34.31 66.27 -63.66
CA ALA O 156 35.02 67.25 -64.44
C ALA O 156 34.97 66.89 -65.93
N GLY O 157 35.44 67.82 -66.76
CA GLY O 157 35.50 67.61 -68.18
C GLY O 157 36.68 66.79 -68.66
N ALA O 158 37.56 66.39 -67.75
CA ALA O 158 38.69 65.54 -68.08
C ALA O 158 38.52 64.10 -67.66
N ALA O 159 37.57 63.79 -66.79
CA ALA O 159 37.28 62.42 -66.36
C ALA O 159 36.03 61.95 -67.09
N GLU O 160 36.24 61.39 -68.28
CA GLU O 160 35.15 60.91 -69.11
C GLU O 160 35.62 59.68 -69.89
N VAL O 161 34.67 58.85 -70.29
CA VAL O 161 34.94 57.68 -71.11
C VAL O 161 34.53 58.00 -72.54
N ALA O 162 35.29 57.45 -73.49
CA ALA O 162 35.09 57.75 -74.90
C ALA O 162 33.78 57.14 -75.40
N GLY O 163 33.23 57.75 -76.45
CA GLY O 163 32.00 57.25 -77.03
C GLY O 163 32.20 55.91 -77.71
N GLY O 164 31.12 55.13 -77.75
CA GLY O 164 31.17 53.82 -78.35
C GLY O 164 29.85 53.10 -78.17
N SER O 165 29.90 51.79 -78.42
CA SER O 165 28.72 50.95 -78.28
C SER O 165 29.15 49.59 -77.76
N TYR O 166 28.32 49.02 -76.88
CA TYR O 166 28.64 47.71 -76.31
C TYR O 166 28.60 46.61 -77.36
N LEU O 167 27.68 46.71 -78.33
CA LEU O 167 27.60 45.71 -79.37
C LEU O 167 28.86 45.68 -80.23
N VAL O 168 29.37 46.86 -80.59
CA VAL O 168 30.55 46.91 -81.44
C VAL O 168 31.79 46.52 -80.64
N ASP O 169 32.74 45.89 -81.34
CA ASP O 169 34.00 45.45 -80.72
C ASP O 169 34.93 46.64 -80.61
N ASP O 170 34.89 47.32 -79.47
CA ASP O 170 35.70 48.49 -79.23
C ASP O 170 37.04 48.07 -78.62
N GLY O 171 37.81 49.05 -78.13
CA GLY O 171 39.08 48.73 -77.49
C GLY O 171 38.91 47.86 -76.27
N GLY O 172 37.84 48.07 -75.52
CA GLY O 172 37.54 47.23 -74.38
C GLY O 172 36.81 45.96 -74.76
N ALA O 173 37.45 45.14 -75.60
CA ALA O 173 36.91 43.86 -76.09
C ALA O 173 35.53 44.12 -76.69
N SER O 174 34.51 43.31 -76.37
CA SER O 174 33.17 43.52 -76.88
C SER O 174 32.20 42.81 -75.96
N GLY O 175 31.04 43.44 -75.74
CA GLY O 175 30.01 42.84 -74.90
C GLY O 175 30.07 43.31 -73.46
N GLN O 176 30.17 42.36 -72.53
CA GLN O 176 30.12 42.67 -71.12
C GLN O 176 31.31 43.50 -70.63
N ASN O 177 32.43 43.45 -71.37
CA ASN O 177 33.69 43.86 -70.78
C ASN O 177 33.77 45.38 -70.55
N GLU O 178 33.26 46.18 -71.48
CA GLU O 178 33.49 47.62 -71.35
C GLU O 178 32.23 48.47 -71.15
N PHE O 179 31.29 48.41 -72.11
CA PHE O 179 30.15 49.31 -72.08
C PHE O 179 28.92 48.64 -71.49
N TYR O 180 29.13 47.70 -70.57
CA TYR O 180 28.05 46.84 -70.09
C TYR O 180 28.28 46.62 -68.61
N PHE O 181 27.46 47.23 -67.75
CA PHE O 181 27.68 47.19 -66.32
C PHE O 181 26.51 46.48 -65.63
N THR O 182 26.84 45.46 -64.84
CA THR O 182 25.85 44.70 -64.08
C THR O 182 25.93 45.11 -62.62
N ILE O 183 24.79 45.45 -62.03
CA ILE O 183 24.72 46.00 -60.68
C ILE O 183 23.95 45.03 -59.79
N SER O 184 24.50 44.75 -58.61
CA SER O 184 23.87 43.85 -57.65
C SER O 184 23.47 44.65 -56.42
N PHE O 185 22.24 44.43 -55.95
CA PHE O 185 21.70 45.14 -54.79
C PHE O 185 21.90 44.32 -53.53
N ARG O 186 22.05 45.01 -52.40
CA ARG O 186 22.17 44.36 -51.10
C ARG O 186 21.73 45.33 -50.02
N VAL O 187 20.91 44.85 -49.09
CA VAL O 187 20.49 45.59 -47.90
C VAL O 187 20.72 44.71 -46.70
N VAL O 188 21.38 45.25 -45.68
CA VAL O 188 21.64 44.48 -44.46
C VAL O 188 21.01 45.18 -43.25
N PRO O 189 19.84 44.73 -42.80
CA PRO O 189 19.32 45.21 -41.52
C PRO O 189 20.01 44.49 -40.37
N ALA O 190 19.56 44.73 -39.15
CA ALA O 190 20.12 44.08 -37.97
C ALA O 190 19.00 43.42 -37.19
N LEU O 191 19.36 42.40 -36.42
CA LEU O 191 18.37 41.72 -35.58
C LEU O 191 17.68 42.67 -34.61
N PRO O 192 18.36 43.60 -33.93
CA PRO O 192 17.63 44.62 -33.16
C PRO O 192 16.73 45.48 -34.03
N GLY O 193 17.06 45.66 -35.30
CA GLY O 193 16.25 46.45 -36.22
C GLY O 193 16.94 47.66 -36.80
N THR O 194 18.21 47.88 -36.49
CA THR O 194 18.94 49.03 -37.00
C THR O 194 19.63 48.69 -38.32
N TYR O 195 20.26 49.70 -38.91
CA TYR O 195 20.97 49.55 -40.18
C TYR O 195 22.39 50.09 -40.02
N PRO O 196 23.34 49.27 -39.57
CA PRO O 196 24.66 49.80 -39.21
C PRO O 196 25.48 50.28 -40.40
N ARG O 197 25.00 50.12 -41.64
CA ARG O 197 25.77 50.50 -42.81
C ARG O 197 25.31 51.81 -43.43
N ALA O 198 24.36 52.50 -42.83
CA ALA O 198 23.90 53.77 -43.37
C ALA O 198 24.93 54.87 -43.12
N THR O 199 25.07 55.76 -44.11
CA THR O 199 26.01 56.87 -44.03
C THR O 199 25.25 58.19 -44.15
N SER O 200 26.01 59.27 -44.27
CA SER O 200 25.44 60.62 -44.29
C SER O 200 24.64 60.86 -45.57
N GLU O 201 23.94 61.99 -45.58
CA GLU O 201 23.16 62.42 -46.74
C GLU O 201 23.69 63.70 -47.38
N ASP O 202 24.68 64.35 -46.78
CA ASP O 202 25.22 65.58 -47.36
C ASP O 202 25.86 65.30 -48.71
N GLN O 203 26.66 64.25 -48.80
CA GLN O 203 27.26 63.81 -50.05
C GLN O 203 26.91 62.38 -50.43
N GLY O 204 26.52 61.55 -49.48
CA GLY O 204 26.30 60.15 -49.73
C GLY O 204 27.56 59.33 -49.86
N ASN O 205 28.72 59.92 -49.60
CA ASN O 205 30.01 59.24 -49.76
C ASN O 205 30.82 59.19 -48.48
N THR O 206 30.46 59.98 -47.47
CA THR O 206 31.24 60.05 -46.25
C THR O 206 31.17 58.73 -45.47
N ASP O 207 31.97 58.65 -44.42
CA ASP O 207 32.14 57.44 -43.64
C ASP O 207 31.31 57.40 -42.37
N GLU O 208 30.93 58.55 -41.81
CA GLU O 208 30.27 58.58 -40.52
C GLU O 208 28.97 57.78 -40.58
N THR O 209 28.74 56.95 -39.57
CA THR O 209 27.59 56.06 -39.60
C THR O 209 26.31 56.80 -39.24
N ASP O 210 25.23 56.45 -39.94
CA ASP O 210 23.94 57.09 -39.76
C ASP O 210 22.88 56.07 -39.38
N ASP O 211 23.26 55.07 -38.59
CA ASP O 211 22.31 54.08 -38.12
C ASP O 211 21.42 54.66 -37.03
N LEU O 212 20.39 53.91 -36.66
CA LEU O 212 19.38 54.43 -35.74
C LEU O 212 19.93 54.58 -34.33
N VAL O 213 20.95 53.81 -33.98
CA VAL O 213 21.54 53.95 -32.64
C VAL O 213 22.29 55.28 -32.53
N VAL O 214 22.79 55.81 -33.65
CA VAL O 214 23.34 57.16 -33.64
C VAL O 214 22.24 58.17 -33.36
N ARG O 215 21.07 57.98 -33.95
CA ARG O 215 19.98 58.94 -33.77
C ARG O 215 19.43 58.90 -32.35
N GLY O 216 19.13 57.72 -31.84
CA GLY O 216 18.46 57.63 -30.55
C GLY O 216 19.08 56.71 -29.51
N ASP O 217 19.97 55.81 -29.94
CA ASP O 217 20.66 54.81 -29.14
C ASP O 217 19.75 53.67 -28.70
N GLY O 218 18.46 53.73 -28.98
CA GLY O 218 17.57 52.63 -28.66
C GLY O 218 16.50 52.42 -29.71
N ARG O 219 16.58 53.18 -30.80
CA ARG O 219 15.57 53.10 -31.85
C ARG O 219 15.81 51.89 -32.74
N TYR O 220 14.76 51.50 -33.46
CA TYR O 220 14.83 50.43 -34.44
C TYR O 220 13.74 50.67 -35.48
N ALA O 221 13.91 50.03 -36.63
CA ALA O 221 12.99 50.23 -37.74
C ALA O 221 11.61 49.69 -37.41
N TYR O 222 10.59 50.50 -37.65
CA TYR O 222 9.22 50.07 -37.42
C TYR O 222 8.85 48.94 -38.38
N PRO O 223 8.11 47.93 -37.95
CA PRO O 223 7.62 46.91 -38.88
C PRO O 223 6.72 47.56 -39.93
N GLY O 224 6.85 47.09 -41.16
CA GLY O 224 6.08 47.67 -42.24
C GLY O 224 6.79 47.49 -43.56
N VAL O 225 6.45 48.36 -44.50
CA VAL O 225 7.00 48.34 -45.84
C VAL O 225 7.38 49.76 -46.26
N TYR O 226 8.43 49.86 -47.06
CA TYR O 226 8.92 51.16 -47.49
C TYR O 226 9.36 51.07 -48.95
N THR O 227 9.38 52.22 -49.61
CA THR O 227 9.65 52.30 -51.03
C THR O 227 10.74 53.32 -51.30
N LEU O 228 11.53 53.04 -52.33
CA LEU O 228 12.61 53.91 -52.79
C LEU O 228 12.82 53.66 -54.27
N ASN O 229 13.10 54.73 -55.01
CA ASN O 229 13.32 54.66 -56.45
C ASN O 229 14.78 54.94 -56.77
N VAL O 230 15.33 54.23 -57.73
CA VAL O 230 16.72 54.38 -58.15
C VAL O 230 16.74 54.79 -59.62
N LYS O 231 17.47 55.86 -59.92
CA LYS O 231 17.56 56.42 -61.26
C LYS O 231 18.98 56.26 -61.78
N PHE O 232 19.13 55.57 -62.90
CA PHE O 232 20.43 55.49 -63.58
C PHE O 232 20.43 56.49 -64.73
N VAL O 233 21.29 57.50 -64.63
CA VAL O 233 21.27 58.63 -65.55
C VAL O 233 22.64 58.74 -66.21
N MET O 234 22.65 58.89 -67.52
CA MET O 234 23.87 59.13 -68.28
C MET O 234 23.83 60.53 -68.88
N VAL O 235 24.94 61.24 -68.77
CA VAL O 235 25.02 62.65 -69.14
C VAL O 235 26.24 62.86 -70.03
N GLU O 236 26.08 63.66 -71.08
CA GLU O 236 27.21 63.98 -71.94
C GLU O 236 28.27 64.73 -71.15
N CYS O 237 29.54 64.40 -71.40
CA CYS O 237 30.63 65.08 -70.74
C CYS O 237 31.32 66.05 -71.68
N ASN P 1 18.35 106.26 -122.88
CA ASN P 1 18.02 105.37 -121.77
C ASN P 1 17.76 103.95 -122.26
N LEU P 2 18.68 103.43 -123.05
CA LEU P 2 18.57 102.06 -123.57
C LEU P 2 18.68 101.06 -122.43
N ILE P 3 17.82 100.05 -122.47
CA ILE P 3 17.67 99.12 -121.36
C ILE P 3 17.81 97.69 -121.87
N SER P 4 18.69 96.93 -121.24
CA SER P 4 18.75 95.49 -121.38
C SER P 4 18.72 94.87 -119.99
N GLU P 5 17.75 94.00 -119.75
CA GLU P 5 17.49 93.52 -118.40
C GLU P 5 17.27 92.01 -118.41
N GLN P 6 17.55 91.40 -117.26
CA GLN P 6 17.28 90.00 -117.02
C GLN P 6 16.66 89.85 -115.64
N ASN P 7 15.65 89.00 -115.54
CA ASN P 7 14.87 88.85 -114.32
C ASN P 7 14.96 87.43 -113.80
N VAL P 8 15.07 87.29 -112.49
CA VAL P 8 15.03 85.99 -111.82
C VAL P 8 13.96 86.05 -110.73
N THR P 9 13.20 84.97 -110.61
CA THR P 9 12.10 84.90 -109.66
C THR P 9 12.53 84.08 -108.45
N VAL P 10 12.38 84.66 -107.26
CA VAL P 10 12.78 84.02 -106.02
C VAL P 10 11.53 83.57 -105.28
N THR P 11 11.47 82.29 -104.94
CA THR P 11 10.36 81.71 -104.20
C THR P 11 10.88 81.17 -102.88
N MET P 12 10.35 81.69 -101.78
CA MET P 12 10.73 81.28 -100.43
C MET P 12 9.52 80.71 -99.72
N ASP P 13 9.64 79.49 -99.21
CA ASP P 13 8.57 78.87 -98.43
C ASP P 13 9.09 78.55 -97.04
N LEU P 14 8.30 78.90 -96.02
CA LEU P 14 8.60 78.58 -94.63
C LEU P 14 7.69 77.44 -94.21
N GLN P 15 8.09 76.22 -94.53
CA GLN P 15 7.28 75.07 -94.15
C GLN P 15 7.31 74.87 -92.64
N PRO P 16 6.15 74.68 -92.02
CA PRO P 16 6.11 74.52 -90.56
C PRO P 16 6.68 73.17 -90.15
N VAL P 17 7.48 73.20 -89.09
CA VAL P 17 8.11 72.01 -88.55
C VAL P 17 7.53 71.76 -87.17
N LEU P 18 6.77 70.68 -87.03
CA LEU P 18 6.12 70.32 -85.77
C LEU P 18 6.47 68.87 -85.45
N GLN P 19 7.32 68.66 -84.45
CA GLN P 19 7.77 67.32 -84.11
C GLN P 19 7.65 67.12 -82.60
N LEU P 20 7.01 66.02 -82.21
CA LEU P 20 6.91 65.61 -80.82
C LEU P 20 7.50 64.21 -80.71
N SER P 21 8.73 64.11 -80.19
CA SER P 21 9.42 62.84 -80.09
C SER P 21 9.34 62.34 -78.66
N MET P 22 8.78 61.15 -78.48
CA MET P 22 8.60 60.56 -77.17
C MET P 22 9.56 59.39 -76.98
N GLN P 23 10.24 59.38 -75.83
CA GLN P 23 11.10 58.26 -75.47
C GLN P 23 10.57 57.61 -74.20
N GLY P 24 10.61 56.28 -74.17
CA GLY P 24 10.09 55.52 -73.05
C GLY P 24 9.37 54.28 -73.53
N SER P 25 8.37 53.84 -72.77
CA SER P 25 7.58 52.67 -73.13
C SER P 25 6.16 53.11 -73.48
N GLU P 26 5.69 52.68 -74.64
CA GLU P 26 4.35 53.07 -75.08
C GLU P 26 3.27 52.34 -74.29
N THR P 27 3.62 51.27 -73.58
CA THR P 27 2.74 50.63 -72.62
C THR P 27 3.28 50.88 -71.21
N VAL P 28 2.43 51.42 -70.34
CA VAL P 28 2.73 51.58 -68.92
C VAL P 28 1.79 50.69 -68.15
N SER P 29 2.36 49.72 -67.42
CA SER P 29 1.57 48.70 -66.74
C SER P 29 1.72 48.84 -65.24
N PHE P 30 0.59 48.93 -64.54
CA PHE P 30 0.54 48.93 -63.09
C PHE P 30 -0.04 47.59 -62.64
N VAL P 31 0.73 46.83 -61.86
CA VAL P 31 0.32 45.52 -61.39
C VAL P 31 0.20 45.58 -59.87
N PHE P 32 -0.99 45.28 -59.36
CA PHE P 32 -1.25 45.25 -57.93
C PHE P 32 -1.47 43.82 -57.48
N SER P 33 -0.56 43.31 -56.65
CA SER P 33 -0.71 41.94 -56.16
C SER P 33 -0.44 41.84 -54.67
N GLN P 34 0.21 42.84 -54.10
CA GLN P 34 0.48 42.89 -52.67
C GLN P 34 -0.47 43.89 -52.01
N ILE P 35 -0.66 43.71 -50.70
CA ILE P 35 -1.52 44.62 -49.94
C ILE P 35 -0.95 46.03 -49.96
N SER P 36 0.36 46.15 -49.78
CA SER P 36 1.01 47.46 -49.79
C SER P 36 0.76 48.18 -51.11
N GLU P 37 0.86 47.44 -52.22
CA GLU P 37 0.57 48.04 -53.52
C GLU P 37 -0.87 48.52 -53.59
N TYR P 38 -1.80 47.76 -53.00
CA TYR P 38 -3.20 48.16 -53.04
C TYR P 38 -3.43 49.44 -52.25
N ILE P 39 -2.90 49.53 -51.04
CA ILE P 39 -3.15 50.70 -50.20
C ILE P 39 -2.42 51.93 -50.70
N GLY P 40 -1.19 51.79 -51.21
CA GLY P 40 -0.44 52.98 -51.59
C GLY P 40 -0.25 53.19 -53.08
N GLY P 41 -0.19 52.12 -53.85
CA GLY P 41 -0.14 52.25 -55.30
C GLY P 41 1.25 52.41 -55.88
N LEU P 42 1.42 51.93 -57.11
CA LEU P 42 2.70 52.05 -57.80
C LEU P 42 2.96 53.51 -58.18
N THR P 43 4.17 53.98 -57.92
CA THR P 43 4.64 55.26 -58.41
C THR P 43 5.80 55.02 -59.37
N GLN P 44 5.58 55.36 -60.64
CA GLN P 44 6.56 55.12 -61.69
C GLN P 44 7.24 56.44 -62.04
N TYR P 45 8.57 56.46 -61.93
CA TYR P 45 9.35 57.66 -62.18
C TYR P 45 9.99 57.62 -63.55
N GLY P 46 9.86 58.73 -64.29
CA GLY P 46 10.47 58.85 -65.59
C GLY P 46 9.98 57.83 -66.59
N ALA P 47 8.66 57.60 -66.62
CA ALA P 47 8.10 56.60 -67.54
C ALA P 47 8.24 57.05 -68.98
N VAL P 48 7.84 58.28 -69.29
CA VAL P 48 7.85 58.81 -70.64
C VAL P 48 8.42 60.22 -70.61
N ASP P 49 9.28 60.53 -71.58
CA ASP P 49 9.80 61.88 -71.77
C ASP P 49 9.44 62.36 -73.17
N LEU P 50 9.22 63.67 -73.30
CA LEU P 50 8.79 64.29 -74.54
C LEU P 50 9.74 65.40 -74.92
N SER P 51 10.13 65.44 -76.20
CA SER P 51 10.98 66.48 -76.76
C SER P 51 10.22 67.15 -77.88
N VAL P 52 10.30 68.48 -77.94
CA VAL P 52 9.52 69.30 -78.84
C VAL P 52 10.44 70.03 -79.80
N SER P 53 10.19 69.90 -81.09
CA SER P 53 10.84 70.70 -82.12
C SER P 53 9.77 71.48 -82.86
N SER P 54 9.92 72.79 -82.93
CA SER P 54 8.86 73.62 -83.48
C SER P 54 9.45 74.87 -84.10
N THR P 55 8.66 75.50 -84.97
CA THR P 55 8.99 76.77 -85.58
C THR P 55 8.15 77.92 -85.05
N VAL P 56 6.90 77.68 -84.68
CA VAL P 56 5.99 78.72 -84.23
C VAL P 56 5.63 78.48 -82.77
N ASP P 57 4.85 79.40 -82.21
CA ASP P 57 4.41 79.28 -80.83
C ASP P 57 3.56 78.03 -80.67
N TRP P 58 3.85 77.26 -79.63
CA TRP P 58 3.21 75.97 -79.41
C TRP P 58 2.79 75.81 -77.96
N CYS P 59 1.74 75.04 -77.75
CA CYS P 59 1.25 74.67 -76.43
C CYS P 59 1.05 73.17 -76.38
N LEU P 60 1.60 72.53 -75.35
CA LEU P 60 1.54 71.09 -75.20
C LEU P 60 0.62 70.75 -74.03
N TYR P 61 -0.32 69.83 -74.24
CA TYR P 61 -1.19 69.38 -73.17
C TYR P 61 -1.30 67.86 -73.22
N ALA P 62 -1.83 67.31 -72.13
CA ALA P 62 -2.07 65.88 -72.01
C ALA P 62 -3.54 65.64 -71.70
N ALA P 63 -4.15 64.74 -72.47
CA ALA P 63 -5.55 64.39 -72.29
C ALA P 63 -5.67 62.89 -72.08
N ALA P 64 -6.78 62.47 -71.49
CA ALA P 64 -7.04 61.07 -71.22
C ALA P 64 -8.32 60.64 -71.92
N PHE P 65 -8.27 59.51 -72.61
CA PHE P 65 -9.38 59.04 -73.40
C PHE P 65 -9.45 57.52 -73.30
N SER P 66 -10.66 56.98 -73.49
CA SER P 66 -10.89 55.56 -73.48
C SER P 66 -12.13 55.25 -74.31
N SER P 67 -12.40 53.96 -74.50
CA SER P 67 -13.57 53.56 -75.25
C SER P 67 -14.85 54.02 -74.58
N ASP P 68 -14.91 53.91 -73.24
CA ASP P 68 -16.06 54.42 -72.51
C ASP P 68 -16.15 55.94 -72.64
N ALA P 69 -15.02 56.63 -72.58
CA ALA P 69 -15.03 58.09 -72.64
C ALA P 69 -15.60 58.61 -73.96
N ALA P 70 -15.68 57.77 -74.98
CA ALA P 70 -16.28 58.17 -76.25
C ALA P 70 -17.78 58.36 -76.17
N ASP P 71 -18.45 57.81 -75.15
CA ASP P 71 -19.90 57.93 -75.03
C ASP P 71 -20.33 58.81 -73.86
N ALA P 72 -19.58 59.88 -73.61
CA ALA P 72 -19.88 60.96 -72.66
C ALA P 72 -19.72 60.54 -71.20
N GLU P 73 -19.43 59.29 -70.90
CA GLU P 73 -19.14 58.85 -69.54
C GLU P 73 -17.65 58.62 -69.41
N LEU P 74 -16.98 59.48 -68.66
CA LEU P 74 -15.52 59.44 -68.54
C LEU P 74 -15.12 58.48 -67.42
N ASN P 75 -15.22 57.20 -67.74
CA ASN P 75 -14.78 56.12 -66.86
C ASN P 75 -13.75 55.27 -67.59
N TRP P 76 -12.95 54.54 -66.82
CA TRP P 76 -11.96 53.66 -67.41
C TRP P 76 -12.65 52.54 -68.20
N THR P 77 -11.91 51.99 -69.17
CA THR P 77 -12.44 50.90 -69.98
C THR P 77 -12.28 49.61 -69.18
N ASN P 78 -13.39 49.08 -68.68
CA ASN P 78 -13.36 47.78 -68.03
C ASN P 78 -12.88 46.74 -69.02
N MET P 79 -11.99 45.86 -68.57
CA MET P 79 -11.25 45.00 -69.47
C MET P 79 -11.55 43.54 -69.19
N VAL P 80 -11.36 43.11 -67.94
CA VAL P 80 -11.76 41.80 -67.45
C VAL P 80 -12.33 41.99 -66.05
N THR P 81 -13.31 41.16 -65.70
CA THR P 81 -13.95 41.21 -64.39
C THR P 81 -13.55 39.97 -63.60
N PHE P 82 -12.53 40.10 -62.76
CA PHE P 82 -12.13 39.01 -61.88
C PHE P 82 -13.17 38.84 -60.78
N GLY P 83 -13.57 37.60 -60.53
CA GLY P 83 -14.55 37.28 -59.52
C GLY P 83 -15.90 36.96 -60.13
N ASP P 84 -16.85 36.66 -59.24
CA ASP P 84 -18.20 36.27 -59.66
C ASP P 84 -19.17 37.46 -59.68
N SER P 85 -19.43 38.07 -58.52
CA SER P 85 -20.42 39.13 -58.42
C SER P 85 -20.45 39.74 -57.03
N ASN P 86 -20.86 41.01 -56.93
CA ASN P 86 -21.06 41.69 -55.66
C ASN P 86 -21.98 42.89 -55.86
N PRO P 87 -23.10 42.96 -55.13
CA PRO P 87 -23.99 44.12 -55.28
C PRO P 87 -23.34 45.45 -54.94
N ASN P 88 -22.41 45.47 -54.00
CA ASN P 88 -21.79 46.70 -53.51
C ASN P 88 -20.43 46.92 -54.19
N SER P 89 -20.32 46.50 -55.45
CA SER P 89 -19.08 46.63 -56.21
C SER P 89 -19.43 47.17 -57.59
N ILE P 90 -18.77 48.26 -57.98
CA ILE P 90 -19.06 48.94 -59.24
C ILE P 90 -17.79 48.99 -60.07
N THR P 91 -17.89 48.57 -61.33
CA THR P 91 -16.77 48.60 -62.27
C THR P 91 -16.77 49.89 -63.07
N ASN P 92 -16.87 51.03 -62.39
CA ASN P 92 -16.89 52.35 -63.03
C ASN P 92 -15.87 53.21 -62.31
N LEU P 93 -14.63 53.19 -62.79
CA LEU P 93 -13.57 53.95 -62.15
C LEU P 93 -13.34 55.27 -62.87
N PRO P 94 -13.19 56.37 -62.14
CA PRO P 94 -13.01 57.67 -62.80
C PRO P 94 -11.73 57.70 -63.62
N ILE P 95 -11.81 58.38 -64.77
CA ILE P 95 -10.63 58.57 -65.61
C ILE P 95 -9.61 59.43 -64.89
N THR P 96 -10.07 60.31 -63.99
CA THR P 96 -9.21 61.23 -63.29
C THR P 96 -8.28 60.53 -62.29
N VAL P 97 -8.47 59.23 -62.06
CA VAL P 97 -7.70 58.50 -61.05
C VAL P 97 -6.20 58.64 -61.33
N LEU P 98 -5.80 58.46 -62.58
CA LEU P 98 -4.38 58.54 -62.93
C LEU P 98 -3.81 59.92 -62.61
N GLN P 99 -2.65 59.92 -61.96
CA GLN P 99 -1.98 61.15 -61.57
C GLN P 99 -0.65 61.27 -62.30
N LEU P 100 -0.34 62.49 -62.74
CA LEU P 100 0.88 62.77 -63.49
C LEU P 100 1.67 63.85 -62.78
N PHE P 101 3.00 63.69 -62.79
CA PHE P 101 3.91 64.69 -62.24
C PHE P 101 4.85 65.14 -63.35
N GLN P 102 4.93 66.45 -63.55
CA GLN P 102 5.84 67.06 -64.52
C GLN P 102 7.08 67.59 -63.80
N SER P 103 8.24 67.42 -64.45
CA SER P 103 9.48 67.86 -63.84
C SER P 103 9.63 69.38 -63.79
N LYS P 104 8.77 70.12 -64.51
CA LYS P 104 8.89 71.57 -64.57
C LYS P 104 7.54 72.24 -64.39
N PRO P 105 7.51 73.51 -63.99
CA PRO P 105 6.28 74.29 -64.06
C PRO P 105 6.04 74.76 -65.50
N ASN P 106 4.84 75.28 -65.72
CA ASN P 106 4.49 75.82 -67.02
C ASN P 106 5.37 77.03 -67.32
N PRO P 107 6.11 77.03 -68.42
CA PRO P 107 6.97 78.18 -68.74
C PRO P 107 6.20 79.49 -68.86
N ASP P 108 5.21 79.51 -69.75
CA ASP P 108 4.37 80.69 -69.97
C ASP P 108 2.93 80.28 -69.69
N THR P 109 2.49 80.50 -68.44
CA THR P 109 1.14 80.16 -68.02
C THR P 109 0.36 81.41 -67.67
N ASN P 110 -0.89 81.47 -68.14
CA ASN P 110 -1.84 82.51 -67.76
C ASN P 110 -3.13 81.79 -67.36
N SER P 111 -3.19 81.37 -66.10
CA SER P 111 -4.35 80.64 -65.60
C SER P 111 -4.38 80.73 -64.08
N THR P 112 -5.58 80.57 -63.52
CA THR P 112 -5.76 80.62 -62.08
C THR P 112 -6.66 79.48 -61.60
N ALA P 113 -6.47 78.28 -62.15
CA ALA P 113 -7.22 77.12 -61.71
C ALA P 113 -6.62 76.57 -60.41
N ASP P 114 -7.01 75.34 -60.07
CA ASP P 114 -6.44 74.68 -58.90
C ASP P 114 -4.93 74.56 -59.06
N SER P 115 -4.48 74.20 -60.26
CA SER P 115 -3.06 74.17 -60.59
C SER P 115 -2.92 74.23 -62.10
N PRO P 116 -2.17 75.19 -62.64
CA PRO P 116 -2.07 75.30 -64.11
C PRO P 116 -1.46 74.07 -64.78
N SER P 117 -0.51 73.41 -64.12
CA SER P 117 0.16 72.26 -64.70
C SER P 117 0.48 71.24 -63.61
N PHE P 118 1.03 70.11 -64.02
CA PHE P 118 1.40 69.05 -63.09
C PHE P 118 2.76 69.33 -62.48
N ALA P 119 2.95 70.54 -61.93
CA ALA P 119 4.26 70.95 -61.43
C ALA P 119 4.52 70.47 -60.01
N THR P 120 3.51 70.52 -59.15
CA THR P 120 3.71 70.16 -57.75
C THR P 120 4.01 68.67 -57.60
N ALA P 121 4.79 68.36 -56.58
CA ALA P 121 5.17 66.98 -56.32
C ALA P 121 3.97 66.18 -55.83
N PHE P 122 4.09 64.85 -55.92
CA PHE P 122 3.02 63.97 -55.49
C PHE P 122 2.77 64.11 -53.99
N ASP P 123 1.50 64.13 -53.61
CA ASP P 123 1.09 64.29 -52.22
C ASP P 123 0.52 62.97 -51.70
N THR P 124 0.38 62.91 -50.38
CA THR P 124 -0.05 61.71 -49.69
C THR P 124 -1.42 61.94 -49.06
N GLY P 125 -2.30 60.94 -49.19
CA GLY P 125 -3.61 61.04 -48.61
C GLY P 125 -4.50 62.01 -49.35
N ARG P 126 -5.65 62.29 -48.74
CA ARG P 126 -6.60 63.24 -49.31
C ARG P 126 -6.20 64.64 -48.87
N ALA P 127 -5.19 65.21 -49.52
CA ALA P 127 -4.72 66.55 -49.22
C ALA P 127 -4.78 67.50 -50.41
N ALA P 128 -4.25 67.07 -51.56
CA ALA P 128 -4.14 67.97 -52.71
C ALA P 128 -5.44 68.03 -53.49
N LEU P 129 -5.85 66.89 -54.07
CA LEU P 129 -7.10 66.77 -54.83
C LEU P 129 -7.15 67.76 -55.99
N GLY P 130 -6.23 67.57 -56.94
CA GLY P 130 -6.28 68.32 -58.17
C GLY P 130 -4.96 68.77 -58.74
N GLU P 131 -3.94 68.92 -57.89
CA GLU P 131 -2.65 69.43 -58.35
C GLU P 131 -1.88 68.45 -59.22
N ASN P 132 -2.25 67.16 -59.21
CA ASN P 132 -1.56 66.18 -60.03
C ASN P 132 -2.49 65.30 -60.86
N ASN P 133 -3.80 65.51 -60.78
CA ASN P 133 -4.74 64.68 -61.53
C ASN P 133 -4.66 64.98 -63.02
N VAL P 134 -4.95 63.97 -63.82
CA VAL P 134 -4.88 64.09 -65.27
C VAL P 134 -6.12 64.82 -65.78
N TYR P 135 -6.03 65.37 -66.98
CA TYR P 135 -7.15 66.08 -67.59
C TYR P 135 -7.97 65.09 -68.41
N ALA P 136 -9.24 64.93 -68.03
CA ALA P 136 -10.13 64.00 -68.69
C ALA P 136 -11.06 64.75 -69.65
N SER P 137 -11.19 64.23 -70.86
CA SER P 137 -12.05 64.85 -71.86
C SER P 137 -12.62 63.78 -72.77
N ARG P 138 -13.87 63.97 -73.18
CA ARG P 138 -14.54 63.05 -74.11
C ARG P 138 -14.17 63.31 -75.56
N ASP P 139 -13.39 64.36 -75.83
CA ASP P 139 -12.92 64.67 -77.17
C ASP P 139 -11.56 65.36 -77.05
N PRO P 140 -10.46 64.62 -77.21
CA PRO P 140 -9.14 65.19 -76.92
C PRO P 140 -8.50 65.91 -78.09
N PHE P 141 -9.26 66.21 -79.13
CA PHE P 141 -8.71 66.81 -80.34
C PHE P 141 -9.08 68.29 -80.48
N ASP P 142 -9.43 68.95 -79.38
CA ASP P 142 -9.69 70.38 -79.40
C ASP P 142 -8.99 71.02 -78.20
N ARG P 143 -8.85 72.34 -78.26
CA ARG P 143 -8.19 73.06 -77.19
C ARG P 143 -8.99 72.95 -75.90
N PRO P 144 -8.40 72.46 -74.81
CA PRO P 144 -9.09 72.47 -73.52
C PRO P 144 -9.30 73.90 -73.03
N SER P 145 -10.27 74.06 -72.14
CA SER P 145 -10.63 75.36 -71.63
C SER P 145 -9.46 75.98 -70.86
N ALA P 146 -9.57 77.30 -70.62
CA ALA P 146 -8.49 78.02 -69.97
C ALA P 146 -8.26 77.56 -68.54
N ASP P 147 -9.25 76.92 -67.92
CA ASP P 147 -9.12 76.42 -66.55
C ASP P 147 -8.59 75.00 -66.51
N ALA P 148 -8.27 74.41 -67.65
CA ALA P 148 -7.76 73.05 -67.71
C ALA P 148 -6.25 73.08 -67.42
N ARG P 149 -5.59 71.95 -67.66
CA ARG P 149 -4.16 71.79 -67.37
C ARG P 149 -3.40 71.67 -68.68
N TYR P 150 -2.45 72.58 -68.89
CA TYR P 150 -1.56 72.52 -70.04
C TYR P 150 -0.14 72.25 -69.56
N ILE P 151 0.52 71.30 -70.23
CA ILE P 151 1.86 70.90 -69.82
C ILE P 151 2.85 72.03 -70.08
N ALA P 152 2.82 72.61 -71.28
CA ALA P 152 3.82 73.60 -71.67
C ALA P 152 3.19 74.72 -72.49
N GLY P 153 2.03 75.23 -72.07
CA GLY P 153 1.40 76.29 -72.83
C GLY P 153 0.19 76.86 -72.13
N GLY P 154 -0.56 77.66 -72.89
CA GLY P 154 -1.77 78.29 -72.38
C GLY P 154 -2.83 78.35 -73.46
N ASN P 155 -4.08 78.46 -73.01
CA ASN P 155 -5.21 78.44 -73.94
C ASN P 155 -5.26 79.68 -74.79
N ALA P 156 -5.09 80.86 -74.19
CA ALA P 156 -5.21 82.11 -74.91
C ALA P 156 -4.04 82.28 -75.87
N GLY P 157 -4.13 83.29 -76.71
CA GLY P 157 -3.08 83.62 -77.66
C GLY P 157 -1.92 84.39 -77.08
N ALA P 158 -1.98 84.73 -75.79
CA ALA P 158 -0.89 85.42 -75.11
C ALA P 158 -0.08 84.51 -74.19
N ALA P 159 -0.59 83.34 -73.84
CA ALA P 159 0.12 82.37 -73.00
C ALA P 159 0.67 81.28 -73.91
N GLU P 160 1.87 81.51 -74.44
CA GLU P 160 2.51 80.57 -75.34
C GLU P 160 4.02 80.62 -75.13
N VAL P 161 4.69 79.54 -75.48
CA VAL P 161 6.14 79.47 -75.41
C VAL P 161 6.70 79.62 -76.82
N ALA P 162 7.85 80.27 -76.92
CA ALA P 162 8.45 80.58 -78.21
C ALA P 162 8.93 79.30 -78.91
N GLY P 163 9.00 79.38 -80.24
CA GLY P 163 9.47 78.24 -81.01
C GLY P 163 10.95 77.99 -80.78
N GLY P 164 11.34 76.73 -80.96
CA GLY P 164 12.72 76.34 -80.77
C GLY P 164 12.88 74.84 -80.90
N SER P 165 14.03 74.35 -80.46
CA SER P 165 14.33 72.94 -80.50
C SER P 165 15.14 72.56 -79.27
N TYR P 166 14.86 71.38 -78.73
CA TYR P 166 15.57 70.93 -77.53
C TYR P 166 17.04 70.67 -77.81
N LEU P 167 17.36 70.18 -79.02
CA LEU P 167 18.76 69.92 -79.36
C LEU P 167 19.56 71.21 -79.40
N VAL P 168 19.01 72.27 -79.99
CA VAL P 168 19.74 73.52 -80.10
C VAL P 168 19.81 74.21 -78.74
N ASP P 169 20.91 74.92 -78.52
CA ASP P 169 21.14 75.64 -77.26
C ASP P 169 20.36 76.94 -77.32
N ASP P 170 19.14 76.92 -76.80
CA ASP P 170 18.28 78.09 -76.80
C ASP P 170 18.51 78.89 -75.52
N GLY P 171 17.64 79.86 -75.25
CA GLY P 171 17.75 80.64 -74.03
C GLY P 171 17.64 79.81 -72.78
N GLY P 172 16.78 78.78 -72.82
CA GLY P 172 16.66 77.87 -71.70
C GLY P 172 17.70 76.78 -71.74
N ALA P 173 18.97 77.17 -71.69
CA ALA P 173 20.13 76.26 -71.69
C ALA P 173 20.00 75.33 -72.90
N SER P 174 20.22 74.02 -72.76
CA SER P 174 20.08 73.09 -73.87
C SER P 174 19.84 71.71 -73.31
N GLY P 175 18.99 70.94 -73.97
CA GLY P 175 18.71 69.58 -73.54
C GLY P 175 17.48 69.47 -72.66
N GLN P 176 17.65 68.91 -71.46
CA GLN P 176 16.53 68.63 -70.58
C GLN P 176 15.86 69.90 -70.06
N ASN P 177 16.59 71.03 -70.06
CA ASN P 177 16.18 72.15 -69.22
C ASN P 177 14.91 72.84 -69.73
N GLU P 178 14.75 72.99 -71.04
CA GLU P 178 13.64 73.80 -71.52
C GLU P 178 12.61 73.04 -72.36
N PHE P 179 13.04 72.45 -73.47
CA PHE P 179 12.08 71.87 -74.42
C PHE P 179 11.96 70.36 -74.23
N TYR P 180 12.17 69.89 -73.01
CA TYR P 180 12.29 68.46 -72.74
C TYR P 180 11.61 68.19 -71.41
N PHE P 181 10.44 67.54 -71.46
CA PHE P 181 9.64 67.33 -70.27
C PHE P 181 9.51 65.84 -69.96
N THR P 182 9.86 65.46 -68.73
CA THR P 182 9.77 64.08 -68.27
C THR P 182 8.58 63.96 -67.33
N ILE P 183 7.71 62.98 -67.59
CA ILE P 183 6.46 62.84 -66.87
C ILE P 183 6.49 61.52 -66.10
N SER P 184 6.10 61.57 -64.84
CA SER P 184 6.05 60.38 -63.99
C SER P 184 4.60 60.07 -63.62
N PHE P 185 4.22 58.80 -63.74
CA PHE P 185 2.85 58.37 -63.46
C PHE P 185 2.74 57.84 -62.04
N ARG P 186 1.56 58.01 -61.45
CA ARG P 186 1.28 57.48 -60.11
C ARG P 186 -0.21 57.26 -59.96
N VAL P 187 -0.58 56.10 -59.43
CA VAL P 187 -1.96 55.77 -59.10
C VAL P 187 -1.99 55.26 -57.66
N VAL P 188 -2.88 55.82 -56.85
CA VAL P 188 -3.00 55.38 -55.46
C VAL P 188 -4.40 54.85 -55.17
N PRO P 189 -4.59 53.53 -55.18
CA PRO P 189 -5.85 52.98 -54.67
C PRO P 189 -5.87 52.95 -53.16
N ALA P 190 -6.90 52.37 -52.56
CA ALA P 190 -6.99 52.27 -51.12
C ALA P 190 -7.21 50.80 -50.74
N LEU P 191 -6.83 50.46 -49.52
CA LEU P 191 -7.04 49.10 -49.03
C LEU P 191 -8.51 48.68 -49.08
N PRO P 192 -9.48 49.51 -48.68
CA PRO P 192 -10.89 49.14 -48.94
C PRO P 192 -11.20 48.98 -50.42
N GLY P 193 -10.48 49.66 -51.31
CA GLY P 193 -10.69 49.55 -52.73
C GLY P 193 -11.11 50.83 -53.41
N THR P 194 -11.21 51.94 -52.69
CA THR P 194 -11.61 53.20 -53.29
C THR P 194 -10.39 53.98 -53.78
N TYR P 195 -10.66 55.12 -54.41
CA TYR P 195 -9.61 55.99 -54.96
C TYR P 195 -9.81 57.40 -54.44
N PRO P 196 -9.28 57.73 -53.27
CA PRO P 196 -9.61 59.02 -52.63
C PRO P 196 -9.07 60.24 -53.36
N ARG P 197 -8.30 60.07 -54.43
CA ARG P 197 -7.70 61.20 -55.13
C ARG P 197 -8.41 61.55 -56.43
N ALA P 198 -9.52 60.88 -56.76
CA ALA P 198 -10.25 61.19 -57.97
C ALA P 198 -11.01 62.50 -57.83
N THR P 199 -11.05 63.27 -58.92
CA THR P 199 -11.74 64.56 -58.94
C THR P 199 -12.84 64.52 -60.01
N SER P 200 -13.43 65.69 -60.26
CA SER P 200 -14.56 65.80 -61.17
C SER P 200 -14.13 65.54 -62.61
N GLU P 201 -15.13 65.46 -63.49
CA GLU P 201 -14.92 65.27 -64.92
C GLU P 201 -15.39 66.45 -65.75
N ASP P 202 -16.05 67.45 -65.15
CA ASP P 202 -16.49 68.60 -65.91
C ASP P 202 -15.32 69.37 -66.50
N GLN P 203 -14.29 69.61 -65.68
CA GLN P 203 -13.07 70.25 -66.15
C GLN P 203 -11.82 69.41 -65.91
N GLY P 204 -11.86 68.46 -64.98
CA GLY P 204 -10.69 67.70 -64.61
C GLY P 204 -9.71 68.45 -63.74
N ASN P 205 -10.07 69.66 -63.28
CA ASN P 205 -9.19 70.49 -62.49
C ASN P 205 -9.75 70.85 -61.12
N THR P 206 -11.05 70.64 -60.90
CA THR P 206 -11.69 71.02 -59.66
C THR P 206 -11.18 70.18 -58.50
N ASP P 207 -11.59 70.56 -57.30
CA ASP P 207 -11.11 69.97 -56.05
C ASP P 207 -12.03 68.91 -55.47
N GLU P 208 -13.33 68.97 -55.78
CA GLU P 208 -14.30 68.08 -55.14
C GLU P 208 -13.93 66.63 -55.42
N THR P 209 -13.96 65.80 -54.38
CA THR P 209 -13.52 64.42 -54.51
C THR P 209 -14.56 63.57 -55.19
N ASP P 210 -14.11 62.66 -56.04
CA ASP P 210 -14.98 61.78 -56.81
C ASP P 210 -14.66 60.32 -56.54
N ASP P 211 -14.30 60.01 -55.30
CA ASP P 211 -14.03 58.63 -54.93
C ASP P 211 -15.34 57.86 -54.81
N LEU P 212 -15.21 56.53 -54.65
CA LEU P 212 -16.39 55.67 -54.68
C LEU P 212 -17.26 55.84 -53.44
N VAL P 213 -16.67 56.29 -52.33
CA VAL P 213 -17.47 56.52 -51.14
C VAL P 213 -18.38 57.73 -51.33
N VAL P 214 -18.00 58.68 -52.18
CA VAL P 214 -18.91 59.75 -52.55
C VAL P 214 -20.09 59.18 -53.33
N ARG P 215 -19.83 58.24 -54.23
CA ARG P 215 -20.89 57.69 -55.06
C ARG P 215 -21.86 56.84 -54.24
N GLY P 216 -21.34 55.92 -53.43
CA GLY P 216 -22.20 54.99 -52.74
C GLY P 216 -22.02 54.84 -51.24
N ASP P 217 -20.87 55.30 -50.73
CA ASP P 217 -20.45 55.27 -49.33
C ASP P 217 -20.04 53.86 -48.89
N GLY P 218 -20.19 52.84 -49.73
CA GLY P 218 -19.74 51.51 -49.38
C GLY P 218 -19.17 50.77 -50.57
N ARG P 219 -19.06 51.44 -51.70
CA ARG P 219 -18.58 50.81 -52.92
C ARG P 219 -17.06 50.71 -52.91
N TYR P 220 -16.55 49.82 -53.75
CA TYR P 220 -15.12 49.65 -53.95
C TYR P 220 -14.89 49.09 -55.34
N ALA P 221 -13.67 49.24 -55.83
CA ALA P 221 -13.34 48.83 -57.18
C ALA P 221 -13.42 47.30 -57.31
N TYR P 222 -14.11 46.85 -58.35
CA TYR P 222 -14.20 45.43 -58.62
C TYR P 222 -12.85 44.86 -58.98
N PRO P 223 -12.50 43.66 -58.52
CA PRO P 223 -11.25 43.02 -58.97
C PRO P 223 -11.30 42.80 -60.47
N GLY P 224 -10.16 43.02 -61.11
CA GLY P 224 -10.09 42.88 -62.56
C GLY P 224 -9.01 43.75 -63.13
N VAL P 225 -9.16 44.10 -64.40
CA VAL P 225 -8.20 44.90 -65.13
C VAL P 225 -8.95 45.96 -65.94
N TYR P 226 -8.31 47.11 -66.10
CA TYR P 226 -8.93 48.22 -66.81
C TYR P 226 -7.86 48.92 -67.65
N THR P 227 -8.34 49.63 -68.67
CA THR P 227 -7.46 50.25 -69.66
C THR P 227 -7.85 51.72 -69.83
N LEU P 228 -6.83 52.53 -70.09
CA LEU P 228 -6.99 53.96 -70.35
C LEU P 228 -5.84 54.41 -71.24
N ASN P 229 -6.14 55.31 -72.17
CA ASN P 229 -5.15 55.83 -73.11
C ASN P 229 -4.87 57.29 -72.80
N VAL P 230 -3.61 57.69 -72.92
CA VAL P 230 -3.18 59.06 -72.67
C VAL P 230 -2.58 59.63 -73.95
N LYS P 231 -3.06 60.80 -74.33
CA LYS P 231 -2.64 61.48 -75.56
C LYS P 231 -1.90 62.76 -75.21
N PHE P 232 -0.65 62.87 -75.66
CA PHE P 232 0.10 64.11 -75.52
C PHE P 232 0.05 64.85 -76.84
N VAL P 233 -0.60 66.01 -76.85
CA VAL P 233 -0.90 66.74 -78.08
C VAL P 233 -0.29 68.14 -77.99
N MET P 234 0.42 68.54 -79.03
CA MET P 234 0.95 69.89 -79.14
C MET P 234 0.25 70.63 -80.27
N VAL P 235 -0.13 71.87 -80.01
CA VAL P 235 -0.96 72.65 -80.92
C VAL P 235 -0.31 74.02 -81.10
N GLU P 236 -0.31 74.51 -82.35
CA GLU P 236 0.22 75.84 -82.62
C GLU P 236 -0.61 76.90 -81.88
N CYS P 237 0.06 77.88 -81.32
CA CYS P 237 -0.63 78.97 -80.63
C CYS P 237 -0.65 80.23 -81.48
#